data_7YYH
#
_entry.id   7YYH
#
_cell.length_a   1.00
_cell.length_b   1.00
_cell.length_c   1.00
_cell.angle_alpha   90.00
_cell.angle_beta   90.00
_cell.angle_gamma   90.00
#
_symmetry.space_group_name_H-M   'P 1'
#
loop_
_entity.id
_entity.type
_entity.pdbx_description
1 polymer 'Histone H3-like centromeric protein A'
2 polymer 'Histone H4'
3 polymer 'Histone H2A type 1-C'
4 polymer 'Histone H2B type 1-C/E/F/G/I'
5 polymer 'Centromere protein H'
6 polymer 'Centromere protein I'
7 polymer 'DNA (171-MER)'
8 polymer 'Centromere protein K'
9 polymer 'Centromere protein L'
10 polymer 'Centromere protein M'
11 polymer 'Centromere protein N'
12 polymer 'Centromere protein O'
13 polymer 'Centromere protein P'
14 polymer 'Centromere protein Q'
15 polymer 'Centromere protein R'
16 polymer 'Centromere protein U'
17 polymer 'Centromere protein C'
18 polymer 'DNA (171-MER)'
#
loop_
_entity_poly.entity_id
_entity_poly.type
_entity_poly.pdbx_seq_one_letter_code
_entity_poly.pdbx_strand_id
1 'polypeptide(L)'
;MGPRRRSRKPEAPRRRSPSPTPTPGPSRRGPSLGASSHQHSRRRQGWLKEIRKLQKSTHLLIRKLPFSRLAREICVKFTR
GVDFNWQAQALLALQEAAEAFLVHLFEDAYLLTLHAGRVTLFPKDVQLARRIRGLEEGLG
;
A,E
2 'polypeptide(L)'
;MSGRGKGGKGLGKGGAKRHRKVLRDNIQGITKPAIRRLARRGGVKRISGLIYEETRGVLKVFLENVIRDAVTYTEHAKRK
TVTAMDVVYALKRQGRTLYGFGG
;
B,F
3 'polypeptide(L)'
;MSGRGKQGGKARAKAKSRSSRAGLQFPVGRVHRLLRKGNYAERVGAGAPVYLAAVLEYLTAEILELAGNAARDNKKTRII
PRHLQLAIRNDEELNKLLGRVTIAQGGVLPNIQAVLLPKKTESHHKAKGK
;
C,G
4 'polypeptide(L)'
;MPEPAKSAPAPKKGSKKAVTKAQKKDGKKRKRSRKESYSVYVYKVLKQVHPDTGISSKAMGIMNSFVNDIFERIAGEASR
LAHYNKRSTITSREIQTAVRLLLPGELAKHAVSEGTKAVTKYTSSK
;
D,h
5 'polypeptide(L)'
;MEEQPQMQDADEPADSGGEGRAGGPPQVAGAQAACSEDRMTLLLRLRAQTKQQLLEYKSMVDASEEKTPEQIMQEKQIEA
KIEDLENEIEEVKVAFEIKKLALDRMRLSTALKKNLEKISRQSSVLMDNMKHLLELNKLIMKSQQESWDLEEKLLDIRKK
RLQLKQASESKLLEIQTEKNKQKIDLDSMENSERIKIIRQNLQMEIKITTVIQHVFQNLILGSKVNWAEDPALKEIVLQL
EKNVDMM
;
H
6 'polypeptide(L)'
;MSPQKRVKNVQAQNRTSQGSSSFQTTLSAWKVKQDPSNSKNISKHGQNNPVGDYEHADDQAEEDALQMAVGYFEKGPIKA
SQNKDKTLEKHLKTVENVAWKNGLASEEIDILLNIALSGKFGNAVNTRILKCMIPATVISEDSVVKAVSWLCVGKCSGST
KVLFYRWLVAMFDFIDRKEQINLLYGFFFASLQDDALCPYVCHLLYLLTKKENVKPFRVRKLLDLQAKMGMQPHLQALLS
LYKFFAPALISVSLPVRKKIYFKNSENLWKTALLAVKQRNRGPSPEPLKLMLGPANVRPLKRKWNSLSVIPVLNSSSYTK
ECGKKEMSLSDCLNRSGSFPLEQLQSFPQLLQNIHCLELPSQMGSVLNNSLLLHYINCVRDEPVLLRFYYWLSQTLQEEC
IWYKVNNYEHGKEFTNFLDTIIRAECFLQEGFYSCEAFLYKSLPLWDGLCCRSQFLQLVSWIPFSSFSEVKPLLFDHLAQ
LFFTSTIYFKCSVLQSLKELLQNWLLWLSMDIHMKPVTNSPLETTLGGSMNSVSKLIHYVGWLSTTAMRLESNNTFLLHF
ILDFYEKVCDIYINYNLPLVVLFPPGIFYSALLSLDTSILNQLCFIMHRYRKNLTAAKKNELVQKTKSEFNFSSKTYQEF
NHYLTSMVGCLWTSKPFGKGIYIDPEILEKTGVAEYKNSLNVVHHPSFLSYAVSFLLQESPEERTVNVSSIRGKKWSWYL
DYLFSQGLQGLKLFIRSSVHHSSIPRAEGINCNNQY
;
I
7 'polydeoxyribonucleotide'
;(DA)(DA)(DT)(DC)(DT)(DG)(DC)(DA)(DA)(DG)(DT)(DG)(DG)(DA)(DT)(DA)(DT)(DT)(DT)(DG)
(DG)(DA)(DC)(DC)(DG)(DC)(DT)(DT)(DT)(DG)(DA)(DG)(DG)(DC)(DC)(DT)(DT)(DC)(DG)(DT)
(DT)(DG)(DG)(DA)(DA)(DA)(DC)(DG)(DG)(DG)(DA)(DA)(DT)(DA)(DT)(DC)(DT)(DT)(DC)(DA)
(DC)(DA)(DT)(DA)(DA)(DA)(DA)(DA)(DC)(DT)(DA)(DA)(DA)(DC)(DA)(DG)(DA)(DA)(DG)(DC)
(DA)(DT)(DT)(DC)(DT)(DC)(DA)(DG)(DA)(DA)(DA)(DC)(DT)(DT)(DC)(DT)(DT)(DT)(DG)(DT)
(DG)(DA)(DT)(DG)(DA)(DT)(DT)(DG)(DC)(DA)(DT)(DT)(DC)(DA)(DA)(DC)(DT)(DC)(DA)(DC)
(DA)(DG)(DA)(DG)(DT)(DT)(DG)(DA)(DA)(DC)(DA)(DT)(DT)(DC)(DC)(DT)(DT)(DT)(DT)(DG)
(DA)(DT)(DA)(DG)(DA)(DG)(DC)(DA)(DG)(DT)(DT)(DT)(DT)(DG)(DA)(DA)(DA)(DC)(DA)(DC)
(DT)(DC)(DT)(DT)(DT)(DT)(DT)(DG)(DT)(DA)(DG)
;
J
8 'polypeptide(L)'
;MNQEDLDPDSTTDVGDVTNTEEELIRECEEMWKDMEECQNKLSLIGTETLTDSNAQLSLLIMQVKCLTAELSQWQKKTPE
TIPLTEDVLITLGKEEFQKLRQDLEMVLSTKESKNEKLKEDLEREQRWLDEQQQIMESLNVLHSELKNKVETFSESRIFN
ELKTKMLNIKEYKEKLLSTLGEFLEDHFPLPDRSVKKKKKNIQESSVNLITLHEMLEILINRLFDVPHDPYVKISDSFWP
PYVELLLRNGIALRHPEDPTRIRLEAFHQ
;
K
9 'polypeptide(L)'
;MDSYSAPESTPSASSRPEDYFIGATPLQKRLESVRKQSSFILTPPRRKIPQCSQLQEDVDPQKVAFLLHKQWTLYSLTPL
YKFSYSNLKEYSRLLNAFIVAEKQKGLAVEVGEDFNIKVIFSTLLGMKGTQRDPEAFLVQIVSKSQLPSENREGKVLWTG
WFCCVFGDSLLETVSEDFTCLPLFLANGAESNTAIIGTWFQKTFDCYFSPLAINAFNLSWMAAMWTACKMDHYVATTEFL
WSVPCSPQSLDISFAIHPEDAKALWDSVHKTPGEVTQEEVDLFMDCLYSHFHRHFKIHLSATRLVRVSTSVASAHTDGKI
KILCHKYLIGVLAYLTELAIFQIE
;
L
10 'polypeptide(L)'
;MSVLRPLDKLPGLNTATILLVGTEDALLQQLADSMLKEDCASELKVHLAKSLPLPSSVNRPRIDLIVFVVNLHSKYSLQN
TEESLRHVDASFFLGKVCFLATGAGRESHCSIHRHTVVKLAHTYQSPLLYCDLEVEGFRATMAQRLVRVLQICAGHVPGV
SALNLLSLLRSSEGPSLEDL
;
M
11 'polypeptide(L)'
;MDETVAEFIKRTILKIPMNELTTILKAWDFLSENQLQTVNFRQRKESVVQHLIHLCEEKRASISDAALLDIIYMQFHQHQ
KVWEVFQMSKGPGEDVDLFDMKQFKNSFKKILQRALKNVTVSFRETEENAVWIRIAWGTQYTKPNQYKPTYVVYYSQTPY
AFTSSSMLRRNTPLLGQALTIASKHHQIVKMDLRSRYLDSLKAIVFKQYNQTFETHNSTTPLQERSLGLDINMDSRIIHE
NIVEKERVQRITQETFGDYPQPQLEFAQYKLETKFKSGLNGSILAEREEPLRCLIKFSSPHLLEALKSLAPAGIADAPLS
PLLTCIPNKRMNYFKIRDK
;
N
12 'polypeptide(L)'
;MEQANPLRPDGESKGGVLAHLERLETQVSRSRKQSEELQSVQAQEGALGTKIHKLRRLRDELRAVVRHRRASVKACIANV
EPNQTVEINEQEALEEKLENVKAILQAYHFTGLSGKLTSRGVCVCISTAFEGNLLDSYFVDLVIQKPLRIHHHSVPVFIP
LEEIAAKYLQTNIQHFLFSLCEYLNAYSGRKYQADRLQSDFAALLTGPLQRNPLCNLLSFTYKLDPGGQSFPFCARLLYK
DLTATLPTDVTVTCQGVEVLSTSWEEQRASHETLFCTKPLHQVFASFTRKGEKLDMSLVS
;
O
13 'polypeptide(L)'
;MDAELAEVRALQAEIAALRRACEDPPAPWEEKSRVQKSFQAIHQFNLEGWKSSKDLKNQLGHLESELSFLSTLTGINIRN
HSKQTEDLTSTEMTEKSIRKVLQRHRLSGNCHMVTFQLEFQILEIQNKERLSSAVTDLNIIMEPTECSELSEFVSRAEER
KDLFMFFRSLHFFVEWFEYRKRTFKHLKEKYPDAVYLSEGPSSCSMGIRSASRPGFELVIVWRIQIDEDGKVFPKLDLLT
KVPQRALELDKNRAIETAPLSFRTLVGLLGIEAALESLIKSLCAEENN
;
P
14 'polypeptide(L)'
;MSGKANASKKNAQQLKRNPKRKKDNEEVVLSENKVRNTVKKNKNHLKDLSSEGQTKHTNLKHGKTAASKRKTWQPLSKST
RDHLQTMMESVIMTILSNSIKEKEEIQYHLNFLKKRLLQQCETLKVPPKKMEDLTNVSSLLNMERARDKANEEGLALLQE
EIDKMVETTELMTGNIQSLKNKIQILASEVEEEEERVKQMHQINSSGVLSLPELSQKTLKAPTLQKEILALIPNQNALLK
DLDILHNSSQMKSMSTFIEEAYKKLDAS
;
Q
15 'polypeptide(L)'
;MPVKRSLKLDGLLEENSFDPSKITRKKSVITYSPTTGTCQMSLFASPTSSEEQKHRNGLSNEKRKKLNHPSLTESKESTT
KDNDEFMMLLSKVEKLSEEIMEIMQNLSSIQALEGSRELENLIGISCASHFLKREMQKTKELMTKVNKQKLFEKSTGLPH
KASRHLDSYEFLKAILN
;
R
16 'polypeptide(L)'
;MAPRGRRRPRPHRSEGARRSKNTLERTHSMKDKAGQKCKPIDVFDFPDNSDVSSIGRLGENEKDEETYETFDPPLHSTAI
YADEEEFSKHCGLSLSSTPPGKEAKRSSDTSGNEASEIESVKISAKKPGRKLRPISDDSESIEESDTRRKVKSAEKISTQ
RHEVIRTTASSELSEKPAESVTSKKTGPLSAQPSVEKENLAIESQSKTQKKGKISHDKRKKSRSKAIGSDTSDIVHIWCP
EGMKTSDIKELNIVLPEFEKTHLEHQQRIESKVCKAAIATFYVNVKEQFIKMLKESQMLTNLKRKNAKMISDIEKKRQRM
IEVQDELLRLEPQLKQLQTKYDELKERKSSLRNAAYFLSNLKQLYQDYSDVQAQEPNVKETYDSSSLPALLFKARTLLGA
ESHLRNINHQLEKLLDQG
;
U
17 'polypeptide(L)'
;MAASGLDHLKNGYRRRFCRPSRARDINTEQGQNVLEILQDCFEEKSLANDFSTNSTKSVPNSTRKIKDTCIQSPSKECQK
SHPKSVPVSSKKKEASLQFVVEPSEATNRSVQAHEVHQKILATDVSSKNTPDSKKISSRNINDHHSEADEEFYLSVGSPS
VLLDAKTSVSQNVIPSSAQKRETYTFENSVNMLPSSTEVSVKTKKRLNFDDKVMLKKIEIDNKVSDEEDKTSEGQERKPS
GSSQNRIRDSEYEIQRQAKKSFSTLFLETVKRKSESSPIVRHAATAPPHSCPPDDTKLIEDEFIIDESDQSFASRSWITI
PRKAGSLKQRTISPAESTALLQGRKSREKHHNILPKTLANDKHSHKPHPVETSQPSDKTVLDTSYALIGETVNNYRSTKY
EMYSKNAEKPSRSKRTIKQKQRRKFMAKPAEEQLDVGQSKDENIHTSHITQDEFQRNSDRNMEEHEEMGNDCVSKKQMPP
VGSKKSSTRKDKEESKKKRFSSESKNKLVPEEVTSTVTKSRRISRRPSDWWVVKSEESPVYSNS
;
k,l
18 'polydeoxyribonucleotide'
;(DC)(DT)(DA)(DC)(DA)(DA)(DA)(DA)(DA)(DG)(DA)(DG)(DT)(DG)(DT)(DT)(DT)(DC)(DA)(DA)
(DA)(DA)(DC)(DT)(DG)(DC)(DT)(DC)(DT)(DA)(DT)(DC)(DA)(DA)(DA)(DA)(DG)(DG)(DA)(DA)
(DT)(DG)(DT)(DT)(DC)(DA)(DA)(DC)(DT)(DC)(DT)(DG)(DT)(DG)(DA)(DG)(DT)(DT)(DG)(DA)
(DA)(DT)(DG)(DC)(DA)(DA)(DT)(DC)(DA)(DT)(DC)(DA)(DC)(DA)(DA)(DA)(DG)(DA)(DA)(DG)
(DT)(DT)(DT)(DC)(DT)(DG)(DA)(DG)(DA)(DA)(DT)(DG)(DC)(DT)(DT)(DC)(DT)(DG)(DT)(DT)
(DT)(DA)(DG)(DT)(DT)(DT)(DT)(DT)(DA)(DT)(DG)(DT)(DG)(DA)(DA)(DG)(DA)(DT)(DA)(DT)
(DT)(DC)(DC)(DC)(DG)(DT)(DT)(DT)(DC)(DC)(DA)(DA)(DC)(DG)(DA)(DA)(DG)(DG)(DC)(DC)
(DT)(DC)(DA)(DA)(DA)(DG)(DC)(DG)(DG)(DT)(DC)(DC)(DA)(DA)(DA)(DT)(DA)(DT)(DC)(DC)
(DA)(DC)(DT)(DT)(DG)(DC)(DA)(DG)(DA)(DT)(DT)
;
i
#
loop_
_chem_comp.id
_chem_comp.type
_chem_comp.name
_chem_comp.formula
DA DNA linking 2'-DEOXYADENOSINE-5'-MONOPHOSPHATE 'C10 H14 N5 O6 P'
DC DNA linking 2'-DEOXYCYTIDINE-5'-MONOPHOSPHATE 'C9 H14 N3 O7 P'
DG DNA linking 2'-DEOXYGUANOSINE-5'-MONOPHOSPHATE 'C10 H14 N5 O7 P'
DT DNA linking THYMIDINE-5'-MONOPHOSPHATE 'C10 H15 N2 O8 P'
#
# COMPACT_ATOMS: atom_id res chain seq x y z
N SER A 41 -33.73 -5.60 -25.45
CA SER A 41 -34.84 -4.86 -24.88
C SER A 41 -36.15 -5.24 -25.56
N ARG A 42 -37.22 -4.49 -25.24
CA ARG A 42 -38.51 -4.74 -25.87
C ARG A 42 -38.59 -4.08 -27.24
N ARG A 43 -38.22 -2.81 -27.32
CA ARG A 43 -38.17 -2.08 -28.58
C ARG A 43 -37.20 -0.93 -28.40
N ARG A 44 -36.12 -0.94 -29.18
CA ARG A 44 -35.09 0.09 -29.03
C ARG A 44 -35.67 1.47 -29.24
N GLN A 45 -36.10 1.77 -30.47
CA GLN A 45 -36.73 3.04 -30.80
C GLN A 45 -37.97 2.72 -31.63
N GLY A 46 -39.07 2.44 -30.94
CA GLY A 46 -40.31 2.17 -31.64
C GLY A 46 -41.01 3.47 -31.95
N TRP A 47 -40.90 4.42 -31.02
CA TRP A 47 -41.46 5.74 -31.24
C TRP A 47 -40.73 6.48 -32.36
N LEU A 48 -39.43 6.25 -32.50
CA LEU A 48 -38.67 6.99 -33.50
C LEU A 48 -39.07 6.56 -34.90
N LYS A 49 -39.29 5.26 -35.10
CA LYS A 49 -39.80 4.80 -36.38
C LYS A 49 -41.14 5.43 -36.69
N GLU A 50 -42.02 5.48 -35.69
CA GLU A 50 -43.35 6.06 -35.88
C GLU A 50 -43.26 7.53 -36.25
N ILE A 51 -42.42 8.29 -35.55
CA ILE A 51 -42.26 9.70 -35.86
C ILE A 51 -41.73 9.87 -37.27
N ARG A 52 -40.66 9.14 -37.61
CA ARG A 52 -40.04 9.31 -38.91
C ARG A 52 -40.98 8.88 -40.03
N LYS A 53 -41.89 7.97 -39.76
CA LYS A 53 -42.83 7.56 -40.79
C LYS A 53 -43.97 8.57 -40.92
N LEU A 54 -44.46 9.08 -39.80
CA LEU A 54 -45.57 10.02 -39.84
C LEU A 54 -45.15 11.36 -40.42
N GLN A 55 -43.90 11.76 -40.21
CA GLN A 55 -43.46 13.05 -40.70
C GLN A 55 -43.10 13.04 -42.17
N LYS A 56 -43.32 11.94 -42.88
CA LYS A 56 -43.17 11.94 -44.31
C LYS A 56 -44.44 11.55 -45.05
N SER A 57 -45.50 11.20 -44.33
CA SER A 57 -46.81 10.96 -44.91
C SER A 57 -47.65 12.22 -44.82
N THR A 58 -48.71 12.26 -45.61
CA THR A 58 -49.57 13.42 -45.66
C THR A 58 -51.04 13.12 -45.44
N HIS A 59 -51.41 11.87 -45.22
CA HIS A 59 -52.81 11.53 -45.04
C HIS A 59 -53.31 12.05 -43.69
N LEU A 60 -54.62 12.23 -43.60
CA LEU A 60 -55.23 12.66 -42.36
C LEU A 60 -55.09 11.56 -41.30
N LEU A 61 -55.00 11.99 -40.05
CA LEU A 61 -54.75 11.06 -38.97
C LEU A 61 -55.98 10.79 -38.11
N ILE A 62 -57.01 11.58 -38.22
CA ILE A 62 -58.26 11.33 -37.53
C ILE A 62 -59.21 10.66 -38.52
N ARG A 63 -60.15 9.88 -37.99
CA ARG A 63 -61.07 9.14 -38.82
C ARG A 63 -62.22 10.01 -39.29
N LYS A 64 -62.58 9.85 -40.57
CA LYS A 64 -63.56 10.71 -41.20
C LYS A 64 -64.88 10.69 -40.46
N LEU A 65 -65.39 9.49 -40.17
CA LEU A 65 -66.73 9.41 -39.58
C LEU A 65 -66.77 9.98 -38.17
N PRO A 66 -65.85 9.65 -37.26
CA PRO A 66 -65.87 10.31 -35.95
C PRO A 66 -65.73 11.80 -36.05
N PHE A 67 -64.82 12.28 -36.91
CA PHE A 67 -64.66 13.72 -37.03
C PHE A 67 -65.94 14.38 -37.51
N SER A 68 -66.59 13.78 -38.51
CA SER A 68 -67.80 14.40 -39.04
C SER A 68 -68.92 14.36 -38.02
N ARG A 69 -69.01 13.29 -37.24
CA ARG A 69 -70.01 13.25 -36.17
C ARG A 69 -69.79 14.39 -35.20
N LEU A 70 -68.55 14.58 -34.76
CA LEU A 70 -68.25 15.65 -33.82
C LEU A 70 -68.57 17.02 -34.42
N ALA A 71 -68.16 17.24 -35.66
CA ALA A 71 -68.40 18.52 -36.30
C ALA A 71 -69.89 18.80 -36.42
N ARG A 72 -70.68 17.79 -36.82
CA ARG A 72 -72.11 18.00 -36.95
C ARG A 72 -72.76 18.24 -35.60
N GLU A 73 -72.27 17.58 -34.55
CA GLU A 73 -72.80 17.83 -33.22
C GLU A 73 -72.59 19.29 -32.81
N ILE A 74 -71.38 19.80 -33.04
CA ILE A 74 -71.10 21.19 -32.72
C ILE A 74 -71.98 22.12 -33.56
N CYS A 75 -72.14 21.80 -34.83
CA CYS A 75 -72.91 22.65 -35.73
C CYS A 75 -74.36 22.75 -35.27
N VAL A 76 -74.96 21.63 -34.87
CA VAL A 76 -76.33 21.69 -34.38
C VAL A 76 -76.40 22.38 -33.03
N LYS A 77 -75.35 22.29 -32.22
CA LYS A 77 -75.34 23.03 -30.97
C LYS A 77 -75.38 24.53 -31.22
N PHE A 78 -74.86 24.94 -32.38
CA PHE A 78 -74.87 26.38 -32.76
C PHE A 78 -76.24 26.77 -33.34
N THR A 79 -76.80 25.92 -34.21
CA THR A 79 -78.08 26.27 -34.88
C THR A 79 -79.28 25.76 -34.06
N ARG A 80 -80.07 26.69 -33.50
CA ARG A 80 -81.27 26.30 -32.71
C ARG A 80 -82.26 25.56 -33.61
N GLY A 81 -82.39 25.98 -34.88
CA GLY A 81 -83.40 25.38 -35.77
C GLY A 81 -82.96 24.11 -36.46
N VAL A 82 -83.17 23.99 -37.77
CA VAL A 82 -82.88 22.77 -38.51
C VAL A 82 -81.42 22.77 -38.92
N ASP A 83 -80.78 21.61 -38.76
CA ASP A 83 -79.35 21.51 -39.00
C ASP A 83 -79.04 21.78 -40.47
N PHE A 84 -77.81 22.19 -40.72
CA PHE A 84 -77.34 22.37 -42.08
C PHE A 84 -76.80 21.06 -42.62
N ASN A 85 -76.80 20.92 -43.93
CA ASN A 85 -76.04 19.85 -44.55
C ASN A 85 -74.59 20.25 -44.68
N TRP A 86 -73.74 19.28 -44.97
CA TRP A 86 -72.31 19.50 -45.06
C TRP A 86 -71.79 18.89 -46.34
N GLN A 87 -71.20 19.70 -47.20
CA GLN A 87 -70.48 19.14 -48.32
C GLN A 87 -69.35 18.25 -47.81
N ALA A 88 -69.11 17.16 -48.52
CA ALA A 88 -67.97 16.31 -48.20
C ALA A 88 -66.69 17.12 -48.20
N GLN A 89 -66.55 18.02 -49.17
CA GLN A 89 -65.38 18.88 -49.22
C GLN A 89 -65.34 19.84 -48.03
N ALA A 90 -66.49 20.28 -47.55
CA ALA A 90 -66.51 21.14 -46.38
C ALA A 90 -65.94 20.42 -45.17
N LEU A 91 -66.42 19.20 -44.93
CA LEU A 91 -65.89 18.45 -43.79
C LEU A 91 -64.43 18.11 -43.99
N LEU A 92 -64.03 17.87 -45.23
CA LEU A 92 -62.63 17.57 -45.51
C LEU A 92 -61.74 18.76 -45.20
N ALA A 93 -62.14 19.95 -45.64
CA ALA A 93 -61.36 21.14 -45.38
C ALA A 93 -61.30 21.43 -43.89
N LEU A 94 -62.42 21.25 -43.20
CA LEU A 94 -62.42 21.42 -41.76
C LEU A 94 -61.43 20.49 -41.10
N GLN A 95 -61.39 19.23 -41.51
CA GLN A 95 -60.48 18.29 -40.88
C GLN A 95 -59.04 18.62 -41.20
N GLU A 96 -58.76 19.02 -42.45
CA GLU A 96 -57.40 19.42 -42.81
C GLU A 96 -56.93 20.57 -41.93
N ALA A 97 -57.75 21.60 -41.80
CA ALA A 97 -57.37 22.74 -40.97
C ALA A 97 -57.17 22.34 -39.53
N ALA A 98 -58.08 21.54 -38.98
CA ALA A 98 -57.98 21.16 -37.58
C ALA A 98 -56.71 20.36 -37.32
N GLU A 99 -56.38 19.45 -38.22
CA GLU A 99 -55.20 18.62 -37.99
C GLU A 99 -53.93 19.42 -38.15
N ALA A 100 -53.88 20.32 -39.12
CA ALA A 100 -52.70 21.18 -39.23
C ALA A 100 -52.54 22.02 -37.97
N PHE A 101 -53.64 22.57 -37.47
CA PHE A 101 -53.58 23.36 -36.25
C PHE A 101 -53.04 22.54 -35.09
N LEU A 102 -53.55 21.33 -34.91
CA LEU A 102 -53.13 20.52 -33.76
C LEU A 102 -51.68 20.10 -33.89
N VAL A 103 -51.23 19.77 -35.10
CA VAL A 103 -49.85 19.37 -35.28
C VAL A 103 -48.92 20.53 -34.96
N HIS A 104 -49.23 21.72 -35.47
CA HIS A 104 -48.39 22.87 -35.17
C HIS A 104 -48.40 23.19 -33.68
N LEU A 105 -49.55 23.00 -33.03
CA LEU A 105 -49.62 23.26 -31.60
C LEU A 105 -48.78 22.27 -30.83
N PHE A 106 -48.76 21.01 -31.24
CA PHE A 106 -47.91 20.03 -30.58
C PHE A 106 -46.44 20.36 -30.78
N GLU A 107 -46.07 20.80 -31.98
CA GLU A 107 -44.68 21.20 -32.18
C GLU A 107 -44.30 22.35 -31.27
N ASP A 108 -45.19 23.33 -31.12
CA ASP A 108 -44.87 24.46 -30.27
C ASP A 108 -44.82 24.06 -28.81
N ALA A 109 -45.69 23.15 -28.39
CA ALA A 109 -45.72 22.76 -26.98
C ALA A 109 -44.52 21.90 -26.62
N TYR A 110 -44.02 21.09 -27.56
CA TYR A 110 -42.87 20.28 -27.24
C TYR A 110 -41.62 21.12 -27.01
N LEU A 111 -41.56 22.30 -27.62
CA LEU A 111 -40.45 23.20 -27.34
C LEU A 111 -40.47 23.66 -25.89
N LEU A 112 -41.66 23.91 -25.36
CA LEU A 112 -41.77 24.24 -23.95
C LEU A 112 -41.45 23.05 -23.08
N THR A 113 -41.80 21.85 -23.54
CA THR A 113 -41.41 20.65 -22.82
C THR A 113 -39.91 20.56 -22.68
N LEU A 114 -39.19 20.59 -23.80
CA LEU A 114 -37.73 20.54 -23.74
C LEU A 114 -37.16 21.73 -22.99
N HIS A 115 -37.84 22.86 -23.04
CA HIS A 115 -37.41 24.03 -22.30
C HIS A 115 -37.36 23.75 -20.81
N ALA A 116 -38.32 23.00 -20.30
CA ALA A 116 -38.36 22.63 -18.90
C ALA A 116 -37.46 21.45 -18.57
N GLY A 117 -36.64 21.03 -19.52
CA GLY A 117 -35.76 19.91 -19.27
C GLY A 117 -36.47 18.57 -19.15
N ARG A 118 -37.60 18.41 -19.81
CA ARG A 118 -38.34 17.16 -19.82
C ARG A 118 -38.34 16.57 -21.22
N VAL A 119 -38.98 15.42 -21.35
CA VAL A 119 -39.30 14.86 -22.66
C VAL A 119 -40.74 14.41 -22.75
N THR A 120 -41.51 14.51 -21.67
CA THR A 120 -42.91 14.14 -21.66
C THR A 120 -43.74 15.39 -21.83
N LEU A 121 -44.64 15.39 -22.80
CA LEU A 121 -45.51 16.52 -23.02
C LEU A 121 -46.58 16.57 -21.95
N PHE A 122 -46.60 17.65 -21.19
CA PHE A 122 -47.60 17.82 -20.16
C PHE A 122 -48.70 18.75 -20.63
N PRO A 123 -49.89 18.66 -20.03
CA PRO A 123 -50.94 19.63 -20.38
C PRO A 123 -50.55 21.07 -20.11
N LYS A 124 -49.75 21.32 -19.09
CA LYS A 124 -49.32 22.69 -18.82
C LYS A 124 -48.49 23.25 -19.98
N ASP A 125 -47.78 22.38 -20.70
CA ASP A 125 -47.05 22.82 -21.87
C ASP A 125 -47.98 23.32 -22.96
N VAL A 126 -49.03 22.53 -23.24
CA VAL A 126 -50.00 22.95 -24.24
C VAL A 126 -50.68 24.23 -23.82
N GLN A 127 -51.04 24.33 -22.55
CA GLN A 127 -51.70 25.53 -22.07
C GLN A 127 -50.81 26.75 -22.22
N LEU A 128 -49.53 26.62 -21.89
CA LEU A 128 -48.65 27.77 -22.01
C LEU A 128 -48.41 28.12 -23.46
N ALA A 129 -48.29 27.13 -24.34
CA ALA A 129 -48.13 27.43 -25.75
C ALA A 129 -49.33 28.17 -26.30
N ARG A 130 -50.52 27.79 -25.86
CA ARG A 130 -51.71 28.53 -26.27
C ARG A 130 -51.68 29.94 -25.73
N ARG A 131 -51.26 30.09 -24.48
CA ARG A 131 -51.27 31.42 -23.86
C ARG A 131 -50.28 32.35 -24.54
N ILE A 132 -49.13 31.85 -24.95
CA ILE A 132 -48.13 32.71 -25.56
C ILE A 132 -48.50 33.03 -27.00
N ARG A 133 -49.13 32.10 -27.70
CA ARG A 133 -49.52 32.38 -29.08
C ARG A 133 -50.50 33.53 -29.15
N GLY A 134 -51.26 33.77 -28.10
CA GLY A 134 -52.16 34.90 -28.04
C GLY A 134 -53.61 34.47 -28.16
N LEU A 135 -54.48 35.48 -28.24
CA LEU A 135 -55.91 35.21 -28.32
C LEU A 135 -56.28 34.63 -29.68
N GLU A 136 -55.67 35.13 -30.75
CA GLU A 136 -56.02 34.67 -32.08
C GLU A 136 -55.39 33.32 -32.37
N GLU A 137 -54.07 33.24 -32.34
CA GLU A 137 -53.37 32.02 -32.70
C GLU A 137 -53.51 30.93 -31.64
N GLY A 138 -53.96 31.27 -30.44
CA GLY A 138 -54.07 30.27 -29.39
C GLY A 138 -55.48 30.07 -28.88
N LEU A 139 -56.44 30.70 -29.56
CA LEU A 139 -57.87 30.58 -29.21
C LEU A 139 -58.14 31.01 -27.77
N ASP B 25 -70.79 11.26 -27.35
CA ASP B 25 -69.42 10.66 -27.34
C ASP B 25 -68.70 11.03 -28.65
N ASN B 26 -69.21 12.02 -29.37
CA ASN B 26 -68.58 12.47 -30.64
C ASN B 26 -67.18 13.03 -30.34
N ILE B 27 -67.02 13.70 -29.19
CA ILE B 27 -65.67 14.24 -28.79
C ILE B 27 -64.79 13.05 -28.40
N GLN B 28 -65.39 11.98 -27.86
CA GLN B 28 -64.63 10.76 -27.52
C GLN B 28 -64.31 10.00 -28.82
N GLY B 29 -64.92 10.42 -29.93
CA GLY B 29 -64.61 9.80 -31.23
C GLY B 29 -63.14 9.97 -31.55
N ILE B 30 -62.57 11.12 -31.21
CA ILE B 30 -61.09 11.30 -31.37
C ILE B 30 -60.45 10.28 -30.41
N THR B 31 -59.74 9.28 -30.93
CA THR B 31 -59.23 8.21 -30.09
C THR B 31 -57.81 8.50 -29.62
N LYS B 32 -57.45 7.83 -28.54
CA LYS B 32 -56.10 7.90 -28.01
C LYS B 32 -55.03 7.64 -29.07
N PRO B 33 -55.13 6.61 -29.91
CA PRO B 33 -54.10 6.44 -30.94
C PRO B 33 -54.10 7.53 -31.98
N ALA B 34 -55.24 8.12 -32.30
CA ALA B 34 -55.25 9.22 -33.26
C ALA B 34 -54.53 10.43 -32.69
N ILE B 35 -54.82 10.79 -31.45
CA ILE B 35 -54.12 11.89 -30.81
C ILE B 35 -52.63 11.58 -30.71
N ARG B 36 -52.29 10.33 -30.46
CA ARG B 36 -50.88 9.96 -30.39
C ARG B 36 -50.22 10.14 -31.74
N ARG B 37 -50.91 9.78 -32.82
CA ARG B 37 -50.34 9.96 -34.15
C ARG B 37 -50.15 11.44 -34.46
N LEU B 38 -51.09 12.27 -34.02
CA LEU B 38 -50.94 13.70 -34.21
C LEU B 38 -49.70 14.21 -33.50
N ALA B 39 -49.52 13.80 -32.23
CA ALA B 39 -48.36 14.25 -31.49
C ALA B 39 -47.06 13.72 -32.09
N ARG B 40 -47.09 12.52 -32.64
CA ARG B 40 -45.87 11.97 -33.24
C ARG B 40 -45.53 12.71 -34.52
N ARG B 41 -46.51 13.01 -35.35
CA ARG B 41 -46.24 13.85 -36.51
C ARG B 41 -45.71 15.20 -36.07
N GLY B 42 -46.21 15.70 -34.94
CA GLY B 42 -45.65 16.92 -34.37
C GLY B 42 -44.27 16.73 -33.79
N GLY B 43 -43.82 15.50 -33.64
CA GLY B 43 -42.47 15.23 -33.19
C GLY B 43 -42.31 14.92 -31.72
N VAL B 44 -43.41 14.66 -31.01
CA VAL B 44 -43.36 14.40 -29.59
C VAL B 44 -42.92 12.96 -29.37
N LYS B 45 -42.00 12.77 -28.44
CA LYS B 45 -41.51 11.43 -28.12
C LYS B 45 -42.37 10.75 -27.07
N ARG B 46 -42.62 11.41 -25.96
CA ARG B 46 -43.36 10.84 -24.84
C ARG B 46 -44.54 11.75 -24.54
N ILE B 47 -45.69 11.14 -24.28
CA ILE B 47 -46.94 11.87 -24.13
C ILE B 47 -47.57 11.52 -22.80
N SER B 48 -47.91 12.54 -22.02
CA SER B 48 -48.58 12.29 -20.75
C SER B 48 -49.95 11.67 -21.00
N GLY B 49 -50.64 11.36 -19.91
CA GLY B 49 -51.94 10.73 -20.03
C GLY B 49 -53.08 11.72 -20.10
N LEU B 50 -52.89 12.89 -19.51
CA LEU B 50 -53.90 13.93 -19.55
C LEU B 50 -53.89 14.70 -20.86
N ILE B 51 -52.87 14.50 -21.68
CA ILE B 51 -52.79 15.16 -22.96
C ILE B 51 -54.00 14.83 -23.81
N TYR B 52 -54.60 13.67 -23.60
CA TYR B 52 -55.71 13.27 -24.45
C TYR B 52 -56.95 14.13 -24.17
N GLU B 53 -57.30 14.30 -22.90
CA GLU B 53 -58.40 15.19 -22.59
C GLU B 53 -58.08 16.62 -22.97
N GLU B 54 -56.83 17.05 -22.75
CA GLU B 54 -56.45 18.39 -23.15
C GLU B 54 -56.64 18.61 -24.64
N THR B 55 -56.22 17.65 -25.45
CA THR B 55 -56.30 17.78 -26.89
C THR B 55 -57.74 17.74 -27.37
N ARG B 56 -58.57 16.91 -26.74
CA ARG B 56 -59.98 16.92 -27.11
C ARG B 56 -60.60 18.28 -26.82
N GLY B 57 -60.28 18.87 -25.68
CA GLY B 57 -60.81 20.18 -25.38
C GLY B 57 -60.34 21.23 -26.37
N VAL B 58 -59.05 21.19 -26.71
CA VAL B 58 -58.50 22.17 -27.63
C VAL B 58 -59.13 22.02 -29.02
N LEU B 59 -59.29 20.79 -29.48
CA LEU B 59 -59.89 20.57 -30.78
C LEU B 59 -61.33 21.05 -30.80
N LYS B 60 -62.07 20.81 -29.71
CA LYS B 60 -63.44 21.28 -29.65
C LYS B 60 -63.50 22.80 -29.70
N VAL B 61 -62.58 23.46 -29.00
CA VAL B 61 -62.56 24.93 -29.02
C VAL B 61 -62.25 25.42 -30.42
N PHE B 62 -61.28 24.82 -31.09
CA PHE B 62 -60.94 25.23 -32.45
C PHE B 62 -62.14 25.04 -33.38
N LEU B 63 -62.81 23.89 -33.28
CA LEU B 63 -63.93 23.63 -34.17
C LEU B 63 -65.09 24.58 -33.93
N GLU B 64 -65.34 24.94 -32.68
CA GLU B 64 -66.45 25.85 -32.41
C GLU B 64 -66.24 27.19 -33.10
N ASN B 65 -65.01 27.68 -33.12
CA ASN B 65 -64.75 28.98 -33.72
C ASN B 65 -64.95 28.95 -35.22
N VAL B 66 -64.45 27.91 -35.88
CA VAL B 66 -64.54 27.86 -37.33
C VAL B 66 -65.97 27.55 -37.76
N ILE B 67 -66.63 26.63 -37.07
CA ILE B 67 -67.97 26.24 -37.48
C ILE B 67 -68.95 27.39 -37.30
N ARG B 68 -68.76 28.19 -36.25
CA ARG B 68 -69.63 29.33 -36.05
C ARG B 68 -69.57 30.28 -37.24
N ASP B 69 -68.37 30.66 -37.66
CA ASP B 69 -68.24 31.56 -38.78
C ASP B 69 -68.70 30.91 -40.08
N ALA B 70 -68.44 29.61 -40.24
CA ALA B 70 -68.86 28.93 -41.45
C ALA B 70 -70.36 28.95 -41.61
N VAL B 71 -71.09 28.63 -40.54
CA VAL B 71 -72.53 28.68 -40.64
C VAL B 71 -73.03 30.11 -40.70
N THR B 72 -72.27 31.08 -40.21
CA THR B 72 -72.67 32.47 -40.42
C THR B 72 -72.63 32.82 -41.90
N TYR B 73 -71.56 32.46 -42.59
CA TYR B 73 -71.51 32.66 -44.03
C TYR B 73 -72.63 31.92 -44.73
N THR B 74 -72.87 30.68 -44.32
CA THR B 74 -73.90 29.86 -44.95
C THR B 74 -75.28 30.46 -44.74
N GLU B 75 -75.52 31.07 -43.58
CA GLU B 75 -76.80 31.72 -43.34
C GLU B 75 -76.91 33.02 -44.09
N HIS B 76 -75.80 33.72 -44.30
CA HIS B 76 -75.89 34.96 -45.06
C HIS B 76 -76.25 34.67 -46.50
N ALA B 77 -75.55 33.74 -47.13
CA ALA B 77 -76.17 33.15 -48.29
C ALA B 77 -77.44 32.46 -47.85
N LYS B 78 -78.42 32.38 -48.73
CA LYS B 78 -79.67 31.76 -48.29
C LYS B 78 -79.62 30.26 -48.55
N ARG B 79 -78.63 29.62 -47.94
CA ARG B 79 -78.35 28.22 -48.18
C ARG B 79 -78.58 27.43 -46.91
N LYS B 80 -78.67 26.12 -47.08
CA LYS B 80 -78.79 25.19 -45.97
C LYS B 80 -77.68 24.17 -45.92
N THR B 81 -76.77 24.20 -46.89
CA THR B 81 -75.61 23.33 -46.87
C THR B 81 -74.36 24.16 -46.63
N VAL B 82 -73.44 23.62 -45.87
CA VAL B 82 -72.17 24.27 -45.60
C VAL B 82 -71.19 23.86 -46.68
N THR B 83 -70.47 24.83 -47.20
CA THR B 83 -69.64 24.64 -48.38
C THR B 83 -68.16 24.72 -48.01
N ALA B 84 -67.35 24.09 -48.85
CA ALA B 84 -65.90 24.22 -48.71
C ALA B 84 -65.49 25.68 -48.71
N MET B 85 -66.14 26.50 -49.53
CA MET B 85 -65.80 27.92 -49.54
C MET B 85 -66.22 28.60 -48.25
N ASP B 86 -67.33 28.18 -47.64
CA ASP B 86 -67.70 28.75 -46.36
C ASP B 86 -66.65 28.45 -45.31
N VAL B 87 -66.17 27.21 -45.28
CA VAL B 87 -65.11 26.87 -44.33
C VAL B 87 -63.84 27.65 -44.64
N VAL B 88 -63.51 27.79 -45.92
CA VAL B 88 -62.31 28.52 -46.30
C VAL B 88 -62.40 29.97 -45.87
N TYR B 89 -63.56 30.59 -46.05
CA TYR B 89 -63.73 31.98 -45.64
C TYR B 89 -63.66 32.11 -44.14
N ALA B 90 -64.27 31.19 -43.41
CA ALA B 90 -64.16 31.24 -41.95
C ALA B 90 -62.71 31.19 -41.51
N LEU B 91 -61.94 30.26 -42.08
CA LEU B 91 -60.54 30.15 -41.71
C LEU B 91 -59.78 31.41 -42.08
N LYS B 92 -60.04 32.00 -43.23
CA LYS B 92 -59.25 33.19 -43.65
C LYS B 92 -59.53 34.34 -42.72
N ARG B 93 -60.79 34.53 -42.32
CA ARG B 93 -61.15 35.68 -41.44
C ARG B 93 -60.52 35.45 -40.06
N GLN B 94 -60.31 34.18 -39.66
CA GLN B 94 -59.62 33.89 -38.41
C GLN B 94 -58.13 33.88 -38.64
N GLY B 95 -57.69 34.13 -39.86
CA GLY B 95 -56.27 34.28 -40.04
C GLY B 95 -55.53 33.02 -40.36
N ARG B 96 -56.20 32.01 -40.92
CA ARG B 96 -55.58 30.73 -41.25
C ARG B 96 -55.96 30.41 -42.69
N THR B 97 -55.21 30.93 -43.64
CA THR B 97 -55.52 30.66 -45.03
C THR B 97 -55.30 29.20 -45.34
N LEU B 98 -56.23 28.61 -46.07
CA LEU B 98 -56.16 27.22 -46.50
C LEU B 98 -56.19 27.19 -48.01
N TYR B 99 -55.32 26.39 -48.62
CA TYR B 99 -55.11 26.49 -50.05
C TYR B 99 -55.71 25.36 -50.87
N GLY B 100 -55.93 24.20 -50.29
CA GLY B 100 -56.28 23.08 -51.16
C GLY B 100 -57.69 23.08 -51.71
N PHE B 101 -58.60 23.94 -51.26
CA PHE B 101 -60.01 23.76 -51.57
C PHE B 101 -60.64 24.98 -52.24
N GLY B 102 -59.85 25.92 -52.71
CA GLY B 102 -60.40 27.16 -53.23
C GLY B 102 -61.27 26.99 -54.44
N ALA C 15 -86.76 69.20 -41.98
CA ALA C 15 -85.97 69.73 -40.88
C ALA C 15 -85.73 68.65 -39.81
N LYS C 16 -85.41 67.44 -40.25
CA LYS C 16 -85.15 66.33 -39.34
C LYS C 16 -84.02 65.49 -39.90
N SER C 17 -82.96 65.31 -39.11
CA SER C 17 -81.81 64.54 -39.54
C SER C 17 -82.10 63.05 -39.49
N ARG C 18 -81.44 62.30 -40.38
CA ARG C 18 -81.62 60.82 -40.41
C ARG C 18 -81.14 60.24 -39.07
N SER C 19 -80.14 60.86 -38.46
CA SER C 19 -79.67 60.40 -37.12
C SER C 19 -80.80 60.56 -36.12
N SER C 20 -81.53 61.69 -36.19
CA SER C 20 -82.64 61.93 -35.29
C SER C 20 -83.78 60.95 -35.55
N ARG C 21 -84.01 60.64 -36.82
CA ARG C 21 -85.03 59.67 -37.17
C ARG C 21 -84.70 58.28 -36.62
N ALA C 22 -83.42 57.92 -36.60
CA ALA C 22 -83.00 56.63 -36.06
C ALA C 22 -82.85 56.65 -34.55
N GLY C 23 -82.80 57.82 -33.93
CA GLY C 23 -82.59 57.89 -32.51
C GLY C 23 -81.14 57.73 -32.11
N LEU C 24 -80.22 58.22 -32.95
CA LEU C 24 -78.79 58.02 -32.74
C LEU C 24 -78.12 59.36 -32.51
N GLN C 25 -76.92 59.30 -31.96
CA GLN C 25 -76.07 60.47 -31.84
C GLN C 25 -74.98 60.50 -32.90
N PHE C 26 -74.83 59.47 -33.66
CA PHE C 26 -73.78 59.39 -34.64
C PHE C 26 -74.29 59.78 -36.02
N PRO C 27 -73.46 60.43 -36.83
CA PRO C 27 -73.96 61.00 -38.08
C PRO C 27 -74.24 59.95 -39.14
N VAL C 28 -75.52 59.67 -39.36
CA VAL C 28 -75.91 58.71 -40.38
C VAL C 28 -75.50 59.21 -41.75
N GLY C 29 -75.65 60.50 -42.00
CA GLY C 29 -75.26 61.03 -43.29
C GLY C 29 -73.77 60.90 -43.54
N ARG C 30 -72.97 61.16 -42.52
CA ARG C 30 -71.52 61.03 -42.69
C ARG C 30 -71.12 59.58 -42.89
N VAL C 31 -71.72 58.66 -42.14
CA VAL C 31 -71.43 57.25 -42.33
C VAL C 31 -71.81 56.83 -43.74
N HIS C 32 -72.93 57.33 -44.24
CA HIS C 32 -73.35 57.00 -45.59
C HIS C 32 -72.34 57.52 -46.61
N ARG C 33 -71.89 58.75 -46.43
CA ARG C 33 -70.92 59.31 -47.35
C ARG C 33 -69.62 58.53 -47.33
N LEU C 34 -69.19 58.11 -46.14
CA LEU C 34 -67.97 57.33 -46.02
C LEU C 34 -68.12 55.97 -46.70
N LEU C 35 -69.26 55.32 -46.51
CA LEU C 35 -69.52 54.07 -47.19
C LEU C 35 -69.47 54.25 -48.69
N ARG C 36 -70.07 55.31 -49.20
CA ARG C 36 -70.14 55.49 -50.64
C ARG C 36 -68.78 55.81 -51.23
N LYS C 37 -67.97 56.59 -50.51
CA LYS C 37 -66.70 57.01 -51.08
C LYS C 37 -65.57 56.05 -50.78
N GLY C 38 -65.77 55.09 -49.87
CA GLY C 38 -64.70 54.15 -49.57
C GLY C 38 -64.62 53.02 -50.56
N ASN C 39 -65.37 53.10 -51.66
CA ASN C 39 -65.52 52.03 -52.64
C ASN C 39 -65.57 50.65 -51.99
N TYR C 40 -66.42 50.50 -50.99
CA TYR C 40 -66.66 49.17 -50.43
C TYR C 40 -67.52 48.34 -51.35
N ALA C 41 -68.52 48.95 -51.97
CA ALA C 41 -69.29 48.31 -53.02
C ALA C 41 -69.74 49.38 -54.00
N GLU C 42 -70.34 48.95 -55.11
CA GLU C 42 -70.79 49.85 -56.13
C GLU C 42 -72.07 50.57 -55.75
N ARG C 43 -72.66 50.24 -54.61
CA ARG C 43 -74.01 50.66 -54.29
C ARG C 43 -74.25 50.41 -52.83
N VAL C 44 -74.96 51.31 -52.16
CA VAL C 44 -75.16 51.23 -50.73
C VAL C 44 -76.64 51.30 -50.44
N GLY C 45 -77.12 50.38 -49.61
CA GLY C 45 -78.51 50.40 -49.21
C GLY C 45 -78.82 51.59 -48.34
N ALA C 46 -80.10 51.74 -48.02
CA ALA C 46 -80.52 52.89 -47.22
C ALA C 46 -80.35 52.63 -45.74
N GLY C 47 -80.63 51.40 -45.29
CA GLY C 47 -80.48 51.08 -43.90
C GLY C 47 -79.09 50.69 -43.46
N ALA C 48 -78.17 50.54 -44.42
CA ALA C 48 -76.81 50.16 -44.06
C ALA C 48 -76.13 51.22 -43.18
N PRO C 49 -76.11 52.50 -43.55
CA PRO C 49 -75.49 53.48 -42.66
C PRO C 49 -76.21 53.62 -41.35
N VAL C 50 -77.52 53.39 -41.32
CA VAL C 50 -78.25 53.44 -40.06
C VAL C 50 -77.77 52.33 -39.13
N TYR C 51 -77.76 51.10 -39.63
CA TYR C 51 -77.28 49.98 -38.85
C TYR C 51 -75.85 50.20 -38.39
N LEU C 52 -74.99 50.68 -39.29
CA LEU C 52 -73.59 50.82 -38.97
C LEU C 52 -73.37 51.90 -37.92
N ALA C 53 -74.06 53.04 -38.06
CA ALA C 53 -73.92 54.09 -37.06
C ALA C 53 -74.46 53.64 -35.71
N ALA C 54 -75.54 52.87 -35.71
CA ALA C 54 -76.05 52.34 -34.45
C ALA C 54 -75.02 51.46 -33.78
N VAL C 55 -74.37 50.59 -34.55
CA VAL C 55 -73.37 49.70 -33.97
C VAL C 55 -72.18 50.50 -33.43
N LEU C 56 -71.70 51.46 -34.21
CA LEU C 56 -70.58 52.28 -33.77
C LEU C 56 -70.92 53.02 -32.48
N GLU C 57 -72.12 53.58 -32.42
CA GLU C 57 -72.54 54.30 -31.22
C GLU C 57 -72.64 53.36 -30.03
N TYR C 58 -73.17 52.16 -30.23
CA TYR C 58 -73.27 51.23 -29.13
C TYR C 58 -71.90 50.85 -28.60
N LEU C 59 -70.94 50.59 -29.49
CA LEU C 59 -69.60 50.23 -29.04
C LEU C 59 -68.93 51.39 -28.32
N THR C 60 -69.09 52.60 -28.84
CA THR C 60 -68.57 53.77 -28.15
C THR C 60 -69.16 53.90 -26.76
N ALA C 61 -70.46 53.70 -26.63
CA ALA C 61 -71.09 53.79 -25.32
C ALA C 61 -70.54 52.74 -24.37
N GLU C 62 -70.38 51.51 -24.85
CA GLU C 62 -69.87 50.44 -24.00
C GLU C 62 -68.47 50.75 -23.53
N ILE C 63 -67.63 51.31 -24.40
CA ILE C 63 -66.27 51.62 -23.98
C ILE C 63 -66.27 52.78 -23.00
N LEU C 64 -67.01 53.85 -23.31
CA LEU C 64 -66.99 55.05 -22.49
C LEU C 64 -67.56 54.79 -21.12
N GLU C 65 -68.55 53.91 -21.01
CA GLU C 65 -69.10 53.60 -19.70
C GLU C 65 -68.05 52.99 -18.79
N LEU C 66 -67.38 51.95 -19.27
CA LEU C 66 -66.36 51.30 -18.46
C LEU C 66 -65.20 52.24 -18.18
N ALA C 67 -64.84 53.09 -19.15
CA ALA C 67 -63.78 54.05 -18.91
C ALA C 67 -64.16 55.04 -17.82
N GLY C 68 -65.41 55.49 -17.83
CA GLY C 68 -65.87 56.39 -16.78
C GLY C 68 -65.90 55.71 -15.43
N ASN C 69 -66.28 54.44 -15.39
CA ASN C 69 -66.25 53.71 -14.13
C ASN C 69 -64.82 53.59 -13.61
N ALA C 70 -63.87 53.37 -14.52
CA ALA C 70 -62.47 53.28 -14.12
C ALA C 70 -61.96 54.62 -13.61
N ALA C 71 -62.37 55.71 -14.26
CA ALA C 71 -61.99 57.02 -13.77
C ALA C 71 -62.62 57.30 -12.42
N ARG C 72 -63.85 56.83 -12.21
CA ARG C 72 -64.51 57.02 -10.92
C ARG C 72 -63.76 56.30 -9.81
N ASP C 73 -63.66 54.97 -9.90
CA ASP C 73 -63.04 54.25 -8.80
C ASP C 73 -61.55 54.52 -8.74
N ASN C 74 -60.98 55.11 -9.78
CA ASN C 74 -59.62 55.60 -9.67
C ASN C 74 -59.57 56.98 -9.05
N LYS C 75 -60.75 57.45 -8.63
CA LYS C 75 -60.91 58.69 -7.87
C LYS C 75 -60.52 59.92 -8.70
N LYS C 76 -60.57 59.81 -10.02
CA LYS C 76 -60.34 60.93 -10.91
C LYS C 76 -61.66 61.42 -11.46
N THR C 77 -61.59 62.46 -12.27
CA THR C 77 -62.79 63.09 -12.80
C THR C 77 -62.82 63.17 -14.32
N ARG C 78 -61.67 62.96 -14.96
CA ARG C 78 -61.57 63.09 -16.43
C ARG C 78 -60.99 61.79 -17.00
N ILE C 79 -61.53 61.31 -18.13
CA ILE C 79 -61.04 60.07 -18.72
C ILE C 79 -59.73 60.33 -19.45
N ILE C 80 -58.72 59.55 -19.11
CA ILE C 80 -57.41 59.65 -19.75
C ILE C 80 -57.12 58.31 -20.42
N PRO C 81 -56.14 58.22 -21.31
CA PRO C 81 -55.84 56.93 -21.95
C PRO C 81 -55.68 55.77 -20.99
N ARG C 82 -55.14 56.04 -19.80
CA ARG C 82 -54.99 54.96 -18.79
C ARG C 82 -56.35 54.32 -18.52
N HIS C 83 -57.43 55.13 -18.44
CA HIS C 83 -58.73 54.58 -18.09
C HIS C 83 -59.31 53.79 -19.25
N LEU C 84 -59.09 54.24 -20.48
CA LEU C 84 -59.51 53.45 -21.63
C LEU C 84 -58.80 52.11 -21.65
N GLN C 85 -57.50 52.11 -21.39
CA GLN C 85 -56.77 50.85 -21.35
C GLN C 85 -57.31 49.93 -20.27
N LEU C 86 -57.54 50.45 -19.08
CA LEU C 86 -58.07 49.65 -17.99
C LEU C 86 -59.45 49.11 -18.35
N ALA C 87 -60.28 49.92 -19.00
CA ALA C 87 -61.61 49.47 -19.36
C ALA C 87 -61.54 48.35 -20.39
N ILE C 88 -60.63 48.48 -21.36
CA ILE C 88 -60.57 47.50 -22.44
C ILE C 88 -60.00 46.19 -21.95
N ARG C 89 -58.88 46.25 -21.23
CA ARG C 89 -58.22 45.01 -20.83
C ARG C 89 -58.95 44.28 -19.71
N ASN C 90 -59.97 44.88 -19.12
CA ASN C 90 -60.69 44.24 -18.04
C ASN C 90 -62.02 43.64 -18.47
N ASP C 91 -62.51 43.97 -19.67
CA ASP C 91 -63.66 43.30 -20.23
C ASP C 91 -63.17 42.25 -21.22
N GLU C 92 -63.64 41.03 -21.07
CA GLU C 92 -63.08 39.96 -21.89
C GLU C 92 -63.46 40.12 -23.35
N GLU C 93 -64.70 40.56 -23.62
CA GLU C 93 -65.14 40.68 -25.01
C GLU C 93 -64.47 41.87 -25.69
N LEU C 94 -64.43 43.02 -25.02
CA LEU C 94 -63.71 44.16 -25.58
C LEU C 94 -62.25 43.86 -25.75
N ASN C 95 -61.67 43.11 -24.82
CA ASN C 95 -60.25 42.78 -24.90
C ASN C 95 -59.99 41.84 -26.08
N LYS C 96 -60.91 40.92 -26.34
CA LYS C 96 -60.77 40.07 -27.50
C LYS C 96 -60.95 40.87 -28.78
N LEU C 97 -61.83 41.86 -28.77
CA LEU C 97 -62.04 42.69 -29.96
C LEU C 97 -60.80 43.53 -30.26
N LEU C 98 -60.29 44.21 -29.26
CA LEU C 98 -59.07 45.01 -29.40
C LEU C 98 -57.85 44.22 -28.91
N GLY C 99 -57.66 43.06 -29.53
CA GLY C 99 -56.57 42.18 -29.10
C GLY C 99 -55.22 42.60 -29.64
N ARG C 100 -55.19 43.17 -30.84
CA ARG C 100 -53.95 43.58 -31.47
C ARG C 100 -53.80 45.10 -31.49
N VAL C 101 -54.37 45.77 -30.50
CA VAL C 101 -54.41 47.23 -30.46
C VAL C 101 -53.56 47.70 -29.31
N THR C 102 -52.77 48.74 -29.55
CA THR C 102 -51.93 49.37 -28.54
C THR C 102 -52.50 50.74 -28.23
N ILE C 103 -52.86 50.96 -26.97
CA ILE C 103 -53.34 52.25 -26.51
C ILE C 103 -52.13 53.07 -26.08
N ALA C 104 -51.84 54.13 -26.82
CA ALA C 104 -50.70 54.98 -26.47
C ALA C 104 -50.92 55.60 -25.10
N GLN C 105 -49.88 55.59 -24.27
CA GLN C 105 -49.96 56.10 -22.90
C GLN C 105 -51.00 55.33 -22.09
N GLY C 106 -51.11 54.04 -22.35
CA GLY C 106 -52.10 53.24 -21.66
C GLY C 106 -51.53 52.42 -20.53
N GLY C 107 -50.24 52.10 -20.60
CA GLY C 107 -49.68 51.29 -19.55
C GLY C 107 -50.12 49.84 -19.69
N VAL C 108 -49.96 49.09 -18.60
CA VAL C 108 -50.31 47.69 -18.55
C VAL C 108 -51.23 47.45 -17.36
N LEU C 109 -51.64 46.21 -17.19
CA LEU C 109 -52.38 45.83 -16.01
C LEU C 109 -51.47 45.17 -15.00
N PRO C 110 -51.64 45.52 -13.70
CA PRO C 110 -50.86 44.90 -12.65
C PRO C 110 -50.96 43.38 -12.66
N ASN C 111 -49.84 42.70 -12.89
CA ASN C 111 -49.82 41.23 -12.79
C ASN C 111 -48.64 40.84 -11.92
N ILE C 112 -48.79 39.79 -11.10
CA ILE C 112 -47.72 39.33 -10.16
C ILE C 112 -46.59 40.35 -10.07
N ARG D 34 -63.86 71.36 -42.20
CA ARG D 34 -62.89 70.80 -43.14
C ARG D 34 -62.53 69.36 -42.78
N LYS D 35 -61.74 69.19 -41.72
CA LYS D 35 -61.32 67.87 -41.28
C LYS D 35 -62.44 67.21 -40.47
N GLU D 36 -62.88 66.04 -40.91
CA GLU D 36 -63.93 65.32 -40.21
C GLU D 36 -63.36 64.57 -39.02
N SER D 37 -64.22 64.31 -38.04
CA SER D 37 -63.86 63.59 -36.84
C SER D 37 -65.13 63.07 -36.21
N TYR D 38 -65.03 62.43 -35.03
CA TYR D 38 -66.24 61.98 -34.31
C TYR D 38 -66.20 62.54 -32.88
N SER D 39 -65.38 63.57 -32.66
CA SER D 39 -65.20 64.11 -31.28
C SER D 39 -66.53 64.63 -30.71
N VAL D 40 -67.32 65.32 -31.53
CA VAL D 40 -68.58 65.93 -31.01
C VAL D 40 -69.56 64.81 -30.64
N TYR D 41 -69.61 63.73 -31.41
CA TYR D 41 -70.54 62.65 -31.15
C TYR D 41 -70.07 61.78 -30.00
N VAL D 42 -68.77 61.55 -29.90
CA VAL D 42 -68.23 60.85 -28.74
C VAL D 42 -68.55 61.63 -27.48
N TYR D 43 -68.46 62.95 -27.55
CA TYR D 43 -68.78 63.76 -26.38
C TYR D 43 -70.27 63.68 -26.05
N LYS D 44 -71.13 63.65 -27.06
CA LYS D 44 -72.56 63.51 -26.79
C LYS D 44 -72.86 62.18 -26.10
N VAL D 45 -72.33 61.08 -26.63
CA VAL D 45 -72.64 59.80 -26.00
C VAL D 45 -72.01 59.71 -24.63
N LEU D 46 -70.88 60.39 -24.43
CA LEU D 46 -70.31 60.44 -23.10
C LEU D 46 -71.21 61.19 -22.14
N LYS D 47 -71.79 62.29 -22.59
CA LYS D 47 -72.75 63.01 -21.76
C LYS D 47 -73.95 62.13 -21.43
N GLN D 48 -74.34 61.28 -22.37
CA GLN D 48 -75.46 60.38 -22.11
C GLN D 48 -75.10 59.36 -21.03
N VAL D 49 -73.93 58.75 -21.14
CA VAL D 49 -73.64 57.60 -20.28
C VAL D 49 -73.08 58.03 -18.93
N HIS D 50 -72.33 59.12 -18.89
CA HIS D 50 -71.71 59.64 -17.68
C HIS D 50 -71.88 61.15 -17.74
N PRO D 51 -73.01 61.68 -17.29
CA PRO D 51 -73.32 63.08 -17.54
C PRO D 51 -72.46 64.05 -16.77
N ASP D 52 -71.44 63.55 -16.06
CA ASP D 52 -70.62 64.43 -15.19
C ASP D 52 -69.12 64.15 -15.36
N THR D 53 -68.72 63.40 -16.39
CA THR D 53 -67.28 63.03 -16.52
C THR D 53 -66.67 63.66 -17.78
N GLY D 54 -65.54 64.36 -17.63
CA GLY D 54 -64.86 64.95 -18.81
C GLY D 54 -64.00 63.92 -19.51
N ILE D 55 -63.50 64.25 -20.70
CA ILE D 55 -62.56 63.33 -21.42
C ILE D 55 -61.30 64.12 -21.83
N SER D 56 -60.13 63.48 -21.76
CA SER D 56 -58.85 64.16 -22.12
C SER D 56 -58.74 64.32 -23.64
N SER D 57 -57.92 65.27 -24.09
CA SER D 57 -57.73 65.50 -25.55
C SER D 57 -57.13 64.24 -26.19
N LYS D 58 -56.20 63.57 -25.50
CA LYS D 58 -55.57 62.39 -26.06
C LYS D 58 -56.51 61.20 -26.02
N ALA D 59 -57.30 61.07 -24.96
CA ALA D 59 -58.32 60.03 -24.92
C ALA D 59 -59.34 60.23 -26.03
N MET D 60 -59.67 61.47 -26.37
CA MET D 60 -60.59 61.69 -27.47
C MET D 60 -59.97 61.26 -28.79
N GLY D 61 -58.67 61.49 -28.96
CA GLY D 61 -58.00 60.97 -30.14
C GLY D 61 -58.04 59.47 -30.20
N ILE D 62 -57.86 58.81 -29.06
CA ILE D 62 -57.94 57.36 -29.03
C ILE D 62 -59.33 56.89 -29.41
N MET D 63 -60.36 57.60 -28.95
CA MET D 63 -61.72 57.21 -29.31
C MET D 63 -61.99 57.40 -30.79
N ASN D 64 -61.45 58.48 -31.37
CA ASN D 64 -61.57 58.65 -32.81
C ASN D 64 -60.91 57.51 -33.56
N SER D 65 -59.70 57.14 -33.13
CA SER D 65 -59.02 56.02 -33.76
C SER D 65 -59.83 54.75 -33.65
N PHE D 66 -60.44 54.52 -32.49
CA PHE D 66 -61.23 53.32 -32.28
C PHE D 66 -62.43 53.28 -33.20
N VAL D 67 -63.14 54.41 -33.32
CA VAL D 67 -64.31 54.44 -34.19
C VAL D 67 -63.91 54.20 -35.64
N ASN D 68 -62.84 54.84 -36.09
CA ASN D 68 -62.38 54.62 -37.46
C ASN D 68 -61.99 53.18 -37.68
N ASP D 69 -61.31 52.58 -36.71
CA ASP D 69 -60.86 51.20 -36.84
C ASP D 69 -62.03 50.25 -36.97
N ILE D 70 -63.02 50.38 -36.08
CA ILE D 70 -64.16 49.48 -36.12
C ILE D 70 -64.99 49.71 -37.37
N PHE D 71 -65.16 50.97 -37.77
CA PHE D 71 -65.86 51.25 -39.01
C PHE D 71 -65.18 50.54 -40.18
N GLU D 72 -63.86 50.65 -40.26
CA GLU D 72 -63.15 50.05 -41.38
C GLU D 72 -63.29 48.54 -41.36
N ARG D 73 -63.15 47.93 -40.19
CA ARG D 73 -63.31 46.49 -40.09
C ARG D 73 -64.67 46.06 -40.60
N ILE D 74 -65.73 46.67 -40.08
CA ILE D 74 -67.08 46.25 -40.44
C ILE D 74 -67.34 46.50 -41.91
N ALA D 75 -66.91 47.65 -42.42
CA ALA D 75 -67.17 47.97 -43.82
C ALA D 75 -66.43 47.02 -44.74
N GLY D 76 -65.19 46.67 -44.42
CA GLY D 76 -64.45 45.74 -45.26
C GLY D 76 -65.03 44.35 -45.22
N GLU D 77 -65.48 43.91 -44.05
CA GLU D 77 -66.09 42.60 -43.97
C GLU D 77 -67.38 42.55 -44.77
N ALA D 78 -68.21 43.60 -44.67
CA ALA D 78 -69.43 43.66 -45.46
C ALA D 78 -69.12 43.70 -46.94
N SER D 79 -68.07 44.43 -47.31
CA SER D 79 -67.67 44.50 -48.71
C SER D 79 -67.34 43.11 -49.25
N ARG D 80 -66.52 42.36 -48.53
CA ARG D 80 -66.14 41.06 -49.05
C ARG D 80 -67.28 40.07 -48.95
N LEU D 81 -68.22 40.27 -48.03
CA LEU D 81 -69.43 39.43 -48.03
C LEU D 81 -70.23 39.63 -49.30
N ALA D 82 -70.51 40.89 -49.63
CA ALA D 82 -71.21 41.18 -50.87
C ALA D 82 -70.47 40.62 -52.06
N HIS D 83 -69.14 40.70 -52.05
CA HIS D 83 -68.38 40.19 -53.18
C HIS D 83 -68.44 38.68 -53.26
N TYR D 84 -68.47 38.00 -52.11
CA TYR D 84 -68.61 36.55 -52.11
C TYR D 84 -69.95 36.15 -52.71
N ASN D 85 -71.01 36.78 -52.28
CA ASN D 85 -72.33 36.39 -52.76
C ASN D 85 -72.70 37.03 -54.07
N LYS D 86 -71.73 37.54 -54.82
CA LYS D 86 -71.95 38.11 -56.15
C LYS D 86 -72.97 39.24 -56.11
N ARG D 87 -73.20 39.83 -54.95
CA ARG D 87 -74.06 41.00 -54.86
C ARG D 87 -73.25 42.24 -55.18
N SER D 88 -73.96 43.33 -55.44
CA SER D 88 -73.31 44.58 -55.79
C SER D 88 -73.68 45.71 -54.85
N THR D 89 -74.43 45.45 -53.79
CA THR D 89 -74.85 46.48 -52.87
C THR D 89 -74.65 46.00 -51.44
N ILE D 90 -74.23 46.92 -50.58
CA ILE D 90 -74.06 46.64 -49.16
C ILE D 90 -75.35 47.07 -48.48
N THR D 91 -76.17 46.09 -48.12
CA THR D 91 -77.41 46.39 -47.45
C THR D 91 -77.23 46.27 -45.95
N SER D 92 -78.28 46.57 -45.20
CA SER D 92 -78.20 46.39 -43.76
C SER D 92 -78.07 44.94 -43.36
N ARG D 93 -78.27 44.02 -44.28
CA ARG D 93 -78.10 42.61 -43.98
C ARG D 93 -76.62 42.23 -43.94
N GLU D 94 -75.81 42.80 -44.83
CA GLU D 94 -74.38 42.59 -44.77
C GLU D 94 -73.79 43.18 -43.50
N ILE D 95 -74.24 44.36 -43.11
CA ILE D 95 -73.74 44.97 -41.89
C ILE D 95 -74.04 44.07 -40.70
N GLN D 96 -75.20 43.44 -40.71
CA GLN D 96 -75.56 42.56 -39.62
C GLN D 96 -74.65 41.34 -39.57
N THR D 97 -74.45 40.70 -40.72
CA THR D 97 -73.59 39.53 -40.75
C THR D 97 -72.16 39.90 -40.42
N ALA D 98 -71.67 41.02 -40.93
CA ALA D 98 -70.31 41.44 -40.60
C ALA D 98 -70.16 41.71 -39.12
N VAL D 99 -71.18 42.30 -38.50
CA VAL D 99 -71.13 42.49 -37.06
C VAL D 99 -71.10 41.15 -36.34
N ARG D 100 -71.84 40.17 -36.85
CA ARG D 100 -71.81 38.86 -36.23
C ARG D 100 -70.44 38.21 -36.36
N LEU D 101 -69.74 38.47 -37.46
CA LEU D 101 -68.44 37.85 -37.66
C LEU D 101 -67.36 38.51 -36.82
N LEU D 102 -67.43 39.81 -36.63
CA LEU D 102 -66.33 40.54 -36.02
C LEU D 102 -66.43 40.65 -34.51
N LEU D 103 -67.61 40.71 -33.97
CA LEU D 103 -67.66 40.93 -32.54
C LEU D 103 -67.75 39.62 -31.79
N PRO D 104 -67.23 39.57 -30.57
CA PRO D 104 -67.45 38.40 -29.71
C PRO D 104 -68.92 38.26 -29.35
N GLY D 105 -69.21 37.24 -28.54
CA GLY D 105 -70.58 36.74 -28.46
C GLY D 105 -71.60 37.78 -28.02
N GLU D 106 -71.52 38.20 -26.76
CA GLU D 106 -72.57 39.06 -26.23
C GLU D 106 -72.49 40.45 -26.81
N LEU D 107 -71.27 40.92 -27.10
CA LEU D 107 -71.11 42.17 -27.80
C LEU D 107 -71.88 42.15 -29.10
N ALA D 108 -71.75 41.07 -29.87
CA ALA D 108 -72.43 40.97 -31.14
C ALA D 108 -73.94 40.89 -30.96
N LYS D 109 -74.39 40.15 -29.95
CA LYS D 109 -75.82 40.06 -29.70
C LYS D 109 -76.40 41.45 -29.45
N HIS D 110 -75.82 42.20 -28.53
CA HIS D 110 -76.35 43.52 -28.24
C HIS D 110 -76.19 44.47 -29.41
N ALA D 111 -75.11 44.35 -30.18
CA ALA D 111 -74.93 45.25 -31.30
C ALA D 111 -75.97 44.98 -32.38
N VAL D 112 -76.28 43.72 -32.62
CA VAL D 112 -77.32 43.39 -33.58
C VAL D 112 -78.67 43.91 -33.11
N SER D 113 -78.95 43.75 -31.82
CA SER D 113 -80.20 44.30 -31.28
C SER D 113 -80.29 45.80 -31.53
N GLU D 114 -79.24 46.53 -31.17
CA GLU D 114 -79.23 47.98 -31.35
C GLU D 114 -79.43 48.36 -32.81
N GLY D 115 -78.72 47.69 -33.72
CA GLY D 115 -78.82 48.04 -35.12
C GLY D 115 -80.19 47.78 -35.69
N THR D 116 -80.77 46.63 -35.38
CA THR D 116 -82.12 46.34 -35.87
C THR D 116 -83.12 47.32 -35.30
N LYS D 117 -83.02 47.63 -34.01
CA LYS D 117 -83.90 48.61 -33.42
C LYS D 117 -83.80 49.94 -34.16
N ALA D 118 -82.57 50.37 -34.47
CA ALA D 118 -82.40 51.65 -35.13
C ALA D 118 -83.00 51.65 -36.51
N VAL D 119 -82.80 50.58 -37.29
CA VAL D 119 -83.34 50.59 -38.64
C VAL D 119 -84.85 50.50 -38.64
N THR D 120 -85.42 49.78 -37.66
CA THR D 120 -86.88 49.77 -37.55
C THR D 120 -87.40 51.16 -37.25
N LYS D 121 -86.85 51.80 -36.22
CA LYS D 121 -87.29 53.15 -35.88
C LYS D 121 -87.06 54.12 -37.03
N TYR D 122 -86.06 53.87 -37.86
CA TYR D 122 -85.78 54.77 -38.98
C TYR D 122 -86.77 54.57 -40.11
N THR D 123 -87.07 53.33 -40.47
CA THR D 123 -88.03 53.11 -41.53
C THR D 123 -89.45 53.48 -41.10
N SER D 124 -89.75 53.35 -39.81
CA SER D 124 -91.07 53.72 -39.32
C SER D 124 -91.18 55.25 -39.25
N SER D 125 -90.98 55.86 -40.40
CA SER D 125 -91.12 57.31 -40.56
C SER D 125 -91.32 57.67 -42.02
N GLY E 46 -37.47 45.45 -2.57
CA GLY E 46 -37.19 46.65 -3.36
C GLY E 46 -37.66 46.52 -4.79
N TRP E 47 -37.26 45.43 -5.43
CA TRP E 47 -37.77 45.13 -6.76
C TRP E 47 -39.28 45.07 -6.77
N LEU E 48 -39.88 44.67 -5.67
CA LEU E 48 -41.34 44.56 -5.62
C LEU E 48 -41.99 45.93 -5.71
N LYS E 49 -41.51 46.88 -4.91
CA LYS E 49 -42.08 48.21 -4.99
C LYS E 49 -41.73 48.86 -6.32
N GLU E 50 -40.58 48.53 -6.91
CA GLU E 50 -40.27 49.06 -8.23
C GLU E 50 -41.25 48.56 -9.27
N ILE E 51 -41.53 47.26 -9.26
CA ILE E 51 -42.50 46.68 -10.19
C ILE E 51 -43.86 47.32 -9.98
N ARG E 52 -44.30 47.41 -8.73
CA ARG E 52 -45.62 47.97 -8.45
C ARG E 52 -45.71 49.43 -8.87
N LYS E 53 -44.61 50.17 -8.76
CA LYS E 53 -44.63 51.56 -9.18
C LYS E 53 -44.64 51.67 -10.69
N LEU E 54 -43.90 50.82 -11.38
CA LEU E 54 -43.83 50.90 -12.83
C LEU E 54 -45.11 50.43 -13.49
N GLN E 55 -45.77 49.44 -12.91
CA GLN E 55 -46.96 48.89 -13.54
C GLN E 55 -48.19 49.77 -13.36
N LYS E 56 -48.11 50.82 -12.54
CA LYS E 56 -49.22 51.76 -12.43
C LYS E 56 -48.93 53.07 -13.13
N SER E 57 -47.74 53.25 -13.68
CA SER E 57 -47.39 54.42 -14.46
C SER E 57 -47.62 54.16 -15.94
N THR E 58 -47.55 55.22 -16.75
CA THR E 58 -47.72 55.10 -18.18
C THR E 58 -46.66 55.80 -19.01
N HIS E 59 -45.77 56.58 -18.40
CA HIS E 59 -44.81 57.33 -19.18
C HIS E 59 -43.83 56.39 -19.87
N LEU E 60 -43.19 56.90 -20.92
CA LEU E 60 -42.20 56.10 -21.65
C LEU E 60 -40.98 55.85 -20.79
N LEU E 61 -40.38 54.68 -20.96
CA LEU E 61 -39.25 54.27 -20.13
C LEU E 61 -37.90 54.46 -20.80
N ILE E 62 -37.85 54.51 -22.08
CA ILE E 62 -36.61 54.81 -22.78
C ILE E 62 -36.53 56.31 -22.97
N ARG E 63 -35.32 56.84 -22.98
CA ARG E 63 -35.14 58.27 -23.11
C ARG E 63 -35.33 58.71 -24.55
N LYS E 64 -36.04 59.82 -24.73
CA LYS E 64 -36.47 60.24 -26.05
C LYS E 64 -35.29 60.52 -26.96
N LEU E 65 -34.26 61.16 -26.45
CA LEU E 65 -33.17 61.54 -27.33
C LEU E 65 -32.33 60.35 -27.77
N PRO E 66 -31.95 59.44 -26.87
CA PRO E 66 -31.30 58.21 -27.35
C PRO E 66 -32.15 57.42 -28.31
N PHE E 67 -33.44 57.28 -28.02
CA PHE E 67 -34.31 56.56 -28.93
C PHE E 67 -34.33 57.23 -30.29
N SER E 68 -34.38 58.56 -30.32
CA SER E 68 -34.41 59.28 -31.59
C SER E 68 -33.14 59.06 -32.37
N ARG E 69 -31.99 59.11 -31.70
CA ARG E 69 -30.73 58.87 -32.40
C ARG E 69 -30.71 57.47 -33.01
N LEU E 70 -31.15 56.47 -32.25
CA LEU E 70 -31.17 55.11 -32.76
C LEU E 70 -32.08 54.98 -33.97
N ALA E 71 -33.29 55.51 -33.86
CA ALA E 71 -34.22 55.44 -34.97
C ALA E 71 -33.66 56.13 -36.20
N ARG E 72 -33.03 57.27 -36.02
CA ARG E 72 -32.52 58.02 -37.16
C ARG E 72 -31.38 57.28 -37.84
N GLU E 73 -30.50 56.65 -37.07
CA GLU E 73 -29.41 55.94 -37.72
C GLU E 73 -29.92 54.69 -38.42
N ILE E 74 -30.94 54.03 -37.88
CA ILE E 74 -31.55 52.94 -38.61
C ILE E 74 -32.15 53.43 -39.91
N CYS E 75 -32.83 54.58 -39.88
CA CYS E 75 -33.42 55.12 -41.09
C CYS E 75 -32.38 55.42 -42.14
N VAL E 76 -31.24 55.99 -41.73
CA VAL E 76 -30.21 56.31 -42.71
C VAL E 76 -29.54 55.06 -43.23
N LYS E 77 -29.54 53.97 -42.45
CA LYS E 77 -29.08 52.71 -43.03
C LYS E 77 -30.08 52.17 -44.04
N PHE E 78 -31.36 52.46 -43.87
CA PHE E 78 -32.38 51.98 -44.80
C PHE E 78 -32.60 52.91 -45.97
N THR E 79 -31.89 54.03 -46.04
CA THR E 79 -32.20 54.99 -47.07
C THR E 79 -31.64 54.56 -48.41
N ARG E 80 -32.06 55.27 -49.47
CA ARG E 80 -31.55 54.99 -50.83
C ARG E 80 -30.77 56.23 -51.30
N GLY E 81 -30.04 56.87 -50.40
CA GLY E 81 -29.27 58.08 -50.74
C GLY E 81 -30.09 59.35 -50.56
N VAL E 82 -31.35 59.24 -50.12
CA VAL E 82 -32.16 60.46 -49.84
C VAL E 82 -32.50 60.49 -48.34
N ASP E 83 -32.04 61.53 -47.61
CA ASP E 83 -32.26 61.57 -46.14
C ASP E 83 -33.71 61.96 -45.84
N PHE E 84 -34.24 61.55 -44.69
CA PHE E 84 -35.58 61.94 -44.32
C PHE E 84 -35.58 62.73 -43.02
N ASN E 85 -36.60 63.54 -42.85
CA ASN E 85 -36.88 64.18 -41.57
C ASN E 85 -37.93 63.38 -40.84
N TRP E 86 -38.11 63.70 -39.57
CA TRP E 86 -39.03 62.97 -38.71
C TRP E 86 -39.87 63.95 -37.94
N GLN E 87 -41.18 63.89 -38.12
CA GLN E 87 -42.05 64.65 -37.24
C GLN E 87 -41.82 64.22 -35.81
N ALA E 88 -41.96 65.17 -34.88
CA ALA E 88 -41.81 64.84 -33.47
C ALA E 88 -42.83 63.79 -33.06
N GLN E 89 -44.01 63.80 -33.67
CA GLN E 89 -45.02 62.81 -33.36
C GLN E 89 -44.69 61.45 -33.94
N ALA E 90 -43.95 61.42 -35.05
CA ALA E 90 -43.57 60.14 -35.63
C ALA E 90 -42.65 59.38 -34.71
N LEU E 91 -41.71 60.06 -34.07
CA LEU E 91 -40.80 59.39 -33.17
C LEU E 91 -41.50 58.99 -31.88
N LEU E 92 -42.43 59.81 -31.41
CA LEU E 92 -43.21 59.41 -30.25
C LEU E 92 -44.06 58.19 -30.55
N ALA E 93 -44.67 58.16 -31.73
CA ALA E 93 -45.45 57.00 -32.12
C ALA E 93 -44.57 55.76 -32.21
N LEU E 94 -43.42 55.90 -32.84
CA LEU E 94 -42.51 54.77 -32.97
C LEU E 94 -42.01 54.28 -31.63
N GLN E 95 -41.84 55.17 -30.67
CA GLN E 95 -41.36 54.73 -29.37
C GLN E 95 -42.47 54.15 -28.52
N GLU E 96 -43.69 54.65 -28.66
CA GLU E 96 -44.81 54.05 -27.93
C GLU E 96 -45.01 52.61 -28.34
N ALA E 97 -44.87 52.32 -29.62
CA ALA E 97 -45.06 50.96 -30.10
C ALA E 97 -43.92 50.05 -29.68
N ALA E 98 -42.69 50.54 -29.77
CA ALA E 98 -41.54 49.70 -29.42
C ALA E 98 -41.57 49.30 -27.96
N GLU E 99 -41.91 50.24 -27.08
CA GLU E 99 -41.91 49.91 -25.67
C GLU E 99 -43.04 48.96 -25.32
N ALA E 100 -44.21 49.14 -25.92
CA ALA E 100 -45.29 48.19 -25.69
C ALA E 100 -44.92 46.81 -26.17
N PHE E 101 -44.30 46.73 -27.34
CA PHE E 101 -43.82 45.45 -27.86
C PHE E 101 -42.87 44.80 -26.87
N LEU E 102 -41.91 45.56 -26.36
CA LEU E 102 -40.90 44.99 -25.47
C LEU E 102 -41.51 44.55 -24.16
N VAL E 103 -42.44 45.33 -23.61
CA VAL E 103 -43.07 44.96 -22.36
C VAL E 103 -43.85 43.66 -22.52
N HIS E 104 -44.62 43.55 -23.59
CA HIS E 104 -45.37 42.32 -23.82
C HIS E 104 -44.44 41.14 -24.01
N LEU E 105 -43.35 41.34 -24.74
CA LEU E 105 -42.39 40.26 -24.94
C LEU E 105 -41.78 39.83 -23.62
N PHE E 106 -41.50 40.77 -22.73
CA PHE E 106 -40.95 40.40 -21.43
C PHE E 106 -41.96 39.62 -20.62
N GLU E 107 -43.23 39.99 -20.68
CA GLU E 107 -44.24 39.22 -19.97
C GLU E 107 -44.26 37.77 -20.44
N ASP E 108 -44.26 37.56 -21.76
CA ASP E 108 -44.27 36.21 -22.28
C ASP E 108 -43.01 35.45 -21.87
N ALA E 109 -41.87 36.07 -22.03
CA ALA E 109 -40.63 35.42 -21.70
C ALA E 109 -40.59 34.99 -20.24
N TYR E 110 -41.14 35.79 -19.35
CA TYR E 110 -41.18 35.47 -17.93
C TYR E 110 -42.03 34.25 -17.63
N LEU E 111 -43.09 34.05 -18.36
CA LEU E 111 -43.92 32.86 -18.18
C LEU E 111 -43.09 31.64 -18.48
N LEU E 112 -42.22 31.72 -19.48
CA LEU E 112 -41.31 30.64 -19.78
C LEU E 112 -40.29 30.40 -18.67
N THR E 113 -39.82 31.45 -18.02
CA THR E 113 -38.89 31.32 -16.93
C THR E 113 -39.53 30.57 -15.79
N LEU E 114 -40.78 30.90 -15.47
CA LEU E 114 -41.51 30.21 -14.42
C LEU E 114 -41.79 28.77 -14.77
N HIS E 115 -42.05 28.49 -16.04
CA HIS E 115 -42.29 27.14 -16.51
C HIS E 115 -41.07 26.29 -16.27
N ALA E 116 -39.90 26.87 -16.47
CA ALA E 116 -38.65 26.17 -16.25
C ALA E 116 -38.24 26.11 -14.78
N GLY E 117 -39.02 26.72 -13.90
CA GLY E 117 -38.74 26.68 -12.48
C GLY E 117 -37.75 27.70 -11.98
N ARG E 118 -37.46 28.71 -12.79
CA ARG E 118 -36.53 29.74 -12.41
C ARG E 118 -37.26 31.04 -12.16
N VAL E 119 -36.62 31.99 -11.49
CA VAL E 119 -37.19 33.31 -11.31
C VAL E 119 -36.34 34.35 -12.02
N THR E 120 -35.27 33.91 -12.68
CA THR E 120 -34.37 34.82 -13.36
C THR E 120 -34.54 34.71 -14.84
N LEU E 121 -34.83 35.82 -15.50
CA LEU E 121 -35.06 35.79 -16.93
C LEU E 121 -33.82 35.57 -17.74
N PHE E 122 -33.88 34.63 -18.67
CA PHE E 122 -32.73 34.32 -19.50
C PHE E 122 -32.91 34.64 -21.00
N PRO E 123 -31.80 34.81 -21.79
CA PRO E 123 -31.91 35.01 -23.23
C PRO E 123 -32.58 33.85 -23.93
N LYS E 124 -32.45 32.64 -23.42
CA LYS E 124 -33.16 31.52 -24.01
C LYS E 124 -34.65 31.61 -23.75
N ASP E 125 -35.08 32.27 -22.70
CA ASP E 125 -36.50 32.43 -22.45
C ASP E 125 -37.03 33.49 -23.37
N VAL E 126 -36.22 34.49 -23.69
CA VAL E 126 -36.69 35.48 -24.64
C VAL E 126 -36.72 34.90 -26.05
N GLN E 127 -35.70 34.13 -26.41
CA GLN E 127 -35.64 33.56 -27.75
C GLN E 127 -36.78 32.60 -27.99
N LEU E 128 -37.16 31.83 -26.99
CA LEU E 128 -38.23 30.86 -27.18
C LEU E 128 -39.59 31.54 -27.28
N ALA E 129 -39.79 32.61 -26.52
CA ALA E 129 -41.05 33.35 -26.64
C ALA E 129 -41.21 33.93 -28.03
N ARG E 130 -40.12 34.37 -28.64
CA ARG E 130 -40.20 34.86 -30.01
C ARG E 130 -40.53 33.73 -30.97
N ARG E 131 -40.03 32.53 -30.71
CA ARG E 131 -40.27 31.42 -31.61
C ARG E 131 -41.72 30.96 -31.54
N ILE E 132 -42.29 30.91 -30.33
CA ILE E 132 -43.68 30.50 -30.21
C ILE E 132 -44.63 31.53 -30.76
N ARG E 133 -44.32 32.82 -30.60
CA ARG E 133 -45.20 33.84 -31.16
C ARG E 133 -45.31 33.71 -32.67
N GLY E 134 -44.24 33.34 -33.33
CA GLY E 134 -44.38 32.75 -34.64
C GLY E 134 -44.15 33.63 -35.84
N LEU E 135 -43.01 34.29 -35.94
CA LEU E 135 -42.47 34.83 -37.18
C LEU E 135 -43.17 36.10 -37.68
N GLU E 136 -44.29 36.51 -37.09
CA GLU E 136 -44.74 37.89 -37.29
C GLU E 136 -44.99 38.60 -35.98
N GLU E 137 -45.68 37.96 -35.05
CA GLU E 137 -45.86 38.58 -33.74
C GLU E 137 -44.58 38.52 -32.94
N GLY E 138 -43.78 37.48 -33.14
CA GLY E 138 -42.46 37.45 -32.54
C GLY E 138 -41.38 37.68 -33.56
N LEU E 139 -40.84 38.90 -33.59
CA LEU E 139 -39.90 39.29 -34.62
C LEU E 139 -39.46 40.74 -34.39
N LEU F 23 -22.10 52.43 -33.85
CA LEU F 23 -21.73 51.25 -33.07
C LEU F 23 -21.19 51.64 -31.70
N ARG F 24 -20.36 52.69 -31.64
CA ARG F 24 -19.85 53.20 -30.37
C ARG F 24 -20.99 53.51 -29.42
N ASP F 25 -22.08 54.04 -29.95
CA ASP F 25 -23.24 54.41 -29.19
C ASP F 25 -24.45 54.19 -30.07
N ASN F 26 -25.56 54.85 -29.72
CA ASN F 26 -26.81 54.84 -30.47
C ASN F 26 -27.56 53.53 -30.30
N ILE F 27 -26.89 52.51 -29.79
CA ILE F 27 -27.57 51.28 -29.43
C ILE F 27 -27.28 51.06 -27.96
N GLN F 28 -26.16 51.60 -27.51
CA GLN F 28 -25.88 51.68 -26.09
C GLN F 28 -26.64 52.81 -25.43
N GLY F 29 -27.27 53.68 -26.21
CA GLY F 29 -28.18 54.65 -25.65
C GLY F 29 -29.36 54.00 -24.96
N ILE F 30 -29.69 52.77 -25.33
CA ILE F 30 -30.67 51.99 -24.60
C ILE F 30 -29.95 51.38 -23.41
N THR F 31 -30.03 52.05 -22.27
CA THR F 31 -29.18 51.73 -21.16
C THR F 31 -29.75 50.58 -20.34
N LYS F 32 -28.87 49.97 -19.55
CA LYS F 32 -29.32 48.92 -18.63
C LYS F 32 -30.45 49.38 -17.72
N PRO F 33 -30.43 50.57 -17.13
CA PRO F 33 -31.58 50.96 -16.31
C PRO F 33 -32.87 51.07 -17.10
N ALA F 34 -32.80 51.51 -18.36
CA ALA F 34 -34.01 51.57 -19.18
C ALA F 34 -34.55 50.18 -19.46
N ILE F 35 -33.67 49.27 -19.88
CA ILE F 35 -34.10 47.91 -20.13
C ILE F 35 -34.66 47.28 -18.86
N ARG F 36 -34.06 47.60 -17.74
CA ARG F 36 -34.55 47.06 -16.47
C ARG F 36 -35.92 47.60 -16.13
N ARG F 37 -36.15 48.89 -16.41
CA ARG F 37 -37.48 49.45 -16.18
C ARG F 37 -38.51 48.76 -17.06
N LEU F 38 -38.16 48.53 -18.32
CA LEU F 38 -39.06 47.80 -19.21
C LEU F 38 -39.38 46.43 -18.66
N ALA F 39 -38.38 45.71 -18.19
CA ALA F 39 -38.62 44.38 -17.68
C ALA F 39 -39.46 44.42 -16.40
N ARG F 40 -39.23 45.39 -15.54
CA ARG F 40 -40.01 45.47 -14.31
C ARG F 40 -41.47 45.79 -14.62
N ARG F 41 -41.71 46.69 -15.56
CA ARG F 41 -43.09 46.94 -15.97
C ARG F 41 -43.70 45.68 -16.56
N GLY F 42 -42.90 44.90 -17.28
CA GLY F 42 -43.35 43.60 -17.71
C GLY F 42 -43.57 42.62 -16.57
N GLY F 43 -43.06 42.92 -15.39
CA GLY F 43 -43.24 42.08 -14.24
C GLY F 43 -42.08 41.17 -13.91
N VAL F 44 -40.98 41.29 -14.63
CA VAL F 44 -39.83 40.44 -14.40
C VAL F 44 -39.21 40.78 -13.05
N LYS F 45 -39.07 39.78 -12.21
CA LYS F 45 -38.52 40.00 -10.87
C LYS F 45 -37.00 40.06 -10.87
N ARG F 46 -36.35 39.26 -11.72
CA ARG F 46 -34.91 39.10 -11.66
C ARG F 46 -34.39 38.88 -13.07
N ILE F 47 -33.37 39.64 -13.45
CA ILE F 47 -32.92 39.70 -14.83
C ILE F 47 -31.48 39.22 -14.92
N SER F 48 -31.20 38.39 -15.91
CA SER F 48 -29.82 37.96 -16.15
C SER F 48 -29.04 39.12 -16.73
N GLY F 49 -27.75 38.89 -17.03
CA GLY F 49 -26.88 39.99 -17.54
C GLY F 49 -26.80 40.01 -19.05
N LEU F 50 -27.08 38.89 -19.72
CA LEU F 50 -27.02 38.83 -21.20
C LEU F 50 -28.34 39.34 -21.78
N ILE F 51 -29.34 39.55 -20.92
CA ILE F 51 -30.64 40.03 -21.35
C ILE F 51 -30.51 41.40 -21.98
N TYR F 52 -29.53 42.19 -21.56
CA TYR F 52 -29.41 43.54 -22.11
C TYR F 52 -29.03 43.51 -23.58
N GLU F 53 -28.03 42.71 -23.94
CA GLU F 53 -27.67 42.61 -25.34
C GLU F 53 -28.78 41.95 -26.14
N GLU F 54 -29.41 40.92 -25.57
CA GLU F 54 -30.54 40.31 -26.24
C GLU F 54 -31.63 41.33 -26.54
N THR F 55 -31.95 42.17 -25.58
CA THR F 55 -33.03 43.13 -25.73
C THR F 55 -32.66 44.22 -26.71
N ARG F 56 -31.40 44.66 -26.71
CA ARG F 56 -30.98 45.62 -27.71
C ARG F 56 -31.13 45.04 -29.10
N GLY F 57 -30.77 43.78 -29.29
CA GLY F 57 -30.94 43.15 -30.59
C GLY F 57 -32.40 43.05 -31.00
N VAL F 58 -33.27 42.68 -30.05
CA VAL F 58 -34.69 42.55 -30.36
C VAL F 58 -35.27 43.90 -30.72
N LEU F 59 -34.93 44.94 -29.96
CA LEU F 59 -35.42 46.27 -30.29
C LEU F 59 -34.92 46.73 -31.64
N LYS F 60 -33.68 46.41 -31.97
CA LYS F 60 -33.16 46.79 -33.27
C LYS F 60 -33.92 46.12 -34.39
N VAL F 61 -34.17 44.82 -34.27
CA VAL F 61 -34.87 44.15 -35.36
C VAL F 61 -36.32 44.62 -35.44
N PHE F 62 -36.93 44.98 -34.31
CA PHE F 62 -38.28 45.53 -34.36
C PHE F 62 -38.30 46.86 -35.08
N LEU F 63 -37.35 47.73 -34.76
CA LEU F 63 -37.34 49.05 -35.38
C LEU F 63 -37.02 48.96 -36.86
N GLU F 64 -36.18 48.02 -37.27
CA GLU F 64 -35.85 47.91 -38.68
C GLU F 64 -37.07 47.55 -39.52
N ASN F 65 -37.96 46.74 -38.98
CA ASN F 65 -39.13 46.36 -39.75
C ASN F 65 -40.11 47.51 -39.88
N VAL F 66 -40.32 48.24 -38.79
CA VAL F 66 -41.32 49.32 -38.83
C VAL F 66 -40.79 50.49 -39.62
N ILE F 67 -39.51 50.84 -39.44
CA ILE F 67 -38.97 52.01 -40.11
C ILE F 67 -38.92 51.80 -41.61
N ARG F 68 -38.60 50.59 -42.04
CA ARG F 68 -38.58 50.30 -43.47
C ARG F 68 -39.94 50.58 -44.10
N ASP F 69 -41.00 50.05 -43.50
CA ASP F 69 -42.33 50.26 -44.04
C ASP F 69 -42.75 51.72 -43.94
N ALA F 70 -42.38 52.38 -42.84
CA ALA F 70 -42.75 53.77 -42.67
C ALA F 70 -42.16 54.63 -43.77
N VAL F 71 -40.87 54.44 -44.06
CA VAL F 71 -40.26 55.25 -45.10
C VAL F 71 -40.74 54.80 -46.46
N THR F 72 -41.16 53.55 -46.62
CA THR F 72 -41.77 53.15 -47.88
C THR F 72 -43.04 53.94 -48.15
N TYR F 73 -43.92 54.03 -47.16
CA TYR F 73 -45.09 54.88 -47.28
C TYR F 73 -44.68 56.32 -47.56
N THR F 74 -43.71 56.82 -46.80
CA THR F 74 -43.33 58.22 -46.86
C THR F 74 -42.81 58.60 -48.22
N GLU F 75 -42.10 57.70 -48.88
CA GLU F 75 -41.59 58.02 -50.20
C GLU F 75 -42.52 57.58 -51.31
N HIS F 76 -43.53 56.76 -51.02
CA HIS F 76 -44.58 56.60 -52.00
C HIS F 76 -45.35 57.89 -52.16
N ALA F 77 -45.83 58.45 -51.05
CA ALA F 77 -46.13 59.86 -51.09
C ALA F 77 -44.83 60.57 -51.41
N LYS F 78 -44.89 61.62 -52.22
CA LYS F 78 -43.62 62.21 -52.63
C LYS F 78 -43.16 63.23 -51.59
N ARG F 79 -42.94 62.72 -50.38
CA ARG F 79 -42.59 63.51 -49.22
C ARG F 79 -41.19 63.17 -48.75
N LYS F 80 -40.67 63.99 -47.83
CA LYS F 80 -39.37 63.75 -47.22
C LYS F 80 -39.43 63.72 -45.71
N THR F 81 -40.61 63.87 -45.12
CA THR F 81 -40.77 63.86 -43.69
C THR F 81 -41.60 62.65 -43.30
N VAL F 82 -41.06 61.83 -42.40
CA VAL F 82 -41.80 60.68 -41.91
C VAL F 82 -42.88 61.17 -40.96
N THR F 83 -44.13 61.02 -41.36
CA THR F 83 -45.27 61.47 -40.59
C THR F 83 -45.66 60.42 -39.57
N ALA F 84 -46.36 60.85 -38.52
CA ALA F 84 -46.91 59.88 -37.58
C ALA F 84 -47.84 58.89 -38.25
N MET F 85 -48.58 59.34 -39.26
CA MET F 85 -49.48 58.41 -39.96
C MET F 85 -48.70 57.36 -40.72
N ASP F 86 -47.51 57.68 -41.19
CA ASP F 86 -46.71 56.65 -41.85
C ASP F 86 -46.32 55.56 -40.87
N VAL F 87 -45.92 55.94 -39.67
CA VAL F 87 -45.63 54.94 -38.64
C VAL F 87 -46.87 54.15 -38.31
N VAL F 88 -48.01 54.83 -38.22
CA VAL F 88 -49.24 54.14 -37.86
C VAL F 88 -49.60 53.12 -38.92
N TYR F 89 -49.46 53.48 -40.19
CA TYR F 89 -49.75 52.54 -41.26
C TYR F 89 -48.77 51.39 -41.26
N ALA F 90 -47.49 51.66 -41.02
CA ALA F 90 -46.51 50.58 -40.98
C ALA F 90 -46.87 49.58 -39.90
N LEU F 91 -47.18 50.06 -38.71
CA LEU F 91 -47.57 49.16 -37.64
C LEU F 91 -48.84 48.41 -37.99
N LYS F 92 -49.83 49.10 -38.54
CA LYS F 92 -51.09 48.47 -38.85
C LYS F 92 -50.92 47.36 -39.85
N ARG F 93 -50.05 47.58 -40.84
CA ARG F 93 -49.80 46.54 -41.89
C ARG F 93 -48.97 45.40 -41.28
N GLN F 94 -48.18 45.69 -40.23
CA GLN F 94 -47.48 44.59 -39.57
C GLN F 94 -48.31 43.89 -38.53
N GLY F 95 -49.53 44.34 -38.29
CA GLY F 95 -50.44 43.64 -37.41
C GLY F 95 -50.58 44.23 -36.03
N ARG F 96 -50.02 45.41 -35.80
CA ARG F 96 -50.11 46.10 -34.52
C ARG F 96 -50.80 47.42 -34.76
N THR F 97 -51.97 47.60 -34.19
CA THR F 97 -52.71 48.83 -34.37
C THR F 97 -52.41 49.77 -33.22
N LEU F 98 -52.01 50.99 -33.54
CA LEU F 98 -51.73 52.03 -32.57
C LEU F 98 -52.84 53.06 -32.62
N TYR F 99 -53.26 53.54 -31.45
CA TYR F 99 -54.48 54.33 -31.37
C TYR F 99 -54.28 55.81 -31.06
N GLY F 100 -53.26 56.17 -30.31
CA GLY F 100 -53.20 57.56 -29.88
C GLY F 100 -52.63 58.57 -30.85
N PHE F 101 -52.62 58.28 -32.15
CA PHE F 101 -51.94 59.20 -33.06
C PHE F 101 -52.70 59.41 -34.36
N GLY F 102 -53.99 59.17 -34.39
CA GLY F 102 -54.76 59.27 -35.62
C GLY F 102 -54.86 60.68 -36.16
N LYS G 16 -50.94 40.31 -80.71
CA LYS G 16 -51.38 41.66 -80.40
C LYS G 16 -51.96 41.73 -78.99
N SER G 17 -51.87 40.64 -78.26
CA SER G 17 -52.34 40.60 -76.88
C SER G 17 -51.39 41.37 -75.98
N ARG G 18 -51.93 41.89 -74.88
CA ARG G 18 -51.11 42.65 -73.95
C ARG G 18 -50.10 41.77 -73.24
N SER G 19 -50.47 40.53 -72.93
CA SER G 19 -49.52 39.63 -72.29
C SER G 19 -48.32 39.39 -73.19
N SER G 20 -48.56 39.07 -74.46
CA SER G 20 -47.47 38.88 -75.39
C SER G 20 -46.67 40.17 -75.57
N ARG G 21 -47.36 41.30 -75.65
CA ARG G 21 -46.68 42.58 -75.82
C ARG G 21 -45.76 42.87 -74.65
N ALA G 22 -46.12 42.42 -73.46
CA ALA G 22 -45.29 42.62 -72.28
C ALA G 22 -44.32 41.47 -72.04
N GLY G 23 -44.42 40.39 -72.79
CA GLY G 23 -43.52 39.28 -72.60
C GLY G 23 -43.89 38.39 -71.43
N LEU G 24 -45.17 38.21 -71.17
CA LEU G 24 -45.62 37.46 -70.02
C LEU G 24 -46.43 36.26 -70.47
N GLN G 25 -46.56 35.28 -69.57
CA GLN G 25 -47.49 34.18 -69.76
C GLN G 25 -48.80 34.40 -69.04
N PHE G 26 -48.87 35.34 -68.16
CA PHE G 26 -50.06 35.60 -67.39
C PHE G 26 -50.96 36.61 -68.10
N PRO G 27 -52.26 36.52 -67.90
CA PRO G 27 -53.21 37.32 -68.70
C PRO G 27 -53.33 38.73 -68.21
N VAL G 28 -52.78 39.68 -68.96
CA VAL G 28 -52.85 41.07 -68.55
C VAL G 28 -54.27 41.59 -68.63
N GLY G 29 -55.03 41.16 -69.64
CA GLY G 29 -56.40 41.63 -69.75
C GLY G 29 -57.28 41.13 -68.63
N ARG G 30 -57.11 39.87 -68.26
CA ARG G 30 -57.91 39.32 -67.16
C ARG G 30 -57.58 40.01 -65.85
N VAL G 31 -56.29 40.25 -65.60
CA VAL G 31 -55.90 40.97 -64.39
C VAL G 31 -56.48 42.37 -64.41
N HIS G 32 -56.49 43.02 -65.58
CA HIS G 32 -57.08 44.34 -65.68
C HIS G 32 -58.55 44.30 -65.31
N ARG G 33 -59.28 43.33 -65.84
CA ARG G 33 -60.70 43.24 -65.53
C ARG G 33 -60.92 42.97 -64.05
N LEU G 34 -60.10 42.11 -63.46
CA LEU G 34 -60.26 41.79 -62.05
C LEU G 34 -59.99 43.01 -61.19
N LEU G 35 -58.97 43.79 -61.54
CA LEU G 35 -58.72 45.03 -60.83
C LEU G 35 -59.89 45.98 -60.94
N ARG G 36 -60.45 46.11 -62.14
CA ARG G 36 -61.55 47.05 -62.32
C ARG G 36 -62.79 46.60 -61.57
N LYS G 37 -63.01 45.30 -61.47
CA LYS G 37 -64.23 44.78 -60.88
C LYS G 37 -64.08 44.45 -59.41
N GLY G 38 -62.89 44.59 -58.85
CA GLY G 38 -62.69 44.21 -57.48
C GLY G 38 -62.91 45.29 -56.45
N ASN G 39 -63.38 46.48 -56.86
CA ASN G 39 -63.60 47.58 -55.92
C ASN G 39 -62.30 47.97 -55.21
N TYR G 40 -61.26 48.18 -56.00
CA TYR G 40 -59.97 48.59 -55.46
C TYR G 40 -59.77 50.08 -55.62
N ALA G 41 -60.10 50.63 -56.77
CA ALA G 41 -60.12 52.06 -56.99
C ALA G 41 -61.14 52.36 -58.07
N GLU G 42 -61.42 53.65 -58.24
CA GLU G 42 -62.32 54.07 -59.31
C GLU G 42 -61.70 53.79 -60.67
N ARG G 43 -60.42 54.08 -60.84
CA ARG G 43 -59.75 53.93 -62.12
C ARG G 43 -58.49 53.11 -61.94
N VAL G 44 -58.10 52.44 -63.03
CA VAL G 44 -56.93 51.57 -63.03
C VAL G 44 -56.00 52.03 -64.15
N GLY G 45 -54.77 52.34 -63.80
CA GLY G 45 -53.79 52.73 -64.79
C GLY G 45 -53.56 51.65 -65.82
N ALA G 46 -52.83 52.01 -66.87
CA ALA G 46 -52.61 51.06 -67.94
C ALA G 46 -51.48 50.10 -67.61
N GLY G 47 -50.48 50.56 -66.87
CA GLY G 47 -49.37 49.69 -66.52
C GLY G 47 -49.56 48.86 -65.29
N ALA G 48 -50.59 49.17 -64.50
CA ALA G 48 -50.82 48.43 -63.26
C ALA G 48 -51.09 46.95 -63.50
N PRO G 49 -51.98 46.55 -64.42
CA PRO G 49 -52.14 45.12 -64.66
C PRO G 49 -50.90 44.47 -65.21
N VAL G 50 -50.12 45.19 -66.01
CA VAL G 50 -48.88 44.62 -66.53
C VAL G 50 -47.92 44.32 -65.39
N TYR G 51 -47.70 45.29 -64.52
CA TYR G 51 -46.83 45.11 -63.37
C TYR G 51 -47.31 43.97 -62.49
N LEU G 52 -48.61 43.94 -62.21
CA LEU G 52 -49.14 42.92 -61.31
C LEU G 52 -49.03 41.55 -61.91
N ALA G 53 -49.31 41.41 -63.20
CA ALA G 53 -49.20 40.12 -63.85
C ALA G 53 -47.75 39.65 -63.87
N ALA G 54 -46.82 40.57 -64.12
CA ALA G 54 -45.41 40.19 -64.08
C ALA G 54 -45.01 39.69 -62.71
N VAL G 55 -45.47 40.37 -61.66
CA VAL G 55 -45.13 39.95 -60.30
C VAL G 55 -45.70 38.57 -60.01
N LEU G 56 -46.96 38.36 -60.35
CA LEU G 56 -47.59 37.07 -60.10
C LEU G 56 -46.87 35.97 -60.85
N GLU G 57 -46.52 36.21 -62.11
CA GLU G 57 -45.82 35.20 -62.89
C GLU G 57 -44.47 34.87 -62.28
N TYR G 58 -43.76 35.90 -61.82
CA TYR G 58 -42.46 35.64 -61.20
C TYR G 58 -42.62 34.79 -59.94
N LEU G 59 -43.62 35.10 -59.13
CA LEU G 59 -43.80 34.35 -57.88
C LEU G 59 -44.14 32.89 -58.16
N THR G 60 -45.05 32.65 -59.10
CA THR G 60 -45.37 31.27 -59.41
C THR G 60 -44.18 30.56 -60.04
N ALA G 61 -43.37 31.26 -60.82
CA ALA G 61 -42.17 30.64 -61.37
C ALA G 61 -41.25 30.19 -60.26
N GLU G 62 -41.01 31.05 -59.27
CA GLU G 62 -40.18 30.67 -58.14
C GLU G 62 -40.73 29.43 -57.44
N ILE G 63 -42.01 29.46 -57.09
CA ILE G 63 -42.59 28.35 -56.36
C ILE G 63 -42.51 27.07 -57.18
N LEU G 64 -42.86 27.15 -58.46
CA LEU G 64 -42.88 25.96 -59.29
C LEU G 64 -41.48 25.41 -59.52
N GLU G 65 -40.47 26.27 -59.62
CA GLU G 65 -39.11 25.79 -59.74
C GLU G 65 -38.70 25.01 -58.51
N LEU G 66 -38.92 25.60 -57.33
CA LEU G 66 -38.54 24.90 -56.12
C LEU G 66 -39.31 23.60 -55.95
N ALA G 67 -40.58 23.60 -56.33
CA ALA G 67 -41.39 22.39 -56.18
C ALA G 67 -40.97 21.33 -57.17
N GLY G 68 -40.61 21.71 -58.39
CA GLY G 68 -40.11 20.74 -59.34
C GLY G 68 -38.81 20.13 -58.89
N ASN G 69 -37.93 20.94 -58.31
CA ASN G 69 -36.71 20.39 -57.73
C ASN G 69 -37.03 19.42 -56.61
N ALA G 70 -37.97 19.78 -55.74
CA ALA G 70 -38.33 18.88 -54.64
C ALA G 70 -38.90 17.58 -55.15
N ALA G 71 -39.66 17.63 -56.24
CA ALA G 71 -40.22 16.41 -56.79
C ALA G 71 -39.13 15.56 -57.44
N ARG G 72 -38.21 16.20 -58.15
CA ARG G 72 -37.12 15.47 -58.77
C ARG G 72 -36.26 14.78 -57.72
N ASP G 73 -36.01 15.45 -56.60
CA ASP G 73 -35.24 14.81 -55.54
C ASP G 73 -35.99 13.67 -54.89
N ASN G 74 -37.28 13.51 -55.15
CA ASN G 74 -38.03 12.35 -54.69
C ASN G 74 -38.22 11.33 -55.80
N LYS G 75 -37.51 11.48 -56.91
CA LYS G 75 -37.60 10.56 -58.04
C LYS G 75 -39.03 10.47 -58.56
N LYS G 76 -39.67 11.64 -58.73
CA LYS G 76 -41.05 11.69 -59.27
C LYS G 76 -41.11 12.78 -60.35
N THR G 77 -42.09 12.71 -61.25
CA THR G 77 -42.17 13.69 -62.37
C THR G 77 -43.48 14.47 -62.29
N ARG G 78 -44.25 14.30 -61.21
CA ARG G 78 -45.45 15.09 -61.02
C ARG G 78 -45.36 15.83 -59.70
N ILE G 79 -45.65 17.11 -59.72
CA ILE G 79 -45.65 17.90 -58.51
C ILE G 79 -46.93 17.62 -57.74
N ILE G 80 -46.81 17.46 -56.44
CA ILE G 80 -47.97 17.20 -55.59
C ILE G 80 -47.95 18.16 -54.41
N PRO G 81 -49.06 18.32 -53.69
CA PRO G 81 -49.05 19.21 -52.53
C PRO G 81 -47.91 18.99 -51.57
N ARG G 82 -47.45 17.76 -51.41
CA ARG G 82 -46.29 17.53 -50.58
C ARG G 82 -45.08 18.27 -51.11
N HIS G 83 -44.90 18.27 -52.43
CA HIS G 83 -43.75 18.95 -52.99
C HIS G 83 -43.90 20.45 -52.89
N LEU G 84 -45.12 20.96 -53.06
CA LEU G 84 -45.32 22.39 -52.84
C LEU G 84 -44.98 22.78 -51.41
N GLN G 85 -45.42 21.98 -50.44
CA GLN G 85 -45.12 22.28 -49.05
C GLN G 85 -43.63 22.22 -48.79
N LEU G 86 -42.95 21.21 -49.32
CA LEU G 86 -41.51 21.11 -49.14
C LEU G 86 -40.79 22.30 -49.74
N ALA G 87 -41.24 22.74 -50.91
CA ALA G 87 -40.60 23.88 -51.55
C ALA G 87 -40.81 25.15 -50.75
N ILE G 88 -42.01 25.34 -50.23
CA ILE G 88 -42.31 26.59 -49.52
C ILE G 88 -41.61 26.63 -48.18
N ARG G 89 -41.74 25.57 -47.38
CA ARG G 89 -41.19 25.62 -46.04
C ARG G 89 -39.69 25.55 -46.00
N ASN G 90 -39.02 25.36 -47.13
CA ASN G 90 -37.57 25.32 -47.17
C ASN G 90 -36.94 26.57 -47.75
N ASP G 91 -37.73 27.53 -48.21
CA ASP G 91 -37.23 28.82 -48.64
C ASP G 91 -37.71 29.86 -47.65
N GLU G 92 -36.76 30.57 -47.02
CA GLU G 92 -37.14 31.48 -45.94
C GLU G 92 -38.01 32.62 -46.46
N GLU G 93 -37.76 33.07 -47.68
CA GLU G 93 -38.58 34.14 -48.24
C GLU G 93 -40.02 33.67 -48.44
N LEU G 94 -40.19 32.56 -49.15
CA LEU G 94 -41.54 32.04 -49.35
C LEU G 94 -42.15 31.56 -48.06
N ASN G 95 -41.35 31.02 -47.15
CA ASN G 95 -41.89 30.59 -45.87
C ASN G 95 -42.41 31.77 -45.09
N LYS G 96 -41.78 32.93 -45.22
CA LYS G 96 -42.27 34.12 -44.54
C LYS G 96 -43.47 34.72 -45.25
N LEU G 97 -43.49 34.67 -46.58
CA LEU G 97 -44.63 35.16 -47.33
C LEU G 97 -45.88 34.36 -47.01
N LEU G 98 -45.79 33.04 -47.12
CA LEU G 98 -46.90 32.15 -46.80
C LEU G 98 -46.80 31.64 -45.38
N GLY G 99 -46.61 32.56 -44.43
CA GLY G 99 -46.48 32.18 -43.01
C GLY G 99 -47.77 31.60 -42.46
N ARG G 100 -48.89 32.29 -42.68
CA ARG G 100 -50.19 31.83 -42.10
C ARG G 100 -51.00 31.07 -43.17
N VAL G 101 -50.33 30.26 -43.99
CA VAL G 101 -51.02 29.50 -45.01
C VAL G 101 -50.88 28.02 -44.69
N THR G 102 -52.01 27.31 -44.74
CA THR G 102 -52.03 25.87 -44.61
C THR G 102 -52.24 25.25 -45.99
N ILE G 103 -51.40 24.29 -46.34
CA ILE G 103 -51.51 23.59 -47.60
C ILE G 103 -52.14 22.24 -47.34
N ALA G 104 -53.28 21.99 -47.96
CA ALA G 104 -53.97 20.73 -47.79
C ALA G 104 -53.13 19.60 -48.36
N GLN G 105 -53.05 18.49 -47.62
CA GLN G 105 -52.28 17.32 -48.03
C GLN G 105 -50.80 17.66 -48.21
N GLY G 106 -50.29 18.56 -47.38
CA GLY G 106 -48.90 18.96 -47.50
C GLY G 106 -48.01 18.34 -46.46
N GLY G 107 -48.60 17.86 -45.37
CA GLY G 107 -47.77 17.29 -44.34
C GLY G 107 -46.95 18.36 -43.63
N VAL G 108 -45.87 17.92 -43.02
CA VAL G 108 -44.95 18.80 -42.29
C VAL G 108 -43.55 18.53 -42.78
N LEU G 109 -42.63 19.36 -42.33
CA LEU G 109 -41.24 19.11 -42.63
C LEU G 109 -40.70 18.01 -41.72
N PRO G 110 -39.88 17.12 -42.25
CA PRO G 110 -39.32 16.07 -41.40
C PRO G 110 -38.29 16.63 -40.44
N ASN G 111 -38.75 17.18 -39.33
CA ASN G 111 -37.89 17.84 -38.35
C ASN G 111 -38.10 17.20 -36.99
N ILE G 112 -37.08 16.51 -36.50
CA ILE G 112 -37.06 15.95 -35.16
C ILE G 112 -36.03 16.72 -34.34
N GLN G 113 -36.34 16.95 -33.06
CA GLN G 113 -35.42 17.66 -32.20
C GLN G 113 -34.15 16.84 -31.97
N ALA G 114 -33.05 17.55 -31.72
CA ALA G 114 -31.76 16.88 -31.59
C ALA G 114 -31.67 16.05 -30.33
N VAL G 115 -32.27 16.49 -29.23
CA VAL G 115 -32.26 15.73 -28.00
C VAL G 115 -32.98 14.39 -28.13
N LEU G 116 -33.67 14.18 -29.25
CA LEU G 116 -34.36 12.92 -29.48
C LEU G 116 -33.41 11.85 -29.99
N LEU G 117 -32.81 12.08 -31.15
CA LEU G 117 -31.97 11.08 -31.78
C LEU G 117 -30.75 10.80 -30.91
N PRO G 118 -30.59 9.58 -30.38
CA PRO G 118 -29.44 9.25 -29.56
C PRO G 118 -28.19 8.96 -30.39
N ASP H 38 29.74 1.63 67.09
CA ASP H 38 30.79 2.62 66.86
C ASP H 38 30.41 3.55 65.71
N ARG H 39 31.16 3.47 64.62
CA ARG H 39 30.88 4.27 63.43
C ARG H 39 29.52 3.97 62.83
N MET H 40 29.15 2.69 62.75
CA MET H 40 27.83 2.33 62.28
C MET H 40 26.75 2.91 63.18
N THR H 41 26.97 2.92 64.50
CA THR H 41 25.99 3.47 65.41
C THR H 41 25.79 4.97 65.16
N LEU H 42 26.89 5.71 65.00
CA LEU H 42 26.76 7.15 64.81
C LEU H 42 26.17 7.49 63.45
N LEU H 43 26.48 6.71 62.42
CA LEU H 43 25.90 7.01 61.11
C LEU H 43 24.41 6.66 61.09
N LEU H 46 24.01 5.57 61.75
CA LEU H 46 22.59 5.31 61.93
C LEU H 46 21.90 6.43 62.71
N ARG H 47 22.58 6.95 63.74
CA ARG H 47 22.02 8.05 64.51
C ARG H 47 21.80 9.28 63.64
N ALA H 48 22.80 9.62 62.81
CA ALA H 48 22.68 10.77 61.93
C ALA H 48 21.54 10.57 60.93
N GLN H 49 21.46 9.37 60.33
CA GLN H 49 20.41 9.12 59.34
C GLN H 49 19.03 9.20 59.98
N THR H 50 18.88 8.67 61.20
CA THR H 50 17.62 8.81 61.91
C THR H 50 17.32 10.27 62.21
N LYS H 51 18.36 11.06 62.50
CA LYS H 51 18.14 12.49 62.72
C LYS H 51 17.59 13.17 61.48
N GLN H 52 18.19 12.91 60.32
CA GLN H 52 17.68 13.55 59.09
C GLN H 52 16.29 13.05 58.77
N GLN H 53 16.02 11.76 58.99
CA GLN H 53 14.69 11.23 58.73
C GLN H 53 13.66 11.89 59.63
N LEU H 54 13.99 12.07 60.92
CA LEU H 54 13.07 12.74 61.84
C LEU H 54 12.83 14.18 61.44
N LEU H 55 13.89 14.89 61.02
CA LEU H 55 13.73 16.26 60.58
C LEU H 55 12.83 16.33 59.35
N GLU H 56 13.03 15.42 58.39
CA GLU H 56 12.19 15.39 57.21
C GLU H 56 10.73 15.11 57.55
N TYR H 57 10.50 14.17 58.47
CA TYR H 57 9.14 13.84 58.87
C TYR H 57 8.49 15.03 59.58
N LYS H 58 9.25 15.74 60.41
CA LYS H 58 8.72 16.93 61.06
C LYS H 58 8.35 18.00 60.03
N SER H 59 9.20 18.19 59.03
CA SER H 59 8.89 19.14 57.98
C SER H 59 7.65 18.71 57.20
N MET H 60 7.51 17.41 56.92
CA MET H 60 6.34 16.93 56.18
C MET H 60 5.06 17.14 56.98
N VAL H 61 5.09 16.85 58.29
CA VAL H 61 3.88 17.00 59.08
C VAL H 61 3.55 18.47 59.29
N ASP H 62 4.56 19.34 59.34
CA ASP H 62 4.29 20.77 59.43
C ASP H 62 3.69 21.30 58.13
N ALA H 63 4.19 20.81 56.99
CA ALA H 63 3.68 21.27 55.70
C ALA H 63 2.28 20.77 55.41
N SER H 64 1.79 19.77 56.15
CA SER H 64 0.45 19.25 55.93
C SER H 64 -0.63 20.29 56.25
N GLU H 65 -0.32 21.27 57.08
CA GLU H 65 -1.29 22.30 57.43
C GLU H 65 -1.27 23.43 56.41
N ILE H 78 4.06 31.91 43.78
CA ILE H 78 4.67 31.98 42.47
C ILE H 78 6.05 31.33 42.49
N GLU H 79 6.94 31.81 41.62
CA GLU H 79 8.28 31.26 41.51
C GLU H 79 9.34 32.10 42.22
N ALA H 80 9.16 33.43 42.28
CA ALA H 80 10.11 34.27 42.99
C ALA H 80 10.12 33.98 44.48
N LYS H 81 8.95 33.76 45.06
CA LYS H 81 8.87 33.40 46.47
C LYS H 81 9.61 32.09 46.74
N ILE H 82 9.40 31.08 45.89
CA ILE H 82 10.07 29.80 46.08
C ILE H 82 11.58 29.98 45.93
N GLU H 83 12.00 30.76 44.93
CA GLU H 83 13.41 30.99 44.70
C GLU H 83 14.08 31.64 45.91
N ASP H 84 13.46 32.69 46.45
CA ASP H 84 13.95 33.29 47.68
C ASP H 84 13.93 32.27 48.82
N LEU H 85 13.00 31.31 48.77
CA LEU H 85 12.97 30.28 49.80
C LEU H 85 14.23 29.42 49.76
N GLU H 86 14.63 28.91 48.58
CA GLU H 86 15.82 28.08 48.62
C GLU H 86 17.05 28.93 48.93
N ASN H 87 17.05 30.20 48.48
CA ASN H 87 18.16 31.07 48.85
C ASN H 87 18.30 31.19 50.36
N GLU H 88 17.20 31.50 51.05
CA GLU H 88 17.24 31.68 52.50
C GLU H 88 17.61 30.40 53.22
N ILE H 89 17.04 29.27 52.79
CA ILE H 89 17.31 28.02 53.48
C ILE H 89 18.76 27.60 53.25
N GLU H 90 19.30 27.85 52.05
CA GLU H 90 20.69 27.57 51.80
C GLU H 90 21.58 28.41 52.69
N GLU H 91 21.27 29.70 52.83
CA GLU H 91 22.08 30.57 53.67
C GLU H 91 22.05 30.11 55.13
N VAL H 92 20.87 29.83 55.66
CA VAL H 92 20.76 29.48 57.07
C VAL H 92 21.37 28.11 57.33
N LYS H 93 21.19 27.16 56.42
CA LYS H 93 21.79 25.83 56.58
C LYS H 93 23.31 25.92 56.51
N VAL H 94 23.81 26.72 55.57
CA VAL H 94 25.28 26.88 55.41
C VAL H 94 25.82 27.48 56.73
N ALA H 95 25.14 28.47 57.27
CA ALA H 95 25.58 29.09 58.54
C ALA H 95 25.54 28.04 59.66
N PHE H 96 24.49 27.21 59.69
CA PHE H 96 24.35 26.21 60.79
C PHE H 96 25.49 25.20 60.72
N GLU H 97 25.79 24.69 59.51
CA GLU H 97 26.87 23.68 59.37
C GLU H 97 28.22 24.33 59.71
N ILE H 98 28.41 25.59 59.27
CA ILE H 98 29.66 26.32 59.60
C ILE H 98 29.83 26.32 61.13
N LYS H 99 28.76 26.66 61.86
CA LYS H 99 28.86 26.78 63.31
C LYS H 99 29.07 25.41 63.95
N LYS H 100 28.33 24.40 63.47
CA LYS H 100 28.43 23.07 64.06
C LYS H 100 29.81 22.46 63.84
N LEU H 101 30.30 22.49 62.60
CA LEU H 101 31.63 21.96 62.31
C LEU H 101 32.70 22.72 63.08
N ALA H 102 32.60 24.05 63.10
CA ALA H 102 33.57 24.86 63.82
C ALA H 102 33.63 24.43 65.28
N LEU H 103 32.48 24.36 65.96
CA LEU H 103 32.50 24.01 67.37
C LEU H 103 33.04 22.59 67.59
N ASP H 104 32.58 21.63 66.78
CA ASP H 104 32.94 20.24 67.09
C ASP H 104 34.43 19.99 66.85
N ARG H 105 34.96 20.42 65.70
CA ARG H 105 36.37 20.10 65.48
C ARG H 105 37.30 21.19 66.02
N MET H 106 36.73 22.27 66.57
CA MET H 106 37.50 23.11 67.48
C MET H 106 37.67 22.40 68.83
N ARG H 107 36.63 21.74 69.30
CA ARG H 107 36.79 20.87 70.47
C ARG H 107 37.80 19.77 70.18
N LEU H 108 37.76 19.22 68.96
CA LEU H 108 38.76 18.23 68.56
C LEU H 108 40.17 18.83 68.57
N SER H 109 40.33 20.06 68.08
CA SER H 109 41.64 20.70 68.10
C SER H 109 42.13 20.91 69.52
N THR H 110 41.24 21.31 70.42
CA THR H 110 41.62 21.46 71.83
C THR H 110 42.02 20.12 72.44
N ALA H 111 41.29 19.04 72.11
CA ALA H 111 41.65 17.72 72.61
C ALA H 111 43.03 17.31 72.10
N LEU H 112 43.33 17.60 70.83
CA LEU H 112 44.66 17.33 70.29
C LEU H 112 45.71 18.17 71.02
N LYS H 113 45.39 19.42 71.33
CA LYS H 113 46.31 20.27 72.08
C LYS H 113 46.58 19.70 73.47
N LYS H 114 45.57 19.05 74.07
CA LYS H 114 45.78 18.41 75.36
C LYS H 114 46.82 17.30 75.28
N ASN H 115 46.91 16.63 74.14
CA ASN H 115 47.91 15.58 73.95
C ASN H 115 49.18 16.15 73.35
N SER H 124 54.66 5.40 67.22
CA SER H 124 53.35 5.30 66.58
C SER H 124 53.42 5.79 65.14
N VAL H 125 52.29 5.68 64.43
CA VAL H 125 52.24 6.13 63.04
C VAL H 125 52.11 7.64 62.93
N LEU H 126 52.03 8.35 64.06
CA LEU H 126 51.88 9.81 64.01
C LEU H 126 53.09 10.47 63.37
N MET H 127 54.29 9.98 63.69
CA MET H 127 55.50 10.51 63.07
C MET H 127 55.49 10.30 61.56
N ASP H 128 55.06 9.10 61.12
CA ASP H 128 54.94 8.84 59.70
C ASP H 128 53.96 9.80 59.04
N ASN H 129 52.81 10.01 59.67
CA ASN H 129 51.82 10.93 59.12
C ASN H 129 52.37 12.35 59.03
N MET H 130 53.07 12.80 60.06
CA MET H 130 53.54 14.19 60.06
C MET H 130 54.65 14.40 59.04
N LYS H 131 55.59 13.46 58.93
CA LYS H 131 56.63 13.62 57.92
C LYS H 131 56.03 13.55 56.52
N HIS H 132 55.04 12.66 56.32
CA HIS H 132 54.35 12.60 55.04
C HIS H 132 53.70 13.93 54.70
N LEU H 133 52.95 14.50 55.65
CA LEU H 133 52.26 15.75 55.35
C LEU H 133 53.26 16.87 55.06
N LEU H 134 54.36 16.92 55.82
CA LEU H 134 55.36 17.96 55.58
C LEU H 134 55.94 17.85 54.16
N GLU H 135 56.42 16.67 53.79
CA GLU H 135 57.03 16.51 52.48
C GLU H 135 56.02 16.75 51.36
N LEU H 136 54.81 16.21 51.51
CA LEU H 136 53.81 16.33 50.45
C LEU H 136 53.35 17.77 50.29
N ASN H 137 53.26 18.52 51.39
CA ASN H 137 52.87 19.92 51.31
C ASN H 137 53.99 20.78 50.72
N LYS H 138 55.25 20.42 51.00
CA LYS H 138 56.35 21.10 50.34
C LYS H 138 56.27 20.89 48.84
N LEU H 139 55.96 19.67 48.42
CA LEU H 139 55.77 19.39 46.99
C LEU H 139 54.59 20.20 46.44
N ILE H 140 53.51 20.32 47.22
CA ILE H 140 52.38 21.17 46.83
C ILE H 140 52.85 22.59 46.55
N MET H 141 53.61 23.18 47.45
CA MET H 141 53.98 24.58 47.24
C MET H 141 54.95 24.72 46.07
N LYS H 142 55.85 23.76 45.89
CA LYS H 142 56.73 23.81 44.72
C LYS H 142 55.93 23.78 43.43
N SER H 143 54.96 22.87 43.35
CA SER H 143 54.10 22.81 42.17
C SER H 143 53.29 24.09 42.01
N GLN H 144 52.84 24.67 43.12
CA GLN H 144 52.07 25.91 43.07
C GLN H 144 52.89 27.05 42.51
N GLN H 145 54.13 27.19 42.97
CA GLN H 145 55.01 28.24 42.46
C GLN H 145 55.30 28.03 40.97
N GLU H 146 55.53 26.77 40.58
CA GLU H 146 55.77 26.49 39.17
C GLU H 146 54.56 26.87 38.33
N SER H 147 53.36 26.51 38.78
CA SER H 147 52.15 26.87 38.05
C SER H 147 51.96 28.38 37.99
N TRP H 148 52.27 29.08 39.09
CA TRP H 148 52.12 30.52 39.12
C TRP H 148 53.01 31.19 38.08
N ASP H 149 54.28 30.81 38.04
CA ASP H 149 55.19 31.42 37.06
C ASP H 149 54.80 31.04 35.64
N LEU H 150 54.40 29.78 35.43
CA LEU H 150 54.00 29.36 34.10
C LEU H 150 52.77 30.13 33.62
N GLU H 151 51.79 30.32 34.51
CA GLU H 151 50.59 31.06 34.14
C GLU H 151 50.90 32.53 33.92
N GLU H 152 51.84 33.08 34.70
CA GLU H 152 52.25 34.46 34.46
C GLU H 152 52.84 34.61 33.06
N LYS H 153 53.66 33.65 32.64
CA LYS H 153 54.17 33.67 31.26
C LYS H 153 53.04 33.49 30.25
N LEU H 154 52.12 32.58 30.52
CA LEU H 154 51.05 32.28 29.58
C LEU H 154 50.16 33.50 29.35
N LEU H 155 49.85 34.24 30.41
CA LEU H 155 48.99 35.40 30.29
C LEU H 155 49.53 36.39 29.26
N ASP H 156 50.79 36.80 29.42
CA ASP H 156 51.32 37.84 28.56
C ASP H 156 51.61 37.31 27.16
N ILE H 157 52.04 36.05 27.04
CA ILE H 157 52.26 35.54 25.69
C ILE H 157 50.94 35.44 24.93
N ARG H 158 49.86 35.00 25.60
CA ARG H 158 48.57 34.90 24.92
C ARG H 158 48.01 36.28 24.59
N LYS H 159 48.20 37.26 25.49
CA LYS H 159 47.73 38.61 25.21
C LYS H 159 48.46 39.21 24.02
N LYS H 160 49.78 39.04 23.96
CA LYS H 160 50.53 39.50 22.80
C LYS H 160 50.10 38.78 21.54
N ARG H 161 49.84 37.48 21.65
CA ARG H 161 49.38 36.70 20.50
C ARG H 161 48.04 37.23 19.98
N LEU H 162 47.12 37.55 20.88
CA LEU H 162 45.81 38.06 20.46
C LEU H 162 45.94 39.42 19.81
N GLN H 163 46.73 40.32 20.41
CA GLN H 163 46.92 41.63 19.82
C GLN H 163 47.56 41.51 18.44
N LEU H 164 48.56 40.65 18.31
CA LEU H 164 49.20 40.46 17.01
C LEU H 164 48.24 39.82 16.01
N LYS H 165 47.36 38.93 16.48
CA LYS H 165 46.37 38.33 15.59
C LYS H 165 45.42 39.39 15.04
N GLN H 166 44.97 40.30 15.91
CA GLN H 166 44.14 41.40 15.44
C GLN H 166 44.89 42.28 14.44
N ALA H 167 46.15 42.59 14.74
CA ALA H 167 46.95 43.39 13.82
C ALA H 167 47.11 42.70 12.48
N SER H 168 47.37 41.40 12.49
CA SER H 168 47.56 40.65 11.26
C SER H 168 46.26 40.57 10.46
N GLU H 169 45.14 40.40 11.14
CA GLU H 169 43.84 40.40 10.45
C GLU H 169 43.60 41.73 9.77
N SER H 170 43.87 42.84 10.48
CA SER H 170 43.71 44.16 9.88
C SER H 170 44.65 44.35 8.69
N LYS H 171 45.90 43.90 8.83
CA LYS H 171 46.87 44.05 7.75
C LYS H 171 46.46 43.26 6.52
N LEU H 172 46.03 42.01 6.71
CA LEU H 172 45.60 41.22 5.57
C LEU H 172 44.35 41.82 4.92
N LEU H 173 43.42 42.32 5.74
CA LEU H 173 42.24 42.97 5.20
C LEU H 173 42.62 44.16 4.32
N GLU H 174 43.50 45.02 4.83
CA GLU H 174 43.84 46.23 4.08
C GLU H 174 44.63 45.89 2.82
N ILE H 175 45.54 44.91 2.90
CA ILE H 175 46.33 44.57 1.72
C ILE H 175 45.44 43.91 0.67
N GLN H 176 44.49 43.08 1.09
CA GLN H 176 43.57 42.47 0.13
C GLN H 176 42.69 43.52 -0.52
N THR H 177 42.18 44.46 0.28
CA THR H 177 41.33 45.51 -0.27
C THR H 177 42.08 46.36 -1.29
N GLU H 178 43.30 46.78 -0.96
CA GLU H 178 44.05 47.58 -1.92
C GLU H 178 44.43 46.76 -3.16
N LYS H 179 44.79 45.49 -2.97
CA LYS H 179 45.14 44.63 -4.10
C LYS H 179 43.97 44.49 -5.06
N ASN H 180 42.76 44.31 -4.53
CA ASN H 180 41.58 44.36 -5.39
C ASN H 180 41.35 45.76 -5.94
N LYS H 181 41.85 46.77 -5.23
CA LYS H 181 41.63 48.15 -5.67
C LYS H 181 42.37 48.46 -6.97
N GLN H 182 43.65 48.06 -7.11
CA GLN H 182 44.27 48.36 -8.40
C GLN H 182 43.69 47.49 -9.51
N LYS H 183 43.19 46.31 -9.17
CA LYS H 183 42.59 45.41 -10.15
C LYS H 183 41.29 45.99 -10.70
N GLN H 200 48.37 50.54 -31.85
CA GLN H 200 48.41 49.19 -32.41
C GLN H 200 49.78 48.54 -32.20
N ASN H 201 50.71 49.28 -31.60
CA ASN H 201 52.09 48.82 -31.54
C ASN H 201 52.31 47.78 -30.45
N LEU H 202 51.80 48.04 -29.24
CA LEU H 202 52.19 47.23 -28.09
C LEU H 202 51.66 45.80 -28.19
N GLN H 203 50.39 45.64 -28.55
CA GLN H 203 49.79 44.30 -28.59
C GLN H 203 50.44 43.45 -29.67
N MET H 204 50.62 44.01 -30.88
CA MET H 204 51.26 43.28 -31.94
C MET H 204 52.73 42.98 -31.63
N GLU H 205 53.40 43.89 -30.90
CA GLU H 205 54.77 43.60 -30.49
C GLU H 205 54.83 42.48 -29.47
N ILE H 206 53.83 42.42 -28.58
CA ILE H 206 53.73 41.29 -27.65
C ILE H 206 53.58 39.97 -28.42
N LYS H 207 52.68 39.97 -29.42
CA LYS H 207 52.49 38.77 -30.23
C LYS H 207 53.78 38.39 -30.96
N ILE H 208 54.46 39.38 -31.53
CA ILE H 208 55.70 39.12 -32.26
C ILE H 208 56.77 38.57 -31.32
N THR H 209 56.84 39.10 -30.10
CA THR H 209 57.84 38.61 -29.15
C THR H 209 57.55 37.19 -28.72
N THR H 210 56.26 36.84 -28.56
CA THR H 210 55.90 35.45 -28.28
C THR H 210 56.32 34.53 -29.43
N VAL H 211 56.05 34.95 -30.67
CA VAL H 211 56.45 34.17 -31.83
C VAL H 211 57.96 33.99 -31.87
N ILE H 212 58.70 35.04 -31.55
CA ILE H 212 60.16 34.96 -31.57
C ILE H 212 60.67 34.02 -30.49
N GLN H 213 60.06 34.08 -29.29
CA GLN H 213 60.40 33.14 -28.23
C GLN H 213 60.24 31.70 -28.72
N HIS H 214 59.08 31.39 -29.29
CA HIS H 214 58.83 30.01 -29.71
C HIS H 214 59.76 29.59 -30.84
N VAL H 215 60.03 30.49 -31.79
CA VAL H 215 60.92 30.15 -32.90
C VAL H 215 62.33 29.89 -32.39
N PHE H 216 62.81 30.74 -31.49
CA PHE H 216 64.14 30.54 -30.92
C PHE H 216 64.22 29.21 -30.18
N GLN H 217 63.19 28.89 -29.38
CA GLN H 217 63.22 27.64 -28.64
C GLN H 217 63.22 26.44 -29.57
N ASN H 218 62.39 26.47 -30.61
CA ASN H 218 62.33 25.34 -31.54
C ASN H 218 63.64 25.20 -32.31
N LEU H 219 64.28 26.33 -32.67
CA LEU H 219 65.55 26.25 -33.37
C LEU H 219 66.64 25.69 -32.47
N ILE H 220 66.67 26.10 -31.20
CA ILE H 220 67.64 25.57 -30.25
C ILE H 220 67.43 24.07 -30.08
N LEU H 221 66.16 23.63 -30.05
CA LEU H 221 65.89 22.20 -29.92
C LEU H 221 66.31 21.44 -31.18
N GLY H 222 66.07 22.02 -32.36
CA GLY H 222 66.43 21.34 -33.60
C GLY H 222 67.92 21.29 -33.85
N SER H 223 68.67 22.26 -33.30
CA SER H 223 70.11 22.26 -33.51
C SER H 223 70.83 21.22 -32.67
N LYS H 224 70.17 20.69 -31.63
CA LYS H 224 70.75 19.67 -30.75
C LYS H 224 72.05 20.17 -30.10
N VAL H 225 72.07 21.45 -29.75
CA VAL H 225 73.25 22.07 -29.16
C VAL H 225 73.18 21.92 -27.65
N ASN H 226 74.30 21.53 -27.04
CA ASN H 226 74.41 21.47 -25.59
C ASN H 226 74.49 22.91 -25.08
N TRP H 227 73.32 23.54 -25.00
CA TRP H 227 73.25 24.96 -24.71
C TRP H 227 73.72 25.31 -23.29
N ALA H 228 73.79 24.33 -22.39
CA ALA H 228 74.34 24.60 -21.07
C ALA H 228 75.84 24.85 -21.11
N GLU H 229 76.54 24.35 -22.13
CA GLU H 229 77.96 24.58 -22.25
C GLU H 229 78.27 26.01 -22.67
N ASP H 230 77.40 26.61 -23.50
CA ASP H 230 77.55 28.00 -23.90
C ASP H 230 76.92 28.89 -22.84
N PRO H 231 77.71 29.71 -22.15
CA PRO H 231 77.14 30.52 -21.05
C PRO H 231 76.06 31.49 -21.51
N ALA H 232 76.31 32.21 -22.61
CA ALA H 232 75.31 33.14 -23.12
C ALA H 232 74.05 32.40 -23.55
N LEU H 233 74.21 31.30 -24.30
CA LEU H 233 73.07 30.51 -24.70
C LEU H 233 72.31 29.98 -23.50
N LYS H 234 73.03 29.62 -22.44
CA LYS H 234 72.36 29.10 -21.25
C LYS H 234 71.55 30.19 -20.55
N GLU H 235 72.13 31.39 -20.39
CA GLU H 235 71.40 32.46 -19.73
C GLU H 235 70.28 33.02 -20.61
N ILE H 236 70.31 32.77 -21.91
CA ILE H 236 69.23 33.20 -22.79
C ILE H 236 68.11 32.17 -22.85
N VAL H 237 68.47 30.88 -22.79
CA VAL H 237 67.44 29.84 -22.74
C VAL H 237 66.54 30.03 -21.53
N LEU H 238 67.12 30.42 -20.41
CA LEU H 238 66.33 30.71 -19.22
C LEU H 238 65.54 32.01 -19.34
N GLN H 239 65.88 32.86 -20.30
CA GLN H 239 65.08 34.06 -20.55
C GLN H 239 63.77 33.70 -21.26
N LEU H 240 63.75 32.61 -22.02
CA LEU H 240 62.52 32.16 -22.64
C LEU H 240 61.54 31.69 -21.57
N GLU H 241 60.32 31.35 -22.01
CA GLU H 241 59.23 30.99 -21.11
C GLU H 241 58.92 32.13 -20.15
N LYS H 242 58.90 33.35 -20.68
CA LYS H 242 58.46 34.54 -19.94
C LYS H 242 57.22 35.08 -20.64
N ASN H 243 56.14 35.21 -19.88
CA ASN H 243 54.90 35.77 -20.43
C ASN H 243 55.14 37.24 -20.79
N VAL H 244 55.07 37.54 -22.09
CA VAL H 244 55.35 38.90 -22.56
C VAL H 244 54.31 39.88 -22.00
N ASP H 245 53.08 39.43 -21.83
CA ASP H 245 52.02 40.30 -21.30
C ASP H 245 52.08 40.36 -19.78
N MET H 246 53.26 40.63 -19.23
CA MET H 246 53.44 40.76 -17.79
C MET H 246 54.40 41.91 -17.46
N GLU I 63 92.55 10.32 -1.48
CA GLU I 63 91.16 10.25 -1.94
C GLU I 63 90.25 9.69 -0.85
N ASP I 64 89.20 9.01 -1.30
CA ASP I 64 88.24 8.39 -0.41
C ASP I 64 87.69 7.34 -1.37
N ALA I 65 86.94 6.35 -0.89
CA ALA I 65 86.51 5.27 -1.77
C ALA I 65 85.61 5.72 -2.92
N LEU I 66 84.69 6.63 -2.66
CA LEU I 66 83.74 7.08 -3.69
C LEU I 66 84.38 8.03 -4.69
N GLN I 67 85.19 8.96 -4.22
CA GLN I 67 85.85 9.94 -5.08
C GLN I 67 86.72 9.27 -6.13
N MET I 68 87.35 8.14 -5.80
CA MET I 68 88.09 7.39 -6.81
C MET I 68 87.17 6.96 -7.95
N ALA I 69 85.98 6.46 -7.62
CA ALA I 69 85.03 6.06 -8.64
C ALA I 69 84.53 7.26 -9.44
N VAL I 70 84.27 8.39 -8.77
CA VAL I 70 83.82 9.58 -9.48
C VAL I 70 84.89 10.04 -10.47
N GLY I 71 86.16 10.03 -10.05
CA GLY I 71 87.22 10.38 -10.97
C GLY I 71 87.35 9.40 -12.12
N TYR I 72 87.21 8.10 -11.82
CA TYR I 72 87.27 7.09 -12.87
C TYR I 72 86.18 7.31 -13.91
N PHE I 73 84.97 7.67 -13.46
CA PHE I 73 83.89 7.94 -14.41
C PHE I 73 84.07 9.28 -15.12
N GLU I 74 84.76 10.23 -14.48
CA GLU I 74 85.06 11.49 -15.15
C GLU I 74 86.11 11.32 -16.22
N LYS I 75 86.99 10.33 -16.08
CA LYS I 75 88.00 10.06 -17.11
C LYS I 75 87.39 9.51 -18.39
N GLY I 76 86.13 9.07 -18.37
CA GLY I 76 85.49 8.51 -19.53
C GLY I 76 85.92 7.08 -19.77
N PRO I 77 85.38 6.46 -20.82
CA PRO I 77 85.77 5.09 -21.16
C PRO I 77 87.24 5.01 -21.53
N ILE I 78 87.86 3.87 -21.22
CA ILE I 78 89.29 3.70 -21.42
C ILE I 78 89.55 2.71 -22.55
N LYS I 79 90.69 2.02 -22.48
CA LYS I 79 91.15 1.17 -23.58
C LYS I 79 90.38 -0.14 -23.61
N ALA I 80 90.88 -1.11 -24.36
CA ALA I 80 90.26 -2.42 -24.46
C ALA I 80 90.39 -3.18 -23.14
N SER I 81 89.38 -3.97 -22.82
CA SER I 81 89.28 -4.59 -21.51
C SER I 81 90.21 -5.79 -21.39
N GLN I 82 91.21 -5.68 -20.52
CA GLN I 82 91.97 -6.80 -20.01
C GLN I 82 91.57 -7.14 -18.58
N ASN I 83 91.54 -6.13 -17.71
CA ASN I 83 90.93 -6.24 -16.39
C ASN I 83 90.03 -5.05 -16.11
N LYS I 84 89.67 -4.30 -17.17
CA LYS I 84 88.92 -3.06 -17.04
C LYS I 84 87.45 -3.30 -16.72
N ASP I 85 86.89 -4.43 -17.15
CA ASP I 85 85.51 -4.75 -16.79
C ASP I 85 85.38 -4.85 -15.27
N LYS I 86 86.31 -5.56 -14.64
CA LYS I 86 86.28 -5.70 -13.19
C LYS I 86 86.47 -4.36 -12.50
N THR I 87 87.32 -3.50 -13.05
CA THR I 87 87.56 -2.19 -12.45
C THR I 87 86.30 -1.32 -12.52
N LEU I 88 85.68 -1.26 -13.70
CA LEU I 88 84.42 -0.53 -13.85
C LEU I 88 83.35 -1.09 -12.92
N GLU I 89 83.28 -2.42 -12.79
CA GLU I 89 82.29 -3.02 -11.91
C GLU I 89 82.56 -2.65 -10.45
N LYS I 90 83.83 -2.64 -10.03
CA LYS I 90 84.16 -2.27 -8.67
C LYS I 90 83.77 -0.82 -8.38
N HIS I 91 84.09 0.09 -9.30
CA HIS I 91 83.76 1.50 -9.09
C HIS I 91 82.24 1.68 -9.04
N LEU I 92 81.51 1.05 -9.95
CA LEU I 92 80.06 1.19 -9.97
C LEU I 92 79.43 0.58 -8.73
N LYS I 93 79.98 -0.55 -8.25
CA LYS I 93 79.47 -1.17 -7.04
C LYS I 93 79.72 -0.29 -5.82
N THR I 94 80.89 0.35 -5.75
CA THR I 94 81.16 1.30 -4.67
C THR I 94 80.16 2.45 -4.70
N VAL I 95 79.91 3.05 -5.84
CA VAL I 95 78.94 4.12 -5.92
C VAL I 95 77.57 3.71 -5.41
N GLU I 96 77.03 2.62 -5.94
CA GLU I 96 75.68 2.20 -5.55
C GLU I 96 75.62 1.80 -4.09
N ASN I 97 76.68 1.20 -3.56
CA ASN I 97 76.69 0.89 -2.15
C ASN I 97 76.62 2.13 -1.33
N VAL I 98 77.38 3.14 -1.68
CA VAL I 98 77.27 4.40 -0.94
C VAL I 98 75.90 5.04 -1.17
N ALA I 99 75.35 4.89 -2.37
CA ALA I 99 74.06 5.51 -2.68
C ALA I 99 72.93 4.83 -1.93
N TRP I 100 72.94 3.50 -1.85
CA TRP I 100 71.89 2.74 -1.19
C TRP I 100 72.08 2.63 0.32
N LYS I 101 73.25 3.02 0.85
CA LYS I 101 73.43 3.02 2.30
C LYS I 101 72.96 4.34 2.90
N ASN I 102 73.59 5.45 2.54
CA ASN I 102 73.26 6.75 3.10
C ASN I 102 73.01 7.85 2.07
N GLY I 103 73.29 7.60 0.79
CA GLY I 103 73.01 8.57 -0.25
C GLY I 103 74.26 9.29 -0.73
N LEU I 104 74.09 10.04 -1.82
CA LEU I 104 75.16 10.78 -2.46
C LEU I 104 75.00 12.28 -2.21
N ALA I 105 76.11 12.99 -2.28
CA ALA I 105 76.10 14.44 -2.12
C ALA I 105 75.64 15.10 -3.42
N SER I 106 75.40 16.41 -3.35
CA SER I 106 74.92 17.14 -4.52
C SER I 106 75.96 17.16 -5.62
N GLU I 107 77.21 17.39 -5.25
CA GLU I 107 78.29 17.49 -6.24
C GLU I 107 78.48 16.18 -6.99
N GLU I 108 78.50 15.07 -6.28
CA GLU I 108 78.74 13.78 -6.91
C GLU I 108 77.59 13.48 -7.86
N ILE I 109 76.37 13.80 -7.43
CA ILE I 109 75.19 13.60 -8.26
C ILE I 109 75.28 14.48 -9.50
N ASP I 110 75.62 15.75 -9.31
CA ASP I 110 75.80 16.66 -10.45
C ASP I 110 76.79 16.10 -11.46
N ILE I 111 77.82 15.41 -10.99
CA ILE I 111 78.81 14.81 -11.88
C ILE I 111 78.23 13.58 -12.57
N LEU I 112 77.76 12.62 -11.79
CA LEU I 112 77.43 11.30 -12.32
C LEU I 112 76.17 11.32 -13.18
N LEU I 113 75.16 12.12 -12.81
CA LEU I 113 73.95 12.21 -13.61
C LEU I 113 74.26 12.70 -15.02
N ASN I 114 75.06 13.77 -15.13
CA ASN I 114 75.41 14.31 -16.44
C ASN I 114 76.39 13.42 -17.17
N ILE I 115 77.21 12.65 -16.46
CA ILE I 115 78.05 11.66 -17.13
C ILE I 115 77.19 10.56 -17.74
N ALA I 116 76.17 10.11 -17.02
CA ALA I 116 75.30 9.04 -17.52
C ALA I 116 74.46 9.52 -18.68
N LEU I 117 73.95 10.76 -18.61
CA LEU I 117 73.12 11.29 -19.69
C LEU I 117 73.93 11.72 -20.90
N SER I 118 75.25 11.64 -20.85
CA SER I 118 76.09 11.94 -21.99
C SER I 118 76.29 10.67 -22.83
N GLY I 119 76.97 10.82 -23.96
CA GLY I 119 77.23 9.68 -24.82
C GLY I 119 78.31 8.74 -24.31
N LYS I 120 79.08 9.16 -23.30
CA LYS I 120 80.11 8.31 -22.74
C LYS I 120 79.51 7.11 -22.04
N PHE I 121 80.24 5.99 -22.09
CA PHE I 121 79.85 4.72 -21.47
C PHE I 121 78.62 4.11 -22.13
N GLY I 122 78.45 2.80 -21.98
CA GLY I 122 77.36 2.08 -22.59
C GLY I 122 76.03 2.33 -21.89
N ASN I 123 75.02 1.60 -22.35
CA ASN I 123 73.67 1.77 -21.81
C ASN I 123 73.53 1.17 -20.43
N ALA I 124 74.22 0.06 -20.16
CA ALA I 124 74.12 -0.57 -18.84
C ALA I 124 74.73 0.31 -17.76
N VAL I 125 75.89 0.92 -18.04
CA VAL I 125 76.54 1.79 -17.06
C VAL I 125 75.64 2.99 -16.76
N ASN I 126 75.08 3.61 -17.80
CA ASN I 126 74.20 4.76 -17.60
C ASN I 126 72.95 4.37 -16.84
N THR I 127 72.39 3.19 -17.15
CA THR I 127 71.20 2.72 -16.46
C THR I 127 71.48 2.53 -14.97
N ARG I 128 72.60 1.88 -14.63
CA ARG I 128 72.92 1.65 -13.23
C ARG I 128 73.21 2.97 -12.50
N ILE I 129 73.91 3.89 -13.17
CA ILE I 129 74.17 5.20 -12.57
C ILE I 129 72.86 5.91 -12.26
N LEU I 130 71.93 5.91 -13.23
CA LEU I 130 70.63 6.53 -12.99
C LEU I 130 69.88 5.86 -11.85
N LYS I 131 69.91 4.52 -11.80
CA LYS I 131 69.22 3.80 -10.74
C LYS I 131 69.91 3.92 -9.40
N CYS I 132 71.11 4.50 -9.33
CA CYS I 132 71.76 4.78 -8.07
C CYS I 132 71.95 6.28 -7.81
N MET I 133 71.13 7.13 -8.45
CA MET I 133 71.20 8.58 -8.22
C MET I 133 70.23 8.93 -7.09
N ILE I 134 70.67 8.68 -5.87
CA ILE I 134 69.87 8.87 -4.68
C ILE I 134 70.55 9.93 -3.81
N PRO I 135 69.91 11.06 -3.55
CA PRO I 135 70.57 12.14 -2.81
C PRO I 135 70.58 11.88 -1.30
N ALA I 136 71.68 12.27 -0.66
CA ALA I 136 71.77 12.21 0.79
C ALA I 136 71.15 13.44 1.46
N THR I 137 70.92 14.51 0.70
CA THR I 137 70.29 15.71 1.25
C THR I 137 69.37 16.35 0.23
N VAL I 138 69.95 16.99 -0.79
CA VAL I 138 69.19 17.69 -1.83
C VAL I 138 69.86 17.48 -3.17
N ILE I 139 69.22 17.99 -4.23
CA ILE I 139 69.73 17.94 -5.59
C ILE I 139 69.77 19.35 -6.13
N SER I 140 70.90 19.73 -6.74
CA SER I 140 71.04 21.07 -7.29
C SER I 140 70.26 21.19 -8.58
N GLU I 141 69.56 22.33 -8.74
CA GLU I 141 68.76 22.52 -9.93
C GLU I 141 69.62 22.76 -11.16
N ASP I 142 70.83 23.27 -10.98
CA ASP I 142 71.74 23.44 -12.11
C ASP I 142 72.13 22.10 -12.72
N SER I 143 72.26 21.06 -11.88
CA SER I 143 72.48 19.72 -12.39
C SER I 143 71.32 19.27 -13.27
N VAL I 144 70.09 19.58 -12.86
CA VAL I 144 68.93 19.21 -13.66
C VAL I 144 68.89 20.01 -14.96
N VAL I 145 69.33 21.26 -14.92
CA VAL I 145 69.38 22.07 -16.14
C VAL I 145 70.38 21.47 -17.12
N LYS I 146 71.56 21.12 -16.63
CA LYS I 146 72.56 20.47 -17.48
C LYS I 146 72.06 19.12 -17.99
N ALA I 147 71.28 18.41 -17.17
CA ALA I 147 70.70 17.14 -17.61
C ALA I 147 69.70 17.35 -18.74
N VAL I 148 68.87 18.39 -18.64
CA VAL I 148 67.93 18.69 -19.72
C VAL I 148 68.70 19.08 -20.98
N SER I 149 69.79 19.81 -20.83
CA SER I 149 70.63 20.14 -21.99
C SER I 149 71.20 18.88 -22.62
N TRP I 150 71.68 17.94 -21.80
CA TRP I 150 72.19 16.67 -22.33
C TRP I 150 71.10 15.89 -23.05
N LEU I 151 69.87 15.93 -22.53
CA LEU I 151 68.75 15.33 -23.25
C LEU I 151 68.53 16.01 -24.59
N CYS I 152 68.68 17.33 -24.63
CA CYS I 152 68.53 18.06 -25.89
C CYS I 152 69.64 17.71 -26.88
N VAL I 153 70.80 17.28 -26.38
CA VAL I 153 71.90 16.90 -27.27
C VAL I 153 71.47 15.80 -28.21
N GLY I 154 70.80 14.77 -27.68
CA GLY I 154 70.24 13.71 -28.49
C GLY I 154 71.02 12.41 -28.51
N LYS I 155 72.23 12.38 -27.94
CA LYS I 155 73.05 11.18 -28.02
C LYS I 155 72.74 10.27 -26.84
N CYS I 156 71.51 10.37 -26.34
CA CYS I 156 71.04 9.62 -25.19
C CYS I 156 70.05 8.55 -25.64
N SER I 157 70.09 7.42 -24.93
CA SER I 157 69.21 6.31 -25.26
C SER I 157 67.77 6.60 -24.84
N GLY I 158 66.83 5.99 -25.55
CA GLY I 158 65.42 6.21 -25.23
C GLY I 158 65.04 5.65 -23.88
N SER I 159 65.50 4.44 -23.56
CA SER I 159 65.27 3.87 -22.24
C SER I 159 65.93 4.75 -21.17
N THR I 160 67.09 5.32 -21.48
CA THR I 160 67.73 6.23 -20.55
C THR I 160 66.90 7.50 -20.34
N LYS I 161 66.28 7.99 -21.40
CA LYS I 161 65.41 9.17 -21.25
C LYS I 161 64.19 8.84 -20.40
N VAL I 162 63.57 7.67 -20.63
CA VAL I 162 62.44 7.25 -19.81
C VAL I 162 62.85 7.15 -18.35
N LEU I 163 64.01 6.53 -18.10
CA LEU I 163 64.48 6.38 -16.73
C LEU I 163 64.78 7.73 -16.09
N PHE I 164 65.31 8.68 -16.87
CA PHE I 164 65.59 10.00 -16.32
C PHE I 164 64.32 10.76 -15.98
N TYR I 165 63.29 10.65 -16.84
CA TYR I 165 62.02 11.31 -16.51
C TYR I 165 61.39 10.66 -15.27
N ARG I 166 61.46 9.34 -15.16
CA ARG I 166 61.00 8.66 -13.96
C ARG I 166 61.75 9.15 -12.73
N TRP I 167 63.06 9.33 -12.85
CA TRP I 167 63.87 9.81 -11.74
C TRP I 167 63.51 11.24 -11.36
N LEU I 168 63.32 12.10 -12.36
CA LEU I 168 62.94 13.49 -12.10
C LEU I 168 61.59 13.56 -11.40
N VAL I 169 60.65 12.69 -11.78
CA VAL I 169 59.37 12.65 -11.09
C VAL I 169 59.54 12.15 -9.66
N ALA I 170 60.34 11.10 -9.47
CA ALA I 170 60.52 10.53 -8.14
C ALA I 170 61.32 11.44 -7.23
N MET I 171 62.30 12.16 -7.76
CA MET I 171 63.15 13.05 -6.98
C MET I 171 62.70 14.50 -7.05
N PHE I 172 61.41 14.73 -7.26
CA PHE I 172 60.93 16.10 -7.46
C PHE I 172 61.06 16.93 -6.17
N ASP I 173 60.65 16.36 -5.04
CA ASP I 173 60.67 17.08 -3.77
C ASP I 173 62.06 17.17 -3.15
N PHE I 174 63.10 16.67 -3.82
CA PHE I 174 64.46 16.76 -3.29
C PHE I 174 65.32 17.73 -4.08
N ILE I 175 64.76 18.45 -5.03
CA ILE I 175 65.47 19.50 -5.74
C ILE I 175 65.32 20.80 -4.95
N ASP I 176 66.44 21.47 -4.69
CA ASP I 176 66.44 22.63 -3.79
C ASP I 176 65.55 23.74 -4.33
N ARG I 177 65.67 24.06 -5.61
CA ARG I 177 64.84 25.07 -6.25
C ARG I 177 64.31 24.50 -7.56
N LYS I 178 63.10 24.94 -7.94
CA LYS I 178 62.44 24.43 -9.13
C LYS I 178 62.08 25.52 -10.14
N GLU I 179 62.44 26.78 -9.87
CA GLU I 179 62.07 27.86 -10.77
C GLU I 179 62.85 27.78 -12.09
N GLN I 180 64.16 27.55 -12.01
CA GLN I 180 64.94 27.39 -13.23
C GLN I 180 64.54 26.13 -13.99
N ILE I 181 64.06 25.11 -13.28
CA ILE I 181 63.53 23.93 -13.96
C ILE I 181 62.21 24.27 -14.65
N ASN I 182 61.35 25.06 -13.99
CA ASN I 182 60.11 25.50 -14.63
C ASN I 182 60.38 26.37 -15.84
N LEU I 183 61.55 27.04 -15.87
CA LEU I 183 61.93 27.79 -17.07
C LEU I 183 62.14 26.89 -18.27
N LEU I 184 62.41 25.60 -18.05
CA LEU I 184 62.55 24.63 -19.13
C LEU I 184 61.23 23.94 -19.48
N TYR I 185 60.10 24.60 -19.19
CA TYR I 185 58.80 24.02 -19.46
C TYR I 185 58.59 23.80 -20.95
N GLY I 186 59.16 24.67 -21.79
CA GLY I 186 59.04 24.46 -23.23
C GLY I 186 59.75 23.22 -23.71
N PHE I 187 60.98 22.99 -23.22
CA PHE I 187 61.70 21.77 -23.57
C PHE I 187 60.97 20.54 -23.04
N PHE I 188 60.39 20.64 -21.85
CA PHE I 188 59.63 19.51 -21.33
C PHE I 188 58.38 19.25 -22.16
N PHE I 189 57.69 20.31 -22.58
CA PHE I 189 56.43 20.17 -23.30
C PHE I 189 56.65 19.66 -24.72
N ALA I 190 57.76 20.06 -25.36
CA ALA I 190 58.05 19.60 -26.72
C ALA I 190 58.29 18.10 -26.80
N SER I 191 58.53 17.43 -25.67
CA SER I 191 58.72 15.99 -25.65
C SER I 191 57.40 15.22 -25.63
N LEU I 192 56.27 15.91 -25.72
CA LEU I 192 54.99 15.22 -25.82
C LEU I 192 54.77 14.58 -27.18
N GLN I 193 55.50 15.03 -28.20
CA GLN I 193 55.39 14.41 -29.52
C GLN I 193 55.84 12.96 -29.48
N ASP I 194 56.88 12.68 -28.69
CA ASP I 194 57.36 11.31 -28.53
C ASP I 194 56.36 10.51 -27.71
N ASP I 195 55.82 9.44 -28.30
CA ASP I 195 54.81 8.63 -27.62
C ASP I 195 55.42 7.61 -26.67
N ALA I 196 56.74 7.47 -26.65
CA ALA I 196 57.40 6.63 -25.64
C ALA I 196 57.66 7.41 -24.35
N LEU I 197 57.84 8.72 -24.45
CA LEU I 197 58.03 9.58 -23.28
C LEU I 197 56.73 10.26 -22.84
N CYS I 198 55.64 10.09 -23.59
CA CYS I 198 54.44 10.89 -23.34
C CYS I 198 53.88 10.72 -21.94
N PRO I 199 53.68 9.50 -21.41
CA PRO I 199 53.12 9.40 -20.04
C PRO I 199 54.03 9.99 -18.98
N TYR I 200 55.34 9.74 -19.08
CA TYR I 200 56.26 10.27 -18.08
C TYR I 200 56.39 11.78 -18.17
N VAL I 201 56.41 12.32 -19.39
CA VAL I 201 56.45 13.76 -19.56
C VAL I 201 55.17 14.40 -19.02
N CYS I 202 54.03 13.74 -19.22
CA CYS I 202 52.78 14.24 -18.66
C CYS I 202 52.81 14.22 -17.14
N HIS I 203 53.35 13.15 -16.55
CA HIS I 203 53.45 13.08 -15.11
C HIS I 203 54.37 14.17 -14.56
N LEU I 204 55.44 14.48 -15.28
CA LEU I 204 56.34 15.54 -14.85
C LEU I 204 55.68 16.91 -14.97
N LEU I 205 54.99 17.17 -16.09
CA LEU I 205 54.32 18.45 -16.27
C LEU I 205 53.18 18.64 -15.29
N TYR I 206 52.54 17.55 -14.85
CA TYR I 206 51.49 17.66 -13.85
C TYR I 206 52.04 18.21 -12.54
N LEU I 207 53.29 17.89 -12.21
CA LEU I 207 53.90 18.42 -11.00
C LEU I 207 54.52 19.79 -11.22
N LEU I 208 55.02 20.06 -12.44
CA LEU I 208 55.76 21.28 -12.71
C LEU I 208 54.88 22.46 -13.11
N THR I 209 53.69 22.20 -13.65
CA THR I 209 52.89 23.27 -14.26
C THR I 209 52.43 24.28 -13.22
N LYS I 210 52.70 25.55 -13.50
CA LYS I 210 52.12 26.68 -12.78
C LYS I 210 51.08 27.37 -13.67
N LYS I 211 50.48 28.43 -13.15
CA LYS I 211 49.48 29.16 -13.93
C LYS I 211 50.11 29.89 -15.10
N GLU I 212 51.35 30.35 -14.96
CA GLU I 212 52.04 31.08 -16.02
C GLU I 212 52.37 30.19 -17.21
N ASN I 213 52.49 28.88 -17.01
CA ASN I 213 52.88 27.98 -18.08
C ASN I 213 51.72 27.57 -18.98
N VAL I 214 50.48 27.86 -18.58
CA VAL I 214 49.31 27.46 -19.37
C VAL I 214 49.05 28.50 -20.45
N LYS I 215 49.79 28.40 -21.56
CA LYS I 215 49.70 29.30 -22.70
C LYS I 215 48.70 28.75 -23.72
N PRO I 216 48.09 29.63 -24.53
CA PRO I 216 47.08 29.15 -25.49
C PRO I 216 47.62 28.17 -26.51
N PHE I 217 48.83 28.40 -27.00
CA PHE I 217 49.44 27.47 -27.96
C PHE I 217 49.58 26.08 -27.36
N ARG I 218 50.00 26.00 -26.10
CA ARG I 218 50.17 24.71 -25.45
C ARG I 218 48.82 24.02 -25.23
N VAL I 219 47.78 24.79 -24.89
CA VAL I 219 46.45 24.21 -24.74
C VAL I 219 45.97 23.64 -26.08
N ARG I 220 46.17 24.40 -27.16
CA ARG I 220 45.76 23.92 -28.48
C ARG I 220 46.51 22.65 -28.86
N LYS I 221 47.82 22.64 -28.66
CA LYS I 221 48.62 21.47 -29.03
C LYS I 221 48.27 20.26 -28.17
N LEU I 222 47.96 20.49 -26.89
CA LEU I 222 47.56 19.38 -26.03
C LEU I 222 46.20 18.82 -26.43
N LEU I 223 45.28 19.70 -26.85
CA LEU I 223 44.00 19.23 -27.35
C LEU I 223 44.16 18.43 -28.65
N ASP I 224 45.06 18.88 -29.54
CA ASP I 224 45.32 18.12 -30.76
C ASP I 224 45.94 16.76 -30.44
N LEU I 225 46.85 16.73 -29.45
CA LEU I 225 47.45 15.45 -29.05
C LEU I 225 46.41 14.53 -28.43
N GLN I 226 45.47 15.09 -27.67
CA GLN I 226 44.38 14.29 -27.13
C GLN I 226 43.50 13.73 -28.24
N ALA I 227 43.24 14.53 -29.27
CA ALA I 227 42.46 14.03 -30.40
C ALA I 227 43.20 12.94 -31.16
N LYS I 228 44.54 13.04 -31.23
CA LYS I 228 45.32 12.04 -31.95
C LYS I 228 45.40 10.73 -31.15
N MET I 229 45.74 10.81 -29.87
CA MET I 229 45.96 9.63 -29.05
C MET I 229 44.71 9.13 -28.34
N GLY I 230 43.68 9.95 -28.22
CA GLY I 230 42.54 9.61 -27.41
C GLY I 230 42.68 10.13 -25.98
N MET I 231 41.58 10.01 -25.23
CA MET I 231 41.56 10.50 -23.85
C MET I 231 42.37 9.56 -22.96
N GLN I 232 43.68 9.71 -23.04
CA GLN I 232 44.58 8.91 -22.20
C GLN I 232 44.56 9.45 -20.78
N PRO I 233 44.81 8.58 -19.79
CA PRO I 233 44.74 9.05 -18.38
C PRO I 233 45.69 10.18 -18.07
N HIS I 234 46.96 10.06 -18.47
CA HIS I 234 47.93 11.12 -18.20
C HIS I 234 47.56 12.41 -18.94
N LEU I 235 47.16 12.29 -20.21
CA LEU I 235 46.70 13.45 -20.95
C LEU I 235 45.50 14.10 -20.27
N GLN I 236 44.56 13.28 -19.77
CA GLN I 236 43.39 13.83 -19.12
C GLN I 236 43.75 14.53 -17.81
N ALA I 237 44.71 13.99 -17.07
CA ALA I 237 45.15 14.65 -15.83
C ALA I 237 45.79 16.00 -16.13
N LEU I 238 46.71 16.03 -17.10
CA LEU I 238 47.35 17.30 -17.46
C LEU I 238 46.33 18.29 -18.00
N LEU I 239 45.33 17.80 -18.75
CA LEU I 239 44.33 18.69 -19.32
C LEU I 239 43.39 19.22 -18.24
N SER I 240 43.10 18.41 -17.22
CA SER I 240 42.31 18.89 -16.09
C SER I 240 43.07 19.96 -15.31
N LEU I 241 44.38 19.79 -15.16
CA LEU I 241 45.19 20.83 -14.53
C LEU I 241 45.15 22.12 -15.34
N TYR I 242 45.29 22.00 -16.66
CA TYR I 242 45.22 23.18 -17.53
C TYR I 242 43.86 23.86 -17.43
N LYS I 243 42.78 23.06 -17.33
CA LYS I 243 41.45 23.62 -17.18
C LYS I 243 41.32 24.35 -15.85
N PHE I 244 41.87 23.79 -14.78
CA PHE I 244 41.86 24.47 -13.49
C PHE I 244 42.58 25.82 -13.57
N PHE I 245 43.71 25.86 -14.28
CA PHE I 245 44.49 27.10 -14.32
C PHE I 245 43.88 28.11 -15.28
N ALA I 246 43.35 27.68 -16.42
CA ALA I 246 42.80 28.57 -17.43
C ALA I 246 41.50 27.99 -17.99
N PRO I 247 40.38 28.24 -17.31
CA PRO I 247 39.10 27.72 -17.82
C PRO I 247 38.62 28.43 -19.08
N ALA I 248 39.01 29.70 -19.28
CA ALA I 248 38.53 30.44 -20.45
C ALA I 248 39.16 29.94 -21.74
N LEU I 249 40.36 29.37 -21.67
CA LEU I 249 41.03 28.88 -22.86
C LEU I 249 40.60 27.47 -23.26
N ILE I 250 39.93 26.74 -22.35
CA ILE I 250 39.53 25.38 -22.66
C ILE I 250 38.24 25.35 -23.48
N SER I 251 37.25 26.16 -23.08
CA SER I 251 35.98 26.15 -23.79
C SER I 251 36.09 26.77 -25.17
N VAL I 252 37.00 27.72 -25.36
CA VAL I 252 37.17 28.37 -26.66
C VAL I 252 38.03 27.52 -27.58
N LYS I 259 47.40 14.82 -6.61
CA LYS I 259 46.89 13.54 -6.13
C LYS I 259 46.20 12.77 -7.27
N ILE I 260 47.01 12.29 -8.21
CA ILE I 260 46.51 11.53 -9.36
C ILE I 260 47.49 10.40 -9.65
N TYR I 261 46.96 9.20 -9.84
CA TYR I 261 47.79 8.04 -10.13
C TYR I 261 48.22 8.02 -11.58
N PHE I 262 49.49 7.68 -11.81
CA PHE I 262 50.04 7.51 -13.14
C PHE I 262 50.62 6.10 -13.26
N LYS I 263 50.51 5.51 -14.44
CA LYS I 263 51.06 4.18 -14.66
C LYS I 263 52.58 4.24 -14.78
N ASN I 264 53.23 3.15 -14.36
CA ASN I 264 54.68 3.05 -14.33
C ASN I 264 55.30 4.13 -13.45
N SER I 265 54.60 4.54 -12.40
CA SER I 265 55.08 5.55 -11.48
C SER I 265 55.66 4.94 -10.20
N GLU I 266 56.06 3.67 -10.24
CA GLU I 266 56.68 3.05 -9.08
C GLU I 266 58.04 3.69 -8.81
N ASN I 267 58.30 3.98 -7.54
CA ASN I 267 59.53 4.64 -7.13
C ASN I 267 60.66 3.61 -7.13
N LEU I 268 61.48 3.62 -8.19
CA LEU I 268 62.59 2.69 -8.29
C LEU I 268 63.72 3.02 -7.34
N TRP I 269 63.78 4.25 -6.83
CA TRP I 269 64.88 4.71 -6.01
C TRP I 269 64.53 4.79 -4.53
N LYS I 270 63.53 4.03 -4.09
CA LYS I 270 63.01 4.17 -2.72
C LYS I 270 63.86 3.34 -1.77
N THR I 271 64.94 3.95 -1.28
CA THR I 271 65.68 3.37 -0.17
C THR I 271 64.97 3.70 1.14
N ALA I 272 65.48 3.13 2.23
CA ALA I 272 64.88 3.40 3.54
C ALA I 272 65.18 4.82 4.00
N LEU I 273 66.42 5.28 3.80
CA LEU I 273 66.77 6.64 4.21
C LEU I 273 66.04 7.67 3.35
N LEU I 274 65.89 7.40 2.05
CA LEU I 274 65.07 8.28 1.23
C LEU I 274 63.62 8.29 1.70
N ALA I 275 63.15 7.15 2.22
CA ALA I 275 61.79 7.11 2.77
C ALA I 275 61.67 7.97 4.03
N VAL I 276 62.65 7.88 4.93
CA VAL I 276 62.57 8.70 6.14
C VAL I 276 62.71 10.18 5.81
N LYS I 277 63.46 10.51 4.75
CA LYS I 277 63.57 11.91 4.33
C LYS I 277 62.29 12.38 3.66
N GLN I 278 61.61 11.51 2.91
CA GLN I 278 60.34 11.87 2.30
C GLN I 278 59.26 12.07 3.35
N ARG I 279 59.29 11.26 4.42
CA ARG I 279 58.32 11.43 5.49
C ARG I 279 58.66 12.62 6.38
N ASN I 280 59.94 12.97 6.50
CA ASN I 280 60.29 14.22 7.15
C ASN I 280 59.96 15.43 6.28
N ARG I 281 59.77 15.23 4.98
CA ARG I 281 59.40 16.31 4.07
C ARG I 281 57.96 16.76 4.26
N GLY I 282 57.17 16.03 5.05
CA GLY I 282 55.79 16.39 5.36
C GLY I 282 55.70 16.84 6.81
N PRO I 283 55.87 18.14 7.11
CA PRO I 283 55.82 18.65 8.48
C PRO I 283 54.40 18.72 9.03
N SER I 308 38.68 7.79 4.56
CA SER I 308 39.70 8.63 5.17
C SER I 308 39.08 9.76 5.97
N VAL I 309 39.51 9.91 7.23
CA VAL I 309 38.97 10.97 8.08
C VAL I 309 39.36 12.34 7.54
N ILE I 310 40.60 12.49 7.07
CA ILE I 310 41.07 13.74 6.48
C ILE I 310 41.10 13.58 4.96
N PRO I 311 40.35 14.38 4.21
CA PRO I 311 40.36 14.23 2.75
C PRO I 311 41.74 14.49 2.17
N VAL I 312 42.07 13.76 1.10
CA VAL I 312 43.34 13.95 0.42
C VAL I 312 43.33 15.26 -0.33
N LEU I 313 44.34 16.09 -0.10
CA LEU I 313 44.40 17.41 -0.72
C LEU I 313 44.50 17.29 -2.24
N ASN I 314 43.71 18.10 -2.94
CA ASN I 314 43.71 18.14 -4.40
C ASN I 314 43.90 19.59 -4.84
N SER I 315 45.16 20.01 -4.97
CA SER I 315 45.52 21.37 -5.36
C SER I 315 44.87 22.41 -4.46
N GLY I 337 48.43 34.77 -11.02
CA GLY I 337 49.58 33.95 -10.70
C GLY I 337 49.54 33.37 -9.30
N SER I 338 48.48 32.62 -9.02
CA SER I 338 48.33 32.02 -7.70
C SER I 338 49.33 30.88 -7.50
N PHE I 339 49.85 30.79 -6.28
CA PHE I 339 50.79 29.73 -5.95
C PHE I 339 50.07 28.39 -5.84
N PRO I 340 50.50 27.35 -6.54
CA PRO I 340 49.91 26.03 -6.36
C PRO I 340 50.09 25.53 -4.93
N LEU I 341 49.07 24.84 -4.42
CA LEU I 341 49.09 24.38 -3.04
C LEU I 341 50.04 23.21 -2.86
N GLU I 342 50.21 22.38 -3.88
CA GLU I 342 51.12 21.25 -3.78
C GLU I 342 52.56 21.72 -3.65
N GLN I 343 52.93 22.79 -4.34
CA GLN I 343 54.28 23.33 -4.24
C GLN I 343 54.59 23.88 -2.86
N LEU I 344 53.58 24.14 -2.04
CA LEU I 344 53.78 24.63 -0.68
C LEU I 344 54.31 23.49 0.18
N GLN I 345 55.63 23.40 0.28
CA GLN I 345 56.27 22.37 1.08
C GLN I 345 57.27 22.92 2.09
N SER I 346 57.51 24.23 2.09
CA SER I 346 58.47 24.84 3.01
C SER I 346 57.89 26.12 3.58
N PHE I 347 58.35 26.45 4.78
CA PHE I 347 57.92 27.71 5.41
C PHE I 347 58.31 28.95 4.61
N PRO I 348 59.53 29.09 4.08
CA PRO I 348 59.82 30.26 3.24
C PRO I 348 58.93 30.37 2.02
N GLN I 349 58.52 29.24 1.45
CA GLN I 349 57.58 29.28 0.32
C GLN I 349 56.27 29.93 0.72
N LEU I 350 55.72 29.56 1.88
CA LEU I 350 54.52 30.21 2.37
C LEU I 350 54.77 31.69 2.67
N LEU I 351 55.93 32.01 3.24
CA LEU I 351 56.26 33.40 3.52
C LEU I 351 56.25 34.23 2.24
N GLN I 352 56.78 33.67 1.14
CA GLN I 352 56.85 34.40 -0.11
C GLN I 352 55.50 34.46 -0.81
N ASN I 353 54.69 33.41 -0.70
CA ASN I 353 53.48 33.29 -1.52
C ASN I 353 52.19 33.38 -0.71
N ILE I 354 52.24 33.96 0.49
CA ILE I 354 51.03 34.08 1.30
C ILE I 354 49.97 34.92 0.59
N HIS I 355 50.39 35.96 -0.14
CA HIS I 355 49.42 36.86 -0.76
C HIS I 355 48.67 36.16 -1.89
N CYS I 356 49.37 35.35 -2.68
CA CYS I 356 48.77 34.70 -3.84
C CYS I 356 48.35 33.25 -3.56
N LEU I 357 47.92 32.96 -2.34
CA LEU I 357 47.43 31.62 -2.04
C LEU I 357 46.04 31.40 -2.61
N GLU I 358 45.73 30.14 -2.86
CA GLU I 358 44.42 29.74 -3.35
C GLU I 358 43.78 28.75 -2.39
N LEU I 359 42.50 28.95 -2.13
CA LEU I 359 41.76 28.09 -1.21
C LEU I 359 41.65 26.69 -1.79
N PRO I 360 41.86 25.67 -0.96
CA PRO I 360 41.74 24.29 -1.44
C PRO I 360 40.30 23.92 -1.72
N SER I 361 40.14 22.90 -2.57
CA SER I 361 38.80 22.36 -2.81
C SER I 361 38.23 21.77 -1.53
N GLN I 362 39.06 21.08 -0.75
CA GLN I 362 38.69 20.60 0.58
C GLN I 362 39.73 21.10 1.58
N MET I 363 39.26 21.62 2.71
CA MET I 363 40.16 22.21 3.71
C MET I 363 40.37 21.31 4.91
N GLY I 364 39.93 20.05 4.87
CA GLY I 364 40.24 19.13 5.95
C GLY I 364 41.73 18.94 6.13
N SER I 365 42.48 18.86 5.04
CA SER I 365 43.94 18.77 5.12
C SER I 365 44.55 20.02 5.73
N VAL I 366 43.79 21.10 5.85
CA VAL I 366 44.27 22.27 6.56
C VAL I 366 44.52 21.95 8.03
N LEU I 367 43.75 21.01 8.59
CA LEU I 367 43.90 20.69 10.01
C LEU I 367 45.28 20.14 10.31
N ASN I 368 45.70 19.11 9.58
CA ASN I 368 47.00 18.49 9.83
C ASN I 368 48.14 19.16 9.06
N ASN I 369 47.84 20.19 8.27
CA ASN I 369 48.86 21.00 7.62
C ASN I 369 48.85 22.40 8.20
N SER I 370 49.82 22.69 9.05
CA SER I 370 49.90 23.99 9.71
C SER I 370 50.20 25.12 8.73
N LEU I 371 50.71 24.79 7.53
CA LEU I 371 51.02 25.82 6.55
C LEU I 371 49.78 26.58 6.12
N LEU I 372 48.71 25.85 5.79
CA LEU I 372 47.47 26.51 5.40
C LEU I 372 46.75 27.11 6.60
N LEU I 373 47.01 26.59 7.80
CA LEU I 373 46.41 27.15 9.00
C LEU I 373 46.86 28.58 9.23
N HIS I 374 48.10 28.90 8.83
CA HIS I 374 48.61 30.26 8.96
C HIS I 374 47.80 31.26 8.15
N TYR I 375 47.42 30.90 6.93
CA TYR I 375 46.56 31.74 6.10
C TYR I 375 45.11 31.71 6.58
N ILE I 376 44.66 30.57 7.10
CA ILE I 376 43.31 30.47 7.64
C ILE I 376 43.14 31.39 8.84
N ASN I 377 44.19 31.57 9.63
CA ASN I 377 44.12 32.41 10.82
C ASN I 377 43.71 33.83 10.52
N CYS I 378 43.95 34.32 9.30
CA CYS I 378 43.67 35.70 8.96
C CYS I 378 42.82 35.87 7.71
N VAL I 379 42.44 34.79 7.03
CA VAL I 379 41.69 34.93 5.79
C VAL I 379 40.34 35.59 6.04
N ARG I 380 39.68 35.21 7.15
CA ARG I 380 38.35 35.79 7.51
C ARG I 380 37.44 35.79 6.28
N ASP I 381 37.23 34.62 5.67
CA ASP I 381 36.38 34.50 4.49
C ASP I 381 35.09 33.80 4.85
N GLU I 382 33.97 34.43 4.48
CA GLU I 382 32.64 33.93 4.81
C GLU I 382 32.35 32.57 4.19
N PRO I 383 32.54 32.35 2.88
CA PRO I 383 32.19 31.04 2.30
C PRO I 383 32.96 29.88 2.90
N VAL I 384 34.27 30.06 3.15
CA VAL I 384 35.04 28.95 3.70
C VAL I 384 34.60 28.63 5.11
N LEU I 385 34.07 29.62 5.84
CA LEU I 385 33.53 29.36 7.17
C LEU I 385 32.38 28.37 7.09
N LEU I 386 31.40 28.61 6.22
CA LEU I 386 30.28 27.68 6.07
C LEU I 386 30.76 26.33 5.53
N ARG I 387 31.68 26.36 4.57
CA ARG I 387 32.20 25.12 4.01
C ARG I 387 32.86 24.24 5.05
N PHE I 388 33.69 24.82 5.92
CA PHE I 388 34.31 24.05 7.00
C PHE I 388 33.30 23.68 8.08
N TYR I 389 32.32 24.54 8.35
CA TYR I 389 31.30 24.23 9.33
C TYR I 389 30.53 22.97 8.95
N TYR I 390 29.99 22.94 7.73
CA TYR I 390 29.23 21.77 7.30
C TYR I 390 30.13 20.53 7.23
N TRP I 391 31.35 20.71 6.72
CA TRP I 391 32.32 19.62 6.68
C TRP I 391 32.51 18.99 8.06
N LEU I 392 32.95 19.78 9.03
CA LEU I 392 33.30 19.22 10.33
C LEU I 392 32.07 18.73 11.07
N SER I 393 30.93 19.42 10.91
CA SER I 393 29.70 18.97 11.57
C SER I 393 29.26 17.61 11.07
N GLN I 394 29.23 17.40 9.75
CA GLN I 394 28.81 16.10 9.24
C GLN I 394 29.85 15.03 9.54
N THR I 395 31.13 15.42 9.55
CA THR I 395 32.18 14.47 9.95
C THR I 395 32.00 14.02 11.38
N LEU I 396 31.71 14.95 12.29
CA LEU I 396 31.44 14.62 13.68
C LEU I 396 30.22 13.74 13.83
N GLN I 397 29.15 14.02 13.09
CA GLN I 397 27.97 13.18 13.13
C GLN I 397 28.26 11.75 12.66
N GLU I 398 28.96 11.60 11.53
CA GLU I 398 29.22 10.27 11.01
C GLU I 398 30.18 9.50 11.91
N GLU I 399 31.20 10.17 12.45
CA GLU I 399 32.12 9.49 13.37
C GLU I 399 31.39 9.04 14.62
N CYS I 400 30.53 9.90 15.18
CA CYS I 400 29.80 9.54 16.38
C CYS I 400 28.84 8.38 16.14
N ILE I 401 28.13 8.38 15.00
CA ILE I 401 27.19 7.29 14.73
C ILE I 401 27.94 5.99 14.42
N TRP I 402 29.13 6.10 13.83
CA TRP I 402 29.91 4.89 13.53
C TRP I 402 30.58 4.33 14.77
N TYR I 403 30.85 5.18 15.77
CA TYR I 403 31.52 4.71 16.98
C TYR I 403 30.67 3.68 17.72
N LYS I 404 29.37 3.92 17.81
CA LYS I 404 28.47 2.98 18.48
C LYS I 404 27.73 2.12 17.46
N GLY I 411 36.91 3.23 17.87
CA GLY I 411 36.89 4.26 18.88
C GLY I 411 38.21 4.99 19.02
N LYS I 412 39.31 4.26 18.84
CA LYS I 412 40.63 4.88 18.92
C LYS I 412 40.84 5.91 17.82
N GLU I 413 40.38 5.63 16.61
CA GLU I 413 40.50 6.59 15.52
C GLU I 413 39.66 7.84 15.79
N PHE I 414 38.47 7.66 16.37
CA PHE I 414 37.65 8.81 16.77
C PHE I 414 38.36 9.64 17.82
N THR I 415 38.96 8.98 18.81
CA THR I 415 39.70 9.71 19.84
C THR I 415 40.87 10.48 19.24
N ASN I 416 41.62 9.85 18.32
CA ASN I 416 42.73 10.55 17.67
C ASN I 416 42.26 11.74 16.85
N PHE I 417 41.15 11.57 16.12
CA PHE I 417 40.61 12.68 15.33
C PHE I 417 40.20 13.83 16.23
N LEU I 418 39.52 13.53 17.33
CA LEU I 418 39.12 14.59 18.26
C LEU I 418 40.34 15.23 18.91
N ASP I 419 41.39 14.46 19.17
CA ASP I 419 42.62 15.05 19.71
C ASP I 419 43.25 16.00 18.70
N THR I 420 43.24 15.64 17.42
CA THR I 420 43.74 16.55 16.39
C THR I 420 42.89 17.82 16.32
N ILE I 421 41.56 17.66 16.44
CA ILE I 421 40.68 18.82 16.46
C ILE I 421 41.01 19.73 17.63
N ILE I 422 41.25 19.13 18.81
CA ILE I 422 41.59 19.92 19.99
C ILE I 422 42.92 20.63 19.79
N ARG I 423 43.90 19.95 19.20
CA ARG I 423 45.20 20.57 18.93
C ARG I 423 45.03 21.77 18.01
N ALA I 424 44.24 21.62 16.95
CA ALA I 424 43.96 22.76 16.08
C ALA I 424 43.21 23.86 16.82
N GLU I 425 42.32 23.47 17.75
CA GLU I 425 41.58 24.44 18.53
C GLU I 425 42.49 25.24 19.46
N CYS I 426 43.58 24.63 19.92
CA CYS I 426 44.56 25.37 20.70
C CYS I 426 45.10 26.55 19.90
N PHE I 427 45.29 26.35 18.61
CA PHE I 427 45.63 27.44 17.72
C PHE I 427 44.37 28.22 17.34
N LEU I 428 44.56 29.35 16.66
CA LEU I 428 43.50 30.26 16.23
C LEU I 428 42.89 31.02 17.40
N GLN I 429 43.26 30.63 18.62
CA GLN I 429 42.82 31.31 19.86
C GLN I 429 41.32 31.61 19.86
N GLU I 430 40.52 30.73 19.23
CA GLU I 430 39.08 30.91 19.22
C GLU I 430 38.43 29.57 18.91
N GLY I 431 37.25 29.36 19.48
CA GLY I 431 36.53 28.11 19.36
C GLY I 431 35.80 27.97 18.04
N PHE I 432 35.52 26.71 17.69
CA PHE I 432 34.75 26.39 16.50
C PHE I 432 33.27 26.27 16.85
N TYR I 433 32.44 26.26 15.81
CA TYR I 433 30.99 26.20 16.02
C TYR I 433 30.42 24.83 15.72
N SER I 434 31.06 24.07 14.82
CA SER I 434 30.61 22.70 14.57
C SER I 434 30.73 21.85 15.83
N CYS I 435 31.85 21.98 16.54
CA CYS I 435 32.03 21.27 17.79
C CYS I 435 31.00 21.73 18.83
N GLU I 436 30.72 23.03 18.86
CA GLU I 436 29.73 23.55 19.80
C GLU I 436 28.36 22.94 19.53
N ALA I 437 27.94 22.91 18.27
CA ALA I 437 26.64 22.34 17.93
C ALA I 437 26.60 20.84 18.23
N PHE I 438 27.69 20.13 17.92
CA PHE I 438 27.75 18.70 18.20
C PHE I 438 27.63 18.44 19.70
N LEU I 439 28.32 19.23 20.50
CA LEU I 439 28.30 19.03 21.95
C LEU I 439 26.92 19.38 22.51
N TYR I 440 26.31 20.44 21.98
CA TYR I 440 24.93 20.75 22.37
C TYR I 440 23.99 19.60 22.06
N LYS I 441 24.11 19.02 20.87
CA LYS I 441 23.22 17.93 20.48
C LYS I 441 23.46 16.68 21.33
N SER I 442 24.72 16.38 21.64
CA SER I 442 25.08 15.10 22.25
C SER I 442 25.18 15.17 23.77
N LEU I 443 25.22 16.35 24.36
CA LEU I 443 25.35 16.44 25.82
C LEU I 443 24.17 15.80 26.54
N PRO I 444 22.91 16.09 26.17
CA PRO I 444 21.80 15.41 26.86
C PRO I 444 21.86 13.90 26.74
N LEU I 445 22.28 13.39 25.59
CA LEU I 445 22.45 11.96 25.39
C LEU I 445 23.75 11.44 25.98
N TRP I 446 24.65 12.32 26.39
CA TRP I 446 25.96 11.91 26.84
C TRP I 446 25.87 11.16 28.16
N ASP I 447 26.52 10.00 28.23
CA ASP I 447 26.59 9.24 29.46
C ASP I 447 27.58 9.85 30.45
N GLY I 448 28.60 10.52 29.94
CA GLY I 448 29.66 11.05 30.76
C GLY I 448 30.96 10.27 30.73
N LEU I 449 31.02 9.15 30.01
CA LEU I 449 32.23 8.33 29.99
C LEU I 449 32.63 7.84 28.61
N CYS I 450 31.89 8.15 27.55
CA CYS I 450 32.24 7.68 26.22
C CYS I 450 33.61 8.21 25.79
N CYS I 451 33.72 9.53 25.69
CA CYS I 451 34.97 10.20 25.33
C CYS I 451 35.17 11.41 26.24
N ARG I 452 35.03 11.19 27.55
CA ARG I 452 35.01 12.28 28.53
C ARG I 452 36.20 13.21 28.36
N SER I 453 37.39 12.63 28.16
CA SER I 453 38.58 13.43 27.94
C SER I 453 38.41 14.36 26.75
N GLN I 454 37.79 13.86 25.68
CA GLN I 454 37.60 14.67 24.50
C GLN I 454 36.52 15.72 24.71
N PHE I 455 35.38 15.34 25.30
CA PHE I 455 34.30 16.31 25.49
C PHE I 455 34.72 17.46 26.39
N LEU I 456 35.40 17.15 27.50
CA LEU I 456 35.65 18.19 28.49
C LEU I 456 36.64 19.24 28.01
N GLN I 457 37.43 18.93 26.98
CA GLN I 457 38.35 19.93 26.47
C GLN I 457 37.70 20.85 25.43
N LEU I 458 36.57 20.47 24.86
CA LEU I 458 35.85 21.35 23.96
C LEU I 458 35.06 22.42 24.70
N VAL I 459 34.50 22.10 25.86
CA VAL I 459 33.76 23.10 26.63
C VAL I 459 34.68 24.24 27.04
N SER I 460 35.99 24.00 27.11
CA SER I 460 36.93 25.06 27.42
C SER I 460 36.89 26.16 26.35
N TRP I 461 36.80 25.77 25.09
CA TRP I 461 36.72 26.72 23.99
C TRP I 461 35.28 26.86 23.52
N ILE I 462 34.53 27.66 24.26
CA ILE I 462 33.14 27.98 23.95
C ILE I 462 33.05 29.48 23.71
N PRO I 463 32.42 29.92 22.62
CA PRO I 463 32.34 31.36 22.35
C PRO I 463 31.60 32.10 23.46
N PHE I 464 32.03 33.34 23.70
CA PHE I 464 31.41 34.16 24.72
C PHE I 464 29.95 34.42 24.39
N SER I 465 29.08 34.20 25.37
CA SER I 465 27.65 34.42 25.20
C SER I 465 27.05 34.80 26.54
N SER I 466 25.88 35.45 26.48
CA SER I 466 25.19 35.84 27.69
C SER I 466 24.81 34.60 28.50
N PHE I 467 24.88 34.73 29.82
CA PHE I 467 24.54 33.62 30.70
C PHE I 467 23.05 33.49 30.88
N SER I 468 22.31 33.49 29.78
CA SER I 468 20.87 33.30 29.80
C SER I 468 20.36 32.33 28.74
N GLU I 469 21.16 32.00 27.72
CA GLU I 469 20.79 31.01 26.72
C GLU I 469 21.56 29.72 26.84
N VAL I 470 22.82 29.79 27.27
CA VAL I 470 23.61 28.57 27.44
C VAL I 470 23.14 27.73 28.62
N LYS I 471 22.74 28.36 29.73
CA LYS I 471 22.30 27.58 30.89
C LYS I 471 21.11 26.69 30.56
N PRO I 472 20.02 27.17 29.92
CA PRO I 472 18.91 26.26 29.61
C PRO I 472 19.29 25.11 28.70
N LEU I 473 20.25 25.29 27.80
CA LEU I 473 20.62 24.25 26.85
C LEU I 473 21.88 23.49 27.23
N LEU I 474 22.84 24.15 27.86
CA LEU I 474 24.15 23.54 28.12
C LEU I 474 24.38 23.22 29.58
N PHE I 475 24.26 24.20 30.47
CA PHE I 475 24.71 24.01 31.84
C PHE I 475 23.74 23.15 32.65
N ASP I 476 22.52 22.96 32.18
CA ASP I 476 21.58 22.11 32.90
C ASP I 476 22.06 20.66 32.94
N HIS I 477 22.39 20.10 31.78
CA HIS I 477 22.94 18.74 31.76
C HIS I 477 24.30 18.68 32.41
N LEU I 478 25.08 19.77 32.34
CA LEU I 478 26.34 19.81 33.05
C LEU I 478 26.13 19.64 34.54
N ALA I 479 25.16 20.35 35.11
CA ALA I 479 24.83 20.18 36.52
C ALA I 479 24.25 18.79 36.79
N GLN I 480 23.48 18.27 35.84
CA GLN I 480 22.92 16.92 35.98
C GLN I 480 24.02 15.89 36.19
N LEU I 481 25.05 15.93 35.33
CA LEU I 481 26.20 15.06 35.53
C LEU I 481 26.96 15.41 36.80
N PHE I 482 27.16 16.70 37.07
CA PHE I 482 28.01 17.13 38.17
C PHE I 482 27.47 16.67 39.52
N PHE I 483 26.16 16.75 39.72
CA PHE I 483 25.58 16.41 41.01
C PHE I 483 25.52 14.90 41.25
N THR I 484 25.82 14.08 40.24
CA THR I 484 25.66 12.65 40.35
C THR I 484 26.90 11.86 39.97
N SER I 485 27.88 12.48 39.30
CA SER I 485 29.04 11.75 38.81
C SER I 485 30.13 11.73 39.88
N THR I 486 31.28 11.17 39.52
CA THR I 486 32.36 10.94 40.46
C THR I 486 32.99 12.26 40.90
N ILE I 487 33.62 12.25 42.07
CA ILE I 487 34.30 13.44 42.57
C ILE I 487 35.43 13.86 41.63
N TYR I 488 36.16 12.88 41.06
CA TYR I 488 37.19 13.22 40.10
C TYR I 488 36.59 13.86 38.86
N PHE I 489 35.40 13.41 38.45
CA PHE I 489 34.70 14.09 37.36
C PHE I 489 34.33 15.51 37.76
N LYS I 490 34.02 15.73 39.03
CA LYS I 490 33.75 17.09 39.50
C LYS I 490 35.00 17.95 39.37
N CYS I 491 36.15 17.46 39.81
CA CYS I 491 37.39 18.20 39.62
C CYS I 491 37.64 18.44 38.15
N SER I 492 37.27 17.48 37.31
CA SER I 492 37.47 17.60 35.87
C SER I 492 36.67 18.76 35.30
N VAL I 493 35.37 18.80 35.62
CA VAL I 493 34.52 19.86 35.09
C VAL I 493 34.91 21.21 35.69
N LEU I 494 35.39 21.21 36.94
CA LEU I 494 35.94 22.43 37.51
C LEU I 494 37.12 22.95 36.69
N GLN I 495 38.04 22.06 36.32
CA GLN I 495 39.14 22.47 35.47
C GLN I 495 38.64 22.99 34.13
N SER I 496 37.64 22.32 33.56
CA SER I 496 37.10 22.75 32.28
C SER I 496 36.50 24.16 32.37
N LEU I 497 35.71 24.42 33.42
CA LEU I 497 35.10 25.73 33.56
C LEU I 497 36.11 26.81 33.89
N LYS I 498 37.16 26.49 34.66
CA LYS I 498 38.16 27.53 34.92
C LYS I 498 38.93 27.84 33.65
N GLU I 499 39.18 26.84 32.81
CA GLU I 499 39.80 27.10 31.52
C GLU I 499 38.87 27.94 30.64
N LEU I 500 37.57 27.66 30.69
CA LEU I 500 36.60 28.50 29.96
C LEU I 500 36.65 29.94 30.44
N LEU I 501 36.72 30.14 31.76
CA LEU I 501 36.80 31.48 32.31
C LEU I 501 38.07 32.19 31.85
N GLN I 502 39.20 31.47 31.85
CA GLN I 502 40.44 32.04 31.36
C GLN I 502 40.32 32.46 29.89
N ASN I 503 39.75 31.58 29.07
CA ASN I 503 39.61 31.88 27.65
C ASN I 503 38.69 33.07 27.43
N TRP I 504 37.60 33.15 28.18
CA TRP I 504 36.67 34.27 28.03
C TRP I 504 37.32 35.58 28.43
N LEU I 505 38.04 35.59 29.55
CA LEU I 505 38.74 36.81 29.94
C LEU I 505 39.78 37.21 28.90
N LEU I 506 40.51 36.22 28.37
CA LEU I 506 41.50 36.52 27.34
C LEU I 506 40.85 37.14 26.11
N TRP I 507 39.71 36.58 25.68
CA TRP I 507 39.04 37.11 24.50
C TRP I 507 38.50 38.52 24.74
N LEU I 508 37.85 38.75 25.88
CA LEU I 508 37.30 40.07 26.15
C LEU I 508 38.40 41.13 26.25
N SER I 509 39.51 40.80 26.89
CA SER I 509 40.61 41.75 27.02
C SER I 509 41.40 41.83 25.71
N SER I 529 27.70 41.97 29.58
CA SER I 529 29.09 41.57 29.47
C SER I 529 29.63 41.10 30.82
N MET I 530 29.96 42.05 31.70
CA MET I 530 30.42 41.68 33.04
C MET I 530 29.34 40.99 33.84
N ASN I 531 28.07 41.28 33.56
CA ASN I 531 26.98 40.59 34.23
C ASN I 531 27.01 39.09 33.91
N SER I 532 27.34 38.74 32.67
CA SER I 532 27.38 37.33 32.28
C SER I 532 28.45 36.57 33.06
N VAL I 533 29.65 37.13 33.15
CA VAL I 533 30.72 36.45 33.89
C VAL I 533 30.41 36.44 35.37
N SER I 534 29.77 37.49 35.88
CA SER I 534 29.36 37.50 37.28
C SER I 534 28.38 36.36 37.57
N LYS I 535 27.39 36.18 36.70
CA LYS I 535 26.43 35.10 36.88
C LYS I 535 27.11 33.74 36.74
N LEU I 536 28.05 33.62 35.81
CA LEU I 536 28.79 32.36 35.68
C LEU I 536 29.56 32.05 36.95
N ILE I 537 30.21 33.06 37.53
CA ILE I 537 30.95 32.86 38.77
C ILE I 537 30.03 32.47 39.91
N HIS I 538 28.86 33.13 40.00
CA HIS I 538 27.91 32.77 41.04
C HIS I 538 27.42 31.33 40.86
N TYR I 539 27.15 30.92 39.63
CA TYR I 539 26.69 29.57 39.36
C TYR I 539 27.75 28.53 39.71
N VAL I 540 29.00 28.78 39.31
CA VAL I 540 30.06 27.82 39.63
C VAL I 540 30.32 27.79 41.13
N GLY I 541 30.16 28.93 41.81
CA GLY I 541 30.29 28.93 43.26
C GLY I 541 29.20 28.15 43.96
N TRP I 542 27.97 28.25 43.45
CA TRP I 542 26.88 27.45 43.99
C TRP I 542 27.16 25.97 43.80
N LEU I 543 27.61 25.58 42.60
CA LEU I 543 28.02 24.20 42.38
C LEU I 543 29.12 23.80 43.34
N SER I 544 30.08 24.70 43.55
CA SER I 544 31.21 24.43 44.42
C SER I 544 30.76 24.12 45.84
N THR I 545 29.93 24.99 46.41
CA THR I 545 29.49 24.79 47.78
C THR I 545 28.60 23.55 47.89
N THR I 546 27.74 23.32 46.89
CA THR I 546 26.88 22.14 46.94
C THR I 546 27.70 20.85 46.92
N ALA I 547 28.71 20.79 46.05
CA ALA I 547 29.54 19.59 46.00
C ALA I 547 30.44 19.47 47.23
N MET I 548 30.90 20.60 47.76
CA MET I 548 31.72 20.58 48.97
C MET I 548 30.94 19.98 50.13
N ARG I 549 29.66 20.33 50.24
CA ARG I 549 28.78 19.59 51.14
C ARG I 549 28.65 18.13 50.71
N LEU I 550 28.55 17.88 49.40
CA LEU I 550 28.14 16.57 48.91
C LEU I 550 29.13 15.48 49.29
N GLU I 551 30.42 15.76 49.16
CA GLU I 551 31.44 14.72 49.30
C GLU I 551 31.99 14.61 50.71
N SER I 552 31.19 14.91 51.73
CA SER I 552 31.61 14.84 53.13
C SER I 552 32.83 15.72 53.37
N ASN I 553 32.87 16.86 52.67
CA ASN I 553 33.94 17.85 52.77
C ASN I 553 35.30 17.23 52.46
N ASN I 554 35.42 16.76 51.23
CA ASN I 554 36.67 16.21 50.74
C ASN I 554 37.56 17.32 50.20
N THR I 555 38.81 17.34 50.69
CA THR I 555 39.71 18.43 50.32
C THR I 555 40.22 18.28 48.90
N PHE I 556 40.03 17.10 48.30
CA PHE I 556 40.47 16.90 46.92
C PHE I 556 39.76 17.87 45.98
N LEU I 557 38.45 18.03 46.13
CA LEU I 557 37.73 19.02 45.36
C LEU I 557 38.03 20.43 45.84
N LEU I 558 38.30 20.58 47.14
CA LEU I 558 38.62 21.89 47.69
C LEU I 558 39.87 22.47 47.03
N HIS I 559 40.84 21.62 46.70
CA HIS I 559 42.04 22.09 46.02
C HIS I 559 41.69 22.71 44.67
N PHE I 560 40.81 22.05 43.91
CA PHE I 560 40.40 22.60 42.62
C PHE I 560 39.58 23.87 42.80
N ILE I 561 38.71 23.90 43.81
CA ILE I 561 37.95 25.12 44.11
C ILE I 561 38.90 26.29 44.32
N LEU I 562 39.89 26.08 45.17
CA LEU I 562 40.80 27.16 45.52
C LEU I 562 41.70 27.55 44.36
N ASP I 563 42.15 26.57 43.56
CA ASP I 563 42.94 26.90 42.38
C ASP I 563 42.13 27.73 41.39
N PHE I 564 40.88 27.34 41.16
CA PHE I 564 39.98 28.12 40.32
C PHE I 564 39.84 29.54 40.86
N TYR I 565 39.71 29.67 42.17
CA TYR I 565 39.51 30.99 42.74
C TYR I 565 40.78 31.84 42.65
N GLU I 566 41.95 31.20 42.73
CA GLU I 566 43.19 31.94 42.46
C GLU I 566 43.23 32.43 41.02
N LYS I 567 42.82 31.58 40.07
CA LYS I 567 42.76 32.04 38.69
C LYS I 567 41.78 33.19 38.52
N VAL I 568 40.70 33.19 39.31
CA VAL I 568 39.73 34.27 39.24
C VAL I 568 40.30 35.56 39.82
N CYS I 569 41.02 35.45 40.94
CA CYS I 569 41.35 36.61 41.78
C CYS I 569 42.20 37.67 41.09
N ASP I 570 42.60 37.49 39.83
CA ASP I 570 43.50 38.44 39.18
C ASP I 570 42.85 39.16 38.01
N ILE I 571 41.53 39.35 38.03
CA ILE I 571 40.83 39.95 36.90
C ILE I 571 41.33 41.37 36.64
N TYR I 572 41.35 42.19 37.69
CA TYR I 572 41.67 43.60 37.51
C TYR I 572 43.12 43.79 37.07
N ILE I 573 44.03 42.98 37.60
CA ILE I 573 45.45 43.14 37.30
C ILE I 573 45.90 42.35 36.08
N ASN I 574 45.04 41.49 35.52
CA ASN I 574 45.44 40.71 34.36
C ASN I 574 44.70 41.12 33.09
N TYR I 575 43.49 41.65 33.21
CA TYR I 575 42.69 42.01 32.05
C TYR I 575 42.13 43.43 32.13
N ASN I 576 42.53 44.22 33.14
CA ASN I 576 42.09 45.60 33.29
C ASN I 576 40.55 45.69 33.36
N LEU I 577 39.95 44.73 34.05
CA LEU I 577 38.51 44.72 34.24
C LEU I 577 38.16 45.02 35.69
N PRO I 578 37.46 46.12 35.96
CA PRO I 578 37.12 46.49 37.34
C PRO I 578 35.97 45.66 37.90
N LEU I 579 36.23 44.37 38.09
CA LEU I 579 35.23 43.45 38.61
C LEU I 579 35.91 42.41 39.47
N VAL I 580 35.50 42.35 40.74
CA VAL I 580 36.02 41.36 41.69
C VAL I 580 34.83 40.67 42.34
N VAL I 581 34.82 39.34 42.33
CA VAL I 581 33.76 38.56 42.92
C VAL I 581 34.32 37.78 44.10
N LEU I 582 33.54 37.68 45.17
CA LEU I 582 33.96 37.08 46.42
C LEU I 582 33.37 35.68 46.58
N PHE I 583 34.22 34.75 46.99
CA PHE I 583 33.81 33.36 47.19
C PHE I 583 32.85 33.23 48.37
N PRO I 584 31.96 32.24 48.33
CA PRO I 584 30.94 32.10 49.36
C PRO I 584 31.54 31.84 50.72
N PRO I 585 30.88 32.30 51.79
CA PRO I 585 31.44 32.09 53.13
C PRO I 585 31.53 30.63 53.55
N GLY I 586 30.73 29.75 52.96
CA GLY I 586 30.83 28.34 53.30
C GLY I 586 32.20 27.77 52.97
N ILE I 587 32.67 28.02 51.75
CA ILE I 587 34.01 27.60 51.36
C ILE I 587 35.05 28.31 52.22
N PHE I 588 34.81 29.59 52.51
CA PHE I 588 35.71 30.37 53.36
C PHE I 588 35.96 29.67 54.68
N TYR I 589 34.88 29.32 55.39
CA TYR I 589 35.03 28.72 56.71
C TYR I 589 35.51 27.28 56.62
N SER I 590 35.07 26.54 55.60
CA SER I 590 35.53 25.15 55.46
C SER I 590 37.03 25.09 55.21
N ALA I 591 37.56 26.00 54.40
CA ALA I 591 38.98 25.93 54.05
C ALA I 591 39.85 26.61 55.10
N LEU I 592 39.40 27.74 55.64
CA LEU I 592 40.25 28.50 56.55
C LEU I 592 40.61 27.72 57.80
N LEU I 593 39.63 27.02 58.38
CA LEU I 593 39.87 26.26 59.59
C LEU I 593 39.98 24.76 59.31
N SER I 594 40.30 24.38 58.07
CA SER I 594 40.53 23.00 57.68
C SER I 594 41.75 22.43 58.39
N LEU I 595 41.96 21.12 58.20
CA LEU I 595 43.03 20.40 58.86
C LEU I 595 44.28 20.21 58.01
N ASP I 596 44.32 20.80 56.81
CA ASP I 596 45.47 20.65 55.94
C ASP I 596 46.26 21.94 55.85
N THR I 597 47.59 21.82 55.96
CA THR I 597 48.48 22.97 55.96
C THR I 597 48.59 23.65 54.61
N SER I 598 48.64 22.89 53.51
CA SER I 598 48.69 23.50 52.20
C SER I 598 47.42 24.30 51.92
N ILE I 599 46.30 23.86 52.49
CA ILE I 599 45.08 24.65 52.42
C ILE I 599 45.30 26.01 53.08
N LEU I 600 45.90 26.01 54.27
CA LEU I 600 46.22 27.27 54.94
C LEU I 600 47.13 28.14 54.07
N ASN I 601 48.13 27.51 53.45
CA ASN I 601 49.03 28.22 52.55
C ASN I 601 48.27 28.93 51.45
N GLN I 602 47.41 28.21 50.74
CA GLN I 602 46.78 28.80 49.57
C GLN I 602 45.65 29.76 49.95
N LEU I 603 45.05 29.59 51.12
CA LEU I 603 44.17 30.63 51.65
C LEU I 603 44.94 31.90 51.96
N CYS I 604 46.09 31.80 52.62
CA CYS I 604 46.88 33.00 52.85
C CYS I 604 47.22 33.68 51.53
N PHE I 605 47.59 32.89 50.53
CA PHE I 605 47.90 33.44 49.22
C PHE I 605 46.69 34.14 48.61
N ILE I 606 45.51 33.51 48.70
CA ILE I 606 44.33 34.05 48.01
C ILE I 606 43.84 35.32 48.69
N MET I 607 43.87 35.38 50.03
CA MET I 607 43.49 36.64 50.67
C MET I 607 44.54 37.72 50.43
N HIS I 608 45.83 37.34 50.31
CA HIS I 608 46.81 38.35 49.95
C HIS I 608 46.54 38.92 48.57
N ARG I 609 46.22 38.07 47.60
CA ARG I 609 45.91 38.53 46.26
C ARG I 609 44.64 39.38 46.24
N TYR I 610 43.63 38.98 47.03
CA TYR I 610 42.40 39.77 47.11
C TYR I 610 42.68 41.15 47.68
N ARG I 611 43.50 41.23 48.73
CA ARG I 611 43.84 42.52 49.30
C ARG I 611 44.62 43.38 48.31
N LYS I 612 45.55 42.76 47.57
CA LYS I 612 46.31 43.49 46.57
C LYS I 612 45.40 44.05 45.49
N ASN I 613 44.45 43.23 45.03
CA ASN I 613 43.50 43.69 44.01
C ASN I 613 42.60 44.80 44.56
N LEU I 614 42.17 44.68 45.82
CA LEU I 614 41.30 45.69 46.41
C LEU I 614 42.03 47.02 46.55
N THR I 615 43.27 47.00 47.04
CA THR I 615 44.03 48.24 47.17
C THR I 615 44.51 48.77 45.82
N ALA I 616 44.54 47.92 44.79
CA ALA I 616 44.89 48.40 43.47
C ALA I 616 43.85 49.39 42.94
N ALA I 617 42.58 49.12 43.19
CA ALA I 617 41.51 50.02 42.75
C ALA I 617 40.72 50.54 43.94
N SER I 634 30.73 48.19 48.12
CA SER I 634 30.62 48.58 49.53
C SER I 634 30.55 47.34 50.42
N LYS I 635 29.58 46.47 50.15
CA LYS I 635 29.44 45.25 50.94
C LYS I 635 30.63 44.33 50.76
N THR I 636 31.29 44.39 49.60
CA THR I 636 32.47 43.57 49.38
C THR I 636 33.58 43.92 50.36
N TYR I 637 33.81 45.22 50.57
CA TYR I 637 34.83 45.64 51.53
C TYR I 637 34.47 45.23 52.95
N GLN I 638 33.18 45.34 53.30
CA GLN I 638 32.74 44.93 54.64
C GLN I 638 32.97 43.44 54.86
N GLU I 639 32.61 42.61 53.87
CA GLU I 639 32.82 41.18 53.99
C GLU I 639 34.30 40.84 54.05
N PHE I 640 35.11 41.55 53.26
CA PHE I 640 36.56 41.32 53.29
C PHE I 640 37.14 41.65 54.66
N ASN I 641 36.71 42.77 55.25
CA ASN I 641 37.17 43.13 56.59
C ASN I 641 36.70 42.11 57.62
N HIS I 642 35.47 41.62 57.48
CA HIS I 642 34.98 40.59 58.40
C HIS I 642 35.82 39.33 58.31
N TYR I 643 36.17 38.93 57.08
CA TYR I 643 37.01 37.75 56.90
C TYR I 643 38.40 37.97 57.48
N LEU I 644 38.96 39.17 57.28
CA LEU I 644 40.27 39.47 57.85
C LEU I 644 40.25 39.39 59.36
N THR I 645 39.20 39.93 59.99
CA THR I 645 39.05 39.78 61.43
C THR I 645 38.92 38.32 61.82
N SER I 646 38.19 37.54 61.01
CA SER I 646 37.99 36.13 61.33
C SER I 646 39.31 35.37 61.34
N MET I 647 40.16 35.55 60.33
CA MET I 647 41.41 34.79 60.30
C MET I 647 42.43 35.37 61.28
N VAL I 648 42.40 36.68 61.53
CA VAL I 648 43.34 37.21 62.51
C VAL I 648 42.96 36.74 63.90
N GLY I 649 41.66 36.51 64.16
CA GLY I 649 41.26 35.81 65.36
C GLY I 649 41.65 34.36 65.38
N CYS I 650 41.53 33.66 64.25
CA CYS I 650 41.97 32.28 64.14
C CYS I 650 43.49 32.14 64.20
N LEU I 651 44.23 33.08 63.64
CA LEU I 651 45.68 33.06 63.69
C LEU I 651 46.17 33.83 64.91
N TRP I 652 47.46 34.11 64.97
CA TRP I 652 48.05 34.83 66.09
C TRP I 652 47.41 36.20 66.29
N HIS I 684 48.49 26.37 68.89
CA HIS I 684 47.49 27.21 68.25
C HIS I 684 46.66 26.43 67.24
N HIS I 685 46.95 26.63 65.96
CA HIS I 685 46.22 25.94 64.91
C HIS I 685 46.52 24.44 64.97
N PRO I 686 45.49 23.59 64.92
CA PRO I 686 45.75 22.14 64.97
C PRO I 686 46.60 21.64 63.81
N SER I 687 46.42 22.22 62.61
CA SER I 687 47.18 21.77 61.46
C SER I 687 48.69 21.90 61.65
N PHE I 688 49.13 22.78 62.55
CA PHE I 688 50.54 22.98 62.81
C PHE I 688 51.09 22.09 63.91
N LEU I 689 50.26 21.26 64.54
CA LEU I 689 50.74 20.43 65.64
C LEU I 689 51.90 19.56 65.20
N SER I 690 51.84 19.05 63.97
CA SER I 690 52.98 18.36 63.37
C SER I 690 54.27 19.13 63.59
N TYR I 691 54.32 20.37 63.11
CA TYR I 691 55.49 21.21 63.32
C TYR I 691 55.84 21.28 64.80
N ALA I 692 54.83 21.47 65.65
CA ALA I 692 55.08 21.55 67.08
C ALA I 692 55.76 20.29 67.60
N VAL I 693 55.31 19.12 67.13
CA VAL I 693 55.95 17.88 67.54
C VAL I 693 57.41 17.90 67.11
N SER I 694 57.68 18.37 65.88
CA SER I 694 59.06 18.53 65.45
C SER I 694 59.78 19.52 66.34
N PHE I 695 59.11 20.62 66.72
CA PHE I 695 59.68 21.55 67.67
C PHE I 695 59.98 20.89 69.01
N LEU I 696 59.19 19.89 69.40
CA LEU I 696 59.50 19.11 70.59
C LEU I 696 60.65 18.13 70.35
N LEU I 697 60.82 17.66 69.11
CA LEU I 697 61.92 16.75 68.81
C LEU I 697 63.25 17.49 68.72
N GLN I 698 63.22 18.77 68.38
CA GLN I 698 64.43 19.57 68.26
C GLN I 698 64.61 20.48 69.47
N TRP I 716 64.07 28.47 72.50
CA TRP I 716 63.56 28.90 71.20
C TRP I 716 62.13 29.43 71.33
N SER I 717 61.99 30.63 71.90
CA SER I 717 60.68 31.26 72.01
C SER I 717 60.09 31.54 70.63
N TRP I 718 60.92 31.99 69.70
CA TRP I 718 60.50 32.26 68.33
C TRP I 718 60.68 30.98 67.52
N TYR I 719 59.58 30.31 67.20
CA TYR I 719 59.60 29.10 66.40
C TYR I 719 59.02 29.31 65.03
N LEU I 720 58.57 30.52 64.70
CA LEU I 720 58.01 30.80 63.39
C LEU I 720 59.08 30.69 62.30
N ASP I 721 60.35 30.92 62.64
CA ASP I 721 61.41 30.79 61.65
C ASP I 721 61.57 29.34 61.20
N TYR I 722 61.41 28.37 62.10
CA TYR I 722 61.44 26.97 61.70
C TYR I 722 60.30 26.65 60.74
N LEU I 723 59.10 27.14 61.04
CA LEU I 723 57.98 26.99 60.11
C LEU I 723 58.32 27.61 58.76
N PHE I 724 58.97 28.77 58.78
CA PHE I 724 59.29 29.47 57.55
C PHE I 724 60.29 28.67 56.71
N SER I 725 61.30 28.12 57.36
CA SER I 725 62.26 27.27 56.67
C SER I 725 61.62 26.00 56.16
N GLN I 726 60.56 25.53 56.82
CA GLN I 726 59.83 24.38 56.31
C GLN I 726 59.18 24.66 54.96
N GLY I 727 59.02 25.92 54.58
CA GLY I 727 58.57 26.24 53.24
C GLY I 727 57.24 26.95 53.15
N LEU I 728 56.91 27.80 54.14
CA LEU I 728 55.66 28.55 54.12
C LEU I 728 55.91 29.99 53.67
N GLN I 729 56.38 30.12 52.43
CA GLN I 729 56.73 31.44 51.91
C GLN I 729 55.50 32.28 51.62
N GLY I 730 54.41 31.63 51.20
CA GLY I 730 53.14 32.33 51.10
C GLY I 730 52.72 32.92 52.43
N LEU I 731 53.07 32.22 53.52
CA LEU I 731 52.74 32.73 54.84
C LEU I 731 53.53 34.01 55.13
N LYS I 732 54.83 34.05 54.77
CA LYS I 732 55.55 35.31 54.91
C LYS I 732 54.88 36.41 54.11
N LEU I 733 54.50 36.10 52.87
CA LEU I 733 53.88 37.14 52.04
C LEU I 733 52.61 37.67 52.70
N PHE I 734 51.77 36.76 53.19
CA PHE I 734 50.50 37.17 53.79
C PHE I 734 50.72 37.95 55.08
N ILE I 735 51.62 37.48 55.95
CA ILE I 735 51.77 38.11 57.26
C ILE I 735 52.66 39.35 57.20
N ARG I 736 53.36 39.59 56.11
CA ARG I 736 54.22 40.75 56.00
C ARG I 736 53.59 41.86 55.16
N SER I 737 52.81 41.50 54.13
CA SER I 737 52.32 42.50 53.19
C SER I 737 50.80 42.63 53.18
N SER I 738 50.08 41.86 53.99
CA SER I 738 48.63 41.94 54.00
C SER I 738 48.06 42.36 55.35
N VAL I 739 48.41 41.67 56.43
CA VAL I 739 47.79 41.97 57.73
C VAL I 739 48.26 43.31 58.25
N HIS I 740 49.56 43.60 58.15
CA HIS I 740 50.17 44.87 58.56
C HIS I 740 50.06 45.12 60.05
N HIS I 741 49.46 44.19 60.80
CA HIS I 741 49.41 44.33 62.25
C HIS I 741 50.80 44.18 62.86
N SER I 742 51.56 43.21 62.38
CA SER I 742 52.96 43.03 62.75
C SER I 742 53.74 42.89 61.45
N SER I 743 54.13 44.04 60.87
CA SER I 743 54.82 44.03 59.59
C SER I 743 56.18 43.34 59.68
N ILE I 744 56.90 43.59 60.76
CA ILE I 744 58.22 42.96 60.94
C ILE I 744 58.03 41.47 61.18
N PRO I 745 58.94 40.60 60.68
CA PRO I 745 58.85 39.16 60.91
C PRO I 745 59.04 38.78 62.38
N ASN K 19 29.44 3.98 78.70
CA ASN K 19 30.13 5.21 78.30
C ASN K 19 29.26 6.04 77.37
N THR K 20 29.91 6.80 76.48
CA THR K 20 29.19 7.64 75.53
C THR K 20 28.36 6.82 74.55
N GLU K 21 28.81 5.60 74.22
CA GLU K 21 28.07 4.78 73.27
C GLU K 21 26.68 4.42 73.79
N GLU K 22 26.56 4.13 75.08
CA GLU K 22 25.26 3.83 75.66
C GLU K 22 24.33 5.03 75.60
N GLU K 23 24.85 6.22 75.88
CA GLU K 23 24.03 7.43 75.77
C GLU K 23 23.60 7.66 74.32
N LEU K 24 24.51 7.43 73.37
CA LEU K 24 24.15 7.58 71.97
C LEU K 24 23.06 6.59 71.57
N ILE K 25 23.15 5.35 72.05
CA ILE K 25 22.13 4.35 71.74
C ILE K 25 20.79 4.74 72.35
N ARG K 26 20.81 5.25 73.58
CA ARG K 26 19.58 5.70 74.22
C ARG K 26 18.95 6.85 73.44
N GLU K 27 19.76 7.81 73.00
CA GLU K 27 19.24 8.92 72.22
C GLU K 27 18.71 8.44 70.87
N CYS K 28 19.37 7.43 70.27
CA CYS K 28 18.88 6.86 69.03
C CYS K 28 17.52 6.20 69.23
N GLU K 29 17.34 5.48 70.34
CA GLU K 29 16.04 4.89 70.63
C GLU K 29 14.98 5.98 70.87
N GLU K 30 15.37 7.06 71.55
CA GLU K 30 14.44 8.17 71.77
C GLU K 30 14.00 8.80 70.46
N MET K 31 14.93 9.03 69.53
CA MET K 31 14.56 9.62 68.26
C MET K 31 13.81 8.63 67.40
N TRP K 32 14.04 7.32 67.59
CA TRP K 32 13.21 6.32 66.94
C TRP K 32 11.77 6.39 67.44
N LYS K 33 11.59 6.59 68.74
CA LYS K 33 10.25 6.78 69.30
C LYS K 33 9.61 8.04 68.74
N ASP K 34 10.38 9.13 68.65
CA ASP K 34 9.85 10.36 68.07
C ASP K 34 9.46 10.16 66.61
N MET K 35 10.27 9.40 65.87
CA MET K 35 9.96 9.08 64.49
C MET K 35 8.67 8.28 64.37
N GLU K 36 8.48 7.29 65.24
CA GLU K 36 7.24 6.52 65.24
C GLU K 36 6.05 7.42 65.57
N GLU K 37 6.22 8.33 66.52
CA GLU K 37 5.15 9.27 66.87
C GLU K 37 4.78 10.13 65.67
N CYS K 38 5.79 10.65 64.97
CA CYS K 38 5.53 11.47 63.78
C CYS K 38 4.85 10.64 62.70
N GLN K 39 5.27 9.39 62.52
CA GLN K 39 4.68 8.53 61.50
C GLN K 39 3.21 8.29 61.77
N ASN K 40 2.86 7.94 63.01
CA ASN K 40 1.46 7.70 63.32
C ASN K 40 0.66 9.00 63.38
N LYS K 41 1.32 10.15 63.59
CA LYS K 41 0.63 11.42 63.54
C LYS K 41 0.28 11.82 62.11
N LEU K 42 1.20 11.65 61.18
CA LEU K 42 1.00 12.07 59.80
C LEU K 42 0.08 11.14 59.02
N SER K 43 -0.04 9.88 59.43
CA SER K 43 -0.79 8.90 58.65
C SER K 43 -2.28 9.18 58.59
N LEU K 44 -2.81 10.07 59.44
CA LEU K 44 -4.24 10.32 59.48
C LEU K 44 -4.62 11.47 58.55
N ILE K 45 -4.18 11.35 57.29
CA ILE K 45 -4.51 12.31 56.25
C ILE K 45 -4.79 11.54 54.97
N GLY K 46 -5.84 11.93 54.25
CA GLY K 46 -6.06 11.42 52.91
C GLY K 46 -4.87 11.74 52.04
N THR K 47 -4.29 10.74 51.37
CA THR K 47 -2.96 10.90 50.80
C THR K 47 -2.90 11.98 49.73
N GLU K 48 -3.52 11.72 48.57
CA GLU K 48 -3.54 12.68 47.46
C GLU K 48 -4.25 12.09 46.24
N THR K 49 -4.62 12.95 45.29
CA THR K 49 -5.05 12.52 43.96
C THR K 49 -4.95 13.67 42.97
N LEU K 50 -4.17 13.49 41.91
CA LEU K 50 -3.95 14.52 40.90
C LEU K 50 -4.10 13.95 39.50
N THR K 51 -4.62 14.76 38.59
CA THR K 51 -4.60 14.47 37.17
C THR K 51 -3.57 15.37 36.49
N ASP K 52 -3.50 15.28 35.15
CA ASP K 52 -2.51 16.06 34.42
C ASP K 52 -2.74 17.55 34.53
N SER K 53 -4.00 18.00 34.51
CA SER K 53 -4.28 19.42 34.38
C SER K 53 -3.84 20.21 35.62
N ASN K 54 -4.23 19.74 36.81
CA ASN K 54 -4.02 20.48 38.04
C ASN K 54 -2.80 20.01 38.82
N ALA K 55 -1.96 19.17 38.21
CA ALA K 55 -0.80 18.65 38.91
C ALA K 55 0.20 19.75 39.25
N GLN K 56 0.41 20.70 38.32
CA GLN K 56 1.48 21.67 38.46
C GLN K 56 1.26 22.60 39.65
N LEU K 57 0.07 23.19 39.75
CA LEU K 57 -0.22 24.09 40.86
C LEU K 57 -0.16 23.36 42.19
N SER K 58 -0.69 22.15 42.23
CA SER K 58 -0.69 21.37 43.46
C SER K 58 0.73 21.06 43.91
N LEU K 59 1.59 20.65 42.97
CA LEU K 59 2.97 20.32 43.35
C LEU K 59 3.72 21.57 43.76
N LEU K 60 3.45 22.70 43.12
CA LEU K 60 4.09 23.95 43.54
C LEU K 60 3.67 24.33 44.96
N ILE K 61 2.39 24.19 45.28
CA ILE K 61 1.90 24.51 46.61
C ILE K 61 2.51 23.57 47.64
N MET K 62 2.56 22.27 47.32
CA MET K 62 3.14 21.31 48.25
C MET K 62 4.62 21.60 48.47
N GLN K 63 5.34 21.95 47.40
CA GLN K 63 6.77 22.25 47.51
C GLN K 63 7.00 23.50 48.36
N VAL K 64 6.20 24.54 48.16
CA VAL K 64 6.40 25.76 48.95
C VAL K 64 6.04 25.51 50.42
N LYS K 65 5.01 24.70 50.67
CA LYS K 65 4.67 24.36 52.05
C LYS K 65 5.81 23.60 52.71
N CYS K 66 6.37 22.61 52.02
CA CYS K 66 7.49 21.86 52.57
C CYS K 66 8.71 22.76 52.79
N LEU K 67 8.97 23.67 51.85
CA LEU K 67 10.08 24.60 52.00
C LEU K 67 9.91 25.46 53.25
N THR K 68 8.72 26.02 53.45
CA THR K 68 8.48 26.82 54.64
C THR K 68 8.62 25.98 55.90
N ALA K 69 8.11 24.75 55.88
CA ALA K 69 8.18 23.89 57.05
C ALA K 69 9.62 23.57 57.43
N GLU K 70 10.44 23.18 56.45
CA GLU K 70 11.83 22.84 56.76
C GLU K 70 12.64 24.08 57.11
N LEU K 71 12.31 25.23 56.52
CA LEU K 71 12.96 26.47 56.90
C LEU K 71 12.69 26.80 58.36
N SER K 72 11.44 26.66 58.79
CA SER K 72 11.11 26.88 60.19
C SER K 72 11.81 25.87 61.08
N GLN K 73 11.85 24.60 60.67
CA GLN K 73 12.49 23.57 61.47
C GLN K 73 13.97 23.86 61.66
N TRP K 74 14.65 24.28 60.59
CA TRP K 74 16.07 24.57 60.70
C TRP K 74 16.30 25.87 61.47
N GLN K 75 15.34 26.80 61.42
CA GLN K 75 15.42 27.98 62.26
C GLN K 75 15.32 27.61 63.73
N LYS K 76 14.50 26.61 64.06
CA LYS K 76 14.42 26.14 65.45
C LYS K 76 15.75 25.58 65.91
N LYS K 77 16.44 24.82 65.05
CA LYS K 77 17.73 24.25 65.40
C LYS K 77 18.80 25.32 65.52
N LEU K 84 30.72 14.23 74.74
CA LEU K 84 31.58 13.17 74.20
C LEU K 84 32.77 12.93 75.11
N THR K 85 33.67 12.04 74.68
CA THR K 85 34.87 11.71 75.42
C THR K 85 36.10 12.01 74.57
N GLU K 86 37.28 11.97 75.20
CA GLU K 86 38.52 12.28 74.45
C GLU K 86 38.91 11.10 73.57
N ASP K 87 38.58 9.86 73.98
CA ASP K 87 39.03 8.69 73.23
C ASP K 87 38.44 8.68 71.82
N VAL K 88 37.13 8.99 71.69
CA VAL K 88 36.51 8.99 70.37
C VAL K 88 37.09 10.11 69.52
N LEU K 89 37.39 11.26 70.13
CA LEU K 89 38.01 12.35 69.40
C LEU K 89 39.38 11.94 68.88
N ILE K 90 40.17 11.27 69.71
CA ILE K 90 41.49 10.83 69.30
C ILE K 90 41.41 9.82 68.18
N THR K 91 40.48 8.86 68.28
CA THR K 91 40.34 7.86 67.23
C THR K 91 39.92 8.50 65.91
N LEU K 92 38.96 9.43 65.95
CA LEU K 92 38.54 10.10 64.74
C LEU K 92 39.66 10.93 64.14
N GLY K 93 40.47 11.58 64.99
CA GLY K 93 41.60 12.33 64.49
C GLY K 93 42.63 11.44 63.82
N LYS K 94 42.93 10.29 64.42
CA LYS K 94 43.85 9.35 63.79
C LYS K 94 43.31 8.89 62.45
N GLU K 95 42.00 8.63 62.38
CA GLU K 95 41.39 8.24 61.12
C GLU K 95 41.54 9.33 60.06
N GLU K 96 41.35 10.59 60.45
CA GLU K 96 41.38 11.66 59.46
C GLU K 96 42.80 11.94 58.99
N PHE K 97 43.79 11.85 59.89
CA PHE K 97 45.18 11.92 59.44
C PHE K 97 45.52 10.77 58.50
N GLN K 98 45.07 9.56 58.81
CA GLN K 98 45.34 8.44 57.92
C GLN K 98 44.70 8.67 56.54
N LYS K 99 43.47 9.18 56.52
CA LYS K 99 42.79 9.45 55.25
C LYS K 99 43.54 10.52 54.45
N LEU K 100 43.97 11.60 55.12
CA LEU K 100 44.69 12.65 54.41
C LEU K 100 46.01 12.13 53.85
N ARG K 101 46.76 11.38 54.65
CA ARG K 101 48.04 10.85 54.19
C ARG K 101 47.83 9.85 53.06
N GLN K 102 46.69 9.15 53.05
CA GLN K 102 46.47 8.14 52.03
C GLN K 102 45.74 8.68 50.82
N ASP K 103 45.32 9.94 50.83
CA ASP K 103 44.72 10.47 49.61
C ASP K 103 45.48 11.64 49.01
N LEU K 104 46.48 12.20 49.70
CA LEU K 104 47.23 13.31 49.10
C LEU K 104 48.03 12.89 47.86
N GLU K 105 48.31 11.59 47.69
CA GLU K 105 49.18 11.20 46.58
C GLU K 105 48.51 11.48 45.23
N MET K 106 47.18 11.34 45.16
CA MET K 106 46.49 11.65 43.90
C MET K 106 46.63 13.13 43.55
N VAL K 107 46.40 14.01 44.52
CA VAL K 107 46.49 15.44 44.20
C VAL K 107 47.92 15.82 43.87
N LEU K 108 48.91 15.22 44.54
CA LEU K 108 50.30 15.48 44.15
C LEU K 108 50.56 15.04 42.71
N SER K 109 50.21 13.78 42.38
CA SER K 109 50.46 13.29 41.04
C SER K 109 49.78 14.16 39.99
N THR K 110 48.57 14.64 40.29
CA THR K 110 47.95 15.63 39.42
C THR K 110 48.82 16.87 39.31
N LYS K 111 49.42 17.28 40.42
CA LYS K 111 50.25 18.49 40.41
C LYS K 111 51.44 18.34 39.48
N GLU K 112 52.17 17.22 39.57
CA GLU K 112 53.25 17.02 38.60
C GLU K 112 52.68 16.99 37.18
N SER K 113 51.68 16.13 36.94
CA SER K 113 51.15 15.97 35.59
C SER K 113 50.80 17.31 34.97
N LYS K 114 50.15 18.19 35.73
CA LYS K 114 49.83 19.52 35.21
C LYS K 114 51.09 20.38 35.06
N ASN K 115 52.10 20.15 35.90
CA ASN K 115 53.34 20.91 35.75
C ASN K 115 53.99 20.62 34.39
N GLU K 116 54.21 19.35 34.07
CA GLU K 116 54.78 19.03 32.76
C GLU K 116 53.82 19.36 31.61
N LYS K 117 52.50 19.26 31.86
CA LYS K 117 51.55 19.66 30.83
C LYS K 117 51.69 21.14 30.50
N LEU K 118 51.79 21.98 31.53
CA LEU K 118 51.94 23.41 31.32
C LEU K 118 53.28 23.73 30.69
N LYS K 119 54.34 22.99 31.06
CA LYS K 119 55.64 23.20 30.42
C LYS K 119 55.56 22.90 28.92
N GLU K 120 54.92 21.79 28.56
CA GLU K 120 54.77 21.44 27.14
C GLU K 120 53.93 22.47 26.41
N ASP K 121 52.82 22.91 27.02
CA ASP K 121 51.98 23.91 26.39
C ASP K 121 52.72 25.22 26.21
N LEU K 122 53.53 25.61 27.19
CA LEU K 122 54.32 26.83 27.09
C LEU K 122 55.34 26.73 25.97
N GLU K 123 56.01 25.57 25.84
CA GLU K 123 56.96 25.39 24.75
C GLU K 123 56.25 25.48 23.40
N ARG K 124 55.08 24.86 23.28
CA ARG K 124 54.31 24.97 22.05
C ARG K 124 53.91 26.41 21.78
N GLU K 125 53.60 27.17 22.83
CA GLU K 125 53.23 28.57 22.68
C GLU K 125 54.41 29.38 22.15
N GLN K 126 55.61 29.15 22.68
CA GLN K 126 56.77 29.85 22.12
C GLN K 126 57.03 29.43 20.68
N ARG K 127 56.82 28.15 20.36
CA ARG K 127 56.97 27.71 18.97
C ARG K 127 56.02 28.47 18.05
N TRP K 128 54.75 28.54 18.42
CA TRP K 128 53.76 29.25 17.61
C TRP K 128 54.10 30.73 17.52
N LEU K 129 54.51 31.32 18.64
CA LEU K 129 54.88 32.73 18.66
C LEU K 129 56.04 33.00 17.70
N ASP K 130 57.07 32.16 17.75
CA ASP K 130 58.19 32.32 16.85
C ASP K 130 57.75 32.22 15.39
N GLU K 131 56.97 31.19 15.06
CA GLU K 131 56.54 31.04 13.67
C GLU K 131 55.74 32.24 13.20
N GLN K 132 54.75 32.67 13.98
CA GLN K 132 53.95 33.81 13.56
C GLN K 132 54.79 35.08 13.49
N GLN K 133 55.92 35.14 14.21
CA GLN K 133 56.79 36.31 14.08
C GLN K 133 57.26 36.47 12.64
N GLN K 134 58.05 35.52 12.14
CA GLN K 134 58.51 35.62 10.75
C GLN K 134 57.33 35.70 9.79
N ILE K 135 56.19 35.11 10.15
CA ILE K 135 54.98 35.34 9.36
C ILE K 135 54.68 36.83 9.28
N MET K 136 54.78 37.54 10.40
CA MET K 136 54.47 38.96 10.44
C MET K 136 55.47 39.78 9.64
N GLU K 137 56.78 39.53 9.82
CA GLU K 137 57.74 40.28 9.03
C GLU K 137 57.59 40.00 7.54
N SER K 138 57.30 38.76 7.16
CA SER K 138 57.09 38.45 5.74
C SER K 138 55.87 39.19 5.20
N LEU K 139 54.76 39.18 5.95
CA LEU K 139 53.57 39.88 5.50
C LEU K 139 53.81 41.38 5.39
N ASN K 140 54.51 41.96 6.38
CA ASN K 140 54.76 43.39 6.37
C ASN K 140 55.67 43.78 5.21
N VAL K 141 56.73 43.00 4.95
CA VAL K 141 57.64 43.33 3.86
C VAL K 141 56.94 43.15 2.51
N LEU K 142 56.07 42.15 2.38
CA LEU K 142 55.32 41.99 1.15
C LEU K 142 54.37 43.16 0.94
N HIS K 143 53.69 43.60 2.00
CA HIS K 143 52.80 44.74 1.90
C HIS K 143 53.56 46.00 1.50
N SER K 144 54.73 46.22 2.11
CA SER K 144 55.53 47.39 1.76
C SER K 144 56.02 47.32 0.33
N GLU K 145 56.43 46.14 -0.13
CA GLU K 145 56.88 46.00 -1.51
C GLU K 145 55.75 46.27 -2.50
N LEU K 146 54.55 45.75 -2.22
CA LEU K 146 53.41 46.03 -3.08
C LEU K 146 53.05 47.51 -3.07
N LYS K 147 53.11 48.15 -1.90
CA LYS K 147 52.81 49.58 -1.81
C LYS K 147 53.81 50.40 -2.60
N ASN K 148 55.10 50.06 -2.52
CA ASN K 148 56.12 50.79 -3.24
C ASN K 148 56.02 50.55 -4.75
N LYS K 149 55.67 49.33 -5.14
CA LYS K 149 55.58 49.02 -6.57
C LYS K 149 54.49 49.83 -7.25
N VAL K 150 53.34 49.97 -6.61
CA VAL K 150 52.23 50.73 -7.19
C VAL K 150 52.44 52.22 -6.97
N LYS K 165 56.07 49.26 -19.14
CA LYS K 165 55.82 47.93 -19.69
C LYS K 165 56.25 47.84 -21.15
N MET K 166 55.96 48.89 -21.91
CA MET K 166 56.31 48.89 -23.33
C MET K 166 57.81 48.84 -23.54
N LEU K 167 58.56 49.66 -22.79
CA LEU K 167 60.01 49.70 -22.97
C LEU K 167 60.65 48.40 -22.52
N ASN K 168 60.13 47.77 -21.47
CA ASN K 168 60.63 46.46 -21.05
C ASN K 168 60.46 45.44 -22.17
N ILE K 169 59.29 45.41 -22.79
CA ILE K 169 59.03 44.45 -23.86
C ILE K 169 59.91 44.74 -25.07
N LYS K 170 60.20 46.00 -25.31
CA LYS K 170 61.06 46.34 -26.40
C LYS K 170 62.48 45.93 -26.16
N GLU K 171 62.97 46.11 -24.95
CA GLU K 171 64.33 45.70 -24.61
C GLU K 171 64.47 44.19 -24.74
N TYR K 172 63.44 43.47 -24.33
CA TYR K 172 63.48 42.02 -24.39
C TYR K 172 63.46 41.56 -25.81
N LYS K 173 62.58 42.16 -26.58
CA LYS K 173 62.47 41.75 -27.97
C LYS K 173 63.77 41.99 -28.73
N GLU K 174 64.39 43.16 -28.53
CA GLU K 174 65.64 43.45 -29.24
C GLU K 174 66.76 42.53 -28.77
N LYS K 175 66.86 42.26 -27.47
CA LYS K 175 67.87 41.33 -26.98
C LYS K 175 67.65 39.93 -27.57
N LEU K 176 66.40 39.45 -27.52
CA LEU K 176 66.08 38.13 -28.06
C LEU K 176 66.42 38.05 -29.54
N LEU K 177 66.12 39.11 -30.30
CA LEU K 177 66.36 39.10 -31.73
C LEU K 177 67.85 39.10 -32.04
N SER K 178 68.63 39.93 -31.34
CA SER K 178 70.08 39.95 -31.59
C SER K 178 70.71 38.61 -31.25
N THR K 179 70.37 38.04 -30.10
CA THR K 179 70.94 36.76 -29.72
C THR K 179 70.48 35.65 -30.66
N LEU K 180 69.24 35.70 -31.14
CA LEU K 180 68.76 34.72 -32.11
C LEU K 180 69.52 34.84 -33.42
N GLY K 181 69.79 36.07 -33.87
CA GLY K 181 70.56 36.23 -35.09
C GLY K 181 71.97 35.69 -34.95
N GLU K 182 72.61 35.95 -33.81
CA GLU K 182 73.95 35.41 -33.59
C GLU K 182 73.93 33.89 -33.54
N PHE K 183 72.92 33.31 -32.88
CA PHE K 183 72.79 31.85 -32.84
C PHE K 183 72.59 31.27 -34.24
N LEU K 184 71.86 31.95 -35.09
CA LEU K 184 71.59 31.42 -36.41
C LEU K 184 72.84 31.44 -37.25
N GLU K 185 73.55 32.53 -37.21
CA GLU K 185 74.80 32.62 -37.93
C GLU K 185 75.85 31.64 -37.40
N ASP K 186 75.79 31.34 -36.12
CA ASP K 186 76.77 30.41 -35.57
C ASP K 186 76.43 28.95 -35.81
N HIS K 187 75.15 28.61 -35.97
CA HIS K 187 74.74 27.21 -36.05
C HIS K 187 74.02 26.83 -37.33
N PHE K 188 73.58 27.80 -38.13
CA PHE K 188 72.91 27.51 -39.41
C PHE K 188 73.45 28.44 -40.49
N PRO K 189 74.70 28.22 -40.92
CA PRO K 189 75.28 29.08 -41.95
C PRO K 189 74.97 28.60 -43.36
N LEU K 190 75.07 29.53 -44.30
CA LEU K 190 74.92 29.20 -45.71
C LEU K 190 76.10 28.33 -46.16
N PRO K 191 75.94 27.60 -47.27
CA PRO K 191 77.05 26.77 -47.77
C PRO K 191 78.32 27.56 -48.02
N ASP K 192 78.23 28.67 -48.73
CA ASP K 192 79.39 29.49 -49.05
C ASP K 192 79.19 30.94 -48.62
N VAL K 207 72.59 30.26 -58.11
CA VAL K 207 71.59 31.27 -57.75
C VAL K 207 72.02 32.02 -56.50
N ASN K 208 71.23 33.03 -56.12
CA ASN K 208 71.52 33.88 -54.97
C ASN K 208 70.62 33.47 -53.81
N LEU K 209 71.19 32.82 -52.81
CA LEU K 209 70.45 32.40 -51.63
C LEU K 209 70.39 33.53 -50.62
N ILE K 210 69.31 33.52 -49.83
CA ILE K 210 69.14 34.47 -48.74
C ILE K 210 69.45 33.76 -47.43
N THR K 211 69.79 34.54 -46.41
CA THR K 211 70.06 33.98 -45.10
C THR K 211 68.78 33.45 -44.47
N LEU K 212 68.95 32.51 -43.53
CA LEU K 212 67.81 32.02 -42.77
C LEU K 212 67.17 33.13 -41.95
N HIS K 213 67.97 34.14 -41.57
CA HIS K 213 67.43 35.29 -40.85
C HIS K 213 66.43 36.05 -41.71
N GLU K 214 66.78 36.30 -42.98
CA GLU K 214 65.87 36.99 -43.89
C GLU K 214 64.61 36.16 -44.15
N MET K 215 64.76 34.83 -44.23
CA MET K 215 63.60 33.97 -44.44
C MET K 215 62.66 34.03 -43.24
N LEU K 216 63.21 33.92 -42.03
CA LEU K 216 62.37 34.06 -40.83
C LEU K 216 61.73 35.44 -40.75
N GLU K 217 62.45 36.48 -41.17
CA GLU K 217 61.88 37.82 -41.17
C GLU K 217 60.71 37.93 -42.14
N ILE K 218 60.85 37.36 -43.33
CA ILE K 218 59.75 37.36 -44.29
C ILE K 218 58.55 36.62 -43.73
N LEU K 219 58.78 35.46 -43.13
CA LEU K 219 57.68 34.67 -42.56
C LEU K 219 56.97 35.45 -41.45
N ILE K 220 57.73 36.03 -40.53
CA ILE K 220 57.14 36.78 -39.42
C ILE K 220 56.39 38.00 -39.93
N ASN K 221 56.94 38.68 -40.94
CA ASN K 221 56.27 39.86 -41.48
C ASN K 221 54.96 39.49 -42.15
N ARG K 222 54.94 38.42 -42.94
CA ARG K 222 53.71 38.03 -43.62
C ARG K 222 52.68 37.47 -42.63
N LEU K 223 53.13 36.89 -41.52
CA LEU K 223 52.19 36.34 -40.55
C LEU K 223 51.31 37.43 -39.96
N PHE K 224 51.86 38.63 -39.75
CA PHE K 224 51.12 39.70 -39.11
C PHE K 224 50.63 40.78 -40.08
N ASP K 225 51.25 40.91 -41.25
CA ASP K 225 50.75 41.86 -42.23
C ASP K 225 49.48 41.34 -42.91
N VAL K 226 49.47 40.07 -43.28
CA VAL K 226 48.29 39.43 -43.87
C VAL K 226 47.86 38.29 -42.96
N PRO K 227 47.11 38.57 -41.89
CA PRO K 227 46.66 37.49 -41.00
C PRO K 227 45.68 36.54 -41.65
N HIS K 228 45.12 36.89 -42.81
CA HIS K 228 44.16 36.05 -43.51
C HIS K 228 44.80 35.20 -44.61
N ASP K 229 46.05 35.49 -44.96
CA ASP K 229 46.79 34.68 -45.93
C ASP K 229 48.28 34.81 -45.63
N PRO K 230 48.76 34.14 -44.59
CA PRO K 230 50.17 34.26 -44.20
C PRO K 230 51.13 33.40 -45.02
N TYR K 231 50.70 32.85 -46.14
CA TYR K 231 51.56 31.99 -46.95
C TYR K 231 52.43 32.82 -47.88
N VAL K 232 53.72 32.45 -47.94
CA VAL K 232 54.68 33.08 -48.82
C VAL K 232 55.19 32.03 -49.80
N LYS K 233 55.35 32.44 -51.06
CA LYS K 233 55.78 31.49 -52.08
C LYS K 233 57.26 31.16 -51.93
N ILE K 234 57.59 29.90 -52.17
CA ILE K 234 58.98 29.43 -52.06
C ILE K 234 59.69 29.70 -53.38
N SER K 235 60.68 30.58 -53.35
CA SER K 235 61.43 30.93 -54.54
C SER K 235 62.73 30.12 -54.60
N ASP K 236 63.56 30.41 -55.60
CA ASP K 236 64.84 29.71 -55.71
C ASP K 236 65.86 30.22 -54.70
N SER K 237 65.62 31.38 -54.10
CA SER K 237 66.50 31.92 -53.08
C SER K 237 66.34 31.24 -51.73
N PHE K 238 65.30 30.43 -51.54
CA PHE K 238 65.08 29.69 -50.30
C PHE K 238 65.89 28.40 -50.38
N TRP K 239 66.92 28.28 -49.54
CA TRP K 239 67.70 27.06 -49.48
C TRP K 239 66.80 25.92 -49.00
N PRO K 240 66.63 24.86 -49.79
CA PRO K 240 65.70 23.78 -49.41
C PRO K 240 66.04 23.16 -48.05
N PRO K 241 67.32 23.02 -47.68
CA PRO K 241 67.60 22.60 -46.30
C PRO K 241 66.99 23.51 -45.24
N TYR K 242 66.98 24.83 -45.48
CA TYR K 242 66.37 25.73 -44.51
C TYR K 242 64.86 25.50 -44.40
N VAL K 243 64.20 25.31 -45.55
CA VAL K 243 62.75 25.06 -45.53
C VAL K 243 62.45 23.76 -44.81
N GLU K 244 63.22 22.70 -45.10
CA GLU K 244 62.99 21.43 -44.41
C GLU K 244 63.31 21.52 -42.94
N LEU K 245 64.31 22.34 -42.56
CA LEU K 245 64.61 22.55 -41.15
C LEU K 245 63.44 23.22 -40.43
N LEU K 246 62.89 24.28 -41.05
CA LEU K 246 61.75 24.95 -40.44
C LEU K 246 60.52 24.05 -40.41
N LEU K 247 60.40 23.12 -41.36
CA LEU K 247 59.26 22.21 -41.37
C LEU K 247 59.39 21.12 -40.30
N ARG K 248 60.59 20.56 -40.12
CA ARG K 248 60.75 19.49 -39.14
C ARG K 248 60.55 19.98 -37.72
N ASN K 249 60.94 21.21 -37.42
CA ASN K 249 60.90 21.74 -36.06
C ASN K 249 59.61 22.50 -35.75
N GLY K 250 58.53 22.20 -36.49
CA GLY K 250 57.24 22.83 -36.24
C GLY K 250 57.20 24.32 -36.40
N ILE K 251 58.21 24.93 -37.01
CA ILE K 251 58.21 26.39 -37.15
C ILE K 251 57.40 26.81 -38.38
N ALA K 252 57.65 26.15 -39.50
CA ALA K 252 56.93 26.42 -40.75
C ALA K 252 55.93 25.29 -41.01
N LEU K 253 54.84 25.64 -41.68
CA LEU K 253 53.79 24.71 -42.04
C LEU K 253 53.51 24.81 -43.53
N ARG K 254 53.23 23.66 -44.15
CA ARG K 254 52.97 23.61 -45.58
C ARG K 254 51.49 23.89 -45.88
N HIS K 255 51.26 24.51 -47.04
CA HIS K 255 49.89 24.73 -47.49
C HIS K 255 49.22 23.41 -47.82
N PRO K 256 47.94 23.25 -47.49
CA PRO K 256 47.29 21.94 -47.71
C PRO K 256 47.28 21.49 -49.15
N GLU K 257 47.30 22.41 -50.12
CA GLU K 257 47.25 22.05 -51.52
C GLU K 257 48.43 22.59 -52.33
N ASP K 258 48.89 23.81 -52.05
CA ASP K 258 49.94 24.44 -52.83
C ASP K 258 51.30 24.10 -52.22
N PRO K 259 52.14 23.31 -52.89
CA PRO K 259 53.45 23.00 -52.31
C PRO K 259 54.42 24.17 -52.31
N THR K 260 54.23 25.16 -53.19
CA THR K 260 55.14 26.28 -53.29
C THR K 260 54.96 27.31 -52.18
N ARG K 261 54.03 27.09 -51.26
CA ARG K 261 53.73 28.07 -50.21
C ARG K 261 53.91 27.45 -48.83
N ILE K 262 54.51 28.22 -47.93
CA ILE K 262 54.64 27.85 -46.53
C ILE K 262 54.25 29.04 -45.69
N ARG K 263 53.77 28.77 -44.48
CA ARG K 263 53.38 29.79 -43.52
C ARG K 263 54.11 29.56 -42.21
N LEU K 264 54.04 30.55 -41.33
CA LEU K 264 54.65 30.46 -40.01
C LEU K 264 53.61 30.01 -38.99
N GLU K 265 54.02 29.11 -38.10
CA GLU K 265 53.12 28.64 -37.05
C GLU K 265 52.76 29.78 -36.12
N ALA K 266 51.47 30.04 -35.96
CA ALA K 266 50.98 31.13 -35.12
C ALA K 266 51.11 30.71 -33.66
N PHE K 267 52.28 30.97 -33.08
CA PHE K 267 52.53 30.62 -31.69
C PHE K 267 51.83 31.56 -30.72
N HIS K 268 51.44 32.75 -31.17
CA HIS K 268 50.77 33.72 -30.30
C HIS K 268 49.29 33.39 -30.09
N GLN K 269 48.80 32.30 -30.66
CA GLN K 269 47.39 31.94 -30.53
C GLN K 269 47.19 30.44 -30.71
N PRO L 26 28.89 37.44 10.22
CA PRO L 26 28.15 37.38 8.96
C PRO L 26 26.98 36.40 9.03
N LEU L 27 26.91 35.50 8.04
CA LEU L 27 25.84 34.50 8.03
C LEU L 27 26.02 33.51 9.18
N GLN L 28 27.27 33.27 9.57
CA GLN L 28 27.55 32.28 10.62
C GLN L 28 26.94 32.68 11.95
N LYS L 29 26.98 33.97 12.29
CA LYS L 29 26.50 34.39 13.61
C LYS L 29 25.00 34.19 13.75
N ARG L 30 24.23 34.69 12.78
CA ARG L 30 22.74 34.56 12.81
C ARG L 30 22.36 33.09 12.63
N LEU L 31 23.16 32.31 11.91
CA LEU L 31 22.92 30.87 11.80
C LEU L 31 23.11 30.18 13.15
N GLU L 32 24.16 30.56 13.88
CA GLU L 32 24.32 30.10 15.26
C GLU L 32 23.11 30.45 16.10
N SER L 33 22.64 31.70 15.99
CA SER L 33 21.50 32.11 16.79
C SER L 33 20.25 31.30 16.45
N VAL L 34 20.02 31.04 15.16
CA VAL L 34 18.79 30.37 14.76
C VAL L 34 18.81 28.91 15.16
N ARG L 35 19.99 28.26 15.13
CA ARG L 35 20.00 26.89 15.63
C ARG L 35 20.09 26.85 17.16
N LYS L 36 20.47 27.95 17.79
CA LYS L 36 20.32 28.05 19.24
C LYS L 36 18.86 28.13 19.62
N GLN L 37 18.06 28.87 18.86
CA GLN L 37 16.62 28.93 19.08
C GLN L 37 15.93 27.61 18.76
N SER L 38 16.59 26.73 18.02
CA SER L 38 16.01 25.45 17.60
C SER L 38 16.09 24.46 18.76
N SER L 39 15.02 24.42 19.56
CA SER L 39 14.90 23.50 20.68
C SER L 39 13.60 22.74 20.56
N PHE L 40 13.57 21.55 21.16
CA PHE L 40 12.39 20.68 21.12
C PHE L 40 11.38 21.12 22.17
N ILE L 41 11.01 22.39 22.08
CA ILE L 41 10.02 22.97 22.99
C ILE L 41 8.75 23.43 22.28
N LEU L 42 8.83 23.87 21.03
CA LEU L 42 7.67 24.38 20.30
C LEU L 42 6.76 23.23 19.90
N THR L 43 5.46 23.52 19.83
CA THR L 43 4.50 22.50 19.43
C THR L 43 4.67 22.17 17.95
N PRO L 44 4.40 20.93 17.54
CA PRO L 44 4.46 20.59 16.12
C PRO L 44 3.35 21.29 15.36
N PRO L 45 3.69 22.13 14.39
CA PRO L 45 2.66 22.87 13.64
C PRO L 45 1.82 21.95 12.78
N ARG L 46 0.56 22.35 12.59
CA ARG L 46 -0.32 21.62 11.71
C ARG L 46 0.14 21.78 10.25
N ARG L 47 -0.21 20.80 9.43
CA ARG L 47 0.21 20.76 8.04
C ARG L 47 -1.01 20.78 7.12
N LYS L 48 -0.89 21.55 6.04
CA LYS L 48 -1.97 21.67 5.08
C LYS L 48 -2.02 20.44 4.17
N ILE L 49 -3.19 19.84 4.05
CA ILE L 49 -3.34 18.64 3.23
C ILE L 49 -3.14 19.02 1.76
N PRO L 50 -2.27 18.32 1.03
CA PRO L 50 -2.12 18.60 -0.39
C PRO L 50 -3.40 18.30 -1.16
N GLN L 51 -3.63 19.09 -2.20
CA GLN L 51 -4.81 18.97 -3.05
C GLN L 51 -4.42 18.33 -4.38
N CYS L 52 -5.42 17.84 -5.11
CA CYS L 52 -5.18 17.25 -6.42
C CYS L 52 -4.61 18.29 -7.36
N SER L 53 -3.32 18.15 -7.71
CA SER L 53 -2.64 19.10 -8.56
C SER L 53 -2.04 18.37 -9.75
N GLN L 54 -2.45 18.75 -10.95
CA GLN L 54 -1.92 18.14 -12.16
C GLN L 54 -0.47 18.54 -12.37
N LEU L 55 0.23 17.74 -13.17
CA LEU L 55 1.63 18.03 -13.46
C LEU L 55 1.77 19.37 -14.16
N GLN L 56 2.83 20.09 -13.80
CA GLN L 56 3.02 21.44 -14.34
C GLN L 56 3.40 21.39 -15.82
N GLU L 57 3.23 22.52 -16.48
CA GLU L 57 3.47 22.59 -17.93
C GLU L 57 4.93 22.30 -18.27
N ASP L 58 5.87 22.85 -17.51
CA ASP L 58 7.29 22.57 -17.76
C ASP L 58 7.66 21.14 -17.41
N VAL L 59 6.82 20.47 -16.61
CA VAL L 59 7.10 19.10 -16.24
C VAL L 59 6.81 18.18 -17.41
N ASP L 60 7.83 17.42 -17.82
CA ASP L 60 7.66 16.48 -18.92
C ASP L 60 7.02 15.21 -18.40
N PRO L 61 5.87 14.78 -18.95
CA PRO L 61 5.24 13.55 -18.44
C PRO L 61 6.11 12.31 -18.59
N GLN L 62 6.91 12.22 -19.65
CA GLN L 62 7.73 11.04 -19.85
C GLN L 62 8.84 10.96 -18.79
N LYS L 63 9.46 12.10 -18.47
CA LYS L 63 10.54 12.09 -17.48
C LYS L 63 10.04 11.66 -16.12
N VAL L 64 8.91 12.22 -15.67
CA VAL L 64 8.38 11.83 -14.37
C VAL L 64 7.87 10.40 -14.40
N ALA L 65 7.26 9.98 -15.52
CA ALA L 65 6.82 8.60 -15.66
C ALA L 65 7.98 7.64 -15.50
N PHE L 66 9.14 7.99 -16.05
CA PHE L 66 10.36 7.24 -15.74
C PHE L 66 10.70 7.35 -14.26
N LEU L 67 10.56 8.54 -13.68
CA LEU L 67 10.87 8.71 -12.26
C LEU L 67 9.86 7.99 -11.39
N LEU L 68 8.56 8.17 -11.65
CA LEU L 68 7.54 7.50 -10.87
C LEU L 68 7.56 6.00 -11.14
N HIS L 69 6.89 5.26 -10.26
CA HIS L 69 6.84 3.80 -10.34
C HIS L 69 8.24 3.21 -10.30
N LYS L 70 9.11 3.79 -9.47
CA LYS L 70 10.47 3.31 -9.28
C LYS L 70 10.86 3.50 -7.82
N GLN L 71 11.87 2.74 -7.39
CA GLN L 71 12.34 2.75 -6.02
C GLN L 71 13.50 3.74 -5.91
N TRP L 72 13.47 4.57 -4.86
CA TRP L 72 14.49 5.58 -4.65
C TRP L 72 15.05 5.51 -3.23
N THR L 73 16.36 5.70 -3.11
CA THR L 73 17.05 5.78 -1.84
C THR L 73 17.38 7.24 -1.53
N LEU L 74 17.12 7.62 -0.28
CA LEU L 74 17.19 9.01 0.15
C LEU L 74 18.60 9.36 0.63
N TYR L 75 19.01 10.60 0.35
CA TYR L 75 20.29 11.11 0.83
C TYR L 75 20.16 12.61 1.09
N SER L 76 20.67 13.04 2.24
CA SER L 76 20.72 14.44 2.61
C SER L 76 22.07 15.02 2.24
N LEU L 77 22.06 16.27 1.76
CA LEU L 77 23.23 16.89 1.17
C LEU L 77 23.43 18.30 1.71
N THR L 78 24.68 18.64 2.02
CA THR L 78 25.04 20.02 2.29
C THR L 78 25.05 20.82 1.00
N PRO L 79 24.81 22.13 1.08
CA PRO L 79 24.67 22.93 -0.16
C PRO L 79 25.91 22.84 -1.04
N LEU L 80 25.66 22.77 -2.35
CA LEU L 80 26.73 22.68 -3.33
C LEU L 80 27.59 23.94 -3.29
N TYR L 81 28.89 23.75 -3.53
CA TYR L 81 29.82 24.87 -3.62
C TYR L 81 30.20 25.09 -5.07
N LYS L 82 29.86 26.27 -5.59
CA LYS L 82 30.21 26.67 -6.94
C LYS L 82 29.69 25.65 -7.97
N PHE L 83 28.37 25.51 -8.00
CA PHE L 83 27.69 24.62 -8.93
C PHE L 83 27.02 25.45 -10.01
N SER L 84 27.33 25.14 -11.27
CA SER L 84 26.77 25.84 -12.41
C SER L 84 25.97 24.87 -13.26
N TYR L 85 24.80 25.31 -13.74
CA TYR L 85 23.95 24.45 -14.55
C TYR L 85 24.36 24.45 -16.01
N SER L 86 25.34 25.27 -16.39
CA SER L 86 25.71 25.40 -17.79
C SER L 86 26.72 24.33 -18.21
N ASN L 87 27.75 24.12 -17.40
CA ASN L 87 28.84 23.22 -17.76
C ASN L 87 28.51 21.77 -17.38
N LEU L 88 27.34 21.32 -17.84
CA LEU L 88 26.90 19.96 -17.54
C LEU L 88 27.75 18.93 -18.28
N LYS L 89 28.15 19.24 -19.52
CA LYS L 89 28.99 18.31 -20.28
C LYS L 89 30.33 18.11 -19.59
N GLU L 90 30.88 19.18 -19.00
CA GLU L 90 32.12 19.06 -18.26
C GLU L 90 31.95 18.10 -17.08
N TYR L 91 30.85 18.23 -16.36
CA TYR L 91 30.58 17.31 -15.25
C TYR L 91 30.45 15.87 -15.76
N SER L 92 29.75 15.69 -16.87
CA SER L 92 29.56 14.34 -17.40
C SER L 92 30.90 13.70 -17.77
N ARG L 93 31.76 14.46 -18.45
CA ARG L 93 33.05 13.90 -18.84
C ARG L 93 33.95 13.68 -17.63
N LEU L 94 33.84 14.54 -16.61
CA LEU L 94 34.62 14.33 -15.39
C LEU L 94 34.19 13.06 -14.67
N LEU L 95 32.88 12.83 -14.56
CA LEU L 95 32.40 11.59 -13.97
C LEU L 95 32.82 10.38 -14.79
N ASN L 96 32.77 10.48 -16.11
CA ASN L 96 33.22 9.38 -16.96
C ASN L 96 34.69 9.07 -16.73
N ALA L 97 35.52 10.13 -16.65
CA ALA L 97 36.94 9.94 -16.39
C ALA L 97 37.18 9.30 -15.02
N PHE L 98 36.44 9.74 -14.01
CA PHE L 98 36.59 9.13 -12.69
C PHE L 98 36.19 7.66 -12.71
N ILE L 99 35.12 7.33 -13.43
CA ILE L 99 34.66 5.94 -13.48
C ILE L 99 35.69 5.07 -14.18
N VAL L 100 36.22 5.54 -15.31
CA VAL L 100 37.20 4.73 -16.04
C VAL L 100 38.50 4.64 -15.25
N ALA L 101 38.81 5.65 -14.45
CA ALA L 101 39.95 5.56 -13.55
C ALA L 101 39.71 4.51 -12.47
N GLU L 102 38.49 4.43 -11.95
CA GLU L 102 38.16 3.40 -10.98
C GLU L 102 38.29 2.00 -11.59
N LYS L 103 37.87 1.84 -12.84
CA LYS L 103 37.97 0.56 -13.53
C LYS L 103 39.42 0.26 -13.90
N ASN L 116 32.26 0.66 -21.77
CA ASN L 116 31.05 0.60 -22.59
C ASN L 116 29.87 1.25 -21.87
N ILE L 117 30.16 2.31 -21.11
CA ILE L 117 29.13 3.04 -20.38
C ILE L 117 29.33 4.53 -20.60
N LYS L 118 28.27 5.29 -20.38
CA LYS L 118 28.26 6.72 -20.60
C LYS L 118 27.44 7.40 -19.51
N VAL L 119 27.77 8.65 -19.24
CA VAL L 119 27.11 9.45 -18.20
C VAL L 119 26.41 10.61 -18.88
N ILE L 120 25.12 10.78 -18.58
CA ILE L 120 24.28 11.79 -19.21
C ILE L 120 23.72 12.72 -18.14
N PHE L 121 23.87 14.03 -18.36
CA PHE L 121 23.31 15.04 -17.48
C PHE L 121 22.12 15.70 -18.17
N SER L 122 21.01 15.83 -17.43
CA SER L 122 19.81 16.47 -17.97
C SER L 122 19.28 17.46 -16.95
N THR L 123 18.57 18.47 -17.43
CA THR L 123 17.98 19.50 -16.59
C THR L 123 16.46 19.35 -16.60
N LEU L 124 15.86 19.24 -15.42
CA LEU L 124 14.44 18.93 -15.28
C LEU L 124 13.73 20.15 -14.70
N LEU L 125 12.68 20.60 -15.40
CA LEU L 125 11.96 21.80 -15.02
C LEU L 125 10.64 21.45 -14.34
N GLY L 126 10.18 22.37 -13.48
CA GLY L 126 8.84 22.33 -12.96
C GLY L 126 8.66 21.66 -11.61
N MET L 127 9.70 21.11 -11.02
CA MET L 127 9.60 20.46 -9.72
C MET L 127 10.32 21.21 -8.61
N LYS L 128 10.40 22.53 -8.70
CA LYS L 128 10.88 23.34 -7.59
C LYS L 128 9.68 23.92 -6.84
N GLY L 129 9.75 23.86 -5.51
CA GLY L 129 8.63 24.35 -4.70
C GLY L 129 8.38 25.83 -4.90
N THR L 130 9.44 26.63 -4.87
CA THR L 130 9.35 28.07 -5.08
C THR L 130 10.44 28.49 -6.07
N GLN L 131 10.39 29.77 -6.46
CA GLN L 131 11.44 30.32 -7.32
C GLN L 131 12.77 30.36 -6.59
N ARG L 132 12.75 30.46 -5.26
CA ARG L 132 13.99 30.41 -4.49
C ARG L 132 14.68 29.06 -4.62
N ASP L 133 13.91 27.98 -4.64
CA ASP L 133 14.50 26.65 -4.79
C ASP L 133 15.20 26.54 -6.14
N PRO L 134 16.44 26.05 -6.17
CA PRO L 134 17.19 25.99 -7.42
C PRO L 134 16.62 24.94 -8.37
N GLU L 135 17.03 25.05 -9.62
CA GLU L 135 16.61 24.12 -10.67
C GLU L 135 17.10 22.71 -10.36
N ALA L 136 16.28 21.72 -10.71
CA ALA L 136 16.59 20.32 -10.47
C ALA L 136 17.17 19.68 -11.73
N PHE L 137 17.93 18.61 -11.54
CA PHE L 137 18.60 17.96 -12.65
C PHE L 137 18.75 16.48 -12.35
N LEU L 138 19.02 15.71 -13.42
CA LEU L 138 19.14 14.27 -13.36
C LEU L 138 20.49 13.84 -13.92
N VAL L 139 21.04 12.78 -13.36
CA VAL L 139 22.25 12.16 -13.88
C VAL L 139 21.96 10.68 -14.13
N GLN L 140 22.36 10.19 -15.29
CA GLN L 140 22.02 8.83 -15.70
C GLN L 140 23.27 8.10 -16.19
N ILE L 141 23.32 6.80 -15.95
CA ILE L 141 24.37 5.93 -16.46
C ILE L 141 23.72 5.00 -17.49
N VAL L 142 24.20 5.07 -18.73
CA VAL L 142 23.64 4.29 -19.83
C VAL L 142 24.72 3.38 -20.38
N SER L 143 24.43 2.08 -20.46
CA SER L 143 25.36 1.10 -20.99
C SER L 143 25.13 0.97 -22.49
N LYS L 144 26.08 1.45 -23.28
CA LYS L 144 25.97 1.41 -24.72
C LYS L 144 26.26 0.02 -25.27
N LYS L 155 20.08 1.35 -22.09
CA LYS L 155 19.68 0.70 -20.87
C LYS L 155 20.26 1.41 -19.65
N VAL L 156 19.44 2.24 -19.00
CA VAL L 156 19.91 3.01 -17.86
C VAL L 156 20.02 2.10 -16.64
N LEU L 157 21.18 2.17 -15.97
CA LEU L 157 21.43 1.34 -14.80
C LEU L 157 21.48 2.11 -13.49
N TRP L 158 21.86 3.39 -13.50
CA TRP L 158 21.98 4.15 -12.27
C TRP L 158 21.51 5.57 -12.52
N THR L 159 20.59 6.04 -11.66
CA THR L 159 19.99 7.35 -11.79
C THR L 159 20.15 8.10 -10.48
N GLY L 160 20.48 9.39 -10.60
CA GLY L 160 20.61 10.26 -9.45
C GLY L 160 19.85 11.55 -9.67
N TRP L 161 19.10 11.95 -8.65
CA TRP L 161 18.23 13.14 -8.71
C TRP L 161 18.62 14.07 -7.58
N PHE L 162 18.89 15.34 -7.92
CA PHE L 162 19.19 16.38 -6.95
C PHE L 162 18.08 17.42 -7.00
N CYS L 163 17.48 17.70 -5.84
CA CYS L 163 16.31 18.56 -5.81
C CYS L 163 16.11 19.15 -4.41
N CYS L 164 15.22 20.14 -4.36
CA CYS L 164 14.83 20.82 -3.13
C CYS L 164 13.48 21.50 -3.38
N VAL L 165 12.47 21.17 -2.59
CA VAL L 165 11.12 21.68 -2.78
C VAL L 165 10.67 22.34 -1.49
N PHE L 166 10.28 23.62 -1.58
CA PHE L 166 9.83 24.41 -0.43
C PHE L 166 10.92 24.52 0.64
N GLY L 167 12.15 24.23 0.28
CA GLY L 167 13.24 24.34 1.22
C GLY L 167 13.90 25.70 1.16
N ASP L 168 13.50 26.59 2.07
CA ASP L 168 14.00 27.95 2.08
C ASP L 168 14.83 28.29 3.31
N SER L 169 14.64 27.57 4.43
CA SER L 169 15.42 27.85 5.63
C SER L 169 16.91 27.68 5.36
N LEU L 170 17.28 26.60 4.65
CA LEU L 170 18.65 26.47 4.19
C LEU L 170 19.01 27.56 3.20
N LEU L 171 18.08 27.89 2.29
CA LEU L 171 18.33 28.96 1.34
C LEU L 171 18.37 30.32 2.01
N GLU L 172 17.77 30.44 3.20
CA GLU L 172 17.74 31.75 3.91
C GLU L 172 19.05 31.92 4.70
N THR L 173 19.75 30.82 4.96
CA THR L 173 21.00 30.88 5.70
C THR L 173 22.22 30.57 4.85
N VAL L 174 22.16 30.84 3.54
CA VAL L 174 23.25 30.48 2.64
C VAL L 174 23.69 31.74 1.88
N SER L 175 24.95 31.72 1.45
CA SER L 175 25.49 32.82 0.67
C SER L 175 25.13 32.62 -0.80
N GLU L 176 25.58 33.54 -1.67
CA GLU L 176 25.22 33.50 -3.08
C GLU L 176 25.97 32.43 -3.86
N ASP L 177 27.18 32.07 -3.43
CA ASP L 177 27.99 31.13 -4.20
C ASP L 177 27.37 29.74 -4.21
N PHE L 178 26.73 29.33 -3.11
CA PHE L 178 26.30 27.96 -2.98
C PHE L 178 24.97 27.72 -3.69
N THR L 179 24.75 26.45 -4.05
CA THR L 179 23.49 25.97 -4.60
C THR L 179 22.89 24.97 -3.63
N CYS L 180 21.64 25.18 -3.24
CA CYS L 180 20.99 24.39 -2.20
C CYS L 180 20.02 23.40 -2.82
N LEU L 181 20.49 22.18 -3.05
CA LEU L 181 19.64 21.05 -3.43
C LEU L 181 19.96 19.91 -2.50
N PRO L 182 19.52 19.99 -1.24
CA PRO L 182 19.90 19.00 -0.23
C PRO L 182 19.23 17.64 -0.37
N LEU L 183 18.40 17.42 -1.38
CA LEU L 183 17.69 16.15 -1.51
C LEU L 183 18.30 15.37 -2.66
N PHE L 184 18.71 14.13 -2.37
CA PHE L 184 19.27 13.26 -3.40
C PHE L 184 18.51 11.95 -3.41
N LEU L 185 18.11 11.51 -4.59
CA LEU L 185 17.43 10.24 -4.80
C LEU L 185 18.29 9.36 -5.69
N ALA L 186 18.61 8.16 -5.22
CA ALA L 186 19.47 7.24 -5.95
C ALA L 186 18.66 6.02 -6.36
N ASN L 187 18.91 5.51 -7.56
CA ASN L 187 18.27 4.29 -8.03
C ASN L 187 19.26 3.53 -8.91
N GLY L 188 19.80 2.44 -8.39
CA GLY L 188 20.73 1.63 -9.14
C GLY L 188 21.63 0.86 -8.20
N ALA L 189 22.76 0.40 -8.75
CA ALA L 189 23.70 -0.37 -7.96
C ALA L 189 24.35 0.49 -6.89
N GLU L 190 24.62 -0.13 -5.74
CA GLU L 190 25.21 0.59 -4.62
C GLU L 190 26.66 1.00 -4.93
N SER L 191 27.37 0.20 -5.71
CA SER L 191 28.75 0.55 -6.06
C SER L 191 28.79 1.84 -6.88
N ASN L 192 27.87 1.98 -7.85
CA ASN L 192 27.81 3.22 -8.62
C ASN L 192 27.48 4.40 -7.72
N THR L 193 26.55 4.20 -6.78
CA THR L 193 26.20 5.28 -5.84
C THR L 193 27.40 5.69 -5.01
N ALA L 194 28.17 4.72 -4.52
CA ALA L 194 29.37 5.04 -3.75
C ALA L 194 30.39 5.78 -4.60
N ILE L 195 30.56 5.38 -5.86
CA ILE L 195 31.53 6.05 -6.74
C ILE L 195 31.10 7.50 -6.97
N ILE L 196 29.82 7.71 -7.27
CA ILE L 196 29.32 9.05 -7.52
C ILE L 196 29.46 9.90 -6.26
N GLY L 197 29.17 9.31 -5.09
CA GLY L 197 29.35 10.03 -3.85
C GLY L 197 30.79 10.43 -3.60
N THR L 198 31.72 9.52 -3.91
CA THR L 198 33.14 9.84 -3.77
C THR L 198 33.53 10.99 -4.68
N TRP L 199 33.06 10.96 -5.93
CA TRP L 199 33.35 12.05 -6.85
C TRP L 199 32.80 13.37 -6.33
N PHE L 200 31.57 13.36 -5.82
CA PHE L 200 30.95 14.59 -5.34
C PHE L 200 31.66 15.11 -4.09
N GLN L 201 32.09 14.20 -3.21
CA GLN L 201 32.85 14.61 -2.04
C GLN L 201 34.17 15.26 -2.44
N LYS L 202 34.86 14.68 -3.42
CA LYS L 202 36.12 15.28 -3.88
C LYS L 202 35.88 16.61 -4.57
N THR L 203 34.79 16.73 -5.33
CA THR L 203 34.57 17.92 -6.16
C THR L 203 33.97 19.08 -5.38
N PHE L 204 32.77 18.89 -4.83
CA PHE L 204 32.00 20.00 -4.29
C PHE L 204 32.11 20.14 -2.77
N ASP L 205 32.94 19.34 -2.11
CA ASP L 205 33.18 19.44 -0.67
C ASP L 205 31.88 19.29 0.11
N CYS L 206 31.31 18.10 0.01
CA CYS L 206 30.02 17.79 0.60
C CYS L 206 29.94 16.29 0.81
N TYR L 207 28.98 15.85 1.62
CA TYR L 207 28.66 14.43 1.75
C TYR L 207 27.17 14.20 1.58
N PHE L 208 26.84 12.96 1.19
CA PHE L 208 25.49 12.43 1.31
C PHE L 208 25.37 11.67 2.62
N SER L 209 24.31 11.95 3.37
CA SER L 209 24.05 11.21 4.61
C SER L 209 22.78 10.41 4.40
N PRO L 210 22.79 9.10 4.70
CA PRO L 210 21.57 8.30 4.53
C PRO L 210 20.49 8.78 5.47
N LEU L 211 19.46 9.41 4.91
CA LEU L 211 18.39 9.98 5.69
C LEU L 211 17.53 8.87 6.27
N ALA L 212 17.18 9.01 7.55
CA ALA L 212 16.40 8.02 8.26
C ALA L 212 15.06 8.62 8.65
N ILE L 213 14.03 7.78 8.71
CA ILE L 213 12.69 8.20 9.07
C ILE L 213 12.25 7.38 10.28
N ASN L 214 11.82 8.06 11.34
CA ASN L 214 11.37 7.39 12.55
C ASN L 214 9.90 7.02 12.45
N ALA L 215 9.38 6.42 13.53
CA ALA L 215 7.98 6.00 13.53
C ALA L 215 7.04 7.20 13.58
N PHE L 216 7.41 8.24 14.33
CA PHE L 216 6.58 9.44 14.41
C PHE L 216 6.39 10.08 13.04
N ASN L 217 7.50 10.32 12.35
CA ASN L 217 7.43 10.94 11.02
C ASN L 217 6.69 10.05 10.04
N LEU L 218 6.92 8.74 10.10
CA LEU L 218 6.26 7.83 9.17
C LEU L 218 4.77 7.78 9.41
N SER L 219 4.33 7.78 10.67
CA SER L 219 2.90 7.83 10.97
C SER L 219 2.30 9.16 10.50
N TRP L 220 3.00 10.27 10.73
CA TRP L 220 2.52 11.56 10.24
C TRP L 220 2.34 11.55 8.74
N MET L 221 3.32 11.04 8.00
CA MET L 221 3.21 11.04 6.55
C MET L 221 2.15 10.06 6.08
N ALA L 222 1.98 8.94 6.79
CA ALA L 222 0.89 8.02 6.49
C ALA L 222 -0.46 8.73 6.57
N ALA L 223 -0.68 9.45 7.67
CA ALA L 223 -1.90 10.24 7.79
C ALA L 223 -1.98 11.29 6.69
N MET L 224 -0.83 11.85 6.30
CA MET L 224 -0.82 12.89 5.30
C MET L 224 -1.31 12.37 3.95
N TRP L 225 -0.82 11.20 3.52
CA TRP L 225 -1.31 10.72 2.22
C TRP L 225 -2.68 10.06 2.34
N THR L 226 -3.05 9.51 3.50
CA THR L 226 -4.41 8.99 3.60
C THR L 226 -5.42 10.13 3.66
N ALA L 227 -4.94 11.35 3.95
CA ALA L 227 -5.80 12.52 3.81
C ALA L 227 -5.97 12.91 2.35
N CYS L 228 -4.98 12.60 1.51
CA CYS L 228 -5.06 12.94 0.10
C CYS L 228 -6.19 12.17 -0.57
N LYS L 229 -6.87 12.84 -1.50
CA LYS L 229 -7.99 12.25 -2.22
C LYS L 229 -7.49 11.64 -3.53
N MET L 230 -7.74 10.35 -3.70
CA MET L 230 -7.35 9.63 -4.90
C MET L 230 -8.60 9.18 -5.65
N ASP L 231 -8.73 9.59 -6.90
CA ASP L 231 -9.89 9.19 -7.70
C ASP L 231 -9.91 7.69 -7.95
N HIS L 232 -8.74 7.11 -8.23
CA HIS L 232 -8.62 5.70 -8.56
C HIS L 232 -7.85 4.99 -7.45
N TYR L 233 -8.57 4.32 -6.56
CA TYR L 233 -7.93 3.54 -5.51
C TYR L 233 -7.33 2.28 -6.12
N VAL L 234 -6.06 2.36 -6.51
CA VAL L 234 -5.39 1.28 -7.21
C VAL L 234 -4.45 0.49 -6.30
N ALA L 235 -4.34 0.86 -5.03
CA ALA L 235 -3.45 0.14 -4.11
C ALA L 235 -3.99 0.32 -2.70
N THR L 236 -4.37 -0.79 -2.07
CA THR L 236 -4.84 -0.74 -0.69
C THR L 236 -3.71 -0.31 0.23
N THR L 237 -4.06 0.49 1.25
CA THR L 237 -3.05 0.92 2.21
C THR L 237 -2.52 -0.27 2.99
N GLU L 238 -1.25 -0.20 3.36
CA GLU L 238 -0.59 -1.32 4.03
C GLU L 238 0.53 -0.79 4.91
N PHE L 239 0.58 -1.31 6.14
CA PHE L 239 1.57 -0.94 7.13
C PHE L 239 2.40 -2.17 7.45
N LEU L 240 3.67 -1.96 7.79
CA LEU L 240 4.57 -3.05 8.13
C LEU L 240 5.27 -2.75 9.45
N TRP L 241 5.38 -3.75 10.31
CA TRP L 241 6.00 -3.60 11.61
C TRP L 241 7.12 -4.62 11.79
N SER L 242 7.89 -4.42 12.86
CA SER L 242 9.01 -5.31 13.16
C SER L 242 9.21 -5.34 14.67
N VAL L 243 8.99 -6.50 15.28
CA VAL L 243 9.22 -6.66 16.73
C VAL L 243 10.72 -6.59 17.00
N PRO L 244 11.17 -5.82 18.00
CA PRO L 244 12.61 -5.77 18.28
C PRO L 244 13.11 -7.03 18.98
N CYS L 245 13.94 -7.80 18.28
CA CYS L 245 14.48 -9.03 18.80
C CYS L 245 15.75 -9.36 18.03
N SER L 246 16.77 -9.82 18.76
CA SER L 246 18.05 -10.11 18.12
C SER L 246 17.93 -11.20 17.06
N PRO L 247 17.30 -12.35 17.31
CA PRO L 247 16.94 -13.22 16.19
C PRO L 247 15.77 -12.64 15.42
N GLN L 248 15.77 -12.88 14.12
CA GLN L 248 14.69 -12.37 13.28
C GLN L 248 13.37 -13.00 13.68
N SER L 249 12.36 -12.15 13.88
CA SER L 249 11.09 -12.57 14.44
C SER L 249 9.96 -12.11 13.53
N LEU L 250 8.74 -12.25 14.03
CA LEU L 250 7.55 -11.95 13.25
C LEU L 250 7.53 -10.49 12.80
N ASP L 251 7.07 -10.26 11.58
CA ASP L 251 6.95 -8.92 11.01
C ASP L 251 5.49 -8.76 10.56
N ILE L 252 4.71 -8.03 11.37
CA ILE L 252 3.29 -7.90 11.11
C ILE L 252 3.05 -6.94 9.95
N SER L 253 2.24 -7.38 8.98
CA SER L 253 1.79 -6.53 7.89
C SER L 253 0.27 -6.40 7.99
N PHE L 254 -0.21 -5.16 8.06
CA PHE L 254 -1.60 -4.86 8.31
C PHE L 254 -2.15 -4.06 7.13
N ALA L 255 -3.19 -4.57 6.48
CA ALA L 255 -3.72 -3.95 5.27
C ALA L 255 -5.19 -3.58 5.49
N ILE L 256 -5.58 -2.43 4.97
CA ILE L 256 -6.94 -1.93 5.09
C ILE L 256 -7.45 -1.57 3.69
N HIS L 257 -8.70 -1.96 3.43
CA HIS L 257 -9.33 -1.62 2.17
C HIS L 257 -9.41 -0.10 2.03
N PRO L 258 -9.15 0.44 0.83
CA PRO L 258 -9.11 1.91 0.70
C PRO L 258 -10.41 2.60 1.10
N GLU L 259 -11.56 2.00 0.81
CA GLU L 259 -12.82 2.59 1.23
C GLU L 259 -12.95 2.63 2.74
N ASP L 260 -12.61 1.52 3.42
CA ASP L 260 -12.66 1.50 4.87
C ASP L 260 -11.68 2.48 5.47
N ALA L 261 -10.48 2.57 4.90
CA ALA L 261 -9.48 3.51 5.39
C ALA L 261 -9.96 4.94 5.24
N LYS L 262 -10.53 5.28 4.09
CA LYS L 262 -11.01 6.64 3.88
C LYS L 262 -12.17 6.97 4.82
N ALA L 263 -13.08 6.00 5.02
CA ALA L 263 -14.19 6.24 5.95
C ALA L 263 -13.69 6.47 7.36
N LEU L 264 -12.74 5.64 7.82
CA LEU L 264 -12.20 5.81 9.16
C LEU L 264 -11.47 7.14 9.29
N TRP L 265 -10.73 7.52 8.25
CA TRP L 265 -10.04 8.81 8.26
C TRP L 265 -11.01 9.95 8.39
N ASP L 266 -12.06 9.96 7.55
CA ASP L 266 -13.05 11.03 7.62
C ASP L 266 -13.77 11.02 8.96
N SER L 267 -13.93 9.86 9.58
CA SER L 267 -14.47 9.80 10.93
C SER L 267 -13.54 10.50 11.92
N VAL L 268 -12.22 10.31 11.75
CA VAL L 268 -11.26 10.89 12.67
C VAL L 268 -10.67 12.17 12.09
N HIS L 269 -11.33 12.73 11.07
CA HIS L 269 -10.92 13.98 10.47
C HIS L 269 -11.76 15.10 11.06
N LYS L 270 -11.11 16.06 11.70
CA LYS L 270 -11.79 17.19 12.33
C LYS L 270 -11.54 18.51 11.62
N THR L 271 -10.29 18.89 11.44
CA THR L 271 -9.99 20.15 10.75
C THR L 271 -9.95 19.90 9.24
N PRO L 272 -10.84 20.51 8.47
CA PRO L 272 -10.86 20.26 7.01
C PRO L 272 -9.68 20.90 6.31
N GLY L 273 -9.03 20.12 5.45
CA GLY L 273 -7.88 20.58 4.72
C GLY L 273 -6.61 20.68 5.52
N GLU L 274 -6.59 20.18 6.75
CA GLU L 274 -5.41 20.27 7.60
C GLU L 274 -5.31 18.99 8.43
N VAL L 275 -4.08 18.61 8.74
CA VAL L 275 -3.79 17.46 9.59
C VAL L 275 -3.11 17.95 10.85
N THR L 276 -3.54 17.43 11.99
CA THR L 276 -3.07 17.85 13.30
C THR L 276 -2.58 16.62 14.07
N GLN L 277 -1.68 16.86 15.03
CA GLN L 277 -1.11 15.77 15.81
C GLN L 277 -2.18 14.94 16.50
N GLU L 278 -3.26 15.59 16.96
CA GLU L 278 -4.33 14.84 17.59
C GLU L 278 -4.99 13.89 16.59
N GLU L 279 -5.14 14.32 15.32
CA GLU L 279 -5.69 13.44 14.31
C GLU L 279 -4.81 12.21 14.11
N VAL L 280 -3.50 12.40 14.01
CA VAL L 280 -2.58 11.29 13.81
C VAL L 280 -2.63 10.35 15.01
N ASP L 281 -2.63 10.91 16.22
CA ASP L 281 -2.64 10.10 17.42
C ASP L 281 -3.92 9.28 17.52
N LEU L 282 -5.07 9.88 17.21
CA LEU L 282 -6.32 9.13 17.25
C LEU L 282 -6.38 8.09 16.14
N PHE L 283 -5.78 8.38 14.98
CA PHE L 283 -5.71 7.39 13.92
C PHE L 283 -4.94 6.16 14.38
N MET L 284 -3.75 6.38 14.93
CA MET L 284 -2.95 5.28 15.46
C MET L 284 -3.68 4.56 16.59
N ASP L 285 -4.34 5.32 17.47
CA ASP L 285 -5.05 4.70 18.59
C ASP L 285 -6.19 3.83 18.11
N CYS L 286 -6.93 4.28 17.10
CA CYS L 286 -8.02 3.48 16.55
C CYS L 286 -7.48 2.20 15.91
N LEU L 287 -6.37 2.31 15.17
CA LEU L 287 -5.78 1.12 14.57
C LEU L 287 -5.32 0.14 15.66
N TYR L 288 -4.67 0.66 16.70
CA TYR L 288 -4.20 -0.19 17.77
C TYR L 288 -5.36 -0.84 18.51
N SER L 289 -6.44 -0.09 18.76
CA SER L 289 -7.60 -0.65 19.44
C SER L 289 -8.25 -1.73 18.60
N HIS L 290 -8.36 -1.50 17.29
CA HIS L 290 -8.89 -2.53 16.40
C HIS L 290 -8.04 -3.78 16.44
N PHE L 291 -6.72 -3.62 16.39
CA PHE L 291 -5.83 -4.77 16.39
C PHE L 291 -5.93 -5.54 17.71
N HIS L 292 -6.03 -4.81 18.82
CA HIS L 292 -6.11 -5.46 20.12
C HIS L 292 -7.47 -6.13 20.32
N ARG L 293 -8.53 -5.52 19.80
CA ARG L 293 -9.85 -6.16 19.82
C ARG L 293 -9.82 -7.45 19.01
N HIS L 294 -9.12 -7.44 17.89
CA HIS L 294 -9.00 -8.66 17.08
C HIS L 294 -8.20 -9.74 17.80
N PHE L 295 -7.02 -9.40 18.32
CA PHE L 295 -6.04 -10.41 18.72
C PHE L 295 -5.50 -10.25 20.13
N LYS L 296 -5.93 -9.21 20.87
CA LYS L 296 -5.41 -8.95 22.21
C LYS L 296 -3.88 -8.82 22.20
N ILE L 297 -3.35 -8.22 21.14
CA ILE L 297 -1.92 -7.99 21.00
C ILE L 297 -1.68 -6.50 20.91
N HIS L 298 -0.78 -6.00 21.75
CA HIS L 298 -0.45 -4.58 21.78
C HIS L 298 0.52 -4.30 20.65
N LEU L 299 -0.02 -3.91 19.49
CA LEU L 299 0.84 -3.52 18.38
C LEU L 299 1.64 -2.28 18.71
N SER L 300 1.18 -1.48 19.67
CA SER L 300 1.85 -0.25 20.06
C SER L 300 3.28 -0.47 20.54
N ALA L 301 3.62 -1.69 20.98
CA ALA L 301 4.96 -2.00 21.44
C ALA L 301 5.85 -2.51 20.32
N THR L 302 5.57 -2.12 19.08
CA THR L 302 6.30 -2.60 17.91
C THR L 302 6.74 -1.40 17.08
N ARG L 303 7.85 -1.58 16.35
CA ARG L 303 8.45 -0.53 15.54
C ARG L 303 7.83 -0.56 14.15
N LEU L 304 7.26 0.57 13.73
CA LEU L 304 6.75 0.73 12.37
C LEU L 304 7.94 0.88 11.42
N VAL L 305 7.91 0.15 10.31
CA VAL L 305 9.09 0.06 9.46
C VAL L 305 8.77 0.44 8.01
N ARG L 306 7.52 0.29 7.60
CA ARG L 306 7.14 0.58 6.23
C ARG L 306 5.66 0.90 6.17
N VAL L 307 5.32 1.96 5.44
CA VAL L 307 3.93 2.37 5.25
C VAL L 307 3.68 2.58 3.78
N SER L 308 2.69 1.88 3.24
CA SER L 308 2.34 1.98 1.83
C SER L 308 0.87 2.33 1.68
N THR L 309 0.57 3.25 0.77
CA THR L 309 -0.79 3.62 0.46
C THR L 309 -0.94 3.67 -1.06
N SER L 310 -2.11 4.15 -1.51
CA SER L 310 -2.42 4.14 -2.94
C SER L 310 -1.49 5.05 -3.75
N VAL L 311 -1.00 6.14 -3.16
CA VAL L 311 -0.24 7.12 -3.92
C VAL L 311 1.26 6.89 -3.80
N ALA L 312 1.75 6.52 -2.62
CA ALA L 312 3.19 6.40 -2.41
C ALA L 312 3.43 5.43 -1.26
N SER L 313 4.69 5.02 -1.09
CA SER L 313 5.11 4.13 -0.03
C SER L 313 6.48 4.54 0.48
N ALA L 314 6.68 4.41 1.79
CA ALA L 314 7.90 4.84 2.45
C ALA L 314 8.41 3.73 3.37
N HIS L 315 9.72 3.68 3.52
CA HIS L 315 10.38 2.72 4.39
C HIS L 315 11.39 3.45 5.26
N THR L 316 11.62 2.91 6.46
CA THR L 316 12.49 3.60 7.43
C THR L 316 13.91 3.72 6.92
N ASP L 317 14.41 2.69 6.23
CA ASP L 317 15.80 2.71 5.77
C ASP L 317 16.04 3.83 4.76
N GLY L 318 14.99 4.35 4.14
CA GLY L 318 15.13 5.42 3.17
C GLY L 318 14.66 5.04 1.79
N LYS L 319 13.72 4.11 1.71
CA LYS L 319 13.16 3.66 0.44
C LYS L 319 11.86 4.41 0.18
N ILE L 320 11.71 4.93 -1.04
CA ILE L 320 10.53 5.68 -1.43
C ILE L 320 10.04 5.14 -2.77
N LYS L 321 8.75 4.86 -2.86
CA LYS L 321 8.09 4.46 -4.09
C LYS L 321 6.96 5.44 -4.37
N ILE L 322 6.90 5.94 -5.60
CA ILE L 322 5.92 6.96 -5.98
C ILE L 322 5.07 6.43 -7.12
N LEU L 323 3.76 6.59 -7.01
CA LEU L 323 2.84 6.05 -8.01
C LEU L 323 2.03 7.16 -8.69
N CYS L 324 1.49 8.09 -7.91
CA CYS L 324 0.58 9.10 -8.42
C CYS L 324 1.30 10.45 -8.48
N HIS L 325 1.22 11.10 -9.64
CA HIS L 325 1.88 12.39 -9.82
C HIS L 325 1.12 13.52 -9.12
N LYS L 326 -0.19 13.34 -8.90
CA LYS L 326 -1.03 14.45 -8.47
C LYS L 326 -0.56 15.08 -7.16
N TYR L 327 0.11 14.31 -6.31
CA TYR L 327 0.65 14.83 -5.05
C TYR L 327 2.16 14.79 -5.02
N LEU L 328 2.80 14.28 -6.09
CA LEU L 328 4.23 14.05 -6.12
C LEU L 328 5.01 15.23 -5.55
N ILE L 329 4.79 16.43 -6.09
CA ILE L 329 5.55 17.60 -5.70
C ILE L 329 5.46 17.81 -4.20
N GLY L 330 4.23 17.79 -3.68
CA GLY L 330 4.05 17.98 -2.24
C GLY L 330 4.83 16.96 -1.44
N VAL L 331 4.82 15.71 -1.89
CA VAL L 331 5.62 14.67 -1.26
C VAL L 331 7.03 15.17 -1.03
N LEU L 332 7.69 15.60 -2.11
CA LEU L 332 9.07 16.07 -2.01
C LEU L 332 9.20 17.12 -0.93
N ALA L 333 8.30 18.11 -0.94
CA ALA L 333 8.38 19.20 0.02
C ALA L 333 8.49 18.65 1.44
N TYR L 334 7.61 17.71 1.79
CA TYR L 334 7.63 17.15 3.13
C TYR L 334 8.98 16.53 3.42
N LEU L 335 9.43 15.62 2.56
CA LEU L 335 10.71 14.97 2.81
C LEU L 335 11.84 15.98 2.70
N THR L 336 11.64 17.07 1.95
CA THR L 336 12.67 18.13 1.86
C THR L 336 12.94 18.72 3.24
N GLU L 337 11.91 18.85 4.06
CA GLU L 337 12.06 19.40 5.44
C GLU L 337 13.00 18.48 6.21
N LEU L 338 12.88 17.17 6.03
CA LEU L 338 13.73 16.19 6.76
C LEU L 338 15.20 16.41 6.42
N ALA L 339 15.54 16.69 5.16
CA ALA L 339 16.92 16.99 4.84
C ALA L 339 17.40 18.19 5.64
N ILE L 340 16.59 19.26 5.68
CA ILE L 340 16.95 20.42 6.50
C ILE L 340 17.08 20.00 7.95
N PHE L 341 16.14 19.20 8.44
CA PHE L 341 16.20 18.75 9.83
C PHE L 341 17.41 17.88 10.09
N GLN L 342 17.98 17.26 9.04
CA GLN L 342 19.24 16.55 9.22
C GLN L 342 20.43 17.48 9.09
N ILE L 343 20.32 18.51 8.26
CA ILE L 343 21.41 19.47 8.13
C ILE L 343 21.52 20.33 9.39
N GLU L 344 20.39 20.78 9.91
CA GLU L 344 20.37 21.60 11.11
C GLU L 344 20.36 20.74 12.37
N SER M 2 -4.63 1.05 44.80
CA SER M 2 -3.89 1.38 46.01
C SER M 2 -2.83 2.44 45.73
N VAL M 3 -3.10 3.68 46.16
CA VAL M 3 -2.16 4.76 45.95
C VAL M 3 -0.99 4.60 46.91
N LEU M 4 0.23 4.60 46.37
CA LEU M 4 1.43 4.41 47.15
C LEU M 4 1.80 5.71 47.87
N ARG M 5 2.28 5.58 49.10
CA ARG M 5 2.66 6.71 49.93
C ARG M 5 4.08 6.56 50.44
N PRO M 6 4.90 7.62 50.38
CA PRO M 6 6.30 7.52 50.83
C PRO M 6 6.40 7.40 52.34
N LEU M 7 5.35 7.81 53.04
CA LEU M 7 5.40 7.93 54.50
C LEU M 7 4.47 6.92 55.16
N ASP M 8 4.49 5.69 54.68
CA ASP M 8 3.60 4.66 55.23
C ASP M 8 4.24 3.97 56.43
N LYS M 9 5.40 3.36 56.23
CA LYS M 9 6.04 2.56 57.27
C LYS M 9 7.41 3.13 57.61
N LEU M 10 8.17 2.35 58.40
CA LEU M 10 9.50 2.75 58.78
C LEU M 10 10.54 1.94 58.01
N PRO M 11 11.66 2.56 57.64
CA PRO M 11 12.70 1.81 56.92
C PRO M 11 13.58 1.03 57.88
N GLY M 12 14.38 0.12 57.31
CA GLY M 12 15.30 -0.67 58.09
C GLY M 12 16.53 0.13 58.49
N LEU M 13 17.36 -0.52 59.30
CA LEU M 13 18.60 0.08 59.80
C LEU M 13 19.57 0.21 58.64
N ASN M 14 19.76 1.44 58.16
CA ASN M 14 20.63 1.73 57.02
C ASN M 14 20.20 0.94 55.80
N THR M 15 18.90 0.96 55.52
CA THR M 15 18.32 0.23 54.39
C THR M 15 17.76 1.22 53.38
N ALA M 16 17.99 0.95 52.10
CA ALA M 16 17.46 1.77 51.02
C ALA M 16 16.75 0.87 50.02
N THR M 17 15.72 1.41 49.36
CA THR M 17 14.92 0.66 48.41
C THR M 17 14.71 1.46 47.14
N ILE M 18 14.64 0.77 46.01
CA ILE M 18 14.38 1.39 44.72
C ILE M 18 13.25 0.64 44.02
N LEU M 19 12.50 1.37 43.20
CA LEU M 19 11.41 0.83 42.42
C LEU M 19 11.61 1.15 40.94
N LEU M 20 11.48 0.15 40.09
CA LEU M 20 11.56 0.31 38.64
C LEU M 20 10.28 -0.19 38.00
N VAL M 21 9.63 0.69 37.25
CA VAL M 21 8.36 0.40 36.60
C VAL M 21 8.55 0.58 35.11
N GLY M 22 8.17 -0.42 34.33
CA GLY M 22 8.34 -0.36 32.89
C GLY M 22 7.69 -1.57 32.23
N THR M 23 8.01 -1.73 30.95
CA THR M 23 7.44 -2.84 30.18
C THR M 23 8.45 -3.95 29.92
N GLU M 24 9.67 -3.60 29.51
CA GLU M 24 10.68 -4.59 29.16
C GLU M 24 11.25 -5.21 30.43
N ASP M 25 10.88 -6.46 30.69
CA ASP M 25 11.33 -7.15 31.90
C ASP M 25 12.82 -7.46 31.84
N ALA M 26 13.33 -7.88 30.68
CA ALA M 26 14.74 -8.21 30.56
C ALA M 26 15.63 -6.99 30.82
N LEU M 27 15.23 -5.84 30.28
CA LEU M 27 15.99 -4.62 30.53
C LEU M 27 15.97 -4.25 32.01
N LEU M 28 14.82 -4.41 32.66
CA LEU M 28 14.75 -4.14 34.10
C LEU M 28 15.66 -5.08 34.89
N GLN M 29 15.68 -6.37 34.52
CA GLN M 29 16.53 -7.32 35.21
C GLN M 29 18.00 -6.97 35.03
N GLN M 30 18.39 -6.62 33.80
CA GLN M 30 19.78 -6.25 33.55
C GLN M 30 20.14 -4.97 34.30
N LEU M 31 19.22 -4.01 34.35
CA LEU M 31 19.48 -2.77 35.09
C LEU M 31 19.63 -3.05 36.58
N ALA M 32 18.82 -3.95 37.13
CA ALA M 32 18.96 -4.32 38.54
C ALA M 32 20.27 -5.05 38.79
N ASP M 33 20.71 -5.86 37.83
CA ASP M 33 22.01 -6.51 37.94
C ASP M 33 23.11 -5.48 38.00
N SER M 34 23.02 -4.44 37.16
CA SER M 34 23.99 -3.35 37.23
C SER M 34 23.87 -2.59 38.55
N MET M 35 22.65 -2.47 39.08
CA MET M 35 22.46 -1.84 40.39
C MET M 35 23.24 -2.59 41.46
N LEU M 36 23.11 -3.91 41.49
CA LEU M 36 23.68 -4.72 42.55
C LEU M 36 25.02 -5.33 42.19
N LYS M 37 25.65 -4.88 41.11
CA LYS M 37 27.03 -5.29 40.84
C LYS M 37 27.95 -4.90 41.98
N GLU M 38 27.74 -3.73 42.57
CA GLU M 38 28.47 -3.29 43.75
C GLU M 38 27.48 -2.85 44.82
N ASP M 39 27.81 -3.09 46.08
CA ASP M 39 26.95 -2.73 47.20
C ASP M 39 27.70 -1.77 48.11
N CYS M 40 27.04 -0.68 48.48
CA CYS M 40 27.64 0.30 49.39
C CYS M 40 27.47 -0.15 50.83
N ALA M 41 27.75 0.75 51.78
CA ALA M 41 27.60 0.42 53.19
C ALA M 41 26.16 0.08 53.54
N SER M 42 25.21 0.84 53.01
CA SER M 42 23.80 0.59 53.24
C SER M 42 23.30 -0.54 52.35
N GLU M 43 22.47 -1.41 52.93
CA GLU M 43 21.87 -2.48 52.15
C GLU M 43 20.82 -1.91 51.20
N LEU M 44 20.68 -2.56 50.05
CA LEU M 44 19.85 -2.09 48.96
C LEU M 44 18.84 -3.16 48.57
N LYS M 45 17.59 -2.73 48.40
CA LYS M 45 16.51 -3.59 47.93
C LYS M 45 16.00 -3.05 46.61
N VAL M 46 15.73 -3.95 45.67
CA VAL M 46 15.29 -3.60 44.32
C VAL M 46 13.92 -4.21 44.09
N HIS M 47 12.99 -3.40 43.60
CA HIS M 47 11.65 -3.86 43.25
C HIS M 47 11.39 -3.55 41.79
N LEU M 48 10.81 -4.51 41.07
CA LEU M 48 10.46 -4.35 39.67
C LEU M 48 8.98 -4.60 39.48
N ALA M 49 8.33 -3.76 38.69
CA ALA M 49 6.90 -3.86 38.45
C ALA M 49 6.62 -3.47 37.02
N LYS M 50 5.47 -3.93 36.51
CA LYS M 50 5.03 -3.62 35.16
C LYS M 50 4.04 -2.47 35.08
N SER M 51 3.25 -2.24 36.13
CA SER M 51 2.24 -1.18 36.11
C SER M 51 1.87 -0.84 37.54
N LEU M 52 1.08 0.22 37.67
CA LEU M 52 0.55 0.68 38.95
C LEU M 52 -0.98 0.61 38.92
N PRO M 53 -1.63 0.48 40.09
CA PRO M 53 -1.07 0.47 41.44
C PRO M 53 -0.27 -0.79 41.75
N LEU M 54 0.71 -0.66 42.63
CA LEU M 54 1.57 -1.76 43.00
C LEU M 54 0.76 -2.85 43.67
N PRO M 55 1.08 -4.12 43.43
CA PRO M 55 0.33 -5.21 44.06
C PRO M 55 0.38 -5.11 45.58
N SER M 56 -0.75 -5.42 46.21
CA SER M 56 -0.87 -5.29 47.65
C SER M 56 0.06 -6.27 48.36
N SER M 57 0.73 -5.77 49.40
CA SER M 57 1.63 -6.60 50.19
C SER M 57 1.79 -5.93 51.55
N VAL M 58 1.37 -6.62 52.61
CA VAL M 58 1.42 -6.08 53.97
C VAL M 58 2.87 -5.99 54.42
N ASN M 59 3.74 -6.77 53.79
CA ASN M 59 5.15 -6.80 54.15
C ASN M 59 6.00 -5.83 53.33
N ARG M 60 5.38 -4.84 52.70
CA ARG M 60 6.12 -3.88 51.87
C ARG M 60 6.93 -2.93 52.75
N PRO M 61 8.24 -2.82 52.57
CA PRO M 61 9.00 -1.78 53.27
C PRO M 61 8.81 -0.42 52.63
N ARG M 62 9.49 0.60 53.15
CA ARG M 62 9.44 1.92 52.52
C ARG M 62 10.08 1.86 51.14
N ILE M 63 9.45 2.55 50.19
CA ILE M 63 10.00 2.70 48.84
C ILE M 63 10.48 4.13 48.71
N ASP M 64 11.77 4.35 49.00
CA ASP M 64 12.34 5.69 49.08
C ASP M 64 12.60 6.34 47.74
N LEU M 65 12.54 5.60 46.65
CA LEU M 65 12.82 6.16 45.33
C LEU M 65 11.91 5.52 44.30
N ILE M 66 11.43 6.34 43.35
CA ILE M 66 10.60 5.88 42.25
C ILE M 66 11.31 6.24 40.96
N VAL M 67 11.52 5.25 40.10
CA VAL M 67 12.15 5.45 38.80
C VAL M 67 11.27 4.82 37.74
N PHE M 68 10.90 5.61 36.73
CA PHE M 68 10.13 5.12 35.60
C PHE M 68 11.04 5.06 34.39
N VAL M 69 11.15 3.88 33.78
CA VAL M 69 11.90 3.69 32.56
C VAL M 69 10.93 3.85 31.39
N VAL M 70 11.33 4.66 30.41
CA VAL M 70 10.52 4.93 29.23
C VAL M 70 11.36 4.65 28.00
N ASN M 71 10.78 3.92 27.05
CA ASN M 71 11.42 3.67 25.76
C ASN M 71 10.77 4.58 24.74
N LEU M 72 11.58 5.38 24.05
CA LEU M 72 11.06 6.17 22.94
C LEU M 72 10.74 5.31 21.73
N HIS M 73 10.99 4.00 21.80
CA HIS M 73 10.73 3.07 20.72
C HIS M 73 9.27 2.67 20.62
N SER M 74 8.45 2.93 21.64
CA SER M 74 7.08 2.45 21.68
C SER M 74 6.20 3.42 22.46
N LYS M 75 5.03 3.74 21.89
CA LYS M 75 4.05 4.53 22.62
C LYS M 75 3.38 3.72 23.72
N TYR M 76 3.45 2.40 23.64
CA TYR M 76 2.84 1.55 24.67
C TYR M 76 3.48 1.80 26.03
N SER M 77 4.81 1.94 26.06
CA SER M 77 5.48 2.26 27.30
C SER M 77 5.01 3.60 27.85
N LEU M 78 4.81 4.60 26.97
CA LEU M 78 4.23 5.85 27.42
C LEU M 78 2.88 5.63 28.07
N GLN M 79 1.92 5.08 27.32
CA GLN M 79 0.58 4.88 27.86
C GLN M 79 0.65 4.17 29.20
N ASN M 80 1.55 3.19 29.33
CA ASN M 80 1.81 2.56 30.62
C ASN M 80 2.22 3.58 31.67
N THR M 81 3.12 4.50 31.31
CA THR M 81 3.62 5.45 32.31
C THR M 81 2.53 6.40 32.78
N GLU M 82 1.79 7.01 31.86
CA GLU M 82 0.72 7.90 32.30
C GLU M 82 -0.45 7.17 32.95
N GLU M 83 -0.70 5.90 32.63
CA GLU M 83 -1.75 5.21 33.38
C GLU M 83 -1.27 4.88 34.79
N SER M 84 0.01 4.52 34.93
CA SER M 84 0.55 4.19 36.24
C SER M 84 0.72 5.43 37.10
N LEU M 85 0.89 6.60 36.48
CA LEU M 85 1.12 7.84 37.21
C LEU M 85 -0.07 8.27 38.04
N ARG M 86 -1.25 7.71 37.83
CA ARG M 86 -2.44 8.09 38.56
C ARG M 86 -2.62 7.35 39.88
N HIS M 87 -1.68 6.48 40.24
CA HIS M 87 -1.78 5.66 41.45
C HIS M 87 -0.69 6.02 42.46
N VAL M 88 -0.17 7.25 42.39
CA VAL M 88 0.85 7.73 43.32
C VAL M 88 0.46 9.13 43.77
N ASP M 89 0.70 9.43 45.04
CA ASP M 89 0.39 10.75 45.57
C ASP M 89 1.36 11.79 45.03
N ALA M 90 1.01 13.06 45.20
CA ALA M 90 1.87 14.15 44.76
C ALA M 90 3.16 14.24 45.57
N SER M 91 3.18 13.69 46.79
CA SER M 91 4.36 13.80 47.63
C SER M 91 5.55 13.09 47.02
N PHE M 92 5.34 11.97 46.33
CA PHE M 92 6.43 11.32 45.60
C PHE M 92 7.03 12.26 44.56
N PHE M 93 6.22 13.13 43.97
CA PHE M 93 6.70 14.04 42.93
C PHE M 93 7.68 15.07 43.45
N LEU M 94 7.81 15.21 44.76
CA LEU M 94 8.77 16.14 45.36
C LEU M 94 10.15 15.47 45.48
N GLY M 95 10.71 15.11 44.34
CA GLY M 95 12.06 14.61 44.27
C GLY M 95 12.23 13.11 44.48
N LYS M 96 11.15 12.38 44.76
CA LYS M 96 11.22 10.94 44.94
C LYS M 96 10.91 10.20 43.64
N VAL M 97 10.70 10.94 42.55
CA VAL M 97 10.38 10.36 41.26
C VAL M 97 11.41 10.81 40.24
N CYS M 98 11.78 9.91 39.34
CA CYS M 98 12.71 10.21 38.27
C CYS M 98 12.31 9.45 37.02
N PHE M 99 12.68 10.00 35.86
CA PHE M 99 12.39 9.42 34.57
C PHE M 99 13.70 9.10 33.86
N LEU M 100 13.83 7.87 33.37
CA LEU M 100 14.99 7.45 32.60
C LEU M 100 14.55 6.99 31.22
N ALA M 101 15.03 7.67 30.19
CA ALA M 101 14.68 7.37 28.81
C ALA M 101 15.78 6.52 28.20
N THR M 102 15.38 5.46 27.50
CA THR M 102 16.32 4.55 26.87
C THR M 102 16.21 4.63 25.36
N GLY M 103 17.35 4.48 24.69
CA GLY M 103 17.41 4.50 23.25
C GLY M 103 17.33 5.86 22.62
N ALA M 104 17.42 6.94 23.41
CA ALA M 104 17.32 8.29 22.87
C ALA M 104 18.43 8.63 21.89
N GLY M 105 19.59 8.00 22.01
CA GLY M 105 20.70 8.28 21.11
C GLY M 105 20.39 7.93 19.67
N ARG M 106 19.76 6.77 19.46
CA ARG M 106 19.35 6.35 18.11
C ARG M 106 18.10 7.12 17.74
N GLU M 107 18.29 8.28 17.10
CA GLU M 107 17.15 9.11 16.70
C GLU M 107 16.28 8.41 15.67
N SER M 108 16.86 7.52 14.87
CA SER M 108 16.07 6.77 13.90
C SER M 108 15.12 5.80 14.58
N HIS M 109 15.54 5.18 15.68
CA HIS M 109 14.72 4.18 16.36
C HIS M 109 13.75 4.78 17.35
N CYS M 110 13.87 6.08 17.64
CA CYS M 110 12.97 6.73 18.59
C CYS M 110 11.59 6.94 17.97
N SER M 111 10.63 6.09 18.34
CA SER M 111 9.29 6.18 17.77
C SER M 111 8.65 7.52 18.11
N ILE M 112 8.42 7.77 19.39
CA ILE M 112 7.86 9.05 19.83
C ILE M 112 8.98 10.08 19.91
N HIS M 113 8.65 11.33 19.66
CA HIS M 113 9.67 12.38 19.71
C HIS M 113 10.03 12.71 21.14
N ARG M 114 11.31 13.00 21.36
CA ARG M 114 11.79 13.27 22.72
C ARG M 114 11.18 14.54 23.29
N HIS M 115 10.68 15.43 22.43
CA HIS M 115 10.02 16.63 22.93
C HIS M 115 8.83 16.26 23.80
N THR M 116 8.13 15.18 23.46
CA THR M 116 6.96 14.77 24.23
C THR M 116 7.34 14.41 25.65
N VAL M 117 8.37 13.57 25.83
CA VAL M 117 8.76 13.17 27.17
C VAL M 117 9.40 14.33 27.92
N VAL M 118 10.10 15.22 27.20
CA VAL M 118 10.63 16.42 27.85
C VAL M 118 9.50 17.25 28.42
N LYS M 119 8.44 17.46 27.63
CA LYS M 119 7.30 18.22 28.12
C LYS M 119 6.61 17.50 29.28
N LEU M 120 6.51 16.18 29.19
CA LEU M 120 5.90 15.42 30.27
C LEU M 120 6.67 15.59 31.58
N ALA M 121 8.00 15.50 31.51
CA ALA M 121 8.82 15.67 32.70
C ALA M 121 8.74 17.10 33.23
N HIS M 122 8.81 18.09 32.35
CA HIS M 122 8.77 19.48 32.78
C HIS M 122 7.42 19.84 33.39
N THR M 123 6.34 19.17 32.94
CA THR M 123 5.03 19.44 33.50
C THR M 123 4.97 19.09 34.97
N TYR M 124 5.56 17.97 35.36
CA TYR M 124 5.50 17.49 36.73
C TYR M 124 6.71 17.92 37.57
N GLN M 125 7.65 18.66 36.98
CA GLN M 125 8.83 19.15 37.68
C GLN M 125 9.59 18.00 38.35
N SER M 126 10.05 17.08 37.50
CA SER M 126 10.75 15.90 37.96
C SER M 126 12.04 15.76 37.17
N PRO M 127 13.08 15.17 37.76
CA PRO M 127 14.34 14.99 37.03
C PRO M 127 14.16 14.08 35.82
N LEU M 128 14.93 14.39 34.77
CA LEU M 128 14.89 13.63 33.53
C LEU M 128 16.31 13.21 33.18
N LEU M 129 16.51 11.91 32.94
CA LEU M 129 17.82 11.37 32.62
C LEU M 129 17.76 10.59 31.31
N TYR M 130 18.83 10.70 30.54
CA TYR M 130 18.96 10.00 29.27
C TYR M 130 20.09 8.99 29.36
N CYS M 131 19.82 7.76 28.95
CA CYS M 131 20.80 6.69 29.01
C CYS M 131 20.41 5.61 28.01
N ASP M 132 21.36 4.72 27.72
CA ASP M 132 21.12 3.58 26.85
C ASP M 132 21.45 2.32 27.64
N LEU M 133 20.41 1.58 28.04
CA LEU M 133 20.60 0.36 28.81
C LEU M 133 21.33 -0.73 28.02
N GLU M 134 21.23 -0.73 26.69
CA GLU M 134 21.85 -1.77 25.89
C GLU M 134 23.37 -1.77 26.04
N VAL M 135 23.97 -0.58 26.01
CA VAL M 135 25.42 -0.48 26.14
C VAL M 135 25.83 -0.77 27.58
N GLU M 136 26.80 -1.67 27.74
CA GLU M 136 27.25 -2.04 29.08
C GLU M 136 27.88 -0.86 29.82
N GLY M 137 28.69 -0.07 29.13
CA GLY M 137 29.32 1.07 29.79
C GLY M 137 28.30 2.12 30.21
N PHE M 138 27.36 2.45 29.32
CA PHE M 138 26.33 3.42 29.66
C PHE M 138 25.47 2.89 30.81
N ARG M 139 25.14 1.60 30.78
CA ARG M 139 24.35 1.00 31.85
C ARG M 139 25.08 1.08 33.18
N ALA M 140 26.39 0.80 33.18
CA ALA M 140 27.16 0.87 34.41
C ALA M 140 27.22 2.30 34.95
N THR M 141 27.44 3.27 34.06
CA THR M 141 27.48 4.66 34.48
C THR M 141 26.14 5.06 35.12
N MET M 142 25.04 4.71 34.45
CA MET M 142 23.73 4.95 35.03
C MET M 142 23.57 4.18 36.33
N ALA M 143 24.31 3.07 36.48
CA ALA M 143 24.21 2.31 37.72
C ALA M 143 24.76 3.09 38.90
N GLN M 144 25.98 3.63 38.79
CA GLN M 144 26.45 4.41 39.93
C GLN M 144 25.62 5.69 40.07
N ARG M 145 25.12 6.23 38.95
CA ARG M 145 24.29 7.41 39.02
C ARG M 145 23.04 7.16 39.88
N LEU M 146 22.34 6.06 39.61
CA LEU M 146 21.15 5.72 40.39
C LEU M 146 21.50 5.37 41.82
N VAL M 147 22.60 4.65 42.04
CA VAL M 147 22.99 4.31 43.41
C VAL M 147 23.22 5.59 44.21
N ARG M 148 23.91 6.55 43.63
CA ARG M 148 24.26 7.76 44.37
C ARG M 148 23.08 8.71 44.52
N VAL M 149 22.19 8.76 43.53
CA VAL M 149 20.98 9.57 43.72
C VAL M 149 20.09 8.94 44.79
N LEU M 150 20.08 7.60 44.87
CA LEU M 150 19.42 6.92 45.97
C LEU M 150 20.05 7.32 47.30
N GLN M 151 21.37 7.32 47.38
CA GLN M 151 22.04 7.72 48.61
C GLN M 151 21.67 9.14 49.00
N ILE M 152 21.54 10.03 48.02
CA ILE M 152 21.17 11.43 48.30
C ILE M 152 19.74 11.50 48.81
N CYS M 153 18.81 10.84 48.12
CA CYS M 153 17.39 11.02 48.46
C CYS M 153 17.03 10.28 49.73
N ALA M 154 17.74 9.19 50.04
CA ALA M 154 17.42 8.39 51.22
C ALA M 154 17.76 9.08 52.52
N GLY M 155 18.45 10.21 52.48
CA GLY M 155 18.85 10.90 53.69
C GLY M 155 20.08 10.34 54.37
N HIS M 156 20.80 9.43 53.72
CA HIS M 156 22.01 8.87 54.29
C HIS M 156 23.11 9.91 54.48
N VAL M 157 23.26 10.85 53.56
CA VAL M 157 24.27 11.89 53.65
C VAL M 157 23.64 13.12 54.31
N PRO M 158 24.22 13.66 55.37
CA PRO M 158 23.61 14.83 56.03
C PRO M 158 23.79 16.09 55.21
N GLY M 159 22.71 16.86 55.08
CA GLY M 159 22.79 18.18 54.50
C GLY M 159 21.71 18.52 53.48
N VAL M 160 21.22 17.55 52.70
CA VAL M 160 20.27 17.81 51.63
C VAL M 160 19.10 16.85 51.77
N SER M 161 18.01 17.15 51.06
CA SER M 161 16.83 16.32 50.99
C SER M 161 16.40 16.18 49.53
N ALA M 162 15.25 15.55 49.33
CA ALA M 162 14.75 15.33 47.96
C ALA M 162 14.41 16.65 47.28
N LEU M 163 13.78 17.57 48.02
CA LEU M 163 13.44 18.86 47.42
C LEU M 163 14.69 19.66 47.11
N ASN M 164 15.75 19.49 47.91
CA ASN M 164 17.03 20.12 47.59
C ASN M 164 17.58 19.63 46.25
N LEU M 165 17.62 18.30 46.04
CA LEU M 165 18.13 17.80 44.78
C LEU M 165 17.21 18.16 43.62
N LEU M 166 15.91 18.27 43.89
CA LEU M 166 14.99 18.76 42.85
C LEU M 166 15.34 20.18 42.45
N SER M 167 15.61 21.04 43.43
CA SER M 167 16.05 22.40 43.11
C SER M 167 17.42 22.38 42.43
N LEU M 168 18.19 21.31 42.64
CA LEU M 168 19.45 21.15 41.93
C LEU M 168 19.21 20.73 40.49
N LEU M 169 18.46 19.65 40.29
CA LEU M 169 18.26 19.05 38.99
C LEU M 169 17.18 19.74 38.17
N ARG M 170 16.68 20.88 38.63
CA ARG M 170 15.57 21.54 37.95
C ARG M 170 16.01 22.04 36.58
N SER M 171 15.12 21.95 35.60
CA SER M 171 15.40 22.48 34.28
C SER M 171 14.93 23.93 34.20
N SER M 172 15.60 24.72 33.35
CA SER M 172 15.22 26.11 33.16
C SER M 172 13.81 26.24 32.59
N GLU M 173 13.49 25.40 31.61
CA GLU M 173 12.18 25.42 30.98
C GLU M 173 11.89 24.09 30.29
N ASP N 2 20.14 -38.24 -26.94
CA ASP N 2 19.42 -37.00 -27.17
C ASP N 2 20.14 -35.81 -26.53
N GLU N 3 20.12 -34.67 -27.22
CA GLU N 3 20.70 -33.45 -26.68
C GLU N 3 19.83 -32.80 -25.62
N THR N 4 18.51 -32.95 -25.73
CA THR N 4 17.61 -32.35 -24.75
C THR N 4 17.83 -32.94 -23.36
N VAL N 5 17.89 -34.27 -23.26
CA VAL N 5 18.13 -34.91 -21.97
C VAL N 5 19.54 -34.57 -21.48
N ALA N 6 20.49 -34.43 -22.41
CA ALA N 6 21.86 -34.08 -22.02
C ALA N 6 21.90 -32.72 -21.36
N GLU N 7 21.28 -31.71 -21.99
CA GLU N 7 21.28 -30.38 -21.40
C GLU N 7 20.42 -30.33 -20.13
N PHE N 8 19.37 -31.13 -20.07
CA PHE N 8 18.58 -31.22 -18.83
C PHE N 8 19.43 -31.73 -17.68
N ILE N 9 20.19 -32.80 -17.92
CA ILE N 9 21.06 -33.35 -16.90
C ILE N 9 22.15 -32.34 -16.53
N LYS N 10 22.67 -31.63 -17.53
CA LYS N 10 23.66 -30.59 -17.26
C LYS N 10 23.10 -29.51 -16.36
N ARG N 11 21.88 -29.04 -16.64
CA ARG N 11 21.26 -28.02 -15.81
C ARG N 11 21.02 -28.53 -14.40
N THR N 12 20.56 -29.77 -14.27
CA THR N 12 20.33 -30.33 -12.94
C THR N 12 21.63 -30.41 -12.16
N ILE N 13 22.72 -30.83 -12.81
CA ILE N 13 24.01 -30.91 -12.16
C ILE N 13 24.47 -29.52 -11.73
N LEU N 14 24.29 -28.53 -12.60
CA LEU N 14 24.62 -27.15 -12.23
C LEU N 14 23.82 -26.70 -11.02
N LYS N 15 22.56 -27.14 -10.91
CA LYS N 15 21.78 -26.85 -9.72
C LYS N 15 22.36 -27.55 -8.50
N ILE N 16 22.91 -28.75 -8.67
CA ILE N 16 23.49 -29.50 -7.55
C ILE N 16 24.80 -28.84 -7.12
N PRO N 17 24.97 -28.52 -5.84
CA PRO N 17 26.28 -28.07 -5.37
C PRO N 17 27.33 -29.17 -5.57
N MET N 18 28.52 -28.75 -6.01
CA MET N 18 29.58 -29.72 -6.28
C MET N 18 30.07 -30.42 -5.02
N ASN N 19 29.79 -29.87 -3.84
CA ASN N 19 30.28 -30.46 -2.60
C ASN N 19 29.58 -31.79 -2.29
N GLU N 20 28.41 -32.03 -2.89
CA GLU N 20 27.64 -33.23 -2.64
C GLU N 20 27.35 -34.03 -3.91
N LEU N 21 27.95 -33.65 -5.04
CA LEU N 21 27.69 -34.34 -6.30
C LEU N 21 27.94 -35.84 -6.17
N THR N 22 29.01 -36.23 -5.46
CA THR N 22 29.28 -37.64 -5.24
C THR N 22 28.08 -38.33 -4.62
N THR N 23 27.52 -37.75 -3.56
CA THR N 23 26.32 -38.32 -2.93
C THR N 23 25.22 -38.48 -3.96
N ILE N 24 25.06 -37.50 -4.84
CA ILE N 24 24.05 -37.60 -5.91
C ILE N 24 24.26 -38.87 -6.70
N LEU N 25 25.49 -39.16 -7.10
CA LEU N 25 25.76 -40.39 -7.82
C LEU N 25 25.41 -41.60 -6.96
N LYS N 26 25.78 -41.56 -5.68
CA LYS N 26 25.44 -42.65 -4.79
C LYS N 26 23.93 -42.81 -4.68
N ALA N 27 23.20 -41.70 -4.85
CA ALA N 27 21.75 -41.79 -4.86
C ALA N 27 21.21 -42.01 -6.27
N TRP N 28 21.99 -41.67 -7.30
CA TRP N 28 21.53 -41.85 -8.67
C TRP N 28 21.75 -43.29 -9.11
N ASP N 29 22.99 -43.75 -9.08
CA ASP N 29 23.35 -45.15 -9.35
C ASP N 29 23.04 -45.54 -10.79
N PHE N 30 22.71 -44.57 -11.64
CA PHE N 30 22.52 -44.87 -13.06
C PHE N 30 23.84 -45.20 -13.74
N LEU N 31 24.93 -44.57 -13.32
CA LEU N 31 26.24 -44.81 -13.89
C LEU N 31 27.04 -45.75 -13.00
N SER N 32 27.89 -46.56 -13.63
CA SER N 32 28.69 -47.52 -12.89
C SER N 32 29.71 -46.81 -12.00
N GLU N 33 30.08 -47.46 -10.91
CA GLU N 33 31.00 -46.86 -9.95
C GLU N 33 32.37 -46.59 -10.56
N ASN N 34 32.79 -47.42 -11.53
CA ASN N 34 34.06 -47.18 -12.20
C ASN N 34 34.05 -45.86 -12.94
N GLN N 35 32.93 -45.54 -13.61
CA GLN N 35 32.80 -44.25 -14.28
C GLN N 35 32.92 -43.11 -13.28
N LEU N 36 32.33 -43.28 -12.09
CA LEU N 36 32.50 -42.29 -11.04
C LEU N 36 33.97 -42.15 -10.63
N GLN N 37 34.68 -43.27 -10.52
CA GLN N 37 36.10 -43.23 -10.14
C GLN N 37 36.92 -42.52 -11.21
N THR N 38 36.50 -42.63 -12.48
CA THR N 38 37.24 -41.97 -13.55
C THR N 38 37.20 -40.45 -13.44
N VAL N 39 36.31 -39.91 -12.61
CA VAL N 39 36.14 -38.46 -12.48
C VAL N 39 36.52 -38.05 -11.07
N ASN N 40 37.41 -37.06 -10.98
CA ASN N 40 37.77 -36.46 -9.70
C ASN N 40 36.99 -35.18 -9.50
N PHE N 41 36.54 -34.97 -8.26
CA PHE N 41 35.69 -33.83 -7.92
C PHE N 41 36.49 -32.64 -7.41
N ARG N 42 37.82 -32.75 -7.37
CA ARG N 42 38.69 -31.64 -6.92
C ARG N 42 38.93 -30.67 -8.07
N GLN N 43 38.73 -31.13 -9.32
CA GLN N 43 38.99 -30.29 -10.49
C GLN N 43 37.83 -29.32 -10.73
N ARG N 44 37.90 -28.62 -11.85
CA ARG N 44 37.01 -27.50 -12.10
C ARG N 44 35.57 -27.99 -12.38
N LYS N 45 34.63 -27.07 -12.18
CA LYS N 45 33.21 -27.39 -12.36
C LYS N 45 32.90 -27.72 -13.82
N GLU N 46 33.46 -26.94 -14.74
CA GLU N 46 33.26 -27.22 -16.16
C GLU N 46 33.83 -28.59 -16.52
N SER N 47 35.01 -28.92 -15.98
CA SER N 47 35.62 -30.21 -16.26
C SER N 47 34.75 -31.35 -15.73
N VAL N 48 34.25 -31.22 -14.51
CA VAL N 48 33.47 -32.32 -13.94
C VAL N 48 32.15 -32.48 -14.67
N VAL N 49 31.50 -31.38 -15.05
CA VAL N 49 30.24 -31.52 -15.77
C VAL N 49 30.48 -32.10 -17.16
N GLN N 50 31.58 -31.71 -17.82
CA GLN N 50 31.88 -32.29 -19.12
C GLN N 50 32.16 -33.79 -19.00
N HIS N 51 32.90 -34.20 -17.97
CA HIS N 51 33.13 -35.63 -17.77
C HIS N 51 31.84 -36.37 -17.47
N LEU N 52 30.94 -35.78 -16.69
CA LEU N 52 29.65 -36.42 -16.44
C LEU N 52 28.83 -36.55 -17.72
N ILE N 53 28.88 -35.52 -18.58
CA ILE N 53 28.21 -35.62 -19.88
C ILE N 53 28.82 -36.75 -20.70
N HIS N 54 30.15 -36.86 -20.69
CA HIS N 54 30.79 -37.97 -21.39
C HIS N 54 30.32 -39.32 -20.85
N LEU N 55 30.24 -39.44 -19.53
CA LEU N 55 29.85 -40.71 -18.92
C LEU N 55 28.41 -41.07 -19.30
N CYS N 56 27.50 -40.09 -19.24
CA CYS N 56 26.11 -40.39 -19.55
C CYS N 56 25.91 -40.62 -21.04
N GLU N 57 26.76 -40.02 -21.88
CA GLU N 57 26.66 -40.27 -23.32
C GLU N 57 27.24 -41.63 -23.69
N GLU N 58 28.23 -42.11 -22.94
CA GLU N 58 28.73 -43.46 -23.17
C GLU N 58 27.62 -44.50 -22.95
N LYS N 59 26.83 -44.32 -21.89
CA LYS N 59 25.63 -45.12 -21.71
C LYS N 59 24.51 -44.49 -22.53
N ARG N 60 23.28 -45.00 -22.37
CA ARG N 60 22.14 -44.48 -23.09
C ARG N 60 21.37 -43.54 -22.17
N ALA N 61 21.46 -42.24 -22.45
CA ALA N 61 20.75 -41.22 -21.70
C ALA N 61 19.29 -41.18 -22.14
N SER N 62 18.39 -41.12 -21.16
CA SER N 62 16.96 -41.14 -21.41
C SER N 62 16.30 -40.07 -20.56
N ILE N 63 14.98 -40.13 -20.49
CA ILE N 63 14.24 -39.16 -19.68
C ILE N 63 13.98 -39.69 -18.27
N SER N 64 13.79 -41.01 -18.13
CA SER N 64 13.46 -41.57 -16.82
C SER N 64 14.61 -41.39 -15.83
N ASP N 65 15.83 -41.68 -16.25
CA ASP N 65 16.98 -41.55 -15.36
C ASP N 65 17.23 -40.09 -14.98
N ALA N 66 17.10 -39.18 -15.96
CA ALA N 66 17.26 -37.75 -15.67
C ALA N 66 16.19 -37.27 -14.71
N ALA N 67 14.96 -37.74 -14.90
CA ALA N 67 13.88 -37.37 -13.99
C ALA N 67 14.14 -37.90 -12.59
N LEU N 68 14.67 -39.13 -12.49
CA LEU N 68 15.02 -39.67 -11.19
C LEU N 68 16.10 -38.84 -10.51
N LEU N 69 17.11 -38.40 -11.28
CA LEU N 69 18.14 -37.53 -10.73
C LEU N 69 17.53 -36.23 -10.23
N ASP N 70 16.63 -35.64 -11.01
CA ASP N 70 15.96 -34.41 -10.58
C ASP N 70 15.16 -34.65 -9.31
N ILE N 71 14.49 -35.80 -9.23
CA ILE N 71 13.69 -36.12 -8.06
C ILE N 71 14.58 -36.21 -6.82
N ILE N 72 15.71 -36.90 -6.95
CA ILE N 72 16.59 -37.06 -5.80
C ILE N 72 17.24 -35.74 -5.40
N TYR N 73 17.53 -34.88 -6.38
CA TYR N 73 17.97 -33.52 -6.05
C TYR N 73 16.91 -32.78 -5.27
N MET N 74 15.65 -32.92 -5.67
CA MET N 74 14.55 -32.32 -4.93
C MET N 74 14.49 -32.86 -3.51
N GLN N 75 14.67 -34.18 -3.36
CA GLN N 75 14.70 -34.80 -2.03
C GLN N 75 15.78 -34.18 -1.16
N PHE N 76 17.01 -34.10 -1.66
CA PHE N 76 18.10 -33.56 -0.87
C PHE N 76 17.87 -32.09 -0.52
N HIS N 77 17.30 -31.30 -1.43
CA HIS N 77 17.01 -29.91 -1.08
C HIS N 77 15.69 -29.78 -0.33
N GLN N 78 14.58 -30.14 -0.98
CA GLN N 78 13.22 -30.04 -0.42
C GLN N 78 12.98 -28.73 0.31
N HIS N 79 13.60 -27.64 -0.17
CA HIS N 79 13.44 -26.35 0.47
C HIS N 79 13.21 -25.23 -0.53
N GLN N 80 13.19 -25.52 -1.82
CA GLN N 80 13.13 -24.50 -2.85
C GLN N 80 11.73 -24.25 -3.40
N LYS N 81 10.73 -25.00 -2.95
CA LYS N 81 9.37 -24.88 -3.47
C LYS N 81 8.39 -24.71 -2.32
N VAL N 82 7.21 -24.19 -2.67
CA VAL N 82 6.10 -24.03 -1.74
C VAL N 82 5.16 -25.20 -1.91
N TRP N 83 4.67 -25.74 -0.80
CA TRP N 83 3.84 -26.94 -0.81
C TRP N 83 2.43 -26.63 -0.36
N GLU N 84 1.46 -27.25 -1.02
CA GLU N 84 0.07 -27.27 -0.60
C GLU N 84 -0.36 -28.71 -0.34
N VAL N 85 -1.46 -28.85 0.40
CA VAL N 85 -1.90 -30.16 0.88
C VAL N 85 -3.31 -30.42 0.36
N PHE N 86 -3.51 -31.61 -0.22
CA PHE N 86 -4.79 -32.06 -0.71
C PHE N 86 -5.29 -33.20 0.16
N GLN N 87 -6.60 -33.21 0.43
CA GLN N 87 -7.22 -34.24 1.26
C GLN N 87 -8.18 -35.08 0.41
N MET N 88 -8.08 -36.39 0.55
CA MET N 88 -9.02 -37.32 -0.07
C MET N 88 -9.87 -37.98 1.01
N SER N 89 -11.09 -38.33 0.62
CA SER N 89 -12.05 -38.91 1.54
C SER N 89 -13.04 -39.76 0.76
N LYS N 90 -13.45 -40.88 1.38
CA LYS N 90 -14.42 -41.79 0.81
C LYS N 90 -14.04 -42.23 -0.60
N ASP N 97 -9.95 -50.53 0.64
CA ASP N 97 -8.82 -50.29 1.53
C ASP N 97 -7.61 -51.12 1.11
N LEU N 98 -7.66 -51.63 -0.11
CA LEU N 98 -6.58 -52.46 -0.64
C LEU N 98 -5.71 -51.62 -1.58
N PHE N 99 -4.40 -51.73 -1.42
CA PHE N 99 -3.44 -50.92 -2.17
C PHE N 99 -2.40 -51.82 -2.83
N ASP N 100 -1.89 -51.36 -3.97
CA ASP N 100 -0.79 -52.01 -4.66
C ASP N 100 -0.02 -50.99 -5.49
N MET N 101 1.31 -50.99 -5.36
CA MET N 101 2.14 -50.01 -6.05
C MET N 101 1.99 -50.10 -7.55
N LYS N 102 2.08 -51.31 -8.10
CA LYS N 102 2.15 -51.46 -9.55
C LYS N 102 0.86 -51.00 -10.22
N GLN N 103 -0.29 -51.45 -9.73
CA GLN N 103 -1.55 -51.06 -10.36
C GLN N 103 -1.84 -49.58 -10.15
N PHE N 104 -1.44 -49.04 -9.00
CA PHE N 104 -1.59 -47.61 -8.77
C PHE N 104 -0.80 -46.80 -9.79
N LYS N 105 0.46 -47.20 -10.00
CA LYS N 105 1.29 -46.52 -11.00
C LYS N 105 0.69 -46.66 -12.39
N ASN N 106 0.20 -47.86 -12.71
CA ASN N 106 -0.39 -48.09 -14.03
C ASN N 106 -1.61 -47.20 -14.24
N SER N 107 -2.49 -47.13 -13.25
CA SER N 107 -3.69 -46.31 -13.37
C SER N 107 -3.35 -44.83 -13.49
N PHE N 108 -2.41 -44.36 -12.67
CA PHE N 108 -2.03 -42.95 -12.73
C PHE N 108 -1.42 -42.62 -14.09
N LYS N 109 -0.53 -43.48 -14.58
CA LYS N 109 0.07 -43.25 -15.89
C LYS N 109 -0.98 -43.25 -16.98
N LYS N 110 -1.93 -44.18 -16.92
CA LYS N 110 -2.98 -44.24 -17.94
C LYS N 110 -3.83 -42.98 -17.92
N ILE N 111 -4.20 -42.50 -16.72
CA ILE N 111 -5.03 -41.31 -16.64
C ILE N 111 -4.30 -40.10 -17.18
N LEU N 112 -3.02 -39.94 -16.81
CA LEU N 112 -2.28 -38.77 -17.28
C LEU N 112 -1.99 -38.85 -18.78
N GLN N 113 -1.83 -40.06 -19.32
CA GLN N 113 -1.72 -40.17 -20.76
C GLN N 113 -3.03 -39.81 -21.44
N ARG N 114 -4.15 -40.20 -20.82
CA ARG N 114 -5.47 -39.85 -21.35
C ARG N 114 -5.79 -38.38 -21.12
N ALA N 115 -4.97 -37.66 -20.35
CA ALA N 115 -5.26 -36.27 -20.02
C ALA N 115 -5.42 -35.44 -21.29
N LEU N 116 -4.35 -35.24 -22.05
CA LEU N 116 -4.55 -34.73 -23.40
C LEU N 116 -4.01 -35.69 -24.46
N LYS N 117 -2.70 -35.94 -24.47
CA LYS N 117 -2.16 -37.07 -25.20
C LYS N 117 -0.95 -37.68 -24.51
N ASN N 118 -0.21 -36.88 -23.75
CA ASN N 118 1.08 -37.28 -23.20
C ASN N 118 1.46 -36.36 -22.06
N VAL N 119 2.39 -36.82 -21.22
CA VAL N 119 2.95 -36.05 -20.12
C VAL N 119 4.19 -36.81 -19.65
N THR N 120 5.21 -36.09 -19.17
CA THR N 120 6.43 -36.74 -18.71
C THR N 120 6.24 -37.06 -17.23
N VAL N 121 5.97 -38.33 -16.93
CA VAL N 121 5.66 -38.76 -15.57
C VAL N 121 6.77 -39.70 -15.10
N SER N 122 7.28 -39.45 -13.89
CA SER N 122 8.30 -40.31 -13.31
C SER N 122 7.99 -40.56 -11.85
N PHE N 123 8.24 -41.79 -11.40
CA PHE N 123 7.98 -42.22 -10.04
C PHE N 123 9.29 -42.57 -9.33
N ARG N 124 9.29 -42.37 -8.00
CA ARG N 124 10.49 -42.73 -7.18
C ARG N 124 10.02 -43.02 -5.75
N GLU N 125 9.98 -44.31 -5.37
CA GLU N 125 9.56 -44.68 -4.00
C GLU N 125 10.60 -44.19 -2.98
N THR N 126 10.16 -43.72 -1.82
CA THR N 126 11.09 -43.20 -0.78
C THR N 126 10.66 -43.77 0.58
N GLU N 127 11.50 -43.63 1.61
CA GLU N 127 11.21 -44.22 2.94
C GLU N 127 9.95 -43.60 3.55
N GLU N 128 9.29 -44.32 4.47
CA GLU N 128 8.00 -43.84 5.06
C GLU N 128 6.94 -43.77 3.97
N ASN N 129 6.96 -44.70 3.01
CA ASN N 129 5.92 -44.79 1.94
C ASN N 129 5.77 -43.43 1.23
N ALA N 130 6.88 -42.75 0.96
CA ALA N 130 6.82 -41.42 0.31
C ALA N 130 7.03 -41.58 -1.20
N VAL N 131 5.97 -41.88 -1.96
CA VAL N 131 6.18 -41.95 -3.40
C VAL N 131 6.27 -40.53 -3.92
N TRP N 132 7.38 -40.20 -4.56
CA TRP N 132 7.57 -38.89 -5.16
C TRP N 132 7.38 -38.99 -6.66
N ILE N 133 6.57 -38.10 -7.22
CA ILE N 133 6.20 -38.15 -8.62
C ILE N 133 6.57 -36.82 -9.24
N ARG N 134 7.40 -36.90 -10.28
CA ARG N 134 7.78 -35.69 -11.05
C ARG N 134 6.91 -35.66 -12.32
N ILE N 135 6.24 -34.55 -12.57
CA ILE N 135 5.36 -34.41 -13.72
C ILE N 135 5.78 -33.19 -14.52
N ALA N 136 6.06 -33.39 -15.80
CA ALA N 136 6.36 -32.32 -16.74
C ALA N 136 5.23 -32.25 -17.76
N TRP N 137 4.58 -31.10 -17.84
CA TRP N 137 3.36 -30.96 -18.62
C TRP N 137 3.69 -30.61 -20.07
N GLY N 138 2.84 -31.06 -20.97
CA GLY N 138 2.98 -30.75 -22.38
C GLY N 138 1.63 -30.71 -23.05
N THR N 139 1.51 -29.82 -24.03
CA THR N 139 0.25 -29.63 -24.72
C THR N 139 0.09 -30.66 -25.84
N GLN N 140 -1.04 -30.55 -26.56
CA GLN N 140 -1.37 -31.49 -27.62
C GLN N 140 -0.41 -31.43 -28.80
N TYR N 141 0.35 -30.35 -28.94
CA TYR N 141 1.21 -30.18 -30.11
C TYR N 141 2.66 -29.89 -29.76
N THR N 142 3.06 -30.12 -28.51
CA THR N 142 4.44 -29.85 -28.10
C THR N 142 4.89 -30.91 -27.11
N LYS N 143 6.18 -31.23 -27.17
CA LYS N 143 6.77 -32.13 -26.19
C LYS N 143 6.71 -31.50 -24.81
N PRO N 144 6.45 -32.28 -23.76
CA PRO N 144 6.36 -31.70 -22.41
C PRO N 144 7.64 -30.98 -22.02
N ASN N 145 7.47 -29.83 -21.38
CA ASN N 145 8.60 -28.98 -21.03
C ASN N 145 9.24 -29.46 -19.73
N GLN N 146 10.57 -29.53 -19.73
CA GLN N 146 11.32 -29.96 -18.56
C GLN N 146 11.80 -28.76 -17.72
N TYR N 147 11.50 -27.55 -18.15
CA TYR N 147 11.89 -26.36 -17.41
C TYR N 147 10.85 -25.88 -16.42
N LYS N 148 9.62 -26.38 -16.49
CA LYS N 148 8.54 -25.99 -15.59
C LYS N 148 7.90 -27.25 -15.02
N PRO N 149 8.60 -27.97 -14.14
CA PRO N 149 8.08 -29.22 -13.60
C PRO N 149 7.26 -29.00 -12.34
N THR N 150 6.55 -30.05 -11.96
CA THR N 150 5.81 -30.08 -10.71
C THR N 150 6.05 -31.39 -9.98
N TYR N 151 5.90 -31.36 -8.66
CA TYR N 151 6.18 -32.51 -7.81
C TYR N 151 4.97 -32.81 -6.94
N VAL N 152 4.62 -34.09 -6.86
CA VAL N 152 3.53 -34.53 -5.98
C VAL N 152 4.02 -35.70 -5.14
N VAL N 153 3.73 -35.63 -3.85
CA VAL N 153 4.16 -36.62 -2.87
C VAL N 153 2.93 -37.33 -2.36
N TYR N 154 2.93 -38.65 -2.48
CA TYR N 154 1.80 -39.47 -2.08
C TYR N 154 2.21 -40.48 -1.02
N TYR N 155 1.34 -40.67 -0.04
CA TYR N 155 1.56 -41.62 1.04
C TYR N 155 0.50 -42.70 0.93
N SER N 156 0.93 -43.96 0.90
CA SER N 156 0.02 -45.05 0.65
C SER N 156 -1.00 -45.20 1.76
N GLN N 157 -2.25 -45.45 1.39
CA GLN N 157 -3.34 -45.69 2.33
C GLN N 157 -3.50 -44.52 3.31
N THR N 158 -3.33 -43.31 2.83
CA THR N 158 -3.43 -42.11 3.66
C THR N 158 -4.39 -41.13 3.01
N PRO N 159 -5.07 -40.31 3.80
CA PRO N 159 -6.01 -39.31 3.26
C PRO N 159 -5.38 -37.99 2.86
N TYR N 160 -4.07 -37.90 2.74
CA TYR N 160 -3.40 -36.63 2.44
C TYR N 160 -2.36 -36.82 1.34
N ALA N 161 -2.14 -35.75 0.58
CA ALA N 161 -1.10 -35.71 -0.44
C ALA N 161 -0.53 -34.31 -0.51
N PHE N 162 0.72 -34.21 -0.95
CA PHE N 162 1.44 -32.93 -1.01
C PHE N 162 1.73 -32.58 -2.46
N THR N 163 1.64 -31.29 -2.79
CA THR N 163 1.92 -30.84 -4.15
C THR N 163 2.68 -29.53 -4.14
N SER N 164 3.69 -29.42 -4.99
CA SER N 164 4.35 -28.15 -5.25
C SER N 164 3.67 -27.44 -6.40
N SER N 165 3.16 -26.25 -6.12
CA SER N 165 2.36 -25.52 -7.09
C SER N 165 3.20 -24.37 -7.64
N SER N 166 3.97 -24.67 -8.69
CA SER N 166 4.71 -23.62 -9.39
C SER N 166 3.98 -23.19 -10.65
N MET N 167 3.39 -24.14 -11.37
CA MET N 167 2.63 -23.85 -12.58
C MET N 167 1.37 -24.72 -12.66
N LEU N 168 1.00 -25.35 -11.55
CA LEU N 168 -0.19 -26.20 -11.50
C LEU N 168 -1.48 -25.40 -11.62
N ARG N 169 -1.43 -24.08 -11.50
CA ARG N 169 -2.64 -23.28 -11.62
C ARG N 169 -3.16 -23.29 -13.05
N ARG N 170 -2.33 -23.74 -14.01
CA ARG N 170 -2.81 -23.91 -15.37
C ARG N 170 -3.89 -24.98 -15.46
N ASN N 171 -3.62 -26.17 -14.93
CA ASN N 171 -4.60 -27.25 -14.88
C ASN N 171 -4.54 -27.94 -13.53
N THR N 172 -5.28 -27.39 -12.58
CA THR N 172 -5.35 -27.97 -11.24
C THR N 172 -6.33 -29.15 -11.16
N PRO N 173 -7.56 -29.03 -11.67
CA PRO N 173 -8.52 -30.14 -11.50
C PRO N 173 -8.05 -31.45 -12.12
N LEU N 174 -7.25 -31.39 -13.20
CA LEU N 174 -6.77 -32.59 -13.84
C LEU N 174 -5.94 -33.43 -12.88
N LEU N 175 -4.96 -32.81 -12.23
CA LEU N 175 -4.11 -33.53 -11.29
C LEU N 175 -4.94 -34.07 -10.12
N GLY N 176 -5.88 -33.28 -9.62
CA GLY N 176 -6.70 -33.74 -8.52
C GLY N 176 -7.55 -34.94 -8.87
N GLN N 177 -8.22 -34.90 -10.03
CA GLN N 177 -9.06 -36.02 -10.42
C GLN N 177 -8.22 -37.25 -10.71
N ALA N 178 -7.05 -37.07 -11.33
CA ALA N 178 -6.17 -38.21 -11.57
C ALA N 178 -5.73 -38.84 -10.26
N LEU N 179 -5.34 -38.01 -9.30
CA LEU N 179 -4.88 -38.52 -8.01
C LEU N 179 -6.01 -39.25 -7.28
N THR N 180 -7.21 -38.68 -7.27
CA THR N 180 -8.30 -39.32 -6.53
C THR N 180 -8.77 -40.60 -7.21
N ILE N 181 -8.74 -40.66 -8.54
CA ILE N 181 -9.12 -41.91 -9.20
C ILE N 181 -8.03 -42.97 -9.01
N ALA N 182 -6.76 -42.56 -8.96
CA ALA N 182 -5.69 -43.52 -8.73
C ALA N 182 -5.68 -44.01 -7.28
N SER N 183 -6.06 -43.15 -6.34
CA SER N 183 -6.09 -43.49 -4.93
C SER N 183 -7.36 -44.24 -4.54
N LYS N 184 -8.26 -44.48 -5.49
CA LYS N 184 -9.54 -45.15 -5.24
C LYS N 184 -10.33 -44.42 -4.17
N HIS N 185 -10.26 -43.09 -4.23
CA HIS N 185 -10.99 -42.21 -3.32
C HIS N 185 -11.89 -41.29 -4.12
N HIS N 186 -13.06 -40.98 -3.54
CA HIS N 186 -14.11 -40.28 -4.28
C HIS N 186 -13.97 -38.76 -4.18
N GLN N 187 -14.02 -38.22 -2.96
CA GLN N 187 -14.00 -36.79 -2.76
C GLN N 187 -12.57 -36.31 -2.54
N ILE N 188 -12.19 -35.27 -3.28
CA ILE N 188 -10.86 -34.67 -3.13
C ILE N 188 -11.04 -33.17 -2.98
N VAL N 189 -10.42 -32.59 -1.96
CA VAL N 189 -10.56 -31.18 -1.65
C VAL N 189 -9.17 -30.60 -1.36
N LYS N 190 -9.07 -29.28 -1.52
CA LYS N 190 -7.85 -28.56 -1.20
C LYS N 190 -8.10 -27.69 0.02
N MET N 191 -7.45 -28.01 1.13
CA MET N 191 -7.49 -27.13 2.30
C MET N 191 -6.57 -25.94 2.08
N ASP N 192 -6.94 -24.80 2.66
CA ASP N 192 -6.16 -23.58 2.52
C ASP N 192 -4.99 -23.59 3.52
N LEU N 193 -3.97 -24.40 3.20
CA LEU N 193 -2.75 -24.46 4.05
C LEU N 193 -1.51 -24.48 3.15
N ARG N 194 -0.70 -23.42 3.14
CA ARG N 194 0.47 -23.34 2.22
C ARG N 194 1.76 -22.98 2.98
N SER N 195 2.85 -23.74 2.77
CA SER N 195 4.13 -23.47 3.49
C SER N 195 5.34 -24.00 2.68
N ARG N 196 6.56 -23.61 3.08
CA ARG N 196 7.76 -24.04 2.37
C ARG N 196 8.52 -25.15 3.08
N TYR N 197 8.52 -25.17 4.41
CA TYR N 197 9.18 -26.24 5.15
C TYR N 197 8.33 -27.50 5.04
N LEU N 198 8.72 -28.40 4.15
CA LEU N 198 7.90 -29.58 3.87
C LEU N 198 7.86 -30.53 5.05
N ASP N 199 8.98 -30.66 5.77
CA ASP N 199 9.02 -31.57 6.92
C ASP N 199 8.10 -31.09 8.04
N SER N 200 8.03 -29.78 8.27
CA SER N 200 7.10 -29.26 9.26
C SER N 200 5.65 -29.52 8.84
N LEU N 201 5.38 -29.45 7.53
CA LEU N 201 4.06 -29.82 7.05
C LEU N 201 3.78 -31.29 7.34
N LYS N 202 4.78 -32.15 7.10
CA LYS N 202 4.66 -33.56 7.46
C LYS N 202 4.26 -33.72 8.91
N ALA N 203 4.96 -33.02 9.81
CA ALA N 203 4.68 -33.14 11.24
C ALA N 203 3.29 -32.62 11.58
N ILE N 204 2.88 -31.50 10.99
CA ILE N 204 1.63 -30.86 11.40
C ILE N 204 0.43 -31.62 10.87
N VAL N 205 0.51 -32.18 9.66
CA VAL N 205 -0.66 -32.84 9.09
C VAL N 205 -0.94 -34.14 9.83
N PHE N 206 0.11 -34.88 10.21
CA PHE N 206 -0.04 -36.15 10.90
C PHE N 206 0.01 -36.02 12.40
N LYS N 207 0.21 -34.81 12.93
CA LYS N 207 0.37 -34.57 14.36
C LYS N 207 1.51 -35.44 14.91
N GLN N 208 2.59 -35.51 14.14
CA GLN N 208 3.76 -36.31 14.47
C GLN N 208 4.76 -35.53 15.31
N TYR N 209 4.50 -34.25 15.58
CA TYR N 209 5.42 -33.43 16.36
C TYR N 209 5.46 -33.89 17.81
N MET N 233 18.92 -16.63 43.88
CA MET N 233 19.69 -15.85 42.94
C MET N 233 19.49 -14.36 43.17
N ASP N 234 20.41 -13.75 43.92
CA ASP N 234 20.39 -12.32 44.24
C ASP N 234 19.07 -11.94 44.93
N SER N 235 18.92 -12.48 46.13
CA SER N 235 17.69 -12.32 46.89
C SER N 235 17.40 -10.87 47.26
N ARG N 236 18.39 -9.98 47.15
CA ARG N 236 18.15 -8.57 47.45
C ARG N 236 17.10 -7.99 46.51
N ILE N 237 17.09 -8.41 45.25
CA ILE N 237 16.03 -7.99 44.34
C ILE N 237 14.72 -8.65 44.75
N ILE N 238 13.67 -7.85 44.86
CA ILE N 238 12.34 -8.32 45.23
C ILE N 238 11.42 -8.01 44.07
N HIS N 239 11.26 -8.95 43.15
CA HIS N 239 10.36 -8.77 42.03
C HIS N 239 8.92 -8.65 42.52
N GLU N 240 8.21 -7.67 41.97
CA GLU N 240 6.80 -7.48 42.23
C GLU N 240 6.02 -7.87 40.99
N ASN N 241 4.73 -8.14 41.17
CA ASN N 241 3.87 -8.71 40.14
C ASN N 241 4.40 -10.06 39.64
N ILE N 242 5.12 -10.78 40.49
CA ILE N 242 5.68 -12.07 40.10
C ILE N 242 4.58 -13.07 39.78
N VAL N 243 3.40 -12.89 40.39
CA VAL N 243 2.26 -13.74 40.05
C VAL N 243 1.89 -13.59 38.58
N GLU N 244 1.95 -12.36 38.06
CA GLU N 244 1.67 -12.15 36.64
C GLU N 244 2.69 -12.87 35.76
N LYS N 245 3.97 -12.77 36.11
CA LYS N 245 5.00 -13.42 35.32
C LYS N 245 4.85 -14.93 35.33
N GLU N 246 4.58 -15.50 36.52
CA GLU N 246 4.47 -16.98 36.65
C GLU N 246 3.19 -17.47 35.96
N ARG N 247 2.12 -16.67 35.95
CA ARG N 247 0.91 -17.04 35.24
C ARG N 247 1.12 -16.97 33.73
N VAL N 248 1.77 -15.91 33.24
CA VAL N 248 1.94 -15.77 31.80
C VAL N 248 2.89 -16.84 31.26
N GLN N 249 3.97 -17.14 31.99
CA GLN N 249 4.88 -18.18 31.51
C GLN N 249 4.22 -19.55 31.55
N ARG N 250 3.41 -19.82 32.59
CA ARG N 250 2.70 -21.10 32.65
C ARG N 250 1.70 -21.24 31.51
N ILE N 251 0.95 -20.17 31.23
CA ILE N 251 -0.03 -20.21 30.15
C ILE N 251 0.68 -20.40 28.81
N THR N 252 1.78 -19.69 28.58
CA THR N 252 2.52 -19.83 27.33
C THR N 252 3.06 -21.25 27.18
N GLN N 253 3.61 -21.82 28.26
CA GLN N 253 4.12 -23.17 28.18
C GLN N 253 3.02 -24.19 27.93
N GLU N 254 1.86 -24.01 28.57
CA GLU N 254 0.74 -24.93 28.35
C GLU N 254 0.19 -24.82 26.94
N THR N 255 0.17 -23.60 26.37
CA THR N 255 -0.35 -23.42 25.03
C THR N 255 0.62 -23.95 23.97
N PHE N 256 1.91 -23.70 24.14
CA PHE N 256 2.91 -24.10 23.16
C PHE N 256 3.54 -25.45 23.46
N GLY N 257 4.17 -25.60 24.62
CA GLY N 257 4.80 -26.84 25.00
C GLY N 257 6.32 -26.79 24.85
N ASP N 258 6.97 -27.67 25.62
CA ASP N 258 8.42 -27.78 25.62
C ASP N 258 8.99 -28.26 24.30
N TYR N 259 8.23 -29.04 23.53
CA TYR N 259 8.73 -29.58 22.28
C TYR N 259 8.99 -28.46 21.28
N PRO N 260 10.00 -28.62 20.44
CA PRO N 260 10.24 -27.62 19.39
C PRO N 260 9.08 -27.55 18.43
N GLN N 261 8.51 -26.36 18.30
CA GLN N 261 7.35 -26.16 17.45
C GLN N 261 7.70 -26.36 15.99
N PRO N 262 6.75 -26.80 15.17
CA PRO N 262 7.03 -27.00 13.74
C PRO N 262 7.47 -25.71 13.08
N GLN N 263 8.42 -25.84 12.16
CA GLN N 263 9.00 -24.70 11.48
C GLN N 263 8.04 -24.21 10.41
N LEU N 264 7.20 -23.24 10.75
CA LEU N 264 6.27 -22.65 9.81
C LEU N 264 6.73 -21.22 9.53
N GLU N 265 6.51 -20.76 8.29
CA GLU N 265 7.19 -19.56 7.84
C GLU N 265 6.25 -18.46 7.37
N PHE N 266 4.99 -18.78 7.06
CA PHE N 266 4.09 -17.78 6.50
C PHE N 266 2.69 -18.00 7.05
N ALA N 267 2.02 -16.89 7.37
CA ALA N 267 0.63 -16.97 7.78
C ALA N 267 -0.09 -15.76 7.20
N GLN N 268 -1.41 -15.89 7.05
CA GLN N 268 -2.21 -14.80 6.51
C GLN N 268 -3.67 -14.99 6.92
N TYR N 269 -4.25 -13.97 7.51
CA TYR N 269 -5.65 -13.98 7.90
C TYR N 269 -6.40 -12.93 7.09
N LYS N 270 -7.56 -13.30 6.56
CA LYS N 270 -8.43 -12.36 5.84
C LYS N 270 -9.68 -12.20 6.69
N LEU N 271 -9.85 -11.01 7.27
CA LEU N 271 -10.92 -10.77 8.23
C LEU N 271 -11.89 -9.72 7.72
N GLU N 272 -13.16 -9.89 8.11
CA GLU N 272 -14.21 -8.93 7.77
C GLU N 272 -15.21 -8.95 8.94
N THR N 273 -15.06 -8.00 9.85
CA THR N 273 -15.85 -7.98 11.07
C THR N 273 -16.32 -6.56 11.36
N LYS N 274 -17.39 -6.45 12.14
CA LYS N 274 -17.95 -5.16 12.48
C LYS N 274 -16.98 -4.35 13.33
N PHE N 275 -17.01 -3.03 13.14
CA PHE N 275 -16.12 -2.14 13.89
C PHE N 275 -16.42 -2.18 15.38
N LYS N 276 -17.65 -1.79 15.76
CA LYS N 276 -18.10 -1.83 17.15
C LYS N 276 -17.15 -1.05 18.06
N SER N 277 -16.72 0.11 17.59
CA SER N 277 -15.82 0.96 18.36
C SER N 277 -16.00 2.43 18.00
N GLU N 289 -21.90 -1.96 7.88
CA GLU N 289 -20.62 -1.77 7.20
C GLU N 289 -19.47 -2.27 8.05
N PRO N 290 -19.05 -3.52 7.85
CA PRO N 290 -17.95 -4.08 8.63
C PRO N 290 -16.59 -3.79 7.99
N LEU N 291 -15.61 -3.58 8.87
CA LEU N 291 -14.25 -3.34 8.43
C LEU N 291 -13.64 -4.64 7.92
N ARG N 292 -12.99 -4.57 6.76
CA ARG N 292 -12.34 -5.72 6.14
C ARG N 292 -10.84 -5.59 6.34
N CYS N 293 -10.27 -6.51 7.10
CA CYS N 293 -8.85 -6.48 7.44
C CYS N 293 -8.14 -7.64 6.74
N LEU N 294 -6.84 -7.48 6.54
CA LEU N 294 -6.02 -8.48 5.86
C LEU N 294 -4.60 -8.44 6.40
N ILE N 295 -4.21 -9.43 7.18
CA ILE N 295 -2.91 -9.42 7.85
C ILE N 295 -2.07 -10.57 7.31
N LYS N 296 -0.76 -10.35 7.22
CA LYS N 296 0.19 -11.39 6.87
C LYS N 296 1.31 -11.40 7.89
N PHE N 297 1.57 -12.58 8.45
CA PHE N 297 2.68 -12.78 9.38
C PHE N 297 3.83 -13.46 8.63
N SER N 298 4.97 -12.78 8.60
CA SER N 298 6.16 -13.31 7.96
C SER N 298 7.25 -13.47 9.00
N SER N 299 7.87 -14.65 9.03
CA SER N 299 8.89 -14.95 10.02
C SER N 299 9.72 -16.15 9.59
N PRO N 300 11.06 -16.07 9.67
CA PRO N 300 11.87 -17.26 9.40
C PRO N 300 11.58 -18.40 10.35
N HIS N 301 11.10 -18.11 11.56
CA HIS N 301 10.69 -19.15 12.51
C HIS N 301 9.45 -18.63 13.26
N LEU N 302 8.28 -18.98 12.75
CA LEU N 302 7.06 -18.69 13.47
C LEU N 302 6.89 -19.64 14.64
N LEU N 303 5.84 -19.42 15.43
CA LEU N 303 5.48 -20.25 16.57
C LEU N 303 6.52 -20.15 17.68
N GLU N 304 7.59 -19.41 17.43
CA GLU N 304 8.62 -19.13 18.44
C GLU N 304 8.63 -17.68 18.86
N ALA N 305 8.60 -16.76 17.89
CA ALA N 305 8.36 -15.36 18.22
C ALA N 305 6.99 -15.19 18.85
N LEU N 306 5.98 -15.88 18.29
CA LEU N 306 4.67 -15.93 18.93
C LEU N 306 4.76 -16.56 20.31
N LYS N 307 5.67 -17.52 20.50
CA LYS N 307 5.88 -18.09 21.82
C LYS N 307 6.51 -17.09 22.77
N SER N 308 7.33 -16.17 22.26
CA SER N 308 8.03 -15.21 23.10
C SER N 308 7.28 -13.89 23.27
N LEU N 309 6.17 -13.69 22.56
CA LEU N 309 5.42 -12.45 22.70
C LEU N 309 4.92 -12.26 24.13
N ALA N 310 4.27 -13.29 24.68
CA ALA N 310 3.75 -13.20 26.04
C ALA N 310 4.86 -13.00 27.08
N PRO N 311 5.96 -13.76 27.07
CA PRO N 311 7.05 -13.45 28.00
C PRO N 311 7.63 -12.05 27.81
N ALA N 312 7.68 -11.54 26.58
CA ALA N 312 8.16 -10.19 26.35
C ALA N 312 7.13 -9.14 26.73
N GLY N 313 5.90 -9.56 27.03
CA GLY N 313 4.85 -8.65 27.44
C GLY N 313 4.12 -7.94 26.31
N ILE N 314 4.46 -8.24 25.06
CA ILE N 314 3.81 -7.61 23.91
C ILE N 314 2.33 -7.94 23.83
N ALA N 315 1.93 -9.19 24.04
CA ALA N 315 0.54 -9.58 23.97
C ALA N 315 0.08 -10.04 25.35
N ASP N 316 -1.22 -10.25 25.49
CA ASP N 316 -1.78 -10.70 26.74
C ASP N 316 -1.32 -12.13 27.05
N ALA N 317 -1.51 -12.52 28.32
CA ALA N 317 -1.09 -13.87 28.72
C ALA N 317 -1.82 -14.95 27.94
N PRO N 318 -3.16 -14.95 27.83
CA PRO N 318 -3.80 -15.89 26.90
C PRO N 318 -3.88 -15.32 25.50
N LEU N 319 -3.18 -15.94 24.55
CA LEU N 319 -3.26 -15.49 23.18
C LEU N 319 -4.60 -15.87 22.57
N SER N 320 -4.99 -15.13 21.54
CA SER N 320 -6.27 -15.36 20.89
C SER N 320 -6.29 -16.72 20.20
N PRO N 321 -7.45 -17.35 20.08
CA PRO N 321 -7.52 -18.66 19.42
C PRO N 321 -7.06 -18.64 17.98
N LEU N 322 -7.10 -17.48 17.33
CA LEU N 322 -6.63 -17.37 15.95
C LEU N 322 -5.13 -17.62 15.82
N LEU N 323 -4.38 -17.60 16.92
CA LEU N 323 -2.96 -17.88 16.89
C LEU N 323 -2.55 -19.12 17.67
N THR N 324 -3.42 -19.64 18.55
CA THR N 324 -3.08 -20.78 19.39
C THR N 324 -3.53 -22.11 18.80
N CYS N 325 -4.14 -22.09 17.61
CA CYS N 325 -4.67 -23.30 17.00
C CYS N 325 -4.03 -23.60 15.65
N ILE N 326 -2.92 -22.94 15.34
CA ILE N 326 -2.24 -23.15 14.05
C ILE N 326 -1.82 -24.61 13.92
N PRO N 327 -1.17 -25.23 14.90
CA PRO N 327 -0.94 -26.68 14.78
C PRO N 327 -2.17 -27.50 15.16
N ASN N 328 -3.07 -26.93 15.97
CA ASN N 328 -4.24 -27.67 16.40
C ASN N 328 -5.25 -27.81 15.28
N LYS N 329 -5.76 -26.68 14.77
CA LYS N 329 -6.75 -26.72 13.71
C LYS N 329 -6.16 -27.16 12.38
N ARG N 330 -4.83 -27.26 12.28
CA ARG N 330 -4.17 -27.61 10.98
C ARG N 330 -4.68 -26.65 9.91
N MET N 331 -4.68 -25.35 10.21
CA MET N 331 -5.17 -24.32 9.31
C MET N 331 -4.12 -23.22 9.16
N ASN N 332 -3.79 -22.60 8.19
CA ASN N 332 -2.77 -21.56 8.03
C ASN N 332 -3.35 -20.25 7.52
N TYR N 333 -4.40 -20.30 6.70
CA TYR N 333 -5.07 -19.11 6.20
C TYR N 333 -6.47 -19.06 6.79
N PHE N 334 -6.86 -17.90 7.31
CA PHE N 334 -8.11 -17.75 8.03
C PHE N 334 -8.98 -16.70 7.36
N LYS N 335 -10.29 -16.80 7.61
CA LYS N 335 -11.26 -15.77 7.25
C LYS N 335 -12.19 -15.55 8.43
N ILE N 336 -12.39 -14.30 8.81
CA ILE N 336 -13.20 -13.95 9.98
C ILE N 336 -14.30 -13.00 9.55
N ARG N 337 -15.53 -13.29 9.95
CA ARG N 337 -16.67 -12.41 9.76
C ARG N 337 -17.27 -12.08 11.11
N ASP N 338 -18.09 -11.04 11.14
CA ASP N 338 -18.72 -10.59 12.38
C ASP N 338 -19.72 -11.63 12.89
N GLY O 16 47.42 15.84 29.67
CA GLY O 16 48.33 15.58 30.78
C GLY O 16 47.60 15.30 32.08
N VAL O 17 47.32 16.36 32.84
CA VAL O 17 46.59 16.22 34.09
C VAL O 17 45.18 15.70 33.85
N LEU O 18 44.60 16.03 32.69
CA LEU O 18 43.29 15.49 32.36
C LEU O 18 43.39 14.00 32.00
N ALA O 19 44.43 13.61 31.29
CA ALA O 19 44.69 12.19 31.11
C ALA O 19 44.93 11.50 32.45
N HIS O 20 45.59 12.21 33.38
CA HIS O 20 45.81 11.66 34.71
C HIS O 20 44.51 11.45 35.45
N LEU O 21 43.60 12.42 35.40
CA LEU O 21 42.32 12.22 36.04
C LEU O 21 41.54 11.07 35.40
N GLU O 22 41.59 10.96 34.08
CA GLU O 22 40.90 9.86 33.42
C GLU O 22 41.47 8.51 33.85
N ARG O 23 42.80 8.40 33.94
CA ARG O 23 43.36 7.15 34.44
C ARG O 23 43.08 6.97 35.92
N LEU O 24 42.70 8.04 36.62
CA LEU O 24 42.17 7.88 37.97
C LEU O 24 40.77 7.25 37.97
N GLU O 25 39.86 7.72 37.10
CA GLU O 25 38.57 7.03 37.06
C GLU O 25 38.70 5.60 36.51
N THR O 26 39.76 5.31 35.75
CA THR O 26 39.96 3.92 35.33
C THR O 26 40.03 3.00 36.54
N GLN O 27 40.67 3.48 37.61
CA GLN O 27 40.65 2.77 38.88
C GLN O 27 39.24 2.78 39.48
N ASN O 89 7.75 -46.61 60.95
CA ASN O 89 6.34 -46.72 61.34
C ASN O 89 5.43 -46.20 60.23
N GLU O 90 4.94 -44.97 60.40
CA GLU O 90 4.07 -44.37 59.39
C GLU O 90 4.81 -44.19 58.07
N GLN O 91 6.06 -43.74 58.13
CA GLN O 91 6.86 -43.59 56.91
C GLN O 91 7.10 -44.94 56.25
N GLU O 92 7.40 -45.96 57.05
CA GLU O 92 7.62 -47.30 56.50
C GLU O 92 6.34 -47.83 55.84
N ALA O 93 5.19 -47.63 56.48
CA ALA O 93 3.93 -48.07 55.89
C ALA O 93 3.63 -47.32 54.59
N LEU O 94 3.89 -46.02 54.57
CA LEU O 94 3.67 -45.23 53.35
C LEU O 94 4.59 -45.70 52.23
N GLU O 95 5.85 -45.99 52.55
CA GLU O 95 6.77 -46.49 51.55
C GLU O 95 6.34 -47.86 51.03
N GLU O 96 5.87 -48.73 51.92
CA GLU O 96 5.38 -50.04 51.50
C GLU O 96 4.18 -49.92 50.58
N LYS O 97 3.24 -49.03 50.92
CA LYS O 97 2.08 -48.80 50.06
C LYS O 97 2.51 -48.24 48.71
N LEU O 98 3.46 -47.31 48.72
CA LEU O 98 3.94 -46.72 47.47
C LEU O 98 4.59 -47.77 46.57
N GLU O 99 5.42 -48.64 47.13
CA GLU O 99 6.06 -49.65 46.30
C GLU O 99 5.06 -50.71 45.85
N ASN O 100 4.06 -51.02 46.67
CA ASN O 100 3.00 -51.93 46.22
C ASN O 100 2.22 -51.35 45.04
N VAL O 101 1.83 -50.07 45.13
CA VAL O 101 1.06 -49.48 44.05
C VAL O 101 1.92 -49.29 42.81
N LYS O 102 3.23 -49.06 43.01
CA LYS O 102 4.13 -49.00 41.86
C LYS O 102 4.25 -50.34 41.17
N ALA O 103 4.34 -51.43 41.95
CA ALA O 103 4.36 -52.75 41.36
C ALA O 103 3.07 -53.06 40.62
N ILE O 104 1.94 -52.65 41.20
CA ILE O 104 0.65 -52.83 40.52
C ILE O 104 0.60 -52.03 39.22
N LEU O 105 1.15 -50.81 39.22
CA LEU O 105 1.20 -50.00 38.01
C LEU O 105 2.08 -50.67 36.94
N GLN O 106 3.22 -51.24 37.36
CA GLN O 106 4.07 -51.96 36.41
C GLN O 106 3.34 -53.17 35.84
N ALA O 107 2.59 -53.88 36.68
CA ALA O 107 1.81 -55.01 36.19
C ALA O 107 0.75 -54.55 35.21
N TYR O 108 0.09 -53.42 35.49
CA TYR O 108 -0.89 -52.86 34.56
C TYR O 108 -0.23 -52.50 33.24
N HIS O 109 1.00 -51.97 33.29
CA HIS O 109 1.73 -51.68 32.06
C HIS O 109 2.03 -52.96 31.29
N PHE O 110 2.36 -54.03 32.00
CA PHE O 110 2.76 -55.28 31.37
C PHE O 110 1.60 -56.00 30.69
N THR O 111 0.36 -55.55 30.90
CA THR O 111 -0.81 -56.20 30.31
C THR O 111 -1.69 -55.15 29.65
N GLY O 112 -2.41 -55.56 28.62
CA GLY O 112 -3.35 -54.68 27.95
C GLY O 112 -2.74 -53.39 27.45
N LEU O 113 -3.08 -52.29 28.11
CA LEU O 113 -2.59 -50.96 27.75
C LEU O 113 -2.12 -50.23 28.99
N SER O 114 -1.66 -49.00 28.80
CA SER O 114 -1.17 -48.16 29.88
C SER O 114 -1.77 -46.77 29.78
N GLY O 115 -1.87 -46.10 30.92
CA GLY O 115 -2.40 -44.75 30.96
C GLY O 115 -1.78 -43.96 32.09
N LYS O 116 -1.27 -42.78 31.75
CA LYS O 116 -0.66 -41.88 32.71
C LYS O 116 -1.43 -40.58 32.73
N LEU O 117 -2.21 -40.36 33.79
CA LEU O 117 -3.08 -39.20 33.88
C LEU O 117 -2.24 -37.94 34.03
N THR O 118 -2.54 -36.93 33.22
CA THR O 118 -1.86 -35.63 33.27
C THR O 118 -2.87 -34.52 33.52
N SER O 119 -2.38 -33.28 33.47
CA SER O 119 -3.24 -32.13 33.71
C SER O 119 -4.28 -31.96 32.61
N ARG O 120 -3.85 -32.04 31.34
CA ARG O 120 -4.76 -31.84 30.22
C ARG O 120 -5.40 -33.12 29.72
N GLY O 121 -5.05 -34.27 30.29
CA GLY O 121 -5.64 -35.53 29.86
C GLY O 121 -4.80 -36.73 30.26
N VAL O 122 -4.93 -37.82 29.51
CA VAL O 122 -4.17 -39.03 29.76
C VAL O 122 -3.38 -39.37 28.50
N CYS O 123 -2.06 -39.48 28.63
CA CYS O 123 -1.21 -39.94 27.53
C CYS O 123 -1.23 -41.48 27.52
N VAL O 124 -2.39 -42.00 27.14
CA VAL O 124 -2.67 -43.44 27.16
C VAL O 124 -1.66 -44.18 26.30
N CYS O 125 -0.97 -45.15 26.89
CA CYS O 125 0.02 -45.96 26.20
C CYS O 125 -0.60 -47.30 25.85
N ILE O 126 -0.60 -47.64 24.56
CA ILE O 126 -1.11 -48.90 24.08
C ILE O 126 0.08 -49.81 23.77
N SER O 127 0.00 -51.05 24.26
CA SER O 127 1.08 -52.03 24.13
C SER O 127 0.71 -53.09 23.10
N THR O 128 1.70 -53.53 22.34
CA THR O 128 1.50 -54.48 21.25
C THR O 128 2.42 -55.68 21.43
N ALA O 129 1.89 -56.87 21.16
CA ALA O 129 2.66 -58.10 21.19
C ALA O 129 1.95 -59.16 20.36
N PHE O 130 2.70 -60.19 19.98
CA PHE O 130 2.17 -61.28 19.18
C PHE O 130 3.06 -62.51 19.35
N GLU O 131 2.44 -63.65 19.61
CA GLU O 131 3.14 -64.93 19.76
C GLU O 131 4.26 -64.82 20.80
N GLY O 132 3.94 -64.14 21.90
CA GLY O 132 4.91 -63.97 22.97
C GLY O 132 6.09 -63.11 22.62
N ASN O 133 5.98 -62.30 21.57
CA ASN O 133 7.05 -61.41 21.15
C ASN O 133 6.61 -59.98 21.43
N LEU O 134 7.32 -59.31 22.34
CA LEU O 134 7.00 -57.93 22.65
C LEU O 134 7.25 -57.04 21.44
N LEU O 135 6.29 -56.18 21.14
CA LEU O 135 6.34 -55.33 19.97
C LEU O 135 6.29 -53.86 20.40
N ASP O 136 6.46 -52.97 19.45
CA ASP O 136 6.54 -51.55 19.74
C ASP O 136 5.20 -51.05 20.28
N SER O 137 5.26 -50.16 21.27
CA SER O 137 4.07 -49.62 21.90
C SER O 137 3.93 -48.14 21.53
N TYR O 138 2.67 -47.71 21.38
CA TYR O 138 2.37 -46.35 20.97
C TYR O 138 1.70 -45.62 22.12
N PHE O 139 1.43 -44.33 21.93
CA PHE O 139 0.67 -43.59 22.92
C PHE O 139 -0.09 -42.46 22.25
N VAL O 140 -1.18 -42.05 22.89
CA VAL O 140 -2.07 -41.01 22.39
C VAL O 140 -2.45 -40.09 23.54
N ASP O 141 -2.43 -38.79 23.29
CA ASP O 141 -2.83 -37.83 24.30
C ASP O 141 -4.34 -37.59 24.26
N LEU O 142 -4.90 -37.25 25.41
CA LEU O 142 -6.34 -37.04 25.54
C LEU O 142 -6.61 -35.67 26.15
N VAL O 143 -7.83 -35.18 25.94
CA VAL O 143 -8.33 -33.99 26.60
C VAL O 143 -9.59 -34.39 27.36
N ILE O 144 -9.60 -34.16 28.67
CA ILE O 144 -10.72 -34.59 29.51
C ILE O 144 -11.94 -33.70 29.37
N GLN O 145 -11.82 -32.57 28.70
CA GLN O 145 -12.93 -31.64 28.57
C GLN O 145 -13.96 -32.22 27.59
N LYS O 146 -15.21 -31.75 27.69
CA LYS O 146 -16.34 -32.29 26.93
C LYS O 146 -16.10 -32.31 25.42
N PRO O 147 -15.58 -31.23 24.80
CA PRO O 147 -15.25 -31.37 23.37
C PRO O 147 -14.02 -32.25 23.17
N LEU O 148 -14.25 -33.57 23.22
CA LEU O 148 -13.19 -34.56 23.16
C LEU O 148 -12.33 -34.39 21.91
N ARG O 149 -11.04 -34.13 22.11
CA ARG O 149 -10.13 -33.86 21.02
C ARG O 149 -8.81 -34.58 21.27
N ILE O 150 -8.13 -34.94 20.18
CA ILE O 150 -6.83 -35.58 20.23
C ILE O 150 -5.79 -34.54 19.81
N HIS O 151 -5.19 -33.87 20.79
CA HIS O 151 -4.21 -32.83 20.50
C HIS O 151 -2.83 -33.40 20.18
N HIS O 152 -2.58 -34.66 20.50
CA HIS O 152 -1.30 -35.29 20.23
C HIS O 152 -1.48 -36.80 20.24
N HIS O 153 -0.78 -37.48 19.34
CA HIS O 153 -0.85 -38.93 19.27
C HIS O 153 0.38 -39.44 18.52
N SER O 154 0.70 -40.71 18.76
CA SER O 154 1.83 -41.36 18.10
C SER O 154 1.42 -42.48 17.17
N VAL O 155 0.14 -42.85 17.13
CA VAL O 155 -0.30 -43.93 16.25
C VAL O 155 -0.13 -43.50 14.80
N PRO O 156 0.40 -44.36 13.92
CA PRO O 156 0.55 -43.97 12.51
C PRO O 156 -0.79 -43.68 11.86
N VAL O 157 -0.76 -42.79 10.87
CA VAL O 157 -2.00 -42.23 10.32
C VAL O 157 -2.76 -43.27 9.49
N PHE O 158 -2.03 -44.17 8.84
CA PHE O 158 -2.71 -45.10 7.95
C PHE O 158 -3.63 -46.06 8.69
N ILE O 159 -3.49 -46.18 10.00
CA ILE O 159 -4.48 -46.90 10.80
C ILE O 159 -5.73 -46.03 10.89
N PRO O 160 -6.88 -46.52 10.47
CA PRO O 160 -8.11 -45.71 10.51
C PRO O 160 -8.63 -45.58 11.93
N LEU O 161 -8.71 -44.34 12.42
CA LEU O 161 -9.25 -44.07 13.74
C LEU O 161 -10.28 -42.96 13.77
N GLU O 162 -10.21 -42.00 12.83
CA GLU O 162 -11.16 -40.90 12.83
C GLU O 162 -12.58 -41.38 12.56
N GLU O 163 -12.74 -42.36 11.67
CA GLU O 163 -14.03 -43.01 11.51
C GLU O 163 -14.43 -43.73 12.79
N ILE O 164 -13.49 -44.45 13.39
CA ILE O 164 -13.76 -45.10 14.67
C ILE O 164 -13.98 -44.05 15.75
N ALA O 165 -13.35 -42.88 15.61
CA ALA O 165 -13.60 -41.80 16.54
C ALA O 165 -15.04 -41.33 16.45
N ALA O 166 -15.53 -41.06 15.24
CA ALA O 166 -16.92 -40.68 15.07
C ALA O 166 -17.86 -41.80 15.50
N LYS O 167 -17.37 -43.05 15.46
CA LYS O 167 -18.20 -44.19 15.86
C LYS O 167 -18.35 -44.26 17.37
N TYR O 168 -17.24 -44.41 18.09
CA TYR O 168 -17.30 -44.76 19.51
C TYR O 168 -16.40 -43.92 20.41
N LEU O 169 -15.80 -42.83 19.91
CA LEU O 169 -15.00 -41.99 20.80
C LEU O 169 -15.89 -41.18 21.74
N GLN O 170 -17.00 -40.64 21.21
CA GLN O 170 -17.91 -39.87 22.04
C GLN O 170 -18.74 -40.76 22.97
N THR O 171 -19.17 -41.92 22.46
CA THR O 171 -20.02 -42.83 23.21
C THR O 171 -19.37 -44.20 23.28
N ASN O 172 -19.44 -44.83 24.45
CA ASN O 172 -18.82 -46.13 24.70
C ASN O 172 -17.32 -46.08 24.42
N ILE O 173 -16.63 -45.26 25.22
CA ILE O 173 -15.20 -45.06 25.05
C ILE O 173 -14.43 -46.36 25.27
N GLN O 174 -14.93 -47.22 26.16
CA GLN O 174 -14.26 -48.48 26.44
C GLN O 174 -14.15 -49.34 25.19
N HIS O 175 -15.25 -49.44 24.44
CA HIS O 175 -15.23 -50.21 23.20
C HIS O 175 -14.30 -49.56 22.17
N PHE O 176 -14.25 -48.22 22.16
CA PHE O 176 -13.32 -47.50 21.30
C PHE O 176 -11.88 -47.93 21.58
N LEU O 177 -11.47 -47.88 22.85
CA LEU O 177 -10.12 -48.27 23.22
C LEU O 177 -9.85 -49.74 22.93
N PHE O 178 -10.81 -50.62 23.23
CA PHE O 178 -10.60 -52.04 22.95
C PHE O 178 -10.41 -52.29 21.46
N SER O 179 -11.24 -51.65 20.63
CA SER O 179 -11.13 -51.83 19.18
C SER O 179 -9.80 -51.30 18.66
N LEU O 180 -9.38 -50.12 19.11
CA LEU O 180 -8.12 -49.59 18.63
C LEU O 180 -6.95 -50.45 19.10
N CYS O 181 -7.05 -51.00 20.32
CA CYS O 181 -6.03 -51.92 20.79
C CYS O 181 -5.94 -53.15 19.91
N GLU O 182 -7.09 -53.71 19.55
CA GLU O 182 -7.10 -54.87 18.65
C GLU O 182 -6.47 -54.51 17.31
N TYR O 183 -6.83 -53.35 16.76
CA TYR O 183 -6.32 -52.97 15.45
C TYR O 183 -4.81 -52.77 15.48
N LEU O 184 -4.31 -52.05 16.49
CA LEU O 184 -2.87 -51.85 16.60
C LEU O 184 -2.14 -53.17 16.82
N ASN O 185 -2.71 -54.07 17.63
CA ASN O 185 -2.09 -55.37 17.82
C ASN O 185 -2.00 -56.14 16.52
N ALA O 186 -3.08 -56.11 15.72
CA ALA O 186 -3.06 -56.80 14.44
C ALA O 186 -2.02 -56.21 13.50
N TYR O 187 -1.95 -54.88 13.45
CA TYR O 187 -0.96 -54.24 12.58
C TYR O 187 0.46 -54.58 13.02
N SER O 188 0.70 -54.56 14.33
CA SER O 188 2.02 -54.88 14.84
C SER O 188 2.39 -56.33 14.54
N GLY O 189 1.44 -57.24 14.68
CA GLY O 189 1.71 -58.63 14.35
C GLY O 189 2.02 -58.82 12.88
N ARG O 190 1.28 -58.14 12.01
CA ARG O 190 1.53 -58.23 10.58
C ARG O 190 2.91 -57.69 10.23
N LYS O 191 3.27 -56.53 10.80
CA LYS O 191 4.59 -55.96 10.54
C LYS O 191 5.70 -56.84 11.08
N TYR O 192 5.49 -57.45 12.25
CA TYR O 192 6.49 -58.34 12.81
C TYR O 192 6.68 -59.57 11.93
N GLN O 193 5.58 -60.15 11.43
CA GLN O 193 5.71 -61.27 10.52
C GLN O 193 6.47 -60.86 9.26
N ALA O 194 6.14 -59.69 8.72
CA ALA O 194 6.75 -59.24 7.47
C ALA O 194 8.26 -59.04 7.64
N ASP O 195 8.66 -58.28 8.66
CA ASP O 195 10.09 -57.98 8.79
C ASP O 195 10.86 -59.19 9.32
N ARG O 196 10.20 -60.08 10.07
CA ARG O 196 10.83 -61.33 10.44
C ARG O 196 11.13 -62.18 9.21
N LEU O 197 10.17 -62.25 8.28
CA LEU O 197 10.42 -62.93 7.01
C LEU O 197 11.56 -62.26 6.25
N GLN O 198 11.55 -60.93 6.18
CA GLN O 198 12.58 -60.23 5.43
C GLN O 198 13.97 -60.49 6.00
N SER O 199 14.08 -60.47 7.33
CA SER O 199 15.40 -60.62 7.96
C SER O 199 15.88 -62.05 7.95
N ASP O 200 15.02 -63.01 8.28
CA ASP O 200 15.47 -64.37 8.54
C ASP O 200 15.40 -65.26 7.32
N PHE O 201 14.23 -65.42 6.73
CA PHE O 201 14.01 -66.39 5.66
C PHE O 201 14.23 -65.81 4.28
N ALA O 202 15.09 -64.79 4.15
CA ALA O 202 15.42 -64.22 2.85
C ALA O 202 16.30 -65.17 2.06
N ALA O 203 16.78 -66.23 2.71
CA ALA O 203 17.69 -67.17 2.06
C ALA O 203 17.04 -67.85 0.85
N LEU O 204 15.80 -68.30 1.01
CA LEU O 204 15.09 -68.96 -0.08
C LEU O 204 14.20 -68.02 -0.88
N LEU O 205 14.17 -66.74 -0.53
CA LEU O 205 13.39 -65.78 -1.31
C LEU O 205 14.19 -65.32 -2.53
N THR O 206 13.50 -65.17 -3.65
CA THR O 206 14.13 -64.78 -4.91
C THR O 206 13.87 -63.33 -5.30
N GLY O 207 13.08 -62.60 -4.53
CA GLY O 207 12.78 -61.22 -4.83
C GLY O 207 12.19 -60.47 -3.67
N PRO O 208 12.32 -59.14 -3.69
CA PRO O 208 11.74 -58.34 -2.61
C PRO O 208 10.21 -58.45 -2.57
N LEU O 209 9.69 -58.38 -1.36
CA LEU O 209 8.24 -58.47 -1.13
C LEU O 209 7.66 -57.07 -1.17
N GLN O 210 6.50 -56.94 -1.83
CA GLN O 210 5.80 -55.67 -1.88
C GLN O 210 4.80 -55.59 -0.74
N ARG O 211 4.98 -54.63 0.16
CA ARG O 211 4.16 -54.52 1.35
C ARG O 211 3.57 -53.12 1.45
N ASN O 212 2.31 -53.07 1.84
CA ASN O 212 1.63 -51.83 2.14
C ASN O 212 1.93 -51.39 3.56
N PRO O 213 1.82 -50.09 3.86
CA PRO O 213 2.06 -49.64 5.24
C PRO O 213 1.19 -50.34 6.26
N LEU O 214 -0.07 -50.59 5.93
CA LEU O 214 -0.97 -51.32 6.80
C LEU O 214 -0.81 -52.84 6.65
N CYS O 215 -0.12 -53.28 5.60
CA CYS O 215 0.18 -54.71 5.38
C CYS O 215 -1.09 -55.54 5.19
N ASN O 216 -2.15 -54.91 4.69
CA ASN O 216 -3.35 -55.66 4.32
C ASN O 216 -3.10 -56.57 3.13
N LEU O 217 -2.29 -56.13 2.17
CA LEU O 217 -1.93 -56.92 0.99
C LEU O 217 -0.46 -57.26 1.04
N LEU O 218 -0.14 -58.52 0.83
CA LEU O 218 1.24 -58.97 0.72
C LEU O 218 1.43 -59.70 -0.59
N SER O 219 2.54 -59.41 -1.27
CA SER O 219 2.86 -60.07 -2.53
C SER O 219 4.36 -60.36 -2.56
N PHE O 220 4.70 -61.62 -2.77
CA PHE O 220 6.10 -62.01 -2.78
C PHE O 220 6.27 -63.26 -3.64
N THR O 221 7.52 -63.66 -3.83
CA THR O 221 7.86 -64.88 -4.57
C THR O 221 8.91 -65.64 -3.78
N TYR O 222 8.88 -66.97 -3.87
CA TYR O 222 9.80 -67.81 -3.11
C TYR O 222 10.09 -69.11 -3.86
N LYS O 223 11.31 -69.61 -3.65
CA LYS O 223 11.76 -70.87 -4.21
C LYS O 223 12.06 -71.82 -3.07
N LEU O 224 11.51 -73.04 -3.14
CA LEU O 224 11.77 -74.06 -2.15
C LEU O 224 12.44 -75.25 -2.82
N ASP O 225 13.43 -75.80 -2.13
CA ASP O 225 14.21 -76.91 -2.66
C ASP O 225 13.86 -78.21 -1.95
N GLN O 229 13.25 -81.47 -4.84
CA GLN O 229 13.35 -80.67 -6.05
C GLN O 229 13.03 -79.21 -5.76
N SER O 230 13.31 -78.34 -6.72
CA SER O 230 13.08 -76.91 -6.55
C SER O 230 11.82 -76.49 -7.28
N PHE O 231 10.95 -75.76 -6.60
CA PHE O 231 9.68 -75.29 -7.17
C PHE O 231 9.57 -73.80 -6.96
N PRO O 232 9.22 -73.02 -7.98
CA PRO O 232 8.99 -71.58 -7.78
C PRO O 232 7.52 -71.32 -7.46
N PHE O 233 7.27 -70.31 -6.63
CA PHE O 233 5.91 -69.90 -6.31
C PHE O 233 5.88 -68.39 -6.12
N CYS O 234 4.70 -67.81 -6.29
CA CYS O 234 4.44 -66.40 -6.02
C CYS O 234 3.13 -66.31 -5.28
N ALA O 235 3.17 -65.73 -4.08
CA ALA O 235 2.04 -65.71 -3.16
C ALA O 235 1.53 -64.30 -2.97
N ARG O 236 0.21 -64.19 -2.81
CA ARG O 236 -0.48 -62.94 -2.55
C ARG O 236 -1.51 -63.19 -1.46
N LEU O 237 -1.40 -62.45 -0.37
CA LEU O 237 -2.24 -62.61 0.81
C LEU O 237 -3.06 -61.35 1.01
N LEU O 238 -4.35 -61.53 1.30
CA LEU O 238 -5.28 -60.42 1.52
C LEU O 238 -5.68 -60.41 2.99
N TYR O 239 -5.14 -59.45 3.74
CA TYR O 239 -5.53 -59.27 5.13
C TYR O 239 -6.62 -58.21 5.22
N LYS O 240 -7.70 -58.45 4.48
CA LYS O 240 -8.79 -57.49 4.44
C LYS O 240 -9.56 -57.44 5.76
N ASP O 241 -9.51 -58.48 6.57
CA ASP O 241 -10.08 -58.46 7.90
C ASP O 241 -9.07 -57.80 8.84
N LEU O 242 -9.31 -56.52 9.13
CA LEU O 242 -8.29 -55.72 9.79
C LEU O 242 -8.09 -56.11 11.25
N THR O 243 -9.13 -56.64 11.89
CA THR O 243 -9.04 -56.94 13.32
C THR O 243 -8.25 -58.22 13.61
N ALA O 244 -7.94 -59.02 12.60
CA ALA O 244 -7.23 -60.27 12.81
C ALA O 244 -5.85 -60.23 12.15
N THR O 245 -4.99 -61.13 12.61
CA THR O 245 -3.63 -61.24 12.08
C THR O 245 -3.49 -62.35 11.05
N LEU O 246 -4.59 -63.00 10.67
CA LEU O 246 -4.54 -64.09 9.71
C LEU O 246 -5.30 -63.71 8.45
N PRO O 247 -4.75 -64.00 7.28
CA PRO O 247 -5.42 -63.64 6.03
C PRO O 247 -6.66 -64.49 5.81
N THR O 248 -7.59 -63.95 5.02
CA THR O 248 -8.79 -64.70 4.66
C THR O 248 -8.67 -65.32 3.27
N ASP O 249 -8.05 -64.61 2.33
CA ASP O 249 -7.89 -65.10 0.96
C ASP O 249 -6.42 -65.01 0.56
N VAL O 250 -5.85 -66.15 0.19
CA VAL O 250 -4.49 -66.22 -0.32
C VAL O 250 -4.51 -66.92 -1.67
N THR O 251 -3.70 -66.43 -2.60
CA THR O 251 -3.56 -67.06 -3.91
C THR O 251 -2.08 -67.19 -4.25
N VAL O 252 -1.66 -68.39 -4.64
CA VAL O 252 -0.27 -68.66 -5.00
C VAL O 252 -0.26 -69.31 -6.37
N THR O 253 0.65 -68.86 -7.23
CA THR O 253 0.74 -69.37 -8.59
C THR O 253 2.13 -69.10 -9.14
N CYS O 254 2.37 -69.58 -10.36
CA CYS O 254 3.65 -69.36 -11.03
C CYS O 254 3.40 -69.11 -12.50
N GLN O 255 4.22 -68.22 -13.07
CA GLN O 255 4.14 -67.87 -14.48
C GLN O 255 5.39 -68.36 -15.20
N GLY O 256 5.19 -68.92 -16.40
CA GLY O 256 6.27 -69.42 -17.22
C GLY O 256 6.46 -70.92 -17.20
N VAL O 257 5.85 -71.61 -16.23
CA VAL O 257 5.95 -73.06 -16.13
C VAL O 257 4.56 -73.65 -16.25
N GLU O 258 4.42 -74.67 -17.11
CA GLU O 258 3.15 -75.35 -17.27
C GLU O 258 3.08 -76.53 -16.31
N VAL O 259 1.87 -76.77 -15.79
CA VAL O 259 1.65 -77.76 -14.73
C VAL O 259 2.04 -79.13 -15.26
N LEU O 260 2.92 -79.83 -14.53
CA LEU O 260 3.42 -81.13 -14.95
C LEU O 260 3.42 -82.18 -13.85
N SER O 261 3.41 -81.77 -12.58
CA SER O 261 3.45 -82.71 -11.45
C SER O 261 2.28 -82.43 -10.54
N THR O 262 1.50 -83.47 -10.24
CA THR O 262 0.40 -83.32 -9.29
C THR O 262 0.94 -83.04 -7.89
N SER O 263 2.15 -83.51 -7.59
CA SER O 263 2.76 -83.21 -6.31
C SER O 263 3.01 -81.71 -6.16
N TRP O 264 3.40 -81.05 -7.24
CA TRP O 264 3.61 -79.61 -7.21
C TRP O 264 2.32 -78.87 -6.82
N GLU O 265 1.20 -79.26 -7.42
CA GLU O 265 -0.08 -78.69 -7.03
C GLU O 265 -0.43 -79.07 -5.59
N GLU O 266 0.04 -80.23 -5.14
CA GLU O 266 -0.17 -80.63 -3.76
C GLU O 266 0.54 -79.70 -2.78
N GLN O 267 1.80 -79.37 -3.05
CA GLN O 267 2.49 -78.40 -2.18
C GLN O 267 1.86 -77.02 -2.32
N ARG O 268 1.36 -76.70 -3.51
CA ARG O 268 0.64 -75.43 -3.69
C ARG O 268 -0.56 -75.36 -2.74
N ALA O 269 -1.38 -76.39 -2.73
CA ALA O 269 -2.55 -76.42 -1.85
C ALA O 269 -2.14 -76.44 -0.38
N SER O 270 -1.09 -77.18 -0.06
CA SER O 270 -0.62 -77.23 1.33
C SER O 270 -0.18 -75.85 1.81
N HIS O 271 0.58 -75.13 0.99
CA HIS O 271 0.98 -73.77 1.33
C HIS O 271 -0.24 -72.86 1.44
N GLU O 272 -1.19 -73.01 0.52
CA GLU O 272 -2.43 -72.24 0.61
C GLU O 272 -3.09 -72.40 1.97
N THR O 273 -3.26 -73.65 2.41
CA THR O 273 -3.87 -73.90 3.72
C THR O 273 -3.00 -73.34 4.83
N LEU O 274 -1.68 -73.45 4.69
CA LEU O 274 -0.78 -72.96 5.73
C LEU O 274 -0.91 -71.46 5.93
N PHE O 275 -0.94 -70.69 4.84
CA PHE O 275 -1.16 -69.26 4.98
C PHE O 275 -2.55 -68.95 5.50
N CYS O 276 -3.56 -69.68 5.00
CA CYS O 276 -4.94 -69.39 5.41
C CYS O 276 -5.21 -69.75 6.87
N THR O 277 -4.39 -70.59 7.49
CA THR O 277 -4.64 -71.05 8.84
C THR O 277 -3.60 -70.61 9.85
N LYS O 278 -2.31 -70.83 9.55
CA LYS O 278 -1.25 -70.63 10.53
C LYS O 278 -0.37 -69.45 10.14
N PRO O 279 0.37 -68.88 11.10
CA PRO O 279 1.23 -67.74 10.79
C PRO O 279 2.29 -68.06 9.74
N LEU O 280 2.88 -67.00 9.20
CA LEU O 280 3.76 -67.07 8.03
C LEU O 280 5.11 -67.70 8.37
N HIS O 281 5.86 -67.06 9.25
CA HIS O 281 7.19 -67.57 9.59
C HIS O 281 7.11 -68.94 10.24
N GLN O 282 6.03 -69.23 10.96
CA GLN O 282 5.87 -70.54 11.57
C GLN O 282 5.82 -71.63 10.52
N VAL O 283 4.95 -71.49 9.52
CA VAL O 283 4.87 -72.53 8.49
C VAL O 283 6.14 -72.56 7.63
N PHE O 284 6.77 -71.39 7.43
CA PHE O 284 8.01 -71.38 6.67
C PHE O 284 9.09 -72.20 7.38
N ALA O 285 9.30 -71.96 8.67
CA ALA O 285 10.22 -72.76 9.44
C ALA O 285 9.77 -74.21 9.51
N SER O 286 8.46 -74.45 9.44
CA SER O 286 7.95 -75.81 9.52
C SER O 286 8.38 -76.63 8.31
N PHE O 287 8.19 -76.09 7.10
CA PHE O 287 8.49 -76.92 5.93
C PHE O 287 9.96 -76.83 5.54
N THR O 288 10.59 -75.67 5.75
CA THR O 288 11.99 -75.51 5.37
C THR O 288 12.88 -76.44 6.18
N ARG O 289 12.62 -76.56 7.48
CA ARG O 289 13.41 -77.43 8.34
C ARG O 289 13.08 -78.90 8.08
N SER P 53 5.02 -36.17 56.06
CA SER P 53 4.34 -37.34 55.52
C SER P 53 2.98 -36.97 54.93
N LYS P 54 2.48 -35.79 55.29
CA LYS P 54 1.19 -35.34 54.78
C LYS P 54 1.23 -35.14 53.27
N ASP P 55 2.28 -34.49 52.76
CA ASP P 55 2.41 -34.33 51.32
C ASP P 55 2.59 -35.68 50.62
N LEU P 56 3.40 -36.57 51.22
CA LEU P 56 3.55 -37.91 50.67
C LEU P 56 2.24 -38.67 50.67
N LYS P 57 1.46 -38.53 51.75
CA LYS P 57 0.16 -39.19 51.81
C LYS P 57 -0.78 -38.65 50.74
N ASN P 58 -0.77 -37.33 50.53
CA ASN P 58 -1.63 -36.75 49.50
C ASN P 58 -1.22 -37.23 48.10
N GLN P 59 0.09 -37.27 47.84
CA GLN P 59 0.57 -37.75 46.54
C GLN P 59 0.20 -39.22 46.34
N LEU P 60 0.34 -40.04 47.39
CA LEU P 60 -0.05 -41.43 47.30
C LEU P 60 -1.54 -41.59 47.05
N GLY P 61 -2.37 -40.76 47.69
CA GLY P 61 -3.80 -40.81 47.44
C GLY P 61 -4.14 -40.42 46.02
N HIS P 62 -3.48 -39.39 45.49
CA HIS P 62 -3.72 -38.99 44.10
C HIS P 62 -3.32 -40.10 43.13
N LEU P 63 -2.17 -40.73 43.38
CA LEU P 63 -1.74 -41.83 42.53
C LEU P 63 -2.69 -43.02 42.65
N GLU P 64 -3.21 -43.27 43.85
CA GLU P 64 -4.18 -44.35 44.04
C GLU P 64 -5.47 -44.06 43.27
N SER P 65 -5.91 -42.80 43.28
CA SER P 65 -7.09 -42.45 42.50
C SER P 65 -6.85 -42.65 41.01
N GLU P 66 -5.66 -42.26 40.54
CA GLU P 66 -5.31 -42.51 39.14
C GLU P 66 -5.31 -43.99 38.82
N LEU P 67 -4.74 -44.81 39.71
CA LEU P 67 -4.69 -46.24 39.48
C LEU P 67 -6.09 -46.84 39.46
N SER P 68 -6.98 -46.37 40.35
CA SER P 68 -8.35 -46.84 40.33
C SER P 68 -9.06 -46.45 39.04
N PHE P 69 -8.79 -45.23 38.55
CA PHE P 69 -9.37 -44.80 37.28
C PHE P 69 -8.91 -45.71 36.14
N LEU P 70 -7.62 -46.02 36.10
CA LEU P 70 -7.12 -46.92 35.06
C LEU P 70 -7.67 -48.33 35.21
N SER P 71 -7.85 -48.79 36.45
CA SER P 71 -8.42 -50.11 36.68
C SER P 71 -9.85 -50.18 36.17
N THR P 72 -10.62 -49.11 36.40
CA THR P 72 -11.96 -49.03 35.81
C THR P 72 -11.88 -49.00 34.29
N LEU P 73 -10.89 -48.28 33.75
CA LEU P 73 -10.69 -48.21 32.31
C LEU P 73 -10.35 -49.56 31.71
N THR P 74 -9.77 -50.48 32.49
CA THR P 74 -9.50 -51.82 32.01
C THR P 74 -10.43 -52.87 32.59
N GLY P 75 -11.14 -52.56 33.67
CA GLY P 75 -12.05 -53.53 34.26
C GLY P 75 -11.37 -54.66 34.99
N ILE P 76 -10.06 -54.57 35.21
CA ILE P 76 -9.28 -55.61 35.86
C ILE P 76 -8.55 -54.99 37.03
N ASN P 77 -8.61 -55.65 38.19
CA ASN P 77 -7.92 -55.19 39.39
C ASN P 77 -6.84 -56.21 39.73
N ILE P 78 -5.58 -55.80 39.64
CA ILE P 78 -4.45 -56.67 39.96
C ILE P 78 -4.17 -56.54 41.45
N ARG P 79 -4.38 -57.62 42.20
CA ARG P 79 -4.26 -57.57 43.65
C ARG P 79 -2.82 -57.45 44.10
N ASN P 80 -1.91 -58.24 43.51
CA ASN P 80 -0.53 -58.31 43.98
C ASN P 80 0.41 -58.29 42.78
N HIS P 81 1.64 -57.87 43.04
CA HIS P 81 2.69 -57.90 42.03
C HIS P 81 4.04 -58.08 42.73
N SER P 82 4.79 -59.08 42.29
CA SER P 82 6.11 -59.37 42.84
C SER P 82 7.09 -59.46 41.67
N LYS P 83 8.16 -58.67 41.72
CA LYS P 83 9.12 -58.58 40.63
C LYS P 83 10.47 -59.13 41.06
N GLN P 84 11.06 -59.94 40.19
CA GLN P 84 12.40 -60.45 40.37
C GLN P 84 13.16 -60.28 39.07
N THR P 85 14.47 -60.02 39.18
CA THR P 85 15.28 -59.74 38.00
C THR P 85 16.63 -60.42 38.15
N GLU P 86 17.05 -61.14 37.12
CA GLU P 86 18.35 -61.78 37.06
C GLU P 86 19.03 -61.41 35.74
N ASP P 87 20.36 -61.43 35.73
CA ASP P 87 21.14 -61.13 34.53
C ASP P 87 22.02 -62.32 34.18
N LEU P 88 21.92 -62.78 32.93
CA LEU P 88 22.73 -63.88 32.43
C LEU P 88 23.36 -63.45 31.12
N THR P 89 24.62 -63.01 31.18
CA THR P 89 25.34 -62.52 30.02
C THR P 89 26.36 -63.55 29.57
N SER P 90 26.68 -63.52 28.28
CA SER P 90 27.64 -64.45 27.71
C SER P 90 29.05 -64.17 28.21
N ARG P 99 23.43 -58.52 26.52
CA ARG P 99 23.18 -58.63 27.96
C ARG P 99 21.76 -59.11 28.22
N LYS P 100 21.60 -60.43 28.31
CA LYS P 100 20.28 -61.01 28.55
C LYS P 100 19.88 -60.83 30.01
N VAL P 101 18.64 -60.38 30.23
CA VAL P 101 18.10 -60.22 31.57
C VAL P 101 16.73 -60.88 31.61
N LEU P 102 16.48 -61.67 32.65
CA LEU P 102 15.22 -62.37 32.84
C LEU P 102 14.47 -61.73 33.99
N GLN P 103 13.23 -61.32 33.73
CA GLN P 103 12.39 -60.69 34.74
C GLN P 103 11.12 -61.53 34.96
N ARG P 104 10.86 -61.83 36.23
CA ARG P 104 9.72 -62.64 36.63
C ARG P 104 8.74 -61.77 37.40
N HIS P 105 7.48 -61.79 37.00
CA HIS P 105 6.44 -60.96 37.61
C HIS P 105 5.26 -61.86 38.02
N ARG P 106 5.15 -62.10 39.31
CA ARG P 106 4.01 -62.83 39.84
C ARG P 106 2.87 -61.86 40.14
N LEU P 107 1.65 -62.23 39.77
CA LEU P 107 0.53 -61.33 40.00
C LEU P 107 -0.78 -62.11 40.11
N SER P 108 -1.54 -61.77 41.14
CA SER P 108 -2.92 -62.23 41.29
C SER P 108 -3.85 -61.07 41.01
N GLY P 109 -4.91 -61.36 40.25
CA GLY P 109 -5.84 -60.31 39.88
C GLY P 109 -7.24 -60.84 39.77
N ASN P 110 -8.15 -59.95 39.38
CA ASN P 110 -9.54 -60.36 39.23
C ASN P 110 -10.25 -59.42 38.27
N CYS P 111 -11.10 -60.01 37.44
CA CYS P 111 -12.12 -59.31 36.69
C CYS P 111 -13.40 -59.32 37.50
N HIS P 112 -14.39 -58.57 37.00
CA HIS P 112 -15.61 -58.28 37.76
C HIS P 112 -16.11 -59.46 38.59
N MET P 113 -16.30 -60.61 37.94
CA MET P 113 -16.81 -61.80 38.62
C MET P 113 -15.79 -62.92 38.76
N VAL P 114 -14.57 -62.76 38.24
CA VAL P 114 -13.63 -63.87 38.15
C VAL P 114 -12.33 -63.49 38.83
N THR P 115 -11.64 -64.49 39.37
CA THR P 115 -10.35 -64.32 40.01
C THR P 115 -9.31 -65.23 39.34
N PHE P 116 -8.09 -64.73 39.20
CA PHE P 116 -7.06 -65.44 38.48
C PHE P 116 -5.71 -65.19 39.12
N GLN P 117 -4.77 -66.11 38.87
CA GLN P 117 -3.38 -65.95 39.29
C GLN P 117 -2.51 -66.24 38.07
N LEU P 118 -1.39 -65.56 37.94
CA LEU P 118 -0.47 -65.86 36.85
C LEU P 118 0.92 -65.34 37.17
N GLU P 119 1.92 -66.08 36.71
CA GLU P 119 3.32 -65.68 36.79
C GLU P 119 3.93 -65.86 35.41
N PHE P 120 4.86 -64.98 35.04
CA PHE P 120 5.52 -65.07 33.76
C PHE P 120 6.96 -64.59 33.87
N GLN P 121 7.83 -65.28 33.15
CA GLN P 121 9.24 -64.91 33.06
C GLN P 121 9.52 -64.45 31.64
N ILE P 122 10.09 -63.26 31.51
CA ILE P 122 10.31 -62.59 30.24
C ILE P 122 11.79 -62.33 30.08
N LEU P 123 12.25 -62.24 28.83
CA LEU P 123 13.65 -62.02 28.51
C LEU P 123 13.81 -60.72 27.74
N GLU P 124 14.83 -59.94 28.12
CA GLU P 124 15.21 -58.74 27.39
C GLU P 124 16.67 -58.85 26.99
N ILE P 125 16.96 -58.58 25.72
CA ILE P 125 18.30 -58.72 25.16
C ILE P 125 18.77 -57.39 24.61
N GLN P 126 20.01 -57.03 24.92
CA GLN P 126 20.60 -55.81 24.40
C GLN P 126 20.82 -55.88 22.90
N LEU P 131 18.02 -55.02 21.63
CA LEU P 131 16.86 -54.23 22.02
C LEU P 131 15.56 -54.98 21.71
N SER P 132 15.50 -56.24 22.13
CA SER P 132 14.31 -57.06 21.89
C SER P 132 13.80 -57.65 23.19
N SER P 133 12.50 -57.92 23.25
CA SER P 133 11.89 -58.49 24.45
C SER P 133 10.93 -59.60 24.03
N ALA P 134 10.96 -60.69 24.79
CA ALA P 134 10.09 -61.82 24.54
C ALA P 134 9.92 -62.60 25.83
N VAL P 135 8.71 -63.08 26.06
CA VAL P 135 8.39 -63.81 27.29
C VAL P 135 8.99 -65.20 27.16
N THR P 136 9.77 -65.60 28.18
CA THR P 136 10.37 -66.93 28.18
C THR P 136 9.31 -67.99 28.45
N ASP P 137 8.51 -67.80 29.50
CA ASP P 137 7.53 -68.80 29.91
C ASP P 137 6.49 -68.15 30.80
N LEU P 138 5.44 -68.91 31.11
CA LEU P 138 4.38 -68.43 32.00
C LEU P 138 3.57 -69.61 32.52
N ASN P 139 3.06 -69.45 33.73
CA ASN P 139 2.05 -70.35 34.28
C ASN P 139 0.89 -69.50 34.77
N ILE P 140 -0.31 -70.08 34.81
CA ILE P 140 -1.51 -69.32 35.10
C ILE P 140 -2.59 -70.28 35.63
N ILE P 141 -3.31 -69.84 36.66
CA ILE P 141 -4.31 -70.63 37.35
C ILE P 141 -5.63 -69.88 37.36
N MET P 142 -6.69 -70.57 36.96
CA MET P 142 -8.05 -70.08 37.01
C MET P 142 -8.74 -70.64 38.25
N GLU P 143 -10.04 -70.41 38.33
CA GLU P 143 -10.85 -71.06 39.36
C GLU P 143 -11.80 -72.06 38.71
N PRO P 144 -12.15 -73.15 39.39
CA PRO P 144 -13.00 -74.17 38.76
C PRO P 144 -14.42 -73.66 38.54
N THR P 145 -14.87 -73.68 37.28
CA THR P 145 -16.20 -73.23 36.91
C THR P 145 -16.80 -74.23 35.92
N GLU P 146 -18.07 -74.03 35.59
CA GLU P 146 -18.73 -74.89 34.60
C GLU P 146 -18.11 -74.71 33.23
N CYS P 147 -17.74 -73.49 32.86
CA CYS P 147 -17.22 -73.21 31.53
C CYS P 147 -15.80 -73.74 31.39
N SER P 148 -15.68 -75.05 31.19
CA SER P 148 -14.38 -75.69 31.01
C SER P 148 -13.66 -75.24 29.75
N GLU P 149 -14.37 -74.68 28.78
CA GLU P 149 -13.71 -74.16 27.59
C GLU P 149 -12.80 -72.99 27.92
N LEU P 150 -13.10 -72.26 29.00
CA LEU P 150 -12.22 -71.20 29.44
C LEU P 150 -10.86 -71.75 29.85
N SER P 151 -10.85 -72.89 30.54
CA SER P 151 -9.60 -73.48 30.98
C SER P 151 -8.76 -73.94 29.79
N GLU P 152 -9.39 -74.57 28.80
CA GLU P 152 -8.63 -75.02 27.64
C GLU P 152 -8.13 -73.84 26.80
N PHE P 153 -8.93 -72.77 26.73
CA PHE P 153 -8.46 -71.56 26.07
C PHE P 153 -7.27 -70.96 26.82
N VAL P 154 -7.33 -70.98 28.15
CA VAL P 154 -6.20 -70.52 28.96
C VAL P 154 -4.96 -71.32 28.64
N SER P 155 -5.11 -72.65 28.53
CA SER P 155 -3.98 -73.50 28.18
C SER P 155 -3.43 -73.13 26.82
N ARG P 156 -4.30 -72.97 25.82
CA ARG P 156 -3.86 -72.63 24.47
C ARG P 156 -3.10 -71.32 24.46
N ALA P 157 -3.62 -70.31 25.15
CA ALA P 157 -2.89 -69.04 25.26
C ALA P 157 -1.57 -69.23 25.98
N GLU P 158 -1.52 -70.19 26.91
CA GLU P 158 -0.26 -70.46 27.61
C GLU P 158 0.80 -71.00 26.66
N GLU P 159 0.44 -71.89 25.73
CA GLU P 159 1.41 -72.22 24.69
C GLU P 159 1.70 -71.01 23.81
N ARG P 160 0.66 -70.23 23.49
CA ARG P 160 0.87 -69.02 22.71
C ARG P 160 1.69 -67.98 23.46
N LYS P 161 1.66 -68.03 24.80
CA LYS P 161 2.40 -67.11 25.65
C LYS P 161 2.05 -65.66 25.32
N ASP P 162 0.76 -65.41 25.12
CA ASP P 162 0.27 -64.10 24.74
C ASP P 162 -0.58 -63.52 25.87
N LEU P 163 -0.34 -62.25 26.19
CA LEU P 163 -0.96 -61.63 27.36
C LEU P 163 -2.07 -60.67 26.98
N PHE P 164 -1.80 -59.72 26.08
CA PHE P 164 -2.76 -58.66 25.79
C PHE P 164 -4.04 -59.23 25.18
N MET P 165 -3.89 -60.10 24.18
CA MET P 165 -5.05 -60.75 23.59
C MET P 165 -5.78 -61.62 24.61
N PHE P 166 -5.02 -62.30 25.47
CA PHE P 166 -5.64 -63.11 26.52
C PHE P 166 -6.53 -62.27 27.42
N PHE P 167 -6.02 -61.13 27.88
CA PHE P 167 -6.77 -60.30 28.81
C PHE P 167 -7.97 -59.66 28.14
N ARG P 168 -7.80 -59.20 26.89
CA ARG P 168 -8.94 -58.66 26.17
C ARG P 168 -10.02 -59.72 25.96
N SER P 169 -9.60 -60.94 25.63
CA SER P 169 -10.54 -62.04 25.46
C SER P 169 -11.27 -62.34 26.77
N LEU P 170 -10.55 -62.33 27.89
CA LEU P 170 -11.18 -62.60 29.18
C LEU P 170 -12.18 -61.52 29.55
N HIS P 171 -11.84 -60.25 29.28
CA HIS P 171 -12.77 -59.17 29.58
C HIS P 171 -14.01 -59.27 28.72
N PHE P 172 -13.81 -59.53 27.42
CA PHE P 172 -14.97 -59.68 26.50
C PHE P 172 -15.85 -60.85 26.97
N PHE P 173 -15.21 -61.96 27.37
CA PHE P 173 -15.98 -63.15 27.81
C PHE P 173 -16.80 -62.79 29.05
N VAL P 174 -16.21 -62.07 30.00
CA VAL P 174 -16.94 -61.66 31.24
C VAL P 174 -18.02 -60.64 30.87
N GLU P 175 -17.73 -59.74 29.91
CA GLU P 175 -18.72 -58.70 29.50
C GLU P 175 -19.94 -59.40 28.90
N TRP P 176 -19.72 -60.39 28.03
CA TRP P 176 -20.86 -61.18 27.47
C TRP P 176 -21.54 -61.98 28.59
N PHE P 177 -20.75 -62.53 29.52
CA PHE P 177 -21.31 -63.31 30.65
C PHE P 177 -22.21 -62.41 31.51
N GLU P 178 -21.70 -61.24 31.91
CA GLU P 178 -22.52 -60.31 32.69
C GLU P 178 -23.79 -59.94 31.94
N TYR P 179 -23.67 -59.69 30.62
CA TYR P 179 -24.86 -59.42 29.81
C TYR P 179 -25.85 -60.58 29.88
N ARG P 180 -25.35 -61.81 29.73
CA ARG P 180 -26.21 -62.98 29.75
C ARG P 180 -26.90 -63.13 31.10
N LYS P 181 -26.15 -62.98 32.19
CA LYS P 181 -26.73 -63.13 33.52
C LYS P 181 -27.76 -62.05 33.80
N ARG P 182 -27.47 -60.81 33.41
CA ARG P 182 -28.41 -59.73 33.63
C ARG P 182 -29.69 -59.93 32.82
N THR P 183 -29.55 -60.37 31.57
CA THR P 183 -30.74 -60.63 30.76
C THR P 183 -31.56 -61.77 31.35
N PHE P 184 -30.90 -62.83 31.83
CA PHE P 184 -31.61 -63.93 32.45
C PHE P 184 -32.35 -63.48 33.70
N LYS P 185 -31.70 -62.68 34.54
CA LYS P 185 -32.36 -62.16 35.74
C LYS P 185 -33.55 -61.28 35.38
N HIS P 186 -33.40 -60.45 34.34
CA HIS P 186 -34.48 -59.57 33.93
C HIS P 186 -35.67 -60.37 33.42
N LEU P 187 -35.41 -61.40 32.61
CA LEU P 187 -36.52 -62.19 32.08
C LEU P 187 -37.19 -63.01 33.17
N LYS P 188 -36.41 -63.51 34.15
CA LYS P 188 -37.01 -64.21 35.27
C LYS P 188 -37.87 -63.26 36.11
N GLU P 189 -37.38 -62.04 36.32
CA GLU P 189 -38.16 -61.05 37.07
C GLU P 189 -39.45 -60.69 36.35
N LYS P 190 -39.40 -60.56 35.02
CA LYS P 190 -40.58 -60.21 34.25
C LYS P 190 -41.68 -61.25 34.41
N TYR P 191 -41.42 -62.48 33.96
CA TYR P 191 -42.36 -63.58 34.13
C TYR P 191 -41.71 -64.66 34.96
N PRO P 192 -42.01 -64.76 36.26
CA PRO P 192 -41.39 -65.80 37.11
C PRO P 192 -42.13 -67.13 37.13
N ASP P 193 -43.26 -67.26 36.42
CA ASP P 193 -43.99 -68.51 36.39
C ASP P 193 -43.71 -69.35 35.14
N ALA P 194 -43.39 -68.72 34.01
CA ALA P 194 -43.08 -69.43 32.78
C ALA P 194 -41.58 -69.54 32.54
N VAL P 195 -40.78 -69.03 33.49
CA VAL P 195 -39.33 -69.07 33.38
C VAL P 195 -38.83 -70.01 34.47
N TYR P 196 -38.07 -71.03 34.08
CA TYR P 196 -37.57 -72.06 35.00
C TYR P 196 -36.05 -71.99 35.02
N LEU P 197 -35.49 -71.91 36.22
CA LEU P 197 -34.03 -71.88 36.40
C LEU P 197 -33.50 -73.31 36.34
N SER P 198 -33.14 -73.74 35.14
CA SER P 198 -32.61 -75.08 34.96
C SER P 198 -31.28 -75.28 35.69
N GLU P 199 -30.38 -74.31 35.61
CA GLU P 199 -29.10 -74.39 36.31
C GLU P 199 -28.69 -73.08 36.96
N GLY P 200 -29.37 -71.98 36.67
CA GLY P 200 -29.08 -70.71 37.29
C GLY P 200 -28.92 -69.59 36.29
N PRO P 201 -28.99 -68.35 36.78
CA PRO P 201 -28.77 -67.20 35.88
C PRO P 201 -27.37 -67.19 35.28
N SER P 202 -26.37 -67.71 36.00
CA SER P 202 -25.00 -67.77 35.51
C SER P 202 -24.71 -69.06 34.76
N SER P 203 -25.73 -69.71 34.21
CA SER P 203 -25.57 -70.95 33.48
C SER P 203 -25.45 -70.65 31.98
N CYS P 204 -25.45 -71.71 31.17
CA CYS P 204 -25.30 -71.57 29.73
C CYS P 204 -26.63 -71.58 29.00
N SER P 205 -27.66 -72.20 29.57
CA SER P 205 -28.93 -72.38 28.88
C SER P 205 -30.09 -72.01 29.79
N MET P 206 -31.21 -71.68 29.17
CA MET P 206 -32.45 -71.37 29.86
C MET P 206 -33.59 -72.17 29.25
N GLY P 207 -34.61 -72.45 30.05
CA GLY P 207 -35.75 -73.23 29.59
C GLY P 207 -37.09 -72.65 29.99
N ILE P 208 -37.98 -72.48 29.02
CA ILE P 208 -39.33 -72.00 29.23
C ILE P 208 -40.29 -73.17 29.07
N ARG P 209 -41.12 -73.40 30.08
CA ARG P 209 -42.08 -74.49 30.06
C ARG P 209 -43.39 -73.99 30.66
N SER P 210 -44.49 -74.49 30.13
CA SER P 210 -45.82 -74.18 30.65
C SER P 210 -46.11 -75.07 31.85
N ALA P 211 -46.48 -74.46 32.97
CA ALA P 211 -46.75 -75.21 34.18
C ALA P 211 -47.94 -76.14 34.01
N SER P 212 -49.01 -75.66 33.37
CA SER P 212 -50.20 -76.48 33.18
C SER P 212 -49.90 -77.68 32.27
N ARG P 213 -49.18 -77.45 31.19
CA ARG P 213 -48.85 -78.50 30.23
C ARG P 213 -47.34 -78.68 30.16
N PRO P 214 -46.77 -79.67 30.84
CA PRO P 214 -45.32 -79.89 30.80
C PRO P 214 -44.80 -80.57 29.55
N GLY P 215 -45.68 -80.89 28.59
CA GLY P 215 -45.23 -81.53 27.37
C GLY P 215 -44.31 -80.66 26.54
N PHE P 216 -44.67 -79.39 26.34
CA PHE P 216 -43.83 -78.43 25.66
C PHE P 216 -42.73 -77.93 26.59
N GLU P 217 -41.54 -77.75 26.03
CA GLU P 217 -40.49 -76.96 26.67
C GLU P 217 -39.60 -76.43 25.58
N LEU P 218 -39.08 -75.22 25.78
CA LEU P 218 -38.17 -74.63 24.81
C LEU P 218 -36.91 -74.14 25.52
N VAL P 219 -35.77 -74.65 25.07
CA VAL P 219 -34.49 -74.36 25.70
C VAL P 219 -33.66 -73.54 24.72
N ILE P 220 -33.13 -72.43 25.21
CA ILE P 220 -32.17 -71.60 24.49
C ILE P 220 -30.81 -71.82 25.13
N VAL P 221 -29.86 -72.32 24.34
CA VAL P 221 -28.50 -72.60 24.80
C VAL P 221 -27.60 -71.49 24.30
N TRP P 222 -26.80 -70.93 25.20
CA TRP P 222 -25.91 -69.82 24.93
C TRP P 222 -24.50 -70.22 25.36
N ARG P 223 -23.58 -70.23 24.39
CA ARG P 223 -22.18 -70.61 24.68
C ARG P 223 -21.24 -69.59 24.04
N ILE P 224 -20.25 -69.12 24.80
CA ILE P 224 -19.26 -68.16 24.32
C ILE P 224 -17.99 -68.92 23.97
N GLN P 225 -17.51 -68.72 22.75
CA GLN P 225 -16.34 -69.42 22.25
C GLN P 225 -15.28 -68.41 21.82
N ILE P 226 -14.04 -68.90 21.72
CA ILE P 226 -12.89 -68.07 21.40
C ILE P 226 -12.30 -68.55 20.07
N ASP P 227 -12.11 -67.62 19.15
CA ASP P 227 -11.43 -67.95 17.91
C ASP P 227 -9.94 -68.19 18.18
N GLU P 228 -9.30 -68.89 17.24
CA GLU P 228 -7.88 -69.22 17.41
C GLU P 228 -7.03 -67.96 17.49
N ASP P 229 -7.31 -66.95 16.67
CA ASP P 229 -6.56 -65.71 16.74
C ASP P 229 -6.75 -65.00 18.08
N GLY P 230 -7.87 -65.24 18.74
CA GLY P 230 -8.17 -64.60 19.99
C GLY P 230 -9.51 -63.90 19.99
N LYS P 231 -10.17 -63.90 18.84
CA LYS P 231 -11.48 -63.29 18.73
C LYS P 231 -12.50 -64.09 19.53
N VAL P 232 -13.46 -63.37 20.11
CA VAL P 232 -14.51 -63.96 20.94
C VAL P 232 -15.84 -63.84 20.21
N PHE P 233 -16.71 -64.83 20.39
CA PHE P 233 -18.03 -64.77 19.79
C PHE P 233 -19.02 -65.62 20.57
N PRO P 234 -20.22 -65.11 20.82
CA PRO P 234 -21.28 -65.92 21.43
C PRO P 234 -22.01 -66.73 20.38
N LYS P 235 -22.79 -67.71 20.85
CA LYS P 235 -23.64 -68.50 19.98
C LYS P 235 -24.88 -68.96 20.73
N LEU P 236 -26.04 -68.80 20.10
CA LEU P 236 -27.32 -69.13 20.71
C LEU P 236 -28.08 -70.08 19.78
N ASP P 237 -28.59 -71.17 20.34
CA ASP P 237 -29.34 -72.15 19.58
C ASP P 237 -30.59 -72.54 20.37
N LEU P 238 -31.61 -73.01 19.65
CA LEU P 238 -32.85 -73.43 20.28
C LEU P 238 -32.96 -74.95 20.23
N LEU P 239 -33.83 -75.47 21.09
CA LEU P 239 -34.33 -76.83 20.94
C LEU P 239 -35.65 -76.94 21.68
N THR P 240 -36.57 -77.72 21.11
CA THR P 240 -37.90 -77.89 21.68
C THR P 240 -38.07 -79.34 22.16
N LYS P 241 -38.41 -79.49 23.43
CA LYS P 241 -38.96 -80.72 23.97
C LYS P 241 -40.44 -80.72 23.62
N VAL P 242 -40.76 -81.35 22.50
CA VAL P 242 -42.10 -81.31 21.92
C VAL P 242 -42.59 -82.75 21.78
N PRO P 243 -43.79 -83.07 22.26
CA PRO P 243 -44.37 -84.38 21.97
C PRO P 243 -44.74 -84.49 20.50
N GLN P 244 -44.74 -85.71 19.98
CA GLN P 244 -45.19 -85.93 18.62
C GLN P 244 -46.70 -85.81 18.53
N ARG P 245 -47.38 -85.76 19.67
CA ARG P 245 -48.81 -85.48 19.69
C ARG P 245 -49.12 -84.14 19.02
N ALA P 246 -48.43 -83.08 19.45
CA ALA P 246 -48.63 -81.77 18.85
C ALA P 246 -48.16 -81.75 17.40
N LEU P 247 -47.12 -82.54 17.10
CA LEU P 247 -46.62 -82.62 15.70
C LEU P 247 -47.70 -83.26 14.82
N GLU P 248 -48.36 -84.32 15.32
CA GLU P 248 -49.48 -84.95 14.57
C GLU P 248 -50.63 -83.95 14.42
N LEU P 249 -50.91 -83.18 15.48
CA LEU P 249 -52.06 -82.22 15.45
C LEU P 249 -51.95 -81.30 14.24
N ASP P 250 -50.87 -80.51 14.14
CA ASP P 250 -50.76 -79.56 13.05
C ASP P 250 -49.73 -80.04 12.04
N LYS P 251 -50.12 -80.08 10.77
CA LYS P 251 -49.26 -80.59 9.71
C LYS P 251 -48.39 -79.51 9.07
N ASN P 252 -48.41 -78.29 9.60
CA ASN P 252 -47.59 -77.22 9.03
C ASN P 252 -46.12 -77.56 9.12
N ARG P 253 -45.68 -78.07 10.28
CA ARG P 253 -44.33 -78.61 10.45
C ARG P 253 -43.27 -77.55 10.18
N ALA P 254 -43.38 -76.40 10.85
CA ALA P 254 -42.38 -75.35 10.73
C ALA P 254 -41.26 -75.47 11.77
N ILE P 255 -41.35 -76.45 12.67
CA ILE P 255 -40.31 -76.62 13.68
C ILE P 255 -39.02 -77.13 13.05
N GLU P 256 -39.09 -77.65 11.83
CA GLU P 256 -37.90 -78.17 11.17
C GLU P 256 -36.87 -77.07 10.92
N THR P 257 -37.34 -75.90 10.49
CA THR P 257 -36.46 -74.76 10.22
C THR P 257 -36.42 -73.75 11.37
N ALA P 258 -36.82 -74.16 12.57
CA ALA P 258 -36.88 -73.25 13.71
C ALA P 258 -35.53 -72.64 14.09
N PRO P 259 -34.41 -73.39 14.18
CA PRO P 259 -33.16 -72.78 14.64
C PRO P 259 -32.68 -71.63 13.77
N LEU P 260 -32.58 -71.86 12.46
CA LEU P 260 -32.10 -70.83 11.55
C LEU P 260 -33.02 -69.61 11.55
N SER P 261 -34.32 -69.86 11.56
CA SER P 261 -35.29 -68.77 11.56
C SER P 261 -35.17 -67.93 12.83
N PHE P 262 -35.03 -68.59 13.98
CA PHE P 262 -34.90 -67.85 15.23
C PHE P 262 -33.58 -67.09 15.27
N ARG P 263 -32.52 -67.68 14.73
CA ARG P 263 -31.24 -66.97 14.66
C ARG P 263 -31.36 -65.71 13.81
N THR P 264 -32.05 -65.82 12.68
CA THR P 264 -32.28 -64.65 11.83
C THR P 264 -33.12 -63.61 12.56
N LEU P 265 -34.14 -64.05 13.30
CA LEU P 265 -34.97 -63.12 14.05
C LEU P 265 -34.16 -62.38 15.10
N VAL P 266 -33.30 -63.10 15.82
CA VAL P 266 -32.46 -62.48 16.83
C VAL P 266 -31.50 -61.48 16.19
N GLY P 267 -30.88 -61.87 15.07
CA GLY P 267 -30.03 -60.94 14.36
C GLY P 267 -30.76 -59.70 13.88
N LEU P 268 -32.03 -59.84 13.50
CA LEU P 268 -32.83 -58.70 13.09
C LEU P 268 -33.16 -57.78 14.26
N LEU P 269 -33.50 -58.35 15.42
CA LEU P 269 -34.03 -57.52 16.50
C LEU P 269 -33.49 -57.89 17.89
N GLY P 270 -32.31 -58.49 17.97
CA GLY P 270 -31.65 -58.70 19.24
C GLY P 270 -32.16 -59.92 20.00
N ILE P 271 -31.60 -60.10 21.19
CA ILE P 271 -31.91 -61.28 22.00
C ILE P 271 -33.08 -61.00 22.93
N GLU P 272 -32.99 -59.87 23.66
CA GLU P 272 -34.03 -59.53 24.67
C GLU P 272 -35.39 -59.31 24.01
N ALA P 273 -35.45 -58.61 22.88
CA ALA P 273 -36.72 -58.42 22.18
C ALA P 273 -37.24 -59.73 21.64
N ALA P 274 -36.35 -60.58 21.14
CA ALA P 274 -36.77 -61.88 20.63
C ALA P 274 -37.40 -62.73 21.73
N LEU P 275 -36.77 -62.78 22.90
CA LEU P 275 -37.31 -63.59 23.99
C LEU P 275 -38.60 -62.98 24.53
N GLU P 276 -38.68 -61.65 24.56
CA GLU P 276 -39.91 -60.99 25.02
C GLU P 276 -41.07 -61.32 24.09
N SER P 277 -40.85 -61.23 22.77
CA SER P 277 -41.90 -61.59 21.82
C SER P 277 -42.24 -63.07 21.92
N LEU P 278 -41.24 -63.92 22.13
CA LEU P 278 -41.46 -65.35 22.26
C LEU P 278 -42.36 -65.66 23.45
N ILE P 279 -42.07 -65.04 24.60
CA ILE P 279 -42.89 -65.29 25.79
C ILE P 279 -44.25 -64.60 25.66
N LYS P 280 -44.34 -63.53 24.87
CA LYS P 280 -45.63 -62.93 24.58
C LYS P 280 -46.50 -63.88 23.77
N SER P 281 -45.89 -64.61 22.83
CA SER P 281 -46.64 -65.60 22.05
C SER P 281 -47.09 -66.76 22.93
N LEU P 282 -46.49 -66.92 24.11
CA LEU P 282 -46.87 -68.00 25.02
C LEU P 282 -47.99 -67.60 25.97
N CYS P 283 -48.52 -66.39 25.84
CA CYS P 283 -49.59 -65.91 26.72
C CYS P 283 -50.85 -66.75 26.56
N GLN Q 74 6.79 1.15 -46.07
CA GLN Q 74 8.03 0.48 -45.69
C GLN Q 74 8.71 -0.16 -46.91
N PRO Q 75 10.02 0.01 -47.01
CA PRO Q 75 10.77 -0.60 -48.12
C PRO Q 75 10.77 -2.12 -48.02
N LEU Q 76 11.28 -2.75 -49.08
CA LEU Q 76 11.34 -4.20 -49.15
C LEU Q 76 12.30 -4.75 -48.10
N SER Q 77 11.91 -5.88 -47.50
CA SER Q 77 12.76 -6.50 -46.49
C SER Q 77 14.06 -6.98 -47.10
N LYS Q 78 15.16 -6.81 -46.34
CA LYS Q 78 16.49 -7.08 -46.87
C LYS Q 78 16.66 -8.55 -47.25
N SER Q 79 16.07 -9.46 -46.49
CA SER Q 79 16.14 -10.88 -46.85
C SER Q 79 15.48 -11.12 -48.20
N THR Q 80 14.33 -10.49 -48.45
CA THR Q 80 13.68 -10.61 -49.74
C THR Q 80 14.53 -10.04 -50.86
N ARG Q 81 15.17 -8.89 -50.61
CA ARG Q 81 16.05 -8.27 -51.62
C ARG Q 81 17.20 -9.22 -51.97
N ASP Q 82 17.89 -9.74 -50.96
CA ASP Q 82 19.06 -10.64 -51.21
C ASP Q 82 18.59 -11.91 -51.93
N HIS Q 83 17.46 -12.46 -51.52
CA HIS Q 83 16.92 -13.68 -52.17
C HIS Q 83 16.65 -13.37 -53.65
N LEU Q 84 15.92 -12.30 -53.93
CA LEU Q 84 15.62 -11.91 -55.31
C LEU Q 84 16.89 -11.68 -56.10
N GLN Q 85 17.89 -11.03 -55.49
CA GLN Q 85 19.16 -10.81 -56.18
C GLN Q 85 19.84 -12.13 -56.52
N THR Q 86 19.79 -13.09 -55.59
CA THR Q 86 20.35 -14.41 -55.88
C THR Q 86 19.65 -15.08 -57.05
N MET Q 87 18.31 -14.99 -57.08
CA MET Q 87 17.58 -15.59 -58.19
C MET Q 87 17.89 -14.89 -59.51
N MET Q 88 18.02 -13.56 -59.50
CA MET Q 88 18.40 -12.86 -60.73
C MET Q 88 19.80 -13.27 -61.18
N GLU Q 89 20.74 -13.43 -60.24
CA GLU Q 89 22.06 -13.89 -60.62
C GLU Q 89 22.00 -15.28 -61.25
N SER Q 90 21.23 -16.19 -60.65
CA SER Q 90 21.13 -17.54 -61.19
C SER Q 90 20.52 -17.53 -62.58
N VAL Q 91 19.44 -16.77 -62.79
CA VAL Q 91 18.78 -16.77 -64.09
C VAL Q 91 19.65 -16.10 -65.14
N ILE Q 92 20.43 -15.08 -64.75
CA ILE Q 92 21.32 -14.43 -65.72
C ILE Q 92 22.46 -15.37 -66.10
N MET Q 93 22.99 -16.12 -65.13
CA MET Q 93 23.97 -17.15 -65.48
C MET Q 93 23.37 -18.19 -66.43
N THR Q 94 22.14 -18.63 -66.18
CA THR Q 94 21.53 -19.63 -67.04
C THR Q 94 21.31 -19.09 -68.45
N ILE Q 95 20.85 -17.84 -68.56
CA ILE Q 95 20.57 -17.27 -69.87
C ILE Q 95 21.87 -16.91 -70.59
N LEU Q 96 22.96 -16.76 -69.84
CA LEU Q 96 24.26 -16.57 -70.47
C LEU Q 96 24.87 -17.90 -70.90
N SER Q 97 24.48 -18.99 -70.25
CA SER Q 97 25.03 -20.30 -70.59
C SER Q 97 24.68 -20.72 -72.01
N ASN Q 98 23.44 -20.52 -72.44
CA ASN Q 98 23.00 -20.92 -73.77
C ASN Q 98 23.26 -19.86 -74.84
N SER Q 99 23.85 -18.74 -74.47
CA SER Q 99 24.23 -17.69 -75.43
C SER Q 99 25.69 -17.86 -75.80
N ILE Q 100 25.95 -17.98 -77.11
CA ILE Q 100 27.30 -18.23 -77.60
C ILE Q 100 27.90 -16.95 -78.15
N LYS Q 101 27.18 -16.27 -79.02
CA LYS Q 101 27.64 -15.05 -79.65
C LYS Q 101 26.97 -13.84 -79.00
N GLU Q 102 27.53 -12.66 -79.28
CA GLU Q 102 27.06 -11.39 -78.71
C GLU Q 102 27.03 -11.47 -77.18
N LYS Q 103 28.11 -12.04 -76.63
CA LYS Q 103 28.17 -12.30 -75.20
C LYS Q 103 28.30 -11.01 -74.40
N GLU Q 104 29.24 -10.15 -74.79
CA GLU Q 104 29.58 -8.99 -73.96
C GLU Q 104 28.45 -7.97 -73.93
N GLU Q 105 27.88 -7.63 -75.09
CA GLU Q 105 26.82 -6.64 -75.13
C GLU Q 105 25.58 -7.11 -74.39
N ILE Q 106 25.19 -8.38 -74.59
CA ILE Q 106 24.01 -8.90 -73.92
C ILE Q 106 24.25 -9.00 -72.40
N GLN Q 107 25.47 -9.34 -71.98
CA GLN Q 107 25.73 -9.43 -70.55
C GLN Q 107 25.75 -8.05 -69.91
N TYR Q 108 26.26 -7.05 -70.62
CA TYR Q 108 26.22 -5.67 -70.10
C TYR Q 108 24.78 -5.17 -70.00
N HIS Q 109 23.97 -5.46 -71.02
CA HIS Q 109 22.58 -5.04 -70.99
C HIS Q 109 21.83 -5.73 -69.86
N LEU Q 110 22.10 -7.03 -69.65
CA LEU Q 110 21.44 -7.76 -68.57
C LEU Q 110 21.91 -7.28 -67.21
N ASN Q 111 23.17 -6.89 -67.08
CA ASN Q 111 23.65 -6.32 -65.82
C ASN Q 111 22.97 -4.99 -65.53
N PHE Q 112 22.80 -4.14 -66.55
CA PHE Q 112 22.08 -2.89 -66.37
C PHE Q 112 20.63 -3.16 -65.98
N LEU Q 113 20.01 -4.16 -66.62
CA LEU Q 113 18.65 -4.56 -66.25
C LEU Q 113 18.58 -4.99 -64.80
N LYS Q 114 19.54 -5.82 -64.37
CA LYS Q 114 19.54 -6.31 -63.00
C LYS Q 114 19.72 -5.18 -62.00
N LYS Q 115 20.61 -4.24 -62.29
CA LYS Q 115 20.83 -3.14 -61.35
C LYS Q 115 19.62 -2.21 -61.29
N ARG Q 116 18.96 -1.96 -62.43
CA ARG Q 116 17.76 -1.13 -62.41
C ARG Q 116 16.63 -1.83 -61.64
N LEU Q 117 16.49 -3.14 -61.82
CA LEU Q 117 15.50 -3.89 -61.05
C LEU Q 117 15.83 -3.86 -59.56
N LEU Q 118 17.10 -3.97 -59.20
CA LEU Q 118 17.50 -3.89 -57.80
C LEU Q 118 17.15 -2.53 -57.20
N GLN Q 119 17.43 -1.45 -57.95
CA GLN Q 119 17.05 -0.13 -57.47
C GLN Q 119 15.54 0.00 -57.31
N GLN Q 120 14.77 -0.50 -58.28
CA GLN Q 120 13.33 -0.40 -58.21
C GLN Q 120 12.77 -1.18 -57.02
N CYS Q 121 13.28 -2.38 -56.77
CA CYS Q 121 12.79 -3.19 -55.66
C CYS Q 121 13.23 -2.62 -54.31
N GLU Q 122 14.43 -2.02 -54.25
CA GLU Q 122 14.85 -1.37 -53.01
C GLU Q 122 13.99 -0.14 -52.72
N THR Q 123 13.65 0.62 -53.76
CA THR Q 123 12.80 1.80 -53.59
C THR Q 123 11.33 1.45 -53.37
N LEU Q 124 10.91 0.24 -53.75
CA LEU Q 124 9.51 -0.13 -53.68
C LEU Q 124 9.02 -0.13 -52.24
N LYS Q 125 7.76 0.26 -52.04
CA LYS Q 125 7.17 0.40 -50.72
C LYS Q 125 6.08 -0.64 -50.50
N VAL Q 126 6.02 -1.17 -49.29
CA VAL Q 126 5.02 -2.18 -48.93
C VAL Q 126 4.42 -1.85 -47.57
N PRO Q 127 3.14 -2.11 -47.35
CA PRO Q 127 2.57 -1.99 -46.00
C PRO Q 127 3.24 -2.95 -45.03
N PRO Q 128 3.27 -2.62 -43.73
CA PRO Q 128 4.03 -3.44 -42.78
C PRO Q 128 3.41 -4.81 -42.53
N LYS Q 129 3.56 -5.73 -43.47
CA LYS Q 129 3.07 -7.09 -43.33
C LYS Q 129 4.26 -8.05 -43.31
N LYS Q 130 4.32 -8.90 -42.30
CA LYS Q 130 5.41 -9.85 -42.16
C LYS Q 130 5.34 -10.93 -43.23
N MET Q 131 6.45 -11.20 -43.90
CA MET Q 131 6.50 -12.16 -45.00
C MET Q 131 7.79 -12.94 -44.85
N GLU Q 132 7.67 -14.23 -44.51
CA GLU Q 132 8.81 -15.02 -44.08
C GLU Q 132 9.62 -15.50 -45.29
N ASP Q 133 10.77 -16.10 -45.00
CA ASP Q 133 11.72 -16.48 -46.05
C ASP Q 133 11.05 -17.36 -47.11
N LEU Q 134 11.39 -17.11 -48.37
CA LEU Q 134 10.69 -17.72 -49.49
C LEU Q 134 10.90 -19.24 -49.52
N THR Q 135 12.11 -19.70 -49.21
CA THR Q 135 12.43 -21.12 -49.40
C THR Q 135 11.79 -22.00 -48.33
N ASN Q 136 11.77 -21.56 -47.07
CA ASN Q 136 11.39 -22.42 -45.97
C ASN Q 136 9.89 -22.56 -45.78
N VAL Q 137 9.09 -21.59 -46.22
CA VAL Q 137 7.67 -21.57 -45.88
C VAL Q 137 6.98 -22.88 -46.26
N SER Q 138 7.27 -23.38 -47.46
CA SER Q 138 6.66 -24.63 -47.91
C SER Q 138 6.86 -25.74 -46.88
N SER Q 139 8.11 -25.93 -46.42
CA SER Q 139 8.37 -26.96 -45.42
C SER Q 139 7.49 -26.74 -44.20
N LEU Q 140 7.42 -25.50 -43.73
CA LEU Q 140 6.56 -25.18 -42.59
C LEU Q 140 5.15 -25.70 -42.82
N LEU Q 141 4.58 -25.41 -43.99
CA LEU Q 141 3.23 -25.87 -44.29
C LEU Q 141 3.11 -27.36 -44.02
N ASN Q 142 4.03 -28.16 -44.56
CA ASN Q 142 3.96 -29.60 -44.35
C ASN Q 142 3.89 -29.91 -42.87
N MET Q 143 4.82 -29.37 -42.08
CA MET Q 143 4.79 -29.59 -40.65
C MET Q 143 3.45 -29.15 -40.08
N GLU Q 144 3.03 -27.92 -40.42
CA GLU Q 144 1.73 -27.45 -39.95
C GLU Q 144 0.64 -28.43 -40.30
N ARG Q 145 0.60 -28.91 -41.56
CA ARG Q 145 -0.41 -29.88 -41.94
C ARG Q 145 -0.37 -31.08 -41.00
N ALA Q 146 0.83 -31.66 -40.83
CA ALA Q 146 0.96 -32.80 -39.93
C ALA Q 146 0.42 -32.46 -38.55
N ARG Q 147 0.82 -31.29 -38.03
CA ARG Q 147 0.31 -30.84 -36.71
C ARG Q 147 -1.22 -30.97 -36.70
N ASP Q 148 -1.92 -30.33 -37.67
CA ASP Q 148 -3.36 -30.40 -37.69
C ASP Q 148 -3.85 -31.83 -37.69
N LYS Q 149 -3.25 -32.66 -38.55
CA LYS Q 149 -3.64 -34.07 -38.58
C LYS Q 149 -3.54 -34.67 -37.18
N ALA Q 150 -2.37 -34.52 -36.56
CA ALA Q 150 -2.21 -35.02 -35.19
C ALA Q 150 -3.30 -34.45 -34.29
N ASN Q 151 -3.46 -33.13 -34.32
CA ASN Q 151 -4.51 -32.50 -33.54
C ASN Q 151 -5.85 -33.15 -33.82
N GLU Q 152 -6.21 -33.26 -35.10
CA GLU Q 152 -7.48 -33.88 -35.45
C GLU Q 152 -7.57 -35.27 -34.84
N GLU Q 153 -6.52 -36.07 -35.00
CA GLU Q 153 -6.52 -37.40 -34.42
C GLU Q 153 -6.82 -37.33 -32.93
N GLY Q 154 -6.05 -36.50 -32.21
CA GLY Q 154 -6.31 -36.34 -30.80
C GLY Q 154 -7.73 -35.90 -30.53
N LEU Q 155 -8.20 -34.89 -31.29
CA LEU Q 155 -9.58 -34.46 -31.16
C LEU Q 155 -10.52 -35.64 -31.28
N ALA Q 156 -10.37 -36.44 -32.33
CA ALA Q 156 -11.21 -37.60 -32.51
C ALA Q 156 -11.16 -38.48 -31.27
N LEU Q 157 -9.94 -38.82 -30.82
CA LEU Q 157 -9.79 -39.63 -29.63
C LEU Q 157 -10.57 -39.02 -28.47
N LEU Q 158 -10.37 -37.72 -28.24
CA LEU Q 158 -11.09 -37.05 -27.17
C LEU Q 158 -12.59 -37.25 -27.33
N GLN Q 159 -13.10 -36.93 -28.53
CA GLN Q 159 -14.53 -37.12 -28.77
C GLN Q 159 -14.92 -38.57 -28.52
N GLU Q 160 -14.10 -39.51 -29.01
CA GLU Q 160 -14.38 -40.92 -28.77
C GLU Q 160 -14.55 -41.19 -27.29
N GLU Q 161 -13.60 -40.71 -26.48
CA GLU Q 161 -13.72 -40.89 -25.04
C GLU Q 161 -15.03 -40.33 -24.54
N ILE Q 162 -15.35 -39.10 -24.96
CA ILE Q 162 -16.63 -38.48 -24.60
C ILE Q 162 -17.75 -39.49 -24.77
N ASP Q 163 -17.86 -40.08 -25.97
CA ASP Q 163 -18.97 -40.97 -26.23
C ASP Q 163 -19.04 -42.06 -25.17
N LYS Q 164 -17.93 -42.78 -24.98
CA LYS Q 164 -17.93 -43.85 -23.99
C LYS Q 164 -18.37 -43.32 -22.64
N MET Q 165 -17.75 -42.23 -22.20
CA MET Q 165 -18.13 -41.64 -20.93
C MET Q 165 -19.59 -41.24 -20.95
N VAL Q 166 -20.00 -40.46 -21.95
CA VAL Q 166 -21.38 -39.98 -21.96
C VAL Q 166 -22.32 -41.12 -22.25
N GLU Q 167 -21.79 -42.30 -22.58
CA GLU Q 167 -22.61 -43.50 -22.58
C GLU Q 167 -22.66 -44.11 -21.18
N THR Q 168 -21.49 -44.43 -20.63
CA THR Q 168 -21.44 -45.31 -19.47
C THR Q 168 -22.16 -44.71 -18.27
N THR Q 169 -21.99 -43.41 -18.02
CA THR Q 169 -22.71 -42.78 -16.93
C THR Q 169 -24.21 -42.68 -17.19
N GLU Q 170 -24.63 -42.41 -18.43
CA GLU Q 170 -26.02 -42.08 -18.68
C GLU Q 170 -26.95 -43.22 -18.29
N LEU Q 171 -26.50 -44.46 -18.44
CA LEU Q 171 -27.31 -45.59 -17.97
C LEU Q 171 -27.31 -45.69 -16.45
N MET Q 172 -26.15 -45.58 -15.80
CA MET Q 172 -26.08 -45.93 -14.39
C MET Q 172 -26.95 -45.00 -13.56
N THR Q 173 -26.88 -43.70 -13.82
CA THR Q 173 -27.75 -42.76 -13.12
C THR Q 173 -29.21 -43.11 -13.35
N GLY Q 174 -29.59 -43.47 -14.58
CA GLY Q 174 -30.93 -43.95 -14.81
C GLY Q 174 -31.23 -45.17 -13.96
N ASN Q 175 -30.29 -46.13 -13.94
CA ASN Q 175 -30.42 -47.26 -13.03
C ASN Q 175 -30.65 -46.77 -11.61
N ILE Q 176 -29.84 -45.80 -11.17
CA ILE Q 176 -30.03 -45.19 -9.86
C ILE Q 176 -31.50 -44.83 -9.67
N GLN Q 177 -32.06 -44.04 -10.60
CA GLN Q 177 -33.44 -43.62 -10.48
C GLN Q 177 -34.35 -44.81 -10.26
N SER Q 178 -34.23 -45.84 -11.11
CA SER Q 178 -35.01 -47.05 -10.92
C SER Q 178 -34.83 -47.57 -9.51
N LEU Q 179 -33.58 -47.90 -9.16
CA LEU Q 179 -33.30 -48.39 -7.82
C LEU Q 179 -33.89 -47.45 -6.78
N LYS Q 180 -33.72 -46.13 -6.99
CA LYS Q 180 -34.28 -45.15 -6.07
C LYS Q 180 -35.75 -45.45 -5.81
N ASN Q 181 -36.57 -45.35 -6.85
CA ASN Q 181 -38.00 -45.60 -6.63
C ASN Q 181 -38.19 -47.01 -6.09
N LYS Q 182 -37.43 -47.97 -6.65
CA LYS Q 182 -37.47 -49.33 -6.13
C LYS Q 182 -37.37 -49.34 -4.62
N ILE Q 183 -36.25 -48.82 -4.08
CA ILE Q 183 -36.08 -48.91 -2.65
C ILE Q 183 -37.19 -48.15 -1.94
N GLN Q 184 -37.59 -46.99 -2.50
CA GLN Q 184 -38.68 -46.23 -1.90
C GLN Q 184 -39.90 -47.12 -1.75
N ILE Q 185 -40.33 -47.76 -2.84
CA ILE Q 185 -41.48 -48.65 -2.76
C ILE Q 185 -41.23 -49.72 -1.71
N LEU Q 186 -40.07 -50.37 -1.78
CA LEU Q 186 -39.76 -51.41 -0.81
C LEU Q 186 -39.84 -50.85 0.60
N ALA Q 187 -39.26 -49.66 0.82
CA ALA Q 187 -39.32 -49.06 2.14
C ALA Q 187 -40.76 -48.97 2.61
N SER Q 188 -41.62 -48.38 1.78
CA SER Q 188 -43.04 -48.28 2.15
C SER Q 188 -43.57 -49.65 2.53
N GLU Q 189 -43.34 -50.64 1.66
CA GLU Q 189 -43.78 -52.00 1.94
C GLU Q 189 -43.32 -52.42 3.32
N VAL Q 190 -42.00 -52.42 3.55
CA VAL Q 190 -41.50 -52.97 4.81
C VAL Q 190 -42.11 -52.23 5.97
N GLU Q 191 -42.31 -50.90 5.82
CA GLU Q 191 -42.92 -50.13 6.88
C GLU Q 191 -44.24 -50.76 7.33
N GLU Q 192 -45.20 -50.86 6.41
CA GLU Q 192 -46.49 -51.41 6.82
C GLU Q 192 -46.30 -52.82 7.35
N GLU Q 193 -45.39 -53.58 6.74
CA GLU Q 193 -45.23 -54.97 7.13
C GLU Q 193 -44.68 -55.06 8.55
N GLU Q 194 -43.74 -54.18 8.91
CA GLU Q 194 -43.25 -54.26 10.28
C GLU Q 194 -44.32 -53.79 11.26
N GLU Q 195 -45.21 -52.90 10.81
CA GLU Q 195 -46.36 -52.57 11.66
C GLU Q 195 -47.14 -53.82 11.98
N ARG Q 196 -47.25 -54.74 11.01
CA ARG Q 196 -47.93 -56.00 11.27
C ARG Q 196 -47.26 -56.78 12.38
N VAL Q 197 -45.92 -56.83 12.38
CA VAL Q 197 -45.26 -57.62 13.42
C VAL Q 197 -45.25 -56.85 14.73
N LYS Q 198 -45.81 -55.64 14.74
CA LYS Q 198 -46.05 -54.92 15.97
C LYS Q 198 -47.47 -55.11 16.49
N GLN Q 199 -48.28 -55.92 15.80
CA GLN Q 199 -49.64 -56.17 16.25
C GLN Q 199 -49.66 -56.88 17.60
N MET Q 200 -48.80 -57.89 17.76
CA MET Q 200 -48.70 -58.61 19.03
C MET Q 200 -47.37 -58.37 19.73
N HIS Q 201 -46.27 -58.37 18.99
CA HIS Q 201 -44.95 -58.10 19.56
C HIS Q 201 -44.81 -56.63 19.91
N GLN Q 202 -44.18 -56.37 21.05
CA GLN Q 202 -44.02 -55.00 21.53
C GLN Q 202 -43.07 -54.21 20.65
N ILE Q 203 -43.12 -52.89 20.79
CA ILE Q 203 -42.19 -52.02 20.07
C ILE Q 203 -40.76 -52.29 20.52
N ASN Q 204 -40.56 -52.41 21.83
CA ASN Q 204 -39.25 -52.70 22.39
C ASN Q 204 -39.38 -53.51 23.68
N LEU Q 209 -27.02 -52.24 27.00
CA LEU Q 209 -28.05 -52.59 26.03
C LEU Q 209 -27.78 -53.96 25.42
N SER Q 210 -27.48 -53.98 24.12
CA SER Q 210 -27.18 -55.21 23.41
C SER Q 210 -26.28 -54.90 22.24
N LEU Q 211 -25.59 -55.93 21.74
CA LEU Q 211 -24.67 -55.77 20.63
C LEU Q 211 -24.86 -56.89 19.61
N PRO Q 212 -25.40 -56.59 18.44
CA PRO Q 212 -25.58 -57.63 17.43
C PRO Q 212 -24.26 -58.05 16.80
N GLU Q 213 -24.27 -59.25 16.23
CA GLU Q 213 -23.09 -59.81 15.58
C GLU Q 213 -22.98 -59.28 14.16
N LEU Q 214 -21.84 -59.56 13.53
CA LEU Q 214 -21.61 -59.20 12.13
C LEU Q 214 -21.98 -60.38 11.21
N SER Q 215 -23.22 -60.84 11.39
CA SER Q 215 -23.78 -61.94 10.61
C SER Q 215 -22.93 -63.20 10.72
N GLN Q 216 -22.43 -63.45 11.94
CA GLN Q 216 -21.64 -64.63 12.24
C GLN Q 216 -22.38 -65.61 13.13
N LYS Q 217 -23.42 -65.14 13.83
CA LYS Q 217 -24.20 -66.00 14.72
C LYS Q 217 -24.93 -67.10 13.98
N THR Q 218 -25.52 -66.79 12.83
CA THR Q 218 -26.38 -67.72 12.10
C THR Q 218 -25.65 -68.49 11.01
N LEU Q 219 -24.36 -68.76 11.18
CA LEU Q 219 -23.58 -69.43 10.16
C LEU Q 219 -23.28 -70.89 10.47
N LYS Q 220 -22.83 -71.21 11.67
CA LYS Q 220 -22.52 -72.59 12.01
C LYS Q 220 -23.79 -73.42 12.11
N ALA Q 221 -23.66 -74.72 11.93
CA ALA Q 221 -24.80 -75.62 12.03
C ALA Q 221 -25.22 -75.76 13.50
N PRO Q 222 -26.45 -75.42 13.85
CA PRO Q 222 -26.85 -75.47 15.26
C PRO Q 222 -27.35 -76.84 15.70
N THR Q 223 -27.76 -77.66 14.74
CA THR Q 223 -28.34 -78.97 15.02
C THR Q 223 -27.42 -80.11 14.60
N LEU Q 224 -26.11 -79.91 14.77
CA LEU Q 224 -25.17 -81.01 14.51
C LEU Q 224 -25.39 -82.16 15.48
N GLN Q 225 -25.83 -81.86 16.71
CA GLN Q 225 -26.16 -82.89 17.70
C GLN Q 225 -27.19 -83.88 17.19
N LYS Q 226 -28.18 -83.43 16.41
CA LYS Q 226 -29.14 -84.34 15.80
C LYS Q 226 -28.47 -85.41 14.95
N GLU Q 227 -27.35 -85.09 14.30
CA GLU Q 227 -26.56 -86.09 13.61
C GLU Q 227 -25.75 -86.93 14.58
N ILE Q 228 -25.22 -86.32 15.64
CA ILE Q 228 -24.34 -87.03 16.56
C ILE Q 228 -25.11 -88.16 17.25
N LEU Q 229 -26.32 -87.90 17.70
CA LEU Q 229 -27.14 -88.93 18.31
C LEU Q 229 -27.46 -90.06 17.34
N ALA Q 230 -27.37 -89.82 16.03
CA ALA Q 230 -27.57 -90.89 15.07
C ALA Q 230 -26.45 -91.92 15.12
N LEU Q 231 -25.29 -91.54 15.66
CA LEU Q 231 -24.15 -92.44 15.72
C LEU Q 231 -24.15 -93.32 16.96
N ILE Q 232 -25.00 -93.04 17.94
CA ILE Q 232 -25.08 -93.84 19.16
C ILE Q 232 -25.89 -95.09 18.86
N PRO Q 233 -25.54 -96.25 19.43
CA PRO Q 233 -26.36 -97.44 19.24
C PRO Q 233 -27.68 -97.34 19.98
N ASN Q 234 -28.67 -98.07 19.48
CA ASN Q 234 -30.02 -98.17 20.06
C ASN Q 234 -30.52 -96.82 20.54
N GLN Q 235 -30.65 -95.89 19.58
CA GLN Q 235 -31.09 -94.54 19.92
C GLN Q 235 -32.49 -94.52 20.49
N ASN Q 236 -33.40 -95.34 19.93
CA ASN Q 236 -34.75 -95.42 20.48
C ASN Q 236 -34.74 -96.05 21.87
N ALA Q 237 -33.95 -97.10 22.06
CA ALA Q 237 -33.80 -97.67 23.39
C ALA Q 237 -33.16 -96.70 24.35
N LEU Q 238 -32.22 -95.88 23.86
CA LEU Q 238 -31.64 -94.82 24.68
C LEU Q 238 -32.71 -93.83 25.11
N LEU Q 239 -33.61 -93.46 24.19
CA LEU Q 239 -34.72 -92.58 24.54
C LEU Q 239 -35.60 -93.21 25.61
N LYS Q 240 -35.91 -94.50 25.45
CA LYS Q 240 -36.80 -95.17 26.40
C LYS Q 240 -36.17 -95.24 27.79
N ASP Q 241 -34.89 -95.60 27.88
CA ASP Q 241 -34.26 -95.70 29.19
C ASP Q 241 -34.05 -94.31 29.80
N LEU Q 242 -33.75 -93.31 28.99
CA LEU Q 242 -33.64 -91.95 29.52
C LEU Q 242 -34.99 -91.44 29.99
N ASP Q 243 -36.09 -91.93 29.41
CA ASP Q 243 -37.41 -91.57 29.90
C ASP Q 243 -37.74 -92.26 31.21
N ILE Q 244 -37.42 -93.56 31.32
CA ILE Q 244 -37.69 -94.25 32.58
C ILE Q 244 -36.80 -93.70 33.70
N LEU Q 245 -35.65 -93.12 33.34
CA LEU Q 245 -34.88 -92.39 34.33
C LEU Q 245 -35.46 -91.00 34.57
N HIS Q 246 -36.13 -90.43 33.57
CA HIS Q 246 -36.70 -89.09 33.69
C HIS Q 246 -37.77 -89.01 34.77
N ASN Q 247 -38.65 -90.01 34.86
CA ASN Q 247 -39.75 -89.99 35.81
C ASN Q 247 -39.30 -90.16 37.25
N SER Q 248 -38.04 -90.49 37.50
CA SER Q 248 -37.54 -90.62 38.85
C SER Q 248 -37.63 -89.29 39.59
N SER Q 249 -38.19 -89.32 40.80
CA SER Q 249 -38.37 -88.09 41.55
C SER Q 249 -37.10 -87.68 42.27
N GLN Q 250 -36.13 -88.59 42.36
CA GLN Q 250 -34.88 -88.27 43.07
C GLN Q 250 -34.11 -87.16 42.36
N MET Q 251 -33.96 -87.27 41.04
CA MET Q 251 -33.21 -86.25 40.31
C MET Q 251 -34.00 -84.94 40.25
N LYS Q 252 -35.32 -85.02 40.21
CA LYS Q 252 -36.14 -83.81 40.30
C LYS Q 252 -35.93 -83.10 41.63
N SER Q 253 -35.88 -83.87 42.72
CA SER Q 253 -35.59 -83.29 44.03
C SER Q 253 -34.20 -82.68 44.05
N MET Q 254 -33.23 -83.36 43.43
CA MET Q 254 -31.87 -82.81 43.36
C MET Q 254 -31.87 -81.47 42.63
N SER Q 255 -32.55 -81.41 41.49
CA SER Q 255 -32.59 -80.19 40.69
C SER Q 255 -33.27 -79.05 41.45
N THR Q 256 -34.40 -79.35 42.11
CA THR Q 256 -35.10 -78.29 42.83
C THR Q 256 -34.31 -77.83 44.05
N PHE Q 257 -33.57 -78.75 44.68
CA PHE Q 257 -32.70 -78.37 45.79
C PHE Q 257 -31.59 -77.45 45.30
N ILE Q 258 -30.99 -77.76 44.15
CA ILE Q 258 -29.94 -76.90 43.60
C ILE Q 258 -30.53 -75.53 43.27
N GLU Q 259 -31.72 -75.54 42.65
CA GLU Q 259 -32.41 -74.27 42.31
C GLU Q 259 -32.54 -73.44 43.59
N GLU Q 260 -33.12 -74.03 44.63
CA GLU Q 260 -33.29 -73.30 45.89
C GLU Q 260 -31.95 -72.82 46.44
N ALA Q 261 -30.90 -73.62 46.27
CA ALA Q 261 -29.58 -73.26 46.78
C ALA Q 261 -29.02 -72.02 46.08
N TYR Q 262 -29.16 -71.92 44.76
CA TYR Q 262 -28.67 -70.74 44.04
C TYR Q 262 -29.73 -69.67 43.86
N LYS Q 263 -30.94 -69.88 44.40
CA LYS Q 263 -31.95 -68.82 44.34
C LYS Q 263 -31.51 -67.59 45.12
N LYS Q 264 -30.91 -67.79 46.29
CA LYS Q 264 -30.42 -66.68 47.09
C LYS Q 264 -29.15 -66.05 46.51
N LEU Q 265 -28.50 -66.71 45.56
CA LEU Q 265 -27.28 -66.15 44.98
C LEU Q 265 -27.56 -64.86 44.22
N ASP Q 266 -28.66 -64.83 43.47
CA ASP Q 266 -29.01 -63.65 42.68
C ASP Q 266 -29.44 -62.50 43.57
N ASP R 84 -34.87 -77.93 61.25
CA ASP R 84 -33.89 -77.83 60.17
C ASP R 84 -34.06 -78.99 59.19
N GLU R 85 -34.80 -78.74 58.11
CA GLU R 85 -35.07 -79.76 57.11
C GLU R 85 -33.90 -80.00 56.16
N PHE R 86 -32.87 -79.15 56.21
CA PHE R 86 -31.69 -79.38 55.37
C PHE R 86 -31.01 -80.68 55.76
N MET R 87 -30.96 -80.98 57.06
CA MET R 87 -30.37 -82.23 57.53
C MET R 87 -31.05 -83.43 56.88
N MET R 88 -32.38 -83.47 56.92
CA MET R 88 -33.11 -84.63 56.39
C MET R 88 -33.09 -84.67 54.86
N LEU R 89 -33.11 -83.52 54.18
CA LEU R 89 -33.00 -83.57 52.72
C LEU R 89 -31.62 -84.07 52.30
N LEU R 90 -30.57 -83.64 53.00
CA LEU R 90 -29.25 -84.18 52.76
C LEU R 90 -29.20 -85.68 53.04
N SER R 91 -29.82 -86.12 54.13
CA SER R 91 -29.82 -87.54 54.45
C SER R 91 -30.48 -88.35 53.35
N LYS R 92 -31.65 -87.89 52.87
CA LYS R 92 -32.36 -88.65 51.87
C LYS R 92 -31.64 -88.62 50.52
N VAL R 93 -30.98 -87.52 50.16
CA VAL R 93 -30.25 -87.53 48.90
C VAL R 93 -29.00 -88.41 49.02
N GLU R 94 -28.42 -88.50 50.22
CA GLU R 94 -27.30 -89.42 50.40
C GLU R 94 -27.74 -90.88 50.29
N LYS R 95 -28.89 -91.22 50.86
CA LYS R 95 -29.42 -92.58 50.66
C LYS R 95 -29.77 -92.81 49.19
N LEU R 96 -30.25 -91.78 48.50
CA LEU R 96 -30.65 -91.91 47.11
C LEU R 96 -29.44 -91.98 46.17
N SER R 97 -28.26 -91.59 46.65
CA SER R 97 -27.05 -91.65 45.83
C SER R 97 -26.78 -93.04 45.30
N GLU R 98 -26.94 -94.06 46.14
CA GLU R 98 -26.67 -95.43 45.70
C GLU R 98 -27.56 -95.80 44.52
N GLU R 99 -28.87 -95.59 44.65
CA GLU R 99 -29.79 -95.98 43.59
C GLU R 99 -29.66 -95.10 42.35
N ILE R 100 -29.25 -93.84 42.49
CA ILE R 100 -29.05 -93.06 41.27
C ILE R 100 -27.80 -93.55 40.55
N MET R 101 -26.76 -93.95 41.28
CA MET R 101 -25.62 -94.57 40.62
C MET R 101 -26.04 -95.87 39.93
N GLU R 102 -26.91 -96.66 40.57
CA GLU R 102 -27.39 -97.87 39.91
C GLU R 102 -28.10 -97.55 38.60
N ILE R 103 -29.08 -96.64 38.64
CA ILE R 103 -29.83 -96.33 37.43
C ILE R 103 -28.98 -95.64 36.38
N MET R 104 -27.83 -95.08 36.78
CA MET R 104 -26.87 -94.63 35.78
C MET R 104 -26.11 -95.80 35.17
N GLN R 105 -25.69 -96.77 35.98
CA GLN R 105 -25.01 -97.95 35.45
C GLN R 105 -25.96 -98.97 34.81
N ASN R 106 -27.26 -98.66 34.71
CA ASN R 106 -28.18 -99.57 34.05
C ASN R 106 -27.79 -99.84 32.60
N LEU R 107 -27.34 -98.83 31.89
CA LEU R 107 -27.10 -98.93 30.45
C LEU R 107 -25.62 -98.80 30.13
N SER R 108 -25.24 -99.34 28.97
CA SER R 108 -23.90 -99.19 28.43
C SER R 108 -23.82 -98.11 27.36
N SER R 109 -24.95 -97.57 26.91
CA SER R 109 -24.94 -96.53 25.88
C SER R 109 -24.45 -95.20 26.44
N ILE R 110 -24.88 -94.87 27.66
CA ILE R 110 -24.40 -93.64 28.31
C ILE R 110 -22.90 -93.75 28.59
N GLN R 111 -22.41 -94.95 28.88
CA GLN R 111 -20.98 -95.15 29.00
C GLN R 111 -20.30 -95.11 27.64
N ALA R 112 -21.03 -95.45 26.57
CA ALA R 112 -20.44 -95.46 25.23
C ALA R 112 -20.29 -94.05 24.68
N LEU R 113 -21.22 -93.14 25.01
CA LEU R 113 -21.09 -91.76 24.55
C LEU R 113 -19.93 -91.04 25.25
N GLU R 114 -19.45 -91.59 26.37
CA GLU R 114 -18.27 -91.03 27.01
C GLU R 114 -17.04 -91.21 26.11
N GLY R 115 -16.02 -90.41 26.38
CA GLY R 115 -14.80 -90.40 25.58
C GLY R 115 -14.92 -89.66 24.26
N SER R 116 -16.14 -89.40 23.79
CA SER R 116 -16.38 -88.65 22.55
C SER R 116 -16.65 -87.20 22.95
N ARG R 117 -15.64 -86.35 22.80
CA ARG R 117 -15.77 -84.93 23.13
C ARG R 117 -16.79 -84.23 22.23
N GLU R 118 -17.18 -84.85 21.12
CA GLU R 118 -18.09 -84.20 20.17
C GLU R 118 -19.46 -83.90 20.77
N LEU R 119 -19.85 -84.59 21.85
CA LEU R 119 -21.04 -84.21 22.59
C LEU R 119 -20.72 -83.41 23.85
N GLU R 120 -19.53 -83.61 24.43
CA GLU R 120 -19.17 -82.92 25.66
C GLU R 120 -18.87 -81.44 25.44
N ASN R 121 -18.36 -81.05 24.26
CA ASN R 121 -18.21 -79.64 23.95
C ASN R 121 -19.53 -78.98 23.63
N LEU R 122 -20.53 -79.77 23.20
CA LEU R 122 -21.83 -79.23 22.88
C LEU R 122 -22.68 -79.03 24.13
N ILE R 123 -22.65 -80.01 25.04
CA ILE R 123 -23.35 -79.84 26.32
C ILE R 123 -22.65 -78.83 27.21
N GLY R 124 -21.34 -78.62 27.02
CA GLY R 124 -20.64 -77.54 27.67
C GLY R 124 -19.42 -77.91 28.49
N ILE R 125 -19.48 -79.00 29.26
CA ILE R 125 -18.29 -79.40 30.02
C ILE R 125 -17.91 -80.85 29.75
N SER R 126 -18.78 -81.79 30.15
CA SER R 126 -18.52 -83.22 30.00
C SER R 126 -19.73 -83.97 30.55
N CYS R 127 -19.77 -85.27 30.27
CA CYS R 127 -20.83 -86.16 30.78
C CYS R 127 -20.15 -87.39 31.39
N ALA R 128 -19.78 -87.30 32.66
CA ALA R 128 -19.10 -88.41 33.34
C ALA R 128 -19.21 -88.20 34.84
N SER R 129 -19.86 -89.15 35.53
CA SER R 129 -20.02 -89.10 36.98
C SER R 129 -19.64 -90.47 37.54
N HIS R 130 -18.35 -90.66 37.83
CA HIS R 130 -17.85 -91.88 38.44
C HIS R 130 -17.27 -91.69 39.83
N PHE R 131 -16.74 -90.50 40.13
CA PHE R 131 -16.26 -90.17 41.46
C PHE R 131 -17.34 -89.52 42.32
N LEU R 132 -18.62 -89.80 42.01
CA LEU R 132 -19.73 -89.17 42.71
C LEU R 132 -19.70 -89.50 44.20
N LYS R 133 -19.16 -90.67 44.57
CA LYS R 133 -18.97 -90.99 45.98
C LYS R 133 -18.18 -89.90 46.69
N ARG R 134 -17.02 -89.55 46.13
CA ARG R 134 -16.11 -88.58 46.76
C ARG R 134 -16.81 -87.24 46.96
N GLU R 135 -17.44 -86.72 45.92
CA GLU R 135 -18.04 -85.39 46.00
C GLU R 135 -19.24 -85.37 46.94
N MET R 136 -20.13 -86.37 46.82
CA MET R 136 -21.32 -86.37 47.66
C MET R 136 -21.00 -86.68 49.12
N GLN R 137 -19.87 -87.33 49.41
CA GLN R 137 -19.44 -87.46 50.79
C GLN R 137 -18.60 -86.29 51.27
N LYS R 138 -18.02 -85.51 50.35
CA LYS R 138 -17.26 -84.34 50.76
C LYS R 138 -18.16 -83.15 51.07
N THR R 139 -19.28 -83.02 50.35
CA THR R 139 -20.20 -81.91 50.65
C THR R 139 -20.74 -81.97 52.07
N LYS R 140 -20.68 -83.14 52.72
CA LYS R 140 -21.31 -83.31 54.02
C LYS R 140 -20.63 -82.49 55.11
N GLU R 141 -19.31 -82.58 55.23
CA GLU R 141 -18.62 -81.80 56.27
C GLU R 141 -18.76 -80.31 56.02
N LEU R 142 -18.72 -79.89 54.75
CA LEU R 142 -18.88 -78.48 54.45
C LEU R 142 -20.28 -77.97 54.79
N MET R 143 -21.33 -78.75 54.49
CA MET R 143 -22.68 -78.30 54.82
C MET R 143 -22.90 -78.29 56.33
N THR R 144 -22.28 -79.25 57.04
CA THR R 144 -22.37 -79.23 58.50
C THR R 144 -21.67 -78.00 59.08
N LYS R 145 -20.50 -77.66 58.55
CA LYS R 145 -19.83 -76.44 58.97
C LYS R 145 -20.71 -75.22 58.69
N VAL R 146 -21.42 -75.22 57.56
CA VAL R 146 -22.33 -74.12 57.26
C VAL R 146 -23.44 -74.03 58.30
N ASN R 147 -24.07 -75.16 58.62
CA ASN R 147 -25.13 -75.15 59.61
C ASN R 147 -24.63 -74.80 61.01
N LYS R 148 -23.34 -75.03 61.30
CA LYS R 148 -22.80 -74.59 62.59
C LYS R 148 -22.56 -73.09 62.60
N GLN R 149 -21.89 -72.57 61.57
CA GLN R 149 -21.49 -71.17 61.57
C GLN R 149 -22.58 -70.25 61.03
N LYS R 150 -23.53 -70.79 60.26
CA LYS R 150 -24.63 -70.01 59.67
C LYS R 150 -24.08 -68.90 58.77
N LEU R 151 -23.43 -69.34 57.69
CA LEU R 151 -22.86 -68.45 56.69
C LEU R 151 -23.90 -67.58 55.99
N PHE R 152 -25.18 -67.81 56.22
CA PHE R 152 -26.23 -66.99 55.61
C PHE R 152 -26.98 -66.20 56.66
N ASP R 167 -23.78 -41.44 29.01
CA ASP R 167 -22.77 -41.80 28.02
C ASP R 167 -21.40 -42.00 28.66
N SER R 168 -20.34 -41.57 27.95
CA SER R 168 -18.99 -41.73 28.42
C SER R 168 -18.53 -40.59 29.32
N TYR R 169 -19.01 -39.37 29.06
CA TYR R 169 -18.57 -38.22 29.84
C TYR R 169 -19.01 -38.33 31.29
N GLU R 170 -20.28 -38.67 31.52
CA GLU R 170 -20.77 -38.79 32.90
C GLU R 170 -20.15 -39.99 33.60
N PHE R 171 -19.96 -41.10 32.88
CA PHE R 171 -19.33 -42.28 33.47
C PHE R 171 -17.89 -41.98 33.86
N LEU R 172 -17.20 -41.14 33.09
CA LEU R 172 -15.82 -40.79 33.41
C LEU R 172 -15.77 -39.80 34.56
N LYS R 173 -16.70 -38.83 34.58
CA LYS R 173 -16.72 -37.84 35.65
C LYS R 173 -17.15 -38.43 36.98
N ALA R 174 -17.97 -39.48 36.98
CA ALA R 174 -18.39 -40.12 38.23
C ALA R 174 -17.27 -40.90 38.91
N ILE R 175 -16.08 -40.92 38.33
CA ILE R 175 -14.95 -41.65 38.91
C ILE R 175 -13.93 -40.71 39.54
N LEU R 176 -13.62 -39.61 38.86
CA LEU R 176 -12.62 -38.67 39.37
C LEU R 176 -13.05 -38.01 40.68
N ASN R 177 -14.35 -38.02 40.98
CA ASN R 177 -14.84 -37.44 42.22
C ASN R 177 -14.51 -38.32 43.41
N LYS S 249 0.95 -8.90 -49.57
CA LYS S 249 2.25 -8.79 -48.91
C LYS S 249 3.25 -8.06 -49.81
N GLU S 250 4.54 -8.28 -49.53
CA GLU S 250 5.62 -7.66 -50.35
C GLU S 250 5.51 -8.22 -51.77
N LEU S 251 5.34 -9.53 -51.91
CA LEU S 251 5.27 -10.14 -53.23
C LEU S 251 4.08 -9.62 -54.02
N ASN S 252 2.96 -9.38 -53.33
CA ASN S 252 1.77 -8.86 -54.00
C ASN S 252 2.04 -7.52 -54.67
N ILE S 253 3.07 -6.82 -54.23
CA ILE S 253 3.46 -5.56 -54.83
C ILE S 253 4.60 -5.72 -55.83
N VAL S 254 5.55 -6.63 -55.55
CA VAL S 254 6.69 -6.76 -56.46
C VAL S 254 6.34 -7.51 -57.74
N LEU S 255 5.33 -8.40 -57.72
CA LEU S 255 4.94 -9.07 -58.96
C LEU S 255 4.40 -8.13 -60.02
N PRO S 256 3.49 -7.18 -59.74
CA PRO S 256 3.11 -6.22 -60.79
C PRO S 256 4.27 -5.43 -61.35
N GLU S 257 5.22 -5.03 -60.49
CA GLU S 257 6.41 -4.35 -60.96
C GLU S 257 7.23 -5.26 -61.87
N PHE S 258 7.35 -6.54 -61.51
CA PHE S 258 8.07 -7.48 -62.35
C PHE S 258 7.37 -7.65 -63.70
N GLU S 259 6.04 -7.69 -63.70
CA GLU S 259 5.30 -7.80 -64.95
C GLU S 259 5.54 -6.59 -65.85
N LYS S 260 5.49 -5.39 -65.29
CA LYS S 260 5.72 -4.20 -66.12
C LYS S 260 7.15 -4.15 -66.63
N THR S 261 8.12 -4.56 -65.79
CA THR S 261 9.51 -4.60 -66.25
C THR S 261 9.69 -5.62 -67.37
N HIS S 262 9.07 -6.80 -67.24
CA HIS S 262 9.16 -7.79 -68.30
C HIS S 262 8.52 -7.27 -69.58
N LEU S 263 7.39 -6.56 -69.47
CA LEU S 263 6.74 -6.00 -70.64
C LEU S 263 7.65 -5.01 -71.35
N GLU S 264 8.27 -4.10 -70.60
CA GLU S 264 9.12 -3.10 -71.24
C GLU S 264 10.37 -3.74 -71.83
N HIS S 265 10.94 -4.74 -71.14
CA HIS S 265 12.11 -5.44 -71.69
C HIS S 265 11.76 -6.16 -72.99
N GLN S 266 10.60 -6.83 -73.03
CA GLN S 266 10.19 -7.51 -74.24
C GLN S 266 9.94 -6.51 -75.37
N GLN S 267 9.35 -5.35 -75.05
CA GLN S 267 9.11 -4.34 -76.06
C GLN S 267 10.41 -3.79 -76.63
N ARG S 268 11.42 -3.56 -75.77
CA ARG S 268 12.64 -2.93 -76.26
C ARG S 268 13.52 -3.91 -77.02
N ILE S 269 13.51 -5.19 -76.63
CA ILE S 269 14.39 -6.17 -77.26
C ILE S 269 13.85 -6.53 -78.63
N GLU S 270 14.76 -6.90 -79.55
CA GLU S 270 14.37 -7.22 -80.92
C GLU S 270 14.74 -8.63 -81.35
N SER S 271 15.72 -9.26 -80.70
CA SER S 271 16.15 -10.60 -81.09
C SER S 271 15.09 -11.63 -80.75
N LYS S 272 14.76 -12.48 -81.73
CA LYS S 272 13.72 -13.48 -81.53
C LYS S 272 14.14 -14.55 -80.53
N VAL S 273 15.40 -15.01 -80.59
CA VAL S 273 15.87 -16.00 -79.63
C VAL S 273 15.93 -15.40 -78.23
N CYS S 274 16.38 -14.14 -78.12
CA CYS S 274 16.37 -13.46 -76.83
C CYS S 274 14.95 -13.24 -76.35
N LYS S 275 14.02 -12.94 -77.25
CA LYS S 275 12.62 -12.79 -76.87
C LYS S 275 12.06 -14.09 -76.30
N ALA S 276 12.36 -15.21 -76.96
CA ALA S 276 11.89 -16.51 -76.47
C ALA S 276 12.50 -16.84 -75.11
N ALA S 277 13.81 -16.57 -74.96
CA ALA S 277 14.47 -16.83 -73.68
C ALA S 277 13.86 -15.98 -72.56
N ILE S 278 13.60 -14.71 -72.85
CA ILE S 278 12.99 -13.82 -71.85
C ILE S 278 11.57 -14.27 -71.52
N ALA S 279 10.83 -14.74 -72.53
CA ALA S 279 9.48 -15.24 -72.28
C ALA S 279 9.50 -16.47 -71.38
N THR S 280 10.42 -17.40 -71.65
CA THR S 280 10.54 -18.59 -70.79
C THR S 280 10.95 -18.20 -69.38
N PHE S 281 11.91 -17.26 -69.25
CA PHE S 281 12.29 -16.74 -67.95
C PHE S 281 11.09 -16.17 -67.20
N TYR S 282 10.30 -15.34 -67.89
CA TYR S 282 9.12 -14.73 -67.26
C TYR S 282 8.12 -15.79 -66.83
N VAL S 283 7.87 -16.79 -67.68
CA VAL S 283 6.92 -17.83 -67.34
C VAL S 283 7.39 -18.58 -66.09
N ASN S 284 8.67 -18.94 -66.05
CA ASN S 284 9.20 -19.68 -64.90
C ASN S 284 9.09 -18.86 -63.62
N VAL S 285 9.54 -17.60 -63.67
CA VAL S 285 9.56 -16.80 -62.45
C VAL S 285 8.15 -16.45 -62.01
N LYS S 286 7.24 -16.20 -62.94
CA LYS S 286 5.85 -15.92 -62.59
C LYS S 286 5.20 -17.13 -61.95
N GLU S 287 5.46 -18.32 -62.50
CA GLU S 287 4.92 -19.53 -61.91
C GLU S 287 5.45 -19.72 -60.50
N GLN S 288 6.75 -19.52 -60.28
CA GLN S 288 7.31 -19.68 -58.95
C GLN S 288 6.75 -18.63 -57.99
N PHE S 289 6.59 -17.40 -58.45
CA PHE S 289 6.11 -16.33 -57.59
C PHE S 289 4.66 -16.57 -57.18
N ILE S 290 3.81 -16.95 -58.13
CA ILE S 290 2.42 -17.24 -57.78
C ILE S 290 2.34 -18.50 -56.91
N LYS S 291 3.25 -19.46 -57.12
CA LYS S 291 3.27 -20.65 -56.28
C LYS S 291 3.60 -20.28 -54.83
N MET S 292 4.58 -19.41 -54.62
CA MET S 292 4.93 -19.05 -53.26
C MET S 292 3.89 -18.12 -52.64
N LEU S 293 3.21 -17.31 -53.46
CA LEU S 293 2.07 -16.55 -52.95
C LEU S 293 0.96 -17.47 -52.47
N LYS S 294 0.66 -18.52 -53.24
CA LYS S 294 -0.31 -19.51 -52.78
C LYS S 294 0.17 -20.20 -51.52
N GLU S 295 1.47 -20.52 -51.46
CA GLU S 295 2.02 -21.17 -50.28
C GLU S 295 1.84 -20.30 -49.04
N SER S 296 2.08 -19.00 -49.16
CA SER S 296 1.83 -18.09 -48.05
C SER S 296 0.33 -17.99 -47.74
N GLN S 297 -0.51 -18.08 -48.76
CA GLN S 297 -1.95 -18.04 -48.53
C GLN S 297 -2.40 -19.24 -47.69
N MET S 298 -2.02 -20.46 -48.08
CA MET S 298 -2.34 -21.59 -47.22
C MET S 298 -1.52 -21.57 -45.94
N LEU S 299 -0.42 -20.82 -45.89
CA LEU S 299 0.28 -20.65 -44.62
C LEU S 299 -0.59 -19.92 -43.61
N THR S 300 -1.14 -18.77 -44.00
CA THR S 300 -2.01 -18.04 -43.09
C THR S 300 -3.32 -18.80 -42.85
N ASN S 301 -3.81 -19.52 -43.86
CA ASN S 301 -5.00 -20.34 -43.66
C ASN S 301 -4.74 -21.44 -42.64
N LEU S 302 -3.57 -22.10 -42.72
CA LEU S 302 -3.23 -23.13 -41.77
C LEU S 302 -2.97 -22.55 -40.38
N LYS S 303 -2.45 -21.33 -40.31
CA LYS S 303 -2.30 -20.69 -39.01
C LYS S 303 -3.66 -20.44 -38.36
N ARG S 304 -4.61 -19.92 -39.14
CA ARG S 304 -5.96 -19.70 -38.60
C ARG S 304 -6.60 -21.01 -38.21
N LYS S 305 -6.45 -22.05 -39.04
CA LYS S 305 -7.00 -23.36 -38.71
C LYS S 305 -6.35 -23.93 -37.46
N ASN S 306 -5.03 -23.76 -37.33
CA ASN S 306 -4.34 -24.23 -36.13
C ASN S 306 -4.88 -23.55 -34.89
N ALA S 307 -5.08 -22.24 -34.95
CA ALA S 307 -5.68 -21.54 -33.82
C ALA S 307 -7.08 -22.07 -33.52
N LYS S 308 -7.86 -22.35 -34.57
CA LYS S 308 -9.23 -22.84 -34.36
C LYS S 308 -9.22 -24.20 -33.68
N MET S 309 -8.40 -25.13 -34.16
CA MET S 309 -8.35 -26.44 -33.50
C MET S 309 -7.67 -26.36 -32.13
N ILE S 310 -6.84 -25.35 -31.90
CA ILE S 310 -6.29 -25.15 -30.56
C ILE S 310 -7.41 -24.79 -29.60
N SER S 311 -8.28 -23.86 -30.00
CA SER S 311 -9.44 -23.53 -29.19
C SER S 311 -10.34 -24.76 -29.01
N ASP S 312 -10.51 -25.53 -30.08
CA ASP S 312 -11.36 -26.71 -30.02
C ASP S 312 -10.82 -27.74 -29.04
N ILE S 313 -9.52 -28.03 -29.11
CA ILE S 313 -8.94 -29.03 -28.20
C ILE S 313 -8.93 -28.51 -26.78
N GLU S 314 -8.76 -27.20 -26.59
CA GLU S 314 -8.83 -26.65 -25.25
C GLU S 314 -10.23 -26.85 -24.66
N LYS S 315 -11.27 -26.50 -25.42
CA LYS S 315 -12.64 -26.67 -24.93
C LYS S 315 -12.95 -28.15 -24.72
N LYS S 316 -12.38 -29.02 -25.56
CA LYS S 316 -12.54 -30.45 -25.36
C LYS S 316 -11.83 -30.92 -24.09
N ARG S 317 -10.72 -30.27 -23.75
CA ARG S 317 -10.01 -30.60 -22.52
C ARG S 317 -10.83 -30.21 -21.30
N GLN S 318 -11.44 -29.02 -21.32
CA GLN S 318 -12.38 -28.70 -20.24
C GLN S 318 -13.50 -29.72 -20.21
N ARG S 319 -14.08 -30.05 -21.37
CA ARG S 319 -15.14 -31.05 -21.42
C ARG S 319 -14.68 -32.36 -20.77
N MET S 320 -13.43 -32.76 -21.03
CA MET S 320 -12.83 -33.87 -20.30
C MET S 320 -12.96 -33.65 -18.80
N ILE S 321 -12.64 -32.44 -18.34
CA ILE S 321 -12.64 -32.18 -16.90
C ILE S 321 -14.03 -32.41 -16.32
N GLU S 322 -15.05 -31.79 -16.92
CA GLU S 322 -16.39 -31.95 -16.33
C GLU S 322 -16.92 -33.36 -16.49
N VAL S 323 -16.68 -34.03 -17.63
CA VAL S 323 -17.21 -35.38 -17.76
C VAL S 323 -16.54 -36.32 -16.78
N GLN S 324 -15.22 -36.20 -16.59
CA GLN S 324 -14.54 -37.06 -15.64
C GLN S 324 -14.99 -36.75 -14.22
N ASP S 325 -15.21 -35.48 -13.90
CA ASP S 325 -15.72 -35.13 -12.57
C ASP S 325 -17.09 -35.74 -12.33
N GLU S 326 -17.98 -35.65 -13.31
CA GLU S 326 -19.31 -36.23 -13.17
C GLU S 326 -19.22 -37.74 -13.00
N LEU S 327 -18.36 -38.38 -13.78
CA LEU S 327 -18.22 -39.83 -13.68
C LEU S 327 -17.71 -40.24 -12.30
N LEU S 328 -16.70 -39.54 -11.78
CA LEU S 328 -16.12 -39.92 -10.50
C LEU S 328 -17.07 -39.57 -9.36
N ARG S 329 -17.94 -38.59 -9.56
CA ARG S 329 -18.94 -38.30 -8.54
C ARG S 329 -20.06 -39.33 -8.53
N LEU S 330 -20.49 -39.78 -9.71
CA LEU S 330 -21.61 -40.71 -9.79
C LEU S 330 -21.18 -42.13 -9.48
N GLU S 331 -19.89 -42.47 -9.66
CA GLU S 331 -19.43 -43.83 -9.45
C GLU S 331 -19.72 -44.34 -8.04
N PRO S 332 -19.39 -43.61 -6.97
CA PRO S 332 -19.71 -44.14 -5.63
C PRO S 332 -21.19 -44.18 -5.34
N GLN S 333 -21.98 -43.29 -5.99
CA GLN S 333 -23.39 -43.19 -5.68
C GLN S 333 -24.15 -44.49 -5.93
N LEU S 334 -23.69 -45.30 -6.87
CA LEU S 334 -24.36 -46.57 -7.16
C LEU S 334 -24.25 -47.52 -5.97
N LYS S 335 -23.10 -47.53 -5.31
CA LYS S 335 -22.77 -48.60 -4.37
C LYS S 335 -23.66 -48.58 -3.14
N GLN S 336 -23.80 -47.41 -2.52
CA GLN S 336 -24.60 -47.34 -1.29
C GLN S 336 -26.06 -47.63 -1.58
N LEU S 337 -26.58 -47.16 -2.72
CA LEU S 337 -27.95 -47.47 -3.08
C LEU S 337 -28.14 -48.96 -3.34
N GLN S 338 -27.17 -49.58 -4.01
CA GLN S 338 -27.28 -51.02 -4.27
C GLN S 338 -27.28 -51.81 -2.98
N THR S 339 -26.35 -51.50 -2.07
CA THR S 339 -26.27 -52.27 -0.83
C THR S 339 -27.49 -51.98 0.05
N LYS S 340 -28.01 -50.76 0.03
CA LYS S 340 -29.22 -50.46 0.79
C LYS S 340 -30.40 -51.25 0.24
N TYR S 341 -30.54 -51.30 -1.08
CA TYR S 341 -31.62 -52.07 -1.67
C TYR S 341 -31.50 -53.54 -1.31
N ASP S 342 -30.29 -54.08 -1.40
CA ASP S 342 -30.08 -55.50 -1.09
C ASP S 342 -30.42 -55.79 0.37
N GLU S 343 -29.93 -54.94 1.29
CA GLU S 343 -30.13 -55.21 2.70
C GLU S 343 -31.60 -55.03 3.09
N LEU S 344 -32.29 -54.05 2.50
CA LEU S 344 -33.71 -53.89 2.80
C LEU S 344 -34.53 -55.04 2.23
N LYS S 345 -34.19 -55.53 1.04
CA LYS S 345 -34.89 -56.69 0.50
C LYS S 345 -34.68 -57.91 1.37
N GLU S 346 -33.45 -58.13 1.82
CA GLU S 346 -33.16 -59.24 2.72
C GLU S 346 -33.91 -59.08 4.03
N ARG S 347 -33.96 -57.86 4.57
CA ARG S 347 -34.71 -57.61 5.79
C ARG S 347 -36.19 -57.91 5.62
N LYS S 348 -36.76 -57.49 4.49
CA LYS S 348 -38.17 -57.74 4.23
C LYS S 348 -38.45 -59.24 4.16
N SER S 349 -37.64 -59.98 3.41
CA SER S 349 -37.84 -61.42 3.30
C SER S 349 -37.71 -62.08 4.67
N SER S 350 -36.68 -61.69 5.43
CA SER S 350 -36.46 -62.29 6.73
C SER S 350 -37.60 -62.00 7.69
N LEU S 351 -38.11 -60.77 7.70
CA LEU S 351 -39.17 -60.43 8.64
C LEU S 351 -40.49 -61.07 8.24
N ARG S 352 -40.75 -61.19 6.94
CA ARG S 352 -41.94 -61.92 6.50
C ARG S 352 -41.87 -63.37 6.93
N ASN S 353 -40.71 -64.01 6.72
CA ASN S 353 -40.54 -65.39 7.16
C ASN S 353 -40.73 -65.51 8.67
N ALA S 354 -40.12 -64.59 9.42
CA ALA S 354 -40.20 -64.65 10.88
C ALA S 354 -41.63 -64.46 11.37
N ALA S 355 -42.38 -63.56 10.74
CA ALA S 355 -43.79 -63.40 11.08
C ALA S 355 -44.55 -64.69 10.82
N TYR S 356 -44.27 -65.33 9.68
CA TYR S 356 -44.92 -66.60 9.37
C TYR S 356 -44.63 -67.63 10.44
N PHE S 357 -43.36 -67.77 10.83
CA PHE S 357 -43.00 -68.79 11.82
C PHE S 357 -43.59 -68.47 13.19
N LEU S 358 -43.57 -67.20 13.60
CA LEU S 358 -44.10 -66.88 14.92
C LEU S 358 -45.61 -67.14 14.96
N SER S 359 -46.33 -66.77 13.90
CA SER S 359 -47.76 -67.06 13.84
C SER S 359 -48.02 -68.56 13.86
N ASN S 360 -47.23 -69.32 13.11
CA ASN S 360 -47.44 -70.76 13.03
C ASN S 360 -47.15 -71.44 14.37
N LEU S 361 -46.08 -71.01 15.06
CA LEU S 361 -45.76 -71.58 16.36
C LEU S 361 -46.78 -71.17 17.41
N LYS S 362 -47.32 -69.95 17.30
CA LYS S 362 -48.41 -69.56 18.20
C LYS S 362 -49.64 -70.43 17.98
N GLN S 363 -49.94 -70.74 16.72
CA GLN S 363 -51.03 -71.65 16.42
C GLN S 363 -50.77 -73.04 16.99
N LEU S 364 -49.54 -73.55 16.85
CA LEU S 364 -49.18 -74.84 17.44
C LEU S 364 -49.37 -74.82 18.95
N TYR S 365 -48.92 -73.76 19.61
CA TYR S 365 -49.07 -73.67 21.06
C TYR S 365 -50.54 -73.64 21.46
N GLN S 366 -51.35 -72.86 20.76
CA GLN S 366 -52.77 -72.78 21.10
C GLN S 366 -53.45 -74.13 20.89
N ASP S 367 -53.16 -74.80 19.78
CA ASP S 367 -53.76 -76.09 19.50
C ASP S 367 -53.36 -77.12 20.55
N TYR S 368 -52.07 -77.16 20.89
CA TYR S 368 -51.61 -78.14 21.88
C TYR S 368 -52.21 -77.84 23.25
N SER S 369 -52.34 -76.56 23.60
CA SER S 369 -52.97 -76.22 24.88
C SER S 369 -54.42 -76.66 24.91
N ASP S 370 -55.16 -76.45 23.82
CA ASP S 370 -56.55 -76.90 23.77
C ASP S 370 -56.65 -78.41 23.88
N VAL S 371 -55.80 -79.14 23.16
CA VAL S 371 -55.87 -80.59 23.18
C VAL S 371 -55.44 -81.14 24.55
N GLN S 372 -54.44 -80.50 25.18
CA GLN S 372 -54.04 -80.90 26.52
C GLN S 372 -55.14 -80.64 27.53
N ALA S 373 -55.86 -79.52 27.40
CA ALA S 373 -57.03 -79.30 28.23
C ALA S 373 -58.10 -80.36 27.96
N GLN S 374 -58.17 -80.85 26.72
CA GLN S 374 -59.08 -81.94 26.41
C GLN S 374 -58.64 -83.24 27.06
N GLU S 375 -57.35 -83.56 26.98
CA GLU S 375 -56.80 -84.81 27.51
C GLU S 375 -55.39 -84.57 28.04
N PRO S 376 -55.26 -84.21 29.33
CA PRO S 376 -53.91 -83.99 29.88
C PRO S 376 -53.28 -85.26 30.42
N ASN S 377 -54.07 -86.29 30.72
CA ASN S 377 -53.53 -87.47 31.40
C ASN S 377 -52.76 -88.37 30.45
N VAL S 378 -52.91 -88.17 29.14
CA VAL S 378 -52.22 -89.02 28.18
C VAL S 378 -50.72 -88.74 28.22
N LYS S 379 -49.93 -89.79 28.02
CA LYS S 379 -48.49 -89.66 28.06
C LYS S 379 -47.99 -88.94 26.80
N GLU S 380 -46.92 -88.17 26.97
CA GLU S 380 -46.34 -87.37 25.88
C GLU S 380 -44.98 -87.94 25.50
N THR S 381 -44.96 -88.77 24.47
CA THR S 381 -43.69 -89.32 23.99
C THR S 381 -42.94 -88.27 23.18
N TYR S 382 -41.61 -88.42 23.16
CA TYR S 382 -40.74 -87.50 22.43
C TYR S 382 -39.74 -88.32 21.62
N ASP S 383 -39.26 -87.72 20.53
CA ASP S 383 -38.36 -88.38 19.59
C ASP S 383 -36.95 -87.82 19.75
N SER S 384 -36.06 -88.26 18.87
CA SER S 384 -34.65 -87.87 18.97
C SER S 384 -34.48 -86.37 18.81
N SER S 385 -35.43 -85.70 18.15
CA SER S 385 -35.32 -84.26 17.92
C SER S 385 -35.22 -83.50 19.24
N SER S 386 -35.86 -84.01 20.29
CA SER S 386 -35.80 -83.39 21.61
C SER S 386 -34.83 -84.09 22.55
N LEU S 387 -33.99 -84.98 22.03
CA LEU S 387 -33.12 -85.77 22.90
C LEU S 387 -31.93 -84.98 23.44
N PRO S 388 -31.08 -84.33 22.63
CA PRO S 388 -29.83 -83.76 23.18
C PRO S 388 -30.03 -82.75 24.29
N ALA S 389 -31.05 -81.90 24.20
CA ALA S 389 -31.24 -80.88 25.23
C ALA S 389 -31.69 -81.49 26.55
N LEU S 390 -32.49 -82.55 26.47
CA LEU S 390 -32.89 -83.23 27.70
C LEU S 390 -31.67 -83.81 28.41
N LEU S 391 -30.74 -84.39 27.65
CA LEU S 391 -29.48 -84.85 28.23
C LEU S 391 -28.76 -83.71 28.93
N PHE S 392 -29.02 -82.48 28.51
CA PHE S 392 -28.46 -81.32 29.17
C PHE S 392 -28.84 -81.26 30.64
N LYS S 393 -30.11 -81.52 30.97
CA LYS S 393 -30.47 -81.57 32.38
C LYS S 393 -30.05 -82.87 33.04
N ALA S 394 -29.62 -83.86 32.25
CA ALA S 394 -29.06 -85.10 32.79
C ALA S 394 -27.55 -84.99 32.97
N ARG S 395 -26.95 -83.90 32.49
CA ARG S 395 -25.51 -83.67 32.62
C ARG S 395 -25.24 -82.93 33.93
N THR S 396 -25.47 -83.64 35.03
CA THR S 396 -25.27 -83.10 36.37
C THR S 396 -24.00 -83.72 36.95
N LEU S 397 -22.98 -82.89 37.18
CA LEU S 397 -21.72 -83.38 37.71
C LEU S 397 -21.27 -82.59 38.94
N LEU S 398 -22.21 -81.96 39.66
CA LEU S 398 -21.97 -81.30 40.94
C LEU S 398 -21.10 -80.06 40.78
N GLY S 399 -20.65 -79.76 39.56
CA GLY S 399 -19.79 -78.60 39.35
C GLY S 399 -20.45 -77.30 39.75
N ALA S 400 -21.70 -77.08 39.33
CA ALA S 400 -22.42 -75.89 39.76
C ALA S 400 -22.64 -75.90 41.26
N GLU S 401 -22.99 -77.06 41.83
CA GLU S 401 -23.19 -77.13 43.27
C GLU S 401 -21.87 -76.97 44.02
N SER S 402 -20.78 -77.46 43.46
CA SER S 402 -19.47 -77.24 44.07
C SER S 402 -19.10 -75.76 44.08
N HIS S 403 -19.37 -75.07 42.97
CA HIS S 403 -19.14 -73.63 42.93
C HIS S 403 -20.04 -72.91 43.93
N LEU S 404 -21.29 -73.37 44.09
CA LEU S 404 -22.17 -72.81 45.11
C LEU S 404 -21.62 -73.01 46.51
N ARG S 405 -21.07 -74.19 46.79
CA ARG S 405 -20.47 -74.45 48.09
C ARG S 405 -19.27 -73.55 48.33
N ASN S 406 -18.44 -73.34 47.31
CA ASN S 406 -17.32 -72.41 47.43
C ASN S 406 -17.81 -70.99 47.68
N ILE S 407 -18.88 -70.57 47.00
CA ILE S 407 -19.43 -69.24 47.22
C ILE S 407 -19.93 -69.10 48.65
N ASN S 408 -20.61 -70.13 49.16
CA ASN S 408 -21.08 -70.10 50.55
C ASN S 408 -19.91 -70.02 51.52
N HIS S 409 -18.84 -70.77 51.25
CA HIS S 409 -17.66 -70.71 52.11
C HIS S 409 -17.03 -69.32 52.09
N GLN S 410 -17.00 -68.67 50.92
CA GLN S 410 -16.50 -67.31 50.85
C GLN S 410 -17.40 -66.35 51.62
N LEU S 411 -18.72 -66.55 51.55
CA LEU S 411 -19.65 -65.63 52.19
C LEU S 411 -19.67 -65.80 53.70
N GLU S 412 -19.34 -67.00 54.20
CA GLU S 412 -19.44 -67.25 55.63
C GLU S 412 -18.44 -66.42 56.44
N LYS S 413 -17.40 -65.89 55.81
CA LYS S 413 -16.45 -65.02 56.50
C LYS S 413 -17.00 -63.61 56.63
N ARG T 34 -66.96 27.98 -67.84
CA ARG T 34 -67.72 29.07 -67.24
C ARG T 34 -67.04 29.56 -65.98
N LYS T 35 -66.11 28.76 -65.46
CA LYS T 35 -65.34 29.10 -64.27
C LYS T 35 -63.89 29.33 -64.68
N GLU T 36 -63.47 30.60 -64.65
CA GLU T 36 -62.09 30.96 -65.09
C GLU T 36 -61.06 30.50 -64.06
N SER T 37 -59.94 29.95 -64.53
CA SER T 37 -58.85 29.52 -63.61
C SER T 37 -57.49 29.87 -64.25
N TYR T 38 -56.47 30.11 -63.42
CA TYR T 38 -55.12 30.42 -63.93
C TYR T 38 -54.39 29.12 -64.28
N SER T 39 -55.11 28.01 -64.44
CA SER T 39 -54.48 26.72 -64.66
C SER T 39 -53.63 26.75 -65.92
N VAL T 40 -54.13 27.33 -67.00
CA VAL T 40 -53.38 27.31 -68.24
C VAL T 40 -52.10 28.13 -68.12
N TYR T 41 -52.14 29.23 -67.38
CA TYR T 41 -50.95 30.05 -67.25
C TYR T 41 -49.94 29.43 -66.31
N VAL T 42 -50.42 28.85 -65.20
CA VAL T 42 -49.52 28.13 -64.32
C VAL T 42 -48.86 26.99 -65.07
N TYR T 43 -49.60 26.35 -65.97
CA TYR T 43 -49.02 25.24 -66.71
C TYR T 43 -47.99 25.73 -67.72
N LYS T 44 -48.25 26.86 -68.36
CA LYS T 44 -47.24 27.44 -69.24
C LYS T 44 -45.96 27.75 -68.48
N VAL T 45 -46.09 28.36 -67.30
CA VAL T 45 -44.90 28.71 -66.53
C VAL T 45 -44.17 27.44 -66.09
N LEU T 46 -44.92 26.41 -65.73
CA LEU T 46 -44.30 25.15 -65.36
C LEU T 46 -43.54 24.56 -66.53
N LYS T 47 -44.09 24.65 -67.74
CA LYS T 47 -43.38 24.14 -68.90
C LYS T 47 -42.13 24.95 -69.17
N GLN T 48 -42.16 26.24 -68.88
CA GLN T 48 -40.96 27.04 -69.06
C GLN T 48 -39.88 26.67 -68.07
N VAL T 49 -40.25 26.39 -66.82
CA VAL T 49 -39.24 26.24 -65.79
C VAL T 49 -38.76 24.79 -65.64
N HIS T 50 -39.62 23.82 -65.89
CA HIS T 50 -39.26 22.40 -65.84
C HIS T 50 -39.93 21.73 -67.02
N PRO T 51 -39.30 21.74 -68.19
CA PRO T 51 -40.02 21.40 -69.42
C PRO T 51 -40.56 19.99 -69.48
N ASP T 52 -40.21 19.12 -68.53
CA ASP T 52 -40.67 17.75 -68.60
C ASP T 52 -41.31 17.29 -67.30
N THR T 53 -41.84 18.22 -66.52
CA THR T 53 -42.51 17.90 -65.27
C THR T 53 -44.00 18.16 -65.41
N GLY T 54 -44.81 17.35 -64.74
CA GLY T 54 -46.24 17.54 -64.69
C GLY T 54 -46.66 17.99 -63.31
N ILE T 55 -47.95 18.31 -63.20
CA ILE T 55 -48.50 18.80 -61.96
C ILE T 55 -49.85 18.16 -61.73
N SER T 56 -50.10 17.74 -60.51
CA SER T 56 -51.35 17.08 -60.20
C SER T 56 -52.48 18.10 -60.17
N SER T 57 -53.70 17.59 -60.14
CA SER T 57 -54.85 18.49 -60.13
C SER T 57 -54.97 19.20 -58.79
N LYS T 58 -54.71 18.49 -57.71
CA LYS T 58 -54.72 19.14 -56.40
C LYS T 58 -53.63 20.19 -56.29
N ALA T 59 -52.45 19.89 -56.81
CA ALA T 59 -51.38 20.87 -56.81
C ALA T 59 -51.73 22.07 -57.66
N MET T 60 -52.43 21.84 -58.77
CA MET T 60 -52.85 22.97 -59.58
C MET T 60 -53.88 23.82 -58.85
N GLY T 61 -54.77 23.17 -58.10
CA GLY T 61 -55.72 23.92 -57.28
C GLY T 61 -55.02 24.75 -56.22
N ILE T 62 -53.97 24.20 -55.63
CA ILE T 62 -53.20 24.95 -54.65
C ILE T 62 -52.52 26.14 -55.30
N MET T 63 -51.99 25.93 -56.51
CA MET T 63 -51.33 27.04 -57.25
C MET T 63 -52.36 28.13 -57.55
N ASN T 64 -53.59 27.73 -57.89
CA ASN T 64 -54.67 28.72 -58.17
C ASN T 64 -54.98 29.49 -56.88
N SER T 65 -55.12 28.80 -55.75
CA SER T 65 -55.36 29.47 -54.48
C SER T 65 -54.24 30.45 -54.18
N PHE T 66 -53.00 30.06 -54.45
CA PHE T 66 -51.87 30.91 -54.16
C PHE T 66 -51.91 32.19 -55.00
N VAL T 67 -52.16 32.03 -56.30
CA VAL T 67 -52.19 33.21 -57.16
C VAL T 67 -53.32 34.14 -56.74
N ASN T 68 -54.48 33.59 -56.44
CA ASN T 68 -55.59 34.44 -56.01
C ASN T 68 -55.25 35.16 -54.72
N ASP T 69 -54.63 34.46 -53.79
CA ASP T 69 -54.30 35.06 -52.50
C ASP T 69 -53.32 36.21 -52.66
N ILE T 70 -52.27 36.00 -53.46
CA ILE T 70 -51.27 37.04 -53.63
C ILE T 70 -51.85 38.21 -54.40
N PHE T 71 -52.66 37.93 -55.42
CA PHE T 71 -53.33 39.01 -56.13
C PHE T 71 -54.15 39.85 -55.18
N GLU T 72 -54.95 39.21 -54.33
CA GLU T 72 -55.79 39.95 -53.41
C GLU T 72 -54.97 40.77 -52.45
N ARG T 73 -53.88 40.21 -51.92
CA ARG T 73 -53.02 40.97 -51.03
C ARG T 73 -52.49 42.22 -51.70
N ILE T 74 -51.90 42.06 -52.89
CA ILE T 74 -51.26 43.19 -53.54
C ILE T 74 -52.30 44.23 -53.94
N ALA T 75 -53.44 43.79 -54.45
CA ALA T 75 -54.45 44.74 -54.87
C ALA T 75 -55.04 45.49 -53.69
N GLY T 76 -55.27 44.80 -52.58
CA GLY T 76 -55.77 45.49 -51.41
C GLY T 76 -54.79 46.51 -50.88
N GLU T 77 -53.50 46.17 -50.88
CA GLU T 77 -52.52 47.14 -50.41
C GLU T 77 -52.43 48.34 -51.34
N ALA T 78 -52.46 48.10 -52.66
CA ALA T 78 -52.42 49.21 -53.59
C ALA T 78 -53.63 50.10 -53.44
N SER T 79 -54.80 49.50 -53.22
CA SER T 79 -56.00 50.27 -52.96
C SER T 79 -55.84 51.14 -51.72
N ARG T 80 -55.31 50.57 -50.65
CA ARG T 80 -55.11 51.34 -49.43
C ARG T 80 -54.14 52.49 -49.67
N LEU T 81 -53.11 52.26 -50.47
CA LEU T 81 -52.15 53.33 -50.76
C LEU T 81 -52.81 54.47 -51.50
N ALA T 82 -53.51 54.14 -52.59
CA ALA T 82 -54.21 55.17 -53.34
C ALA T 82 -55.16 55.95 -52.45
N HIS T 83 -55.87 55.26 -51.55
CA HIS T 83 -56.78 55.97 -50.68
C HIS T 83 -56.05 56.84 -49.67
N TYR T 84 -54.87 56.42 -49.23
CA TYR T 84 -54.10 57.25 -48.30
C TYR T 84 -53.65 58.53 -48.97
N ASN T 85 -53.23 58.45 -50.23
CA ASN T 85 -52.75 59.63 -50.91
C ASN T 85 -53.84 60.39 -51.63
N LYS T 86 -55.11 60.14 -51.32
CA LYS T 86 -56.23 60.85 -51.93
C LYS T 86 -56.23 60.73 -53.44
N ARG T 87 -55.67 59.65 -53.97
CA ARG T 87 -55.73 59.38 -55.39
C ARG T 87 -56.91 58.49 -55.69
N SER T 88 -57.33 58.52 -56.94
CA SER T 88 -58.43 57.68 -57.39
C SER T 88 -57.98 56.64 -58.40
N THR T 89 -56.70 56.58 -58.71
CA THR T 89 -56.18 55.67 -59.71
C THR T 89 -55.16 54.75 -59.07
N ILE T 90 -55.23 53.47 -59.41
CA ILE T 90 -54.21 52.51 -59.04
C ILE T 90 -53.26 52.39 -60.23
N THR T 91 -52.08 52.95 -60.09
CA THR T 91 -51.09 52.94 -61.16
C THR T 91 -50.01 51.92 -60.86
N SER T 92 -49.12 51.74 -61.82
CA SER T 92 -47.99 50.85 -61.62
C SER T 92 -47.09 51.32 -60.49
N ARG T 93 -47.27 52.54 -60.00
CA ARG T 93 -46.49 53.00 -58.86
C ARG T 93 -47.04 52.46 -57.56
N GLU T 94 -48.35 52.30 -57.46
CA GLU T 94 -48.92 51.68 -56.26
C GLU T 94 -48.60 50.19 -56.22
N ILE T 95 -48.66 49.51 -57.37
CA ILE T 95 -48.34 48.10 -57.40
C ILE T 95 -46.91 47.88 -56.93
N GLN T 96 -46.00 48.75 -57.35
CA GLN T 96 -44.61 48.58 -56.95
C GLN T 96 -44.45 48.77 -55.45
N THR T 97 -45.05 49.83 -54.91
CA THR T 97 -44.95 50.06 -53.49
C THR T 97 -45.60 48.95 -52.70
N ALA T 98 -46.75 48.46 -53.15
CA ALA T 98 -47.39 47.34 -52.48
C ALA T 98 -46.51 46.11 -52.50
N VAL T 99 -45.85 45.86 -53.63
CA VAL T 99 -44.93 44.73 -53.70
C VAL T 99 -43.80 44.90 -52.71
N ARG T 100 -43.32 46.14 -52.54
CA ARG T 100 -42.25 46.37 -51.59
C ARG T 100 -42.69 46.15 -50.16
N LEU T 101 -43.96 46.39 -49.86
CA LEU T 101 -44.45 46.24 -48.49
C LEU T 101 -44.73 44.78 -48.16
N LEU T 102 -45.26 44.03 -49.14
CA LEU T 102 -45.74 42.69 -48.85
C LEU T 102 -44.63 41.66 -48.90
N LEU T 103 -43.78 41.72 -49.90
CA LEU T 103 -42.82 40.65 -50.11
C LEU T 103 -41.57 40.87 -49.28
N PRO T 104 -41.02 39.81 -48.69
CA PRO T 104 -39.73 39.92 -48.00
C PRO T 104 -38.62 40.28 -48.97
N GLY T 105 -37.48 40.71 -48.40
CA GLY T 105 -36.56 41.58 -49.12
C GLY T 105 -36.12 41.08 -50.47
N GLU T 106 -35.47 39.91 -50.50
CA GLU T 106 -34.90 39.44 -51.76
C GLU T 106 -35.99 39.12 -52.76
N LEU T 107 -37.11 38.60 -52.29
CA LEU T 107 -38.26 38.37 -53.15
C LEU T 107 -38.72 39.67 -53.79
N ALA T 108 -38.82 40.73 -52.99
CA ALA T 108 -39.33 42.00 -53.48
C ALA T 108 -38.38 42.62 -54.49
N LYS T 109 -37.07 42.46 -54.29
CA LYS T 109 -36.13 43.02 -55.24
C LYS T 109 -36.36 42.47 -56.64
N HIS T 110 -36.38 41.14 -56.76
CA HIS T 110 -36.58 40.54 -58.06
C HIS T 110 -38.00 40.76 -58.57
N ALA T 111 -38.97 40.86 -57.67
CA ALA T 111 -40.34 41.14 -58.11
C ALA T 111 -40.43 42.50 -58.78
N VAL T 112 -39.84 43.53 -58.16
CA VAL T 112 -39.91 44.84 -58.78
C VAL T 112 -39.04 44.88 -60.02
N SER T 113 -37.95 44.11 -60.05
CA SER T 113 -37.19 44.00 -61.29
C SER T 113 -38.07 43.50 -62.42
N GLU T 114 -38.75 42.38 -62.21
CA GLU T 114 -39.62 41.82 -63.24
C GLU T 114 -40.72 42.79 -63.62
N GLY T 115 -41.28 43.49 -62.65
CA GLY T 115 -42.38 44.39 -62.93
C GLY T 115 -41.96 45.58 -63.78
N THR T 116 -40.89 46.25 -63.38
CA THR T 116 -40.41 47.36 -64.19
C THR T 116 -39.96 46.90 -65.56
N LYS T 117 -39.32 45.74 -65.63
CA LYS T 117 -38.92 45.22 -66.93
C LYS T 117 -40.13 45.02 -67.83
N ALA T 118 -41.19 44.44 -67.29
CA ALA T 118 -42.39 44.20 -68.09
C ALA T 118 -43.04 45.50 -68.53
N VAL T 119 -43.14 46.48 -67.63
CA VAL T 119 -43.82 47.70 -68.06
C VAL T 119 -42.98 48.46 -69.08
N THR T 120 -41.65 48.39 -68.99
CA THR T 120 -40.84 49.01 -70.04
C THR T 120 -41.07 48.31 -71.37
N LYS T 121 -40.99 46.98 -71.37
CA LYS T 121 -41.22 46.24 -72.61
C LYS T 121 -42.62 46.49 -73.16
N TYR T 122 -43.58 46.79 -72.29
CA TYR T 122 -44.95 47.00 -72.75
C TYR T 122 -45.14 48.40 -73.31
N THR T 123 -44.60 49.41 -72.65
CA THR T 123 -44.69 50.76 -73.17
C THR T 123 -43.81 50.97 -74.39
N SER T 124 -42.84 50.10 -74.63
CA SER T 124 -42.02 50.17 -75.82
C SER T 124 -42.69 49.61 -77.04
N SER T 125 -44.02 49.52 -77.04
CA SER T 125 -44.76 49.02 -78.18
C SER T 125 -46.02 49.83 -78.44
N SER U 515 -24.77 28.38 -52.37
CA SER U 515 -25.83 27.62 -51.73
C SER U 515 -26.80 27.09 -52.79
N THR U 516 -28.00 27.66 -52.83
CA THR U 516 -29.01 27.26 -53.80
C THR U 516 -29.49 28.51 -54.53
N VAL U 517 -29.22 28.58 -55.84
CA VAL U 517 -29.59 29.78 -56.63
C VAL U 517 -30.68 29.40 -57.65
N THR U 518 -31.71 30.25 -57.80
CA THR U 518 -32.81 29.99 -58.76
C THR U 518 -32.42 30.52 -60.14
N LYS U 519 -33.35 30.50 -61.11
CA LYS U 519 -33.08 31.05 -62.46
C LYS U 519 -32.54 32.47 -62.29
N SER U 520 -33.24 33.28 -61.48
CA SER U 520 -32.73 34.64 -61.17
C SER U 520 -31.64 34.50 -60.10
N ARG U 521 -30.77 35.50 -59.96
CA ARG U 521 -29.68 35.41 -59.00
C ARG U 521 -30.20 35.63 -57.58
N ARG U 522 -31.19 34.82 -57.21
CA ARG U 522 -31.82 34.87 -55.91
C ARG U 522 -31.39 33.64 -55.14
N ILE U 523 -30.49 33.84 -54.18
CA ILE U 523 -30.10 32.75 -53.29
C ILE U 523 -31.28 32.45 -52.37
N SER U 524 -31.84 31.25 -52.52
CA SER U 524 -32.99 30.83 -51.69
C SER U 524 -32.50 30.11 -50.44
N ARG U 525 -31.96 30.85 -49.47
CA ARG U 525 -31.45 30.24 -48.21
C ARG U 525 -32.60 29.57 -47.46
N ARG U 526 -32.30 28.52 -46.69
CA ARG U 526 -33.35 27.86 -45.93
C ARG U 526 -33.54 28.54 -44.57
N PRO U 527 -34.74 28.51 -44.02
CA PRO U 527 -35.01 29.27 -42.79
C PRO U 527 -34.35 28.64 -41.60
N SER U 528 -33.06 28.94 -41.41
CA SER U 528 -32.30 28.27 -40.36
C SER U 528 -32.80 28.68 -38.98
N ASP U 529 -32.70 29.95 -38.63
CA ASP U 529 -32.95 30.40 -37.27
C ASP U 529 -33.07 31.90 -37.26
N TRP U 530 -34.09 32.41 -36.59
CA TRP U 530 -34.35 33.85 -36.61
C TRP U 530 -34.65 34.38 -35.22
N TRP U 531 -35.03 33.50 -34.31
CA TRP U 531 -35.40 33.95 -32.97
C TRP U 531 -34.19 34.40 -32.18
N VAL U 532 -33.00 33.92 -32.57
CA VAL U 532 -31.75 34.26 -31.83
C VAL U 532 -31.18 35.55 -32.42
N VAL U 533 -30.76 36.50 -31.57
CA VAL U 533 -30.18 37.78 -32.05
C VAL U 533 -28.76 37.53 -32.56
N LYS U 534 -28.28 38.37 -33.49
CA LYS U 534 -26.95 38.21 -34.07
C LYS U 534 -25.97 39.20 -33.45
N SER U 535 -24.70 39.02 -33.80
CA SER U 535 -23.67 39.94 -33.33
C SER U 535 -22.51 40.04 -34.33
N ARG V 256 1.05 -11.91 63.66
CA ARG V 256 2.14 -10.99 63.94
C ARG V 256 3.49 -11.64 63.64
N GLN V 257 3.88 -11.95 62.47
CA GLN V 257 5.32 -12.09 62.29
C GLN V 257 6.07 -11.14 63.21
N ALA V 258 6.29 -11.42 64.49
CA ALA V 258 7.09 -10.80 65.54
C ALA V 258 7.98 -9.69 64.98
N LYS V 259 7.43 -8.46 64.58
CA LYS V 259 8.32 -7.32 64.34
C LYS V 259 9.57 -7.40 65.20
N LYS V 260 10.58 -8.04 64.70
CA LYS V 260 11.87 -8.08 65.39
C LYS V 260 12.24 -6.71 65.96
N SER V 261 12.55 -6.62 67.23
CA SER V 261 13.11 -5.44 67.87
C SER V 261 14.35 -4.95 67.13
N PHE V 262 14.58 -3.56 67.00
CA PHE V 262 15.75 -2.97 66.37
C PHE V 262 17.01 -3.71 66.77
N SER V 263 17.10 -4.06 68.04
CA SER V 263 18.29 -4.72 68.57
C SER V 263 18.53 -6.06 67.88
N THR V 264 17.53 -6.77 67.63
CA THR V 264 17.62 -8.07 66.97
C THR V 264 18.03 -7.91 65.52
N LEU V 265 17.38 -6.97 64.79
CA LEU V 265 17.68 -6.70 63.39
C LEU V 265 19.10 -6.18 63.24
N PHE V 266 19.50 -5.26 64.13
CA PHE V 266 20.86 -4.67 64.08
C PHE V 266 21.89 -5.79 64.13
N LEU V 267 21.84 -6.61 65.18
CA LEU V 267 22.84 -7.69 65.36
C LEU V 267 22.82 -8.62 64.14
N GLU V 268 21.63 -8.93 63.61
CA GLU V 268 21.52 -9.80 62.41
C GLU V 268 22.40 -9.24 61.30
N THR V 269 22.19 -7.97 60.92
CA THR V 269 22.99 -7.35 59.81
C THR V 269 24.49 -7.42 60.14
N VAL V 270 24.87 -6.99 61.34
CA VAL V 270 26.31 -7.01 61.76
C VAL V 270 26.84 -8.43 61.54
N LYS V 271 26.18 -9.43 62.09
CA LYS V 271 26.64 -10.82 61.98
C LYS V 271 26.75 -11.23 60.50
N ARG V 272 25.81 -10.94 59.53
CA ARG V 272 25.64 -11.36 58.15
C ARG V 272 26.77 -10.82 57.28
N LYS V 273 27.55 -9.77 57.55
CA LYS V 273 28.68 -9.36 56.73
C LYS V 273 29.58 -10.55 56.41
N SER V 274 29.13 -11.86 56.46
CA SER V 274 29.87 -12.94 55.81
C SER V 274 28.95 -13.74 54.87
N GLU V 275 27.99 -13.27 54.11
CA GLU V 275 27.25 -14.07 53.14
C GLU V 275 26.24 -13.22 52.38
N ASP V 295 -12.25 -16.40 30.91
CA ASP V 295 -12.28 -15.50 29.76
C ASP V 295 -11.67 -16.17 28.53
N THR V 296 -11.45 -17.49 28.55
CA THR V 296 -11.06 -18.26 27.38
C THR V 296 -12.28 -18.66 26.56
N LYS V 297 -13.58 -18.10 26.94
CA LYS V 297 -14.83 -18.42 26.25
C LYS V 297 -15.46 -17.17 25.64
N LEU V 298 -14.80 -15.97 25.60
CA LEU V 298 -15.50 -14.78 25.13
C LEU V 298 -15.05 -14.39 23.74
N ILE V 299 -13.94 -15.04 23.16
CA ILE V 299 -13.53 -14.65 21.82
C ILE V 299 -14.04 -15.68 20.81
N GLU V 300 -14.23 -17.03 21.34
CA GLU V 300 -14.83 -18.06 20.50
C GLU V 300 -16.33 -17.83 20.33
N ASP V 301 -17.00 -16.79 21.12
CA ASP V 301 -18.43 -16.44 21.09
C ASP V 301 -18.66 -15.16 20.31
N GLU V 302 -17.49 -14.44 19.70
CA GLU V 302 -17.69 -13.15 19.04
C GLU V 302 -17.36 -13.24 17.55
N PHE V 303 -16.59 -14.32 17.06
CA PHE V 303 -16.16 -14.40 15.67
C PHE V 303 -16.41 -15.80 15.11
N ILE V 304 -16.72 -15.79 13.86
CA ILE V 304 -16.85 -17.03 13.13
C ILE V 304 -15.67 -17.19 12.16
N ILE V 305 -14.80 -18.26 12.30
CA ILE V 305 -13.80 -18.61 11.29
C ILE V 305 -14.48 -19.31 10.11
N ASP V 306 -14.74 -18.59 9.04
CA ASP V 306 -15.41 -19.10 7.84
C ASP V 306 -14.56 -20.15 7.14
N GLU V 307 -14.83 -21.44 7.27
CA GLU V 307 -14.12 -22.61 6.78
C GLU V 307 -14.59 -22.97 5.38
N SER V 308 -15.49 -22.23 4.66
CA SER V 308 -16.19 -22.50 3.41
C SER V 308 -15.39 -22.01 2.21
N ASP V 309 -14.05 -21.49 2.38
CA ASP V 309 -13.24 -21.07 1.23
C ASP V 309 -12.00 -21.95 1.10
N THR V 514 -65.72 41.81 -9.05
CA THR V 514 -65.76 40.74 -10.04
C THR V 514 -66.60 41.11 -11.26
N SER V 515 -67.39 40.16 -11.76
CA SER V 515 -68.26 40.40 -12.90
C SER V 515 -69.14 41.62 -12.65
N THR V 516 -69.31 42.44 -13.68
CA THR V 516 -70.01 43.72 -13.57
C THR V 516 -71.02 43.84 -14.71
N VAL V 517 -72.28 44.03 -14.36
CA VAL V 517 -73.29 44.31 -15.38
C VAL V 517 -73.15 45.75 -15.84
N THR V 518 -73.16 45.96 -17.16
CA THR V 518 -73.02 47.29 -17.73
C THR V 518 -74.35 48.01 -17.67
N LYS V 519 -74.44 49.19 -18.30
CA LYS V 519 -75.73 49.90 -18.36
C LYS V 519 -76.55 49.30 -19.49
N SER V 520 -76.69 47.99 -19.46
CA SER V 520 -77.47 47.19 -20.40
C SER V 520 -77.41 45.76 -19.87
N ARG V 521 -78.14 44.88 -20.51
CA ARG V 521 -78.11 43.52 -19.97
C ARG V 521 -76.84 42.78 -20.35
N ARG V 522 -75.82 43.49 -20.80
CA ARG V 522 -74.56 42.90 -21.24
C ARG V 522 -73.66 42.73 -20.02
N ILE V 523 -73.57 41.51 -19.51
CA ILE V 523 -72.76 41.28 -18.32
C ILE V 523 -71.30 41.15 -18.75
N SER V 524 -70.45 41.99 -18.16
CA SER V 524 -69.07 42.17 -18.63
C SER V 524 -68.12 41.52 -17.64
N ARG V 525 -67.75 40.27 -17.94
CA ARG V 525 -66.83 39.54 -17.08
C ARG V 525 -65.39 39.93 -17.35
N ARG V 526 -64.53 39.68 -16.37
CA ARG V 526 -63.11 39.93 -16.53
C ARG V 526 -62.45 38.76 -17.25
N PRO V 527 -61.37 39.00 -17.99
CA PRO V 527 -60.73 37.90 -18.71
C PRO V 527 -60.13 36.88 -17.75
N SER V 528 -60.17 35.63 -18.15
CA SER V 528 -59.66 34.55 -17.32
C SER V 528 -58.67 33.69 -18.09
N ASP V 529 -58.29 32.54 -17.51
CA ASP V 529 -57.34 31.64 -18.17
C ASP V 529 -58.05 30.88 -19.30
N TRP V 530 -58.32 31.62 -20.38
CA TRP V 530 -58.91 30.99 -21.56
C TRP V 530 -58.04 29.90 -22.14
N TRP V 531 -56.75 29.88 -21.79
CA TRP V 531 -55.82 28.89 -22.31
C TRP V 531 -55.95 27.53 -21.65
N VAL V 532 -56.76 27.40 -20.61
CA VAL V 532 -56.95 26.12 -19.92
C VAL V 532 -58.24 25.49 -20.42
N VAL V 533 -58.17 24.20 -20.73
CA VAL V 533 -59.35 23.48 -21.17
C VAL V 533 -60.26 23.23 -19.98
N LYS V 534 -61.48 23.74 -20.06
CA LYS V 534 -62.48 23.54 -19.01
C LYS V 534 -63.50 22.51 -19.45
N SER V 535 -64.00 21.75 -18.47
CA SER V 535 -64.97 20.71 -18.74
C SER V 535 -66.29 21.30 -19.22
#